data_6TQM
#
_entry.id   6TQM
#
_cell.length_a   1.00
_cell.length_b   1.00
_cell.length_c   1.00
_cell.angle_alpha   90.00
_cell.angle_beta   90.00
_cell.angle_gamma   90.00
#
_symmetry.space_group_name_H-M   'P 1'
#
loop_
_entity.id
_entity.type
_entity.pdbx_description
1 polymer 'Aldehyde-alcohol dehydrogenase'
2 non-polymer 'FE (III) ION'
3 non-polymer '1,4-DIHYDRONICOTINAMIDE ADENINE DINUCLEOTIDE'
#
_entity_poly.entity_id   1
_entity_poly.type   'polypeptide(L)'
_entity_poly.pdbx_seq_one_letter_code
;MAVTNVAELNALVERVKKAQREYASFTQEQVDKIFRAAALAAADARIPLAKMAVAESGMGIVEDKVIKNHFASEYIYNAY
KDEKTCGVLSEDDTFGTITIAEPIGIICGIVPTTNPTSTAIFKSLISLKTRNAIIFSPHPRAKDATNKAADIVLQAAIAA
GAPKDLIGWIDQPSVELSNALMHHPDINLILATGGPGMVKAAYSSGKPAIGVGAGNTPVVIDETADIKRAVASVLMSKTF
DNGVICASEQSVVVVDSVYDAVRERFATHGGYLLQGKELKAVQDVILKNGALNAAIVGQPAYKIAELAGFSVPENTKILI
GEVTVVDESEPFAHEKLSPTLAMYRAKDFEDAVEKAEKLVAMGGIGHTSCLYTDQDNQPARVSYFGQKMKTARILINTPA
SQGGIGDLYNFKLAPSLTLGCGSWGGNSISENVGPKHLINKKTVAKRAENMLWHKLPKSIYFRRGSLPIALDEVITDGHK
RALIVTDRFLFNNGYADQITSVLKAAGVETEVFFEVEADPTLSIVRKGAELANSFKPDVIIALGGGSPMDAAKIMWVMYE
HPETHFEELALRFMDIRKRIYKFPKMGVKAKMIAVTTTSGTGSEVTPFAVVTDDATGQKYPLADYALTPDMAIVDANLVM
DMPKSLCAFGGLDAVTHAMEAYVSVLASEFSDGQALQALKLLKEYLPASYHEGSKNPVARERVHSAATIAGIAFANAFLG
VCHSMAHKLGSQFHIPHGLANALLICNVIRYNANDNPTKQTAFSQYDRPQARRRYAEIADHLGLSAPGDRTAAKIEKLLA
WLETLKAELGIPKSIREAGVQEADFLANVDKLSEDAFDDQCTGANPRYPLISELKQILLDTYYGRDYVEGETAAKKEAAP
AKAEKKAKKSA
;
_entity_poly.pdbx_strand_id   F,C,B,A
#
# COMPACT_ATOMS: atom_id res chain seq x y z
N ASN A 450 52.12 4.62 -24.36
CA ASN A 450 50.98 5.49 -24.11
C ASN A 450 49.69 4.79 -24.50
N MET A 451 48.56 5.35 -24.08
CA MET A 451 47.28 4.74 -24.36
C MET A 451 46.17 5.76 -24.25
N LEU A 452 45.41 5.92 -25.34
CA LEU A 452 44.26 6.79 -25.38
C LEU A 452 43.11 6.16 -24.58
N TRP A 453 41.97 6.85 -24.55
CA TRP A 453 40.81 6.35 -23.84
C TRP A 453 39.56 6.88 -24.51
N HIS A 454 38.42 6.35 -24.06
CA HIS A 454 37.12 6.78 -24.56
C HIS A 454 36.12 6.49 -23.45
N LYS A 455 35.82 7.51 -22.66
CA LYS A 455 34.96 7.37 -21.49
C LYS A 455 33.69 8.16 -21.68
N LEU A 456 32.63 7.68 -21.05
CA LEU A 456 31.32 8.30 -21.18
C LEU A 456 30.47 7.86 -20.00
N PRO A 457 29.29 8.41 -19.88
CA PRO A 457 28.37 7.92 -18.86
C PRO A 457 27.80 6.57 -19.18
N LYS A 458 26.89 6.15 -18.32
CA LYS A 458 26.23 4.87 -18.45
C LYS A 458 25.06 4.92 -19.42
N SER A 459 24.42 6.08 -19.54
CA SER A 459 23.11 6.14 -20.16
C SER A 459 22.85 7.53 -20.72
N ILE A 460 22.30 7.57 -21.93
CA ILE A 460 21.79 8.80 -22.52
C ILE A 460 20.42 8.53 -23.13
N TYR A 461 19.36 8.86 -22.42
CA TYR A 461 18.02 8.85 -22.99
C TYR A 461 17.77 10.12 -23.79
N PHE A 462 17.06 9.99 -24.92
CA PHE A 462 16.75 11.14 -25.76
C PHE A 462 15.67 10.81 -26.78
N ARG A 463 14.61 11.61 -26.76
CA ARG A 463 13.61 11.77 -27.82
C ARG A 463 12.68 12.86 -27.31
N ARG A 464 11.80 13.32 -28.18
CA ARG A 464 10.67 14.10 -27.72
C ARG A 464 9.84 13.30 -26.74
N GLY A 465 9.44 13.94 -25.65
CA GLY A 465 8.60 13.28 -24.68
C GLY A 465 9.32 12.20 -23.93
N SER A 466 10.31 12.58 -23.12
CA SER A 466 11.20 11.62 -22.48
C SER A 466 11.50 11.90 -21.03
N LEU A 467 11.18 13.06 -20.50
CA LEU A 467 11.55 13.39 -19.12
C LEU A 467 10.68 12.68 -18.08
N PRO A 468 9.35 12.57 -18.26
CA PRO A 468 8.57 11.86 -17.24
C PRO A 468 8.81 10.37 -17.18
N ILE A 469 9.34 9.76 -18.25
CA ILE A 469 9.54 8.32 -18.26
C ILE A 469 10.81 7.96 -17.52
N ALA A 470 11.92 8.61 -17.88
CA ALA A 470 13.19 8.32 -17.24
C ALA A 470 13.12 8.56 -15.76
N LEU A 471 12.45 9.64 -15.37
CA LEU A 471 12.36 9.99 -13.97
C LEU A 471 11.53 8.99 -13.18
N ASP A 472 10.73 8.17 -13.85
CA ASP A 472 10.09 7.04 -13.20
C ASP A 472 11.08 5.94 -12.86
N GLU A 473 12.28 5.99 -13.43
CA GLU A 473 13.28 4.96 -13.17
C GLU A 473 14.08 5.21 -11.90
N VAL A 474 14.11 6.46 -11.41
CA VAL A 474 14.83 6.79 -10.18
C VAL A 474 13.91 6.82 -8.97
N ILE A 475 12.74 6.18 -9.05
CA ILE A 475 11.90 5.95 -7.88
C ILE A 475 11.49 4.50 -7.73
N THR A 476 11.54 3.70 -8.80
CA THR A 476 11.30 2.28 -8.67
C THR A 476 12.47 1.59 -8.00
N ASP A 477 13.68 2.09 -8.20
CA ASP A 477 14.83 1.67 -7.42
C ASP A 477 14.77 2.33 -6.05
N GLY A 478 15.84 2.17 -5.28
CA GLY A 478 15.88 2.73 -3.95
C GLY A 478 16.34 4.16 -3.93
N HIS A 479 15.40 5.10 -3.90
CA HIS A 479 15.71 6.51 -3.76
C HIS A 479 14.54 7.16 -3.04
N LYS A 480 14.85 7.96 -2.01
CA LYS A 480 13.83 8.51 -1.14
C LYS A 480 13.95 10.01 -0.96
N ARG A 481 15.19 10.51 -0.91
CA ARG A 481 15.48 11.91 -0.66
C ARG A 481 16.10 12.56 -1.89
N ALA A 482 15.67 13.77 -2.19
CA ALA A 482 16.06 14.47 -3.40
C ALA A 482 16.44 15.91 -3.12
N LEU A 483 17.48 16.36 -3.82
CA LEU A 483 17.94 17.74 -3.81
C LEU A 483 17.98 18.24 -5.25
N ILE A 484 17.74 19.53 -5.42
CA ILE A 484 17.66 20.15 -6.75
C ILE A 484 18.56 21.36 -6.78
N VAL A 485 19.05 21.67 -7.97
CA VAL A 485 19.81 22.88 -8.25
C VAL A 485 19.19 23.53 -9.47
N THR A 486 19.14 24.85 -9.48
CA THR A 486 18.39 25.58 -10.50
C THR A 486 18.90 27.00 -10.57
N ASP A 487 18.86 27.56 -11.77
CA ASP A 487 19.14 28.97 -11.96
C ASP A 487 17.95 29.81 -11.52
N ARG A 488 18.19 31.10 -11.31
CA ARG A 488 17.16 31.97 -10.77
C ARG A 488 15.98 32.09 -11.71
N PHE A 489 16.25 32.32 -13.00
CA PHE A 489 15.17 32.53 -13.96
C PHE A 489 14.29 31.30 -14.11
N LEU A 490 14.85 30.11 -13.89
CA LEU A 490 14.14 28.86 -14.12
C LEU A 490 13.41 28.39 -12.86
N PHE A 491 13.06 29.30 -11.96
CA PHE A 491 12.24 28.97 -10.79
C PHE A 491 11.05 29.90 -10.67
N ASN A 492 11.19 31.13 -11.16
CA ASN A 492 10.07 32.06 -11.16
C ASN A 492 9.03 31.71 -12.21
N ASN A 493 9.42 31.02 -13.27
CA ASN A 493 8.51 30.47 -14.26
C ASN A 493 8.27 29.00 -13.93
N GLY A 494 7.48 28.34 -14.78
CA GLY A 494 7.00 27.01 -14.47
C GLY A 494 7.79 25.87 -15.07
N TYR A 495 9.12 26.02 -15.20
CA TYR A 495 9.95 24.93 -15.68
C TYR A 495 10.29 23.96 -14.56
N ALA A 496 10.85 24.45 -13.46
CA ALA A 496 11.31 23.57 -12.40
C ALA A 496 10.18 22.93 -11.62
N ASP A 497 8.93 23.30 -11.87
CA ASP A 497 7.80 22.59 -11.28
C ASP A 497 7.47 21.31 -12.03
N GLN A 498 8.01 21.12 -13.23
CA GLN A 498 7.66 19.95 -14.03
C GLN A 498 8.22 18.67 -13.43
N ILE A 499 9.40 18.74 -12.80
CA ILE A 499 10.01 17.57 -12.18
C ILE A 499 9.72 17.47 -10.69
N THR A 500 9.16 18.52 -10.07
CA THR A 500 8.88 18.49 -8.65
C THR A 500 7.54 17.86 -8.35
N SER A 501 6.57 17.98 -9.26
CA SER A 501 5.25 17.42 -9.02
C SER A 501 5.24 15.91 -9.27
N VAL A 502 5.96 15.45 -10.28
CA VAL A 502 5.96 14.03 -10.60
C VAL A 502 6.59 13.23 -9.49
N LEU A 503 7.63 13.78 -8.87
CA LEU A 503 8.27 13.09 -7.75
C LEU A 503 7.37 13.07 -6.52
N LYS A 504 6.49 14.07 -6.37
CA LYS A 504 5.77 14.23 -5.11
C LYS A 504 4.63 13.23 -4.95
N ALA A 505 4.00 12.83 -6.05
CA ALA A 505 2.85 11.94 -5.94
C ALA A 505 3.24 10.57 -5.42
N ALA A 506 4.36 10.04 -5.89
CA ALA A 506 4.87 8.79 -5.34
C ALA A 506 5.39 8.98 -3.93
N GLY A 507 5.91 10.16 -3.64
CA GLY A 507 6.31 10.55 -2.31
C GLY A 507 7.81 10.48 -2.09
N VAL A 508 8.45 11.63 -2.26
CA VAL A 508 9.85 11.85 -1.87
C VAL A 508 10.00 13.32 -1.53
N GLU A 509 10.73 13.60 -0.46
CA GLU A 509 10.91 14.96 -0.02
C GLU A 509 11.89 15.67 -0.94
N THR A 510 11.68 16.97 -1.12
CA THR A 510 12.47 17.76 -2.05
C THR A 510 12.61 19.18 -1.53
N GLU A 511 13.73 19.80 -1.86
CA GLU A 511 13.99 21.19 -1.48
C GLU A 511 14.81 21.87 -2.57
N VAL A 512 14.42 23.08 -2.89
CA VAL A 512 15.01 23.84 -3.99
C VAL A 512 16.14 24.71 -3.44
N PHE A 513 17.00 25.16 -4.35
CA PHE A 513 18.20 25.93 -4.00
C PHE A 513 18.53 26.80 -5.19
N PHE A 514 18.09 28.05 -5.15
CA PHE A 514 18.15 28.96 -6.30
C PHE A 514 18.86 30.26 -5.90
N GLU A 515 20.19 30.25 -6.00
CA GLU A 515 20.96 31.48 -5.88
C GLU A 515 22.16 31.52 -6.80
N VAL A 516 22.32 30.58 -7.72
CA VAL A 516 23.51 30.52 -8.55
C VAL A 516 23.39 31.53 -9.68
N GLU A 517 24.35 32.44 -9.74
CA GLU A 517 24.38 33.50 -10.72
C GLU A 517 25.06 33.01 -11.99
N ALA A 518 25.42 33.94 -12.88
CA ALA A 518 26.06 33.59 -14.14
C ALA A 518 27.41 32.90 -13.94
N ASP A 519 28.05 33.07 -12.79
CA ASP A 519 29.29 32.39 -12.49
C ASP A 519 29.35 32.04 -11.01
N PRO A 520 30.00 30.95 -10.62
CA PRO A 520 30.22 30.69 -9.19
C PRO A 520 31.44 31.44 -8.67
N THR A 521 31.43 31.68 -7.36
CA THR A 521 32.42 32.54 -6.72
C THR A 521 33.13 31.91 -5.52
N LEU A 522 33.03 30.61 -5.33
CA LEU A 522 33.68 29.88 -4.24
C LEU A 522 33.14 30.24 -2.86
N SER A 523 32.03 30.96 -2.79
CA SER A 523 31.36 31.25 -1.53
C SER A 523 29.92 30.79 -1.51
N ILE A 524 29.22 30.90 -2.64
CA ILE A 524 27.86 30.40 -2.72
C ILE A 524 27.85 28.89 -2.69
N VAL A 525 28.82 28.27 -3.37
CA VAL A 525 28.88 26.81 -3.41
C VAL A 525 29.16 26.25 -2.02
N ARG A 526 29.90 26.97 -1.19
CA ARG A 526 30.14 26.52 0.18
C ARG A 526 28.88 26.53 1.02
N LYS A 527 27.88 27.30 0.61
CA LYS A 527 26.59 27.26 1.29
C LYS A 527 25.87 25.96 1.00
N GLY A 528 26.15 25.33 -0.14
CA GLY A 528 25.46 24.10 -0.49
C GLY A 528 25.94 22.91 0.32
N ALA A 529 27.24 22.85 0.59
CA ALA A 529 27.77 21.78 1.41
C ALA A 529 27.18 21.83 2.81
N GLU A 530 26.85 23.03 3.29
CA GLU A 530 26.19 23.15 4.57
C GLU A 530 24.73 22.71 4.48
N LEU A 531 24.04 23.13 3.42
CA LEU A 531 22.67 22.66 3.23
C LEU A 531 22.62 21.19 2.87
N ALA A 532 23.70 20.65 2.30
CA ALA A 532 23.71 19.25 1.94
C ALA A 532 23.68 18.37 3.19
N ASN A 533 24.62 18.59 4.11
CA ASN A 533 24.72 17.75 5.30
C ASN A 533 23.75 18.15 6.41
N SER A 534 22.73 18.97 6.10
CA SER A 534 21.62 19.22 7.00
C SER A 534 20.37 18.43 6.62
N PHE A 535 20.36 17.76 5.46
CA PHE A 535 19.20 16.99 5.03
C PHE A 535 19.53 15.60 4.49
N LYS A 536 20.80 15.26 4.30
CA LYS A 536 21.23 13.90 3.98
C LYS A 536 20.67 13.45 2.63
N PRO A 537 20.93 14.18 1.56
CA PRO A 537 20.33 13.82 0.27
C PRO A 537 20.95 12.56 -0.30
N ASP A 538 20.27 12.01 -1.30
CA ASP A 538 20.70 10.81 -2.01
C ASP A 538 20.84 10.97 -3.51
N VAL A 539 20.22 11.99 -4.11
CA VAL A 539 20.33 12.24 -5.54
C VAL A 539 20.41 13.74 -5.77
N ILE A 540 21.30 14.16 -6.66
CA ILE A 540 21.54 15.57 -6.97
C ILE A 540 21.11 15.79 -8.41
N ILE A 541 19.97 16.44 -8.60
CA ILE A 541 19.36 16.66 -9.90
C ILE A 541 19.74 18.07 -10.33
N ALA A 542 20.72 18.18 -11.21
CA ALA A 542 21.03 19.46 -11.82
C ALA A 542 19.91 19.89 -12.75
N LEU A 543 20.05 21.10 -13.27
CA LEU A 543 19.15 21.66 -14.26
C LEU A 543 19.74 22.97 -14.73
N GLY A 544 19.61 23.25 -16.01
CA GLY A 544 20.06 24.48 -16.59
C GLY A 544 20.98 24.21 -17.75
N GLY A 545 21.73 25.25 -18.12
CA GLY A 545 22.67 25.15 -19.21
C GLY A 545 23.90 25.97 -18.97
N GLY A 546 25.05 25.32 -19.05
CA GLY A 546 26.32 26.02 -18.90
C GLY A 546 26.72 26.22 -17.46
N SER A 547 26.47 27.42 -16.96
CA SER A 547 26.95 27.80 -15.63
C SER A 547 26.34 26.97 -14.50
N PRO A 548 25.03 26.81 -14.38
CA PRO A 548 24.49 26.23 -13.15
C PRO A 548 24.86 24.79 -12.93
N MET A 549 25.37 24.10 -13.94
CA MET A 549 25.75 22.71 -13.77
C MET A 549 27.12 22.58 -13.13
N ASP A 550 28.02 23.52 -13.42
CA ASP A 550 29.35 23.46 -12.83
C ASP A 550 29.29 23.57 -11.32
N ALA A 551 28.56 24.56 -10.82
CA ALA A 551 28.43 24.74 -9.38
C ALA A 551 27.79 23.55 -8.70
N ALA A 552 26.92 22.83 -9.40
CA ALA A 552 26.32 21.63 -8.87
C ALA A 552 27.23 20.42 -8.98
N LYS A 553 28.45 20.60 -9.46
CA LYS A 553 29.44 19.55 -9.53
C LYS A 553 30.48 19.66 -8.43
N ILE A 554 30.75 20.86 -7.94
CA ILE A 554 31.73 21.06 -6.89
C ILE A 554 31.10 20.86 -5.52
N MET A 555 29.81 21.16 -5.35
CA MET A 555 29.17 20.92 -4.07
C MET A 555 29.01 19.44 -3.77
N TRP A 556 29.12 18.60 -4.79
CA TRP A 556 28.96 17.17 -4.61
C TRP A 556 30.23 16.51 -4.09
N VAL A 557 31.39 17.03 -4.48
CA VAL A 557 32.64 16.41 -4.06
C VAL A 557 32.97 16.78 -2.61
N MET A 558 32.51 17.93 -2.13
CA MET A 558 32.68 18.32 -0.74
C MET A 558 31.49 17.93 0.12
N TYR A 559 30.66 17.00 -0.37
CA TYR A 559 29.65 16.34 0.45
C TYR A 559 30.02 14.92 0.81
N GLU A 560 30.81 14.26 -0.02
CA GLU A 560 31.36 12.96 0.30
C GLU A 560 32.64 13.04 1.12
N HIS A 561 33.25 14.21 1.21
CA HIS A 561 34.57 14.36 1.83
C HIS A 561 34.69 15.74 2.45
N PRO A 562 34.05 15.96 3.60
CA PRO A 562 34.09 17.31 4.19
C PRO A 562 35.48 17.74 4.62
N GLU A 563 36.29 16.83 5.14
CA GLU A 563 37.60 17.20 5.66
C GLU A 563 38.54 17.68 4.56
N THR A 564 38.27 17.37 3.30
CA THR A 564 39.16 17.73 2.21
C THR A 564 39.16 19.24 2.03
N HIS A 565 40.30 19.87 2.33
CA HIS A 565 40.45 21.29 2.13
C HIS A 565 40.77 21.58 0.67
N PHE A 566 40.43 22.78 0.22
CA PHE A 566 40.50 23.14 -1.19
C PHE A 566 41.91 23.37 -1.70
N GLU A 567 42.94 23.19 -0.88
CA GLU A 567 44.31 23.30 -1.36
C GLU A 567 44.83 22.00 -1.97
N GLU A 568 44.14 20.88 -1.75
CA GLU A 568 44.54 19.60 -2.30
C GLU A 568 43.92 19.31 -3.66
N LEU A 569 42.78 19.95 -3.97
CA LEU A 569 42.09 19.74 -5.24
C LEU A 569 42.28 20.91 -6.20
N ALA A 570 43.46 21.52 -6.17
CA ALA A 570 43.81 22.52 -7.17
C ALA A 570 45.26 22.44 -7.61
N LEU A 571 45.99 21.41 -7.20
CA LEU A 571 47.35 21.19 -7.67
C LEU A 571 47.65 19.74 -8.03
N ARG A 572 46.83 18.79 -7.61
CA ARG A 572 47.01 17.39 -7.98
C ARG A 572 46.25 17.00 -9.24
N PHE A 573 45.21 17.75 -9.60
CA PHE A 573 44.43 17.50 -10.82
C PHE A 573 44.20 18.83 -11.52
N MET A 574 44.97 19.08 -12.57
CA MET A 574 44.87 20.32 -13.32
C MET A 574 44.94 20.15 -14.82
N ASP A 575 45.22 18.96 -15.34
CA ASP A 575 45.22 18.75 -16.78
C ASP A 575 45.08 17.26 -17.06
N ILE A 576 44.16 16.91 -17.95
CA ILE A 576 43.82 15.50 -18.20
C ILE A 576 44.72 15.02 -19.32
N ARG A 577 45.99 14.79 -18.97
CA ARG A 577 46.87 13.92 -19.72
C ARG A 577 47.74 13.06 -18.83
N LYS A 578 47.96 13.45 -17.58
CA LYS A 578 48.67 12.65 -16.62
C LYS A 578 47.73 11.63 -16.00
N ARG A 579 48.32 10.63 -15.36
CA ARG A 579 47.55 9.60 -14.70
C ARG A 579 48.22 9.11 -13.41
N ILE A 580 49.24 9.80 -12.91
CA ILE A 580 50.05 9.27 -11.82
C ILE A 580 49.24 9.19 -10.53
N TYR A 581 48.46 10.21 -10.23
CA TYR A 581 47.68 10.26 -9.00
C TYR A 581 46.34 9.55 -9.19
N LYS A 582 45.55 9.55 -8.13
CA LYS A 582 44.24 8.92 -8.14
C LYS A 582 43.27 9.72 -7.30
N PHE A 583 42.13 9.84 -7.76
CA PHE A 583 41.04 10.59 -7.15
C PHE A 583 40.22 9.64 -6.27
N PRO A 584 39.65 10.10 -5.16
CA PRO A 584 38.91 9.18 -4.30
C PRO A 584 37.67 8.61 -4.98
N LYS A 585 37.19 7.50 -4.43
CA LYS A 585 36.01 6.85 -4.97
C LYS A 585 34.77 7.68 -4.64
N MET A 586 34.03 8.04 -5.67
CA MET A 586 32.79 8.79 -5.53
C MET A 586 31.61 7.86 -5.75
N GLY A 587 30.47 8.28 -5.23
CA GLY A 587 29.25 7.55 -5.42
C GLY A 587 28.95 6.52 -4.35
N VAL A 588 29.17 6.89 -3.10
CA VAL A 588 28.85 6.03 -1.96
C VAL A 588 27.45 6.28 -1.45
N LYS A 589 27.14 7.54 -1.16
CA LYS A 589 25.85 7.95 -0.65
C LYS A 589 25.25 9.02 -1.54
N ALA A 590 25.44 8.89 -2.84
CA ALA A 590 24.88 9.83 -3.79
C ALA A 590 25.14 9.33 -5.20
N LYS A 591 24.34 9.84 -6.14
CA LYS A 591 24.65 9.69 -7.55
C LYS A 591 23.93 10.81 -8.29
N MET A 592 24.57 11.31 -9.33
CA MET A 592 24.20 12.57 -9.96
C MET A 592 23.34 12.35 -11.20
N ILE A 593 22.57 13.38 -11.52
CA ILE A 593 21.74 13.43 -12.72
C ILE A 593 22.10 14.74 -13.42
N ALA A 594 21.69 14.86 -14.68
CA ALA A 594 21.86 16.08 -15.42
C ALA A 594 20.73 16.24 -16.41
N VAL A 595 20.38 17.49 -16.69
CA VAL A 595 19.39 17.84 -17.70
C VAL A 595 19.91 19.06 -18.43
N THR A 596 19.46 19.22 -19.67
CA THR A 596 19.89 20.31 -20.53
C THR A 596 18.67 21.12 -20.93
N THR A 597 18.88 22.43 -21.06
CA THR A 597 17.81 23.37 -21.37
C THR A 597 18.06 24.22 -22.60
N THR A 598 19.31 24.38 -23.02
CA THR A 598 19.66 25.12 -24.21
C THR A 598 20.55 24.26 -25.08
N SER A 599 20.71 24.70 -26.33
CA SER A 599 21.40 23.95 -27.36
C SER A 599 22.67 24.68 -27.73
N GLY A 600 23.81 24.10 -27.38
CA GLY A 600 25.08 24.70 -27.71
C GLY A 600 26.19 24.48 -26.71
N THR A 601 25.90 23.86 -25.56
CA THR A 601 26.90 23.62 -24.53
C THR A 601 26.78 22.20 -24.03
N GLY A 602 27.76 21.38 -24.36
CA GLY A 602 27.75 19.99 -23.97
C GLY A 602 28.47 19.78 -22.67
N SER A 603 27.96 20.40 -21.61
CA SER A 603 28.58 20.32 -20.29
C SER A 603 27.97 19.24 -19.42
N GLU A 604 27.23 18.30 -20.01
CA GLU A 604 26.56 17.25 -19.26
C GLU A 604 27.20 15.89 -19.39
N VAL A 605 28.14 15.71 -20.32
CA VAL A 605 28.82 14.44 -20.52
C VAL A 605 30.32 14.62 -20.58
N THR A 606 30.83 15.71 -20.01
CA THR A 606 32.24 16.05 -20.05
C THR A 606 32.72 16.42 -18.66
N PRO A 607 33.96 16.09 -18.32
CA PRO A 607 34.47 16.38 -16.98
C PRO A 607 35.21 17.71 -16.88
N PHE A 608 34.51 18.80 -17.11
CA PHE A 608 35.09 20.13 -17.04
C PHE A 608 34.28 20.98 -16.08
N ALA A 609 34.97 21.66 -15.18
CA ALA A 609 34.32 22.43 -14.12
C ALA A 609 35.24 23.56 -13.72
N VAL A 610 34.69 24.77 -13.61
CA VAL A 610 35.47 25.98 -13.38
C VAL A 610 34.80 26.82 -12.32
N VAL A 611 35.61 27.38 -11.42
CA VAL A 611 35.17 28.31 -10.40
C VAL A 611 36.24 29.37 -10.22
N THR A 612 35.83 30.54 -9.72
CA THR A 612 36.73 31.65 -9.48
C THR A 612 36.64 32.09 -8.03
N ASP A 613 37.68 32.76 -7.58
CA ASP A 613 37.82 33.15 -6.19
C ASP A 613 37.21 34.53 -5.96
N ASP A 614 36.73 34.74 -4.74
CA ASP A 614 36.15 36.02 -4.37
C ASP A 614 37.21 37.06 -4.02
N ALA A 615 38.34 36.61 -3.46
CA ALA A 615 39.32 37.57 -2.92
C ALA A 615 40.20 38.14 -4.01
N THR A 616 41.00 37.30 -4.66
CA THR A 616 42.00 37.77 -5.60
C THR A 616 41.47 37.97 -7.01
N GLY A 617 40.46 37.21 -7.41
CA GLY A 617 39.98 37.23 -8.78
C GLY A 617 40.74 36.24 -9.64
N GLN A 618 41.03 35.08 -9.08
CA GLN A 618 41.79 34.03 -9.73
C GLN A 618 40.86 32.90 -10.16
N LYS A 619 41.35 32.08 -11.09
CA LYS A 619 40.61 30.95 -11.65
C LYS A 619 41.26 29.64 -11.24
N TYR A 620 40.43 28.67 -10.89
CA TYR A 620 40.88 27.35 -10.46
C TYR A 620 40.10 26.29 -11.23
N PRO A 621 40.69 25.65 -12.24
CA PRO A 621 39.96 24.58 -12.93
C PRO A 621 40.22 23.19 -12.35
N LEU A 622 39.18 22.37 -12.40
CA LEU A 622 39.25 20.95 -12.07
C LEU A 622 39.04 20.12 -13.32
N ALA A 623 39.69 18.95 -13.35
CA ALA A 623 39.49 18.04 -14.46
C ALA A 623 39.97 16.65 -14.08
N ASP A 624 39.04 15.72 -13.94
CA ASP A 624 39.38 14.31 -13.80
C ASP A 624 38.14 13.47 -14.03
N TYR A 625 38.34 12.27 -14.58
CA TYR A 625 37.24 11.47 -15.11
C TYR A 625 36.53 10.70 -13.99
N ALA A 626 36.01 11.44 -13.02
CA ALA A 626 35.07 10.89 -12.08
C ALA A 626 33.97 11.84 -11.66
N LEU A 627 33.94 13.05 -12.19
CA LEU A 627 32.84 13.97 -11.94
C LEU A 627 31.73 13.83 -12.97
N THR A 628 31.81 12.86 -13.86
CA THR A 628 30.81 12.77 -14.89
C THR A 628 29.56 12.11 -14.34
N PRO A 629 28.37 12.63 -14.64
CA PRO A 629 27.18 12.07 -14.02
C PRO A 629 26.88 10.68 -14.51
N ASP A 630 26.01 10.02 -13.77
CA ASP A 630 25.62 8.65 -14.03
C ASP A 630 24.34 8.55 -14.85
N MET A 631 23.73 9.66 -15.23
CA MET A 631 22.60 9.63 -16.14
C MET A 631 22.32 11.01 -16.72
N ALA A 632 22.46 11.13 -18.02
CA ALA A 632 22.09 12.34 -18.74
C ALA A 632 20.71 12.19 -19.32
N ILE A 633 20.12 13.33 -19.66
CA ILE A 633 18.82 13.39 -20.30
C ILE A 633 18.87 14.55 -21.28
N VAL A 634 18.36 14.34 -22.47
CA VAL A 634 18.39 15.33 -23.54
C VAL A 634 16.99 15.40 -24.10
N ASP A 635 16.21 16.35 -23.61
CA ASP A 635 14.84 16.58 -24.06
C ASP A 635 14.78 17.84 -24.90
N ALA A 636 13.80 17.87 -25.80
CA ALA A 636 13.57 18.97 -26.71
C ALA A 636 12.26 19.68 -26.47
N ASN A 637 11.39 19.15 -25.61
CA ASN A 637 10.15 19.83 -25.28
C ASN A 637 10.38 21.03 -24.37
N LEU A 638 11.54 21.11 -23.73
CA LEU A 638 11.88 22.25 -22.89
C LEU A 638 12.55 23.37 -23.65
N VAL A 639 12.84 23.19 -24.94
CA VAL A 639 13.37 24.26 -25.78
C VAL A 639 12.49 24.35 -27.02
N MET A 640 11.43 25.13 -26.91
CA MET A 640 10.65 25.57 -28.06
C MET A 640 10.19 27.02 -27.92
N ASP A 641 10.59 27.72 -26.86
CA ASP A 641 10.05 29.00 -26.49
C ASP A 641 11.11 30.08 -26.32
N MET A 642 12.37 29.73 -26.17
CA MET A 642 13.41 30.73 -25.99
C MET A 642 13.55 31.55 -27.28
N PRO A 643 13.95 32.81 -27.16
CA PRO A 643 13.87 33.73 -28.29
C PRO A 643 14.97 33.47 -29.30
N LYS A 644 14.90 34.20 -30.39
CA LYS A 644 15.84 34.04 -31.51
C LYS A 644 17.01 35.00 -31.41
N SER A 645 17.63 35.00 -30.23
CA SER A 645 18.96 35.55 -30.05
C SER A 645 19.88 34.61 -29.27
N LEU A 646 19.32 33.64 -28.57
CA LEU A 646 20.08 32.62 -27.86
C LEU A 646 20.23 31.33 -28.66
N CYS A 647 19.48 31.17 -29.75
CA CYS A 647 19.59 30.00 -30.62
C CYS A 647 20.46 30.26 -31.84
N ALA A 648 21.33 31.27 -31.78
CA ALA A 648 22.35 31.46 -32.79
C ALA A 648 23.73 31.70 -32.19
N PHE A 649 23.83 31.86 -30.87
CA PHE A 649 25.13 31.75 -30.21
C PHE A 649 25.44 30.31 -29.90
N GLY A 650 24.57 29.66 -29.11
CA GLY A 650 24.78 28.26 -28.79
C GLY A 650 24.80 27.37 -30.02
N GLY A 651 23.90 27.62 -30.97
CA GLY A 651 23.91 26.90 -32.22
C GLY A 651 25.07 27.26 -33.12
N LEU A 652 25.86 28.26 -32.77
CA LEU A 652 27.15 28.52 -33.38
C LEU A 652 28.29 28.18 -32.44
N ASP A 653 28.00 27.83 -31.19
CA ASP A 653 29.03 27.36 -30.28
C ASP A 653 29.43 25.94 -30.60
N ALA A 654 28.46 25.09 -30.94
CA ALA A 654 28.75 23.69 -31.22
C ALA A 654 29.69 23.55 -32.40
N VAL A 655 29.55 24.41 -33.39
CA VAL A 655 30.37 24.31 -34.59
C VAL A 655 31.84 24.53 -34.25
N THR A 656 32.11 25.40 -33.28
CA THR A 656 33.48 25.59 -32.83
C THR A 656 33.89 24.55 -31.80
N HIS A 657 32.93 24.00 -31.05
CA HIS A 657 33.26 22.94 -30.11
C HIS A 657 33.64 21.65 -30.81
N ALA A 658 33.34 21.51 -32.09
CA ALA A 658 33.60 20.29 -32.85
C ALA A 658 34.72 20.42 -33.85
N MET A 659 34.87 21.57 -34.48
CA MET A 659 35.88 21.74 -35.53
C MET A 659 37.27 21.98 -34.99
N GLU A 660 37.51 21.65 -33.72
CA GLU A 660 38.85 21.54 -33.18
C GLU A 660 39.19 20.13 -32.71
N ALA A 661 38.19 19.31 -32.42
CA ALA A 661 38.42 17.93 -32.04
C ALA A 661 38.88 17.06 -33.19
N TYR A 662 38.80 17.56 -34.40
CA TYR A 662 39.26 16.84 -35.58
C TYR A 662 40.70 17.18 -35.94
N VAL A 663 41.21 18.30 -35.46
CA VAL A 663 42.53 18.80 -35.84
C VAL A 663 43.55 18.70 -34.73
N SER A 664 43.14 18.35 -33.53
CA SER A 664 44.05 18.30 -32.40
C SER A 664 45.00 17.11 -32.53
N VAL A 665 45.75 16.86 -31.46
CA VAL A 665 46.74 15.78 -31.42
C VAL A 665 46.37 14.80 -30.33
N LEU A 666 45.08 14.63 -30.08
CA LEU A 666 44.60 13.53 -29.26
C LEU A 666 43.37 12.87 -29.86
N ALA A 667 43.08 13.11 -31.13
CA ALA A 667 41.92 12.51 -31.75
C ALA A 667 42.29 11.15 -32.30
N SER A 668 41.53 10.16 -31.88
CA SER A 668 41.73 8.79 -32.30
C SER A 668 40.65 8.42 -33.31
N GLU A 669 40.67 7.17 -33.74
CA GLU A 669 39.66 6.66 -34.64
C GLU A 669 38.34 6.34 -33.95
N PHE A 670 38.18 6.71 -32.68
CA PHE A 670 36.90 6.63 -31.99
C PHE A 670 36.14 7.95 -32.01
N SER A 671 36.83 9.08 -31.90
CA SER A 671 36.21 10.38 -31.79
C SER A 671 36.12 11.14 -33.11
N ASP A 672 36.94 10.77 -34.09
CA ASP A 672 36.89 11.42 -35.39
C ASP A 672 35.53 11.27 -36.05
N GLY A 673 34.79 10.22 -35.70
CA GLY A 673 33.57 9.92 -36.41
C GLY A 673 32.42 10.80 -35.99
N GLN A 674 32.14 10.83 -34.69
CA GLN A 674 30.97 11.53 -34.22
C GLN A 674 31.06 13.03 -34.42
N ALA A 675 32.25 13.57 -34.63
CA ALA A 675 32.36 15.00 -34.89
C ALA A 675 31.90 15.34 -36.30
N LEU A 676 32.15 14.46 -37.25
CA LEU A 676 31.70 14.71 -38.61
C LEU A 676 30.21 14.52 -38.79
N GLN A 677 29.51 14.00 -37.78
CA GLN A 677 28.06 13.96 -37.80
C GLN A 677 27.45 15.23 -37.24
N ALA A 678 28.23 16.07 -36.59
CA ALA A 678 27.73 17.35 -36.11
C ALA A 678 27.73 18.39 -37.21
N LEU A 679 28.83 18.51 -37.93
CA LEU A 679 28.94 19.49 -38.99
C LEU A 679 27.92 19.27 -40.09
N LYS A 680 27.46 18.05 -40.29
CA LYS A 680 26.47 17.80 -41.33
C LYS A 680 25.09 18.21 -40.87
N LEU A 681 24.74 17.88 -39.63
CA LEU A 681 23.43 18.24 -39.10
C LEU A 681 23.32 19.72 -38.75
N LEU A 682 24.35 20.52 -38.96
CA LEU A 682 24.30 21.95 -38.73
C LEU A 682 24.64 22.72 -40.01
N LYS A 683 24.17 22.20 -41.15
CA LYS A 683 24.02 23.04 -42.33
C LYS A 683 22.74 22.78 -43.09
N GLU A 684 21.93 21.79 -42.71
CA GLU A 684 20.62 21.58 -43.29
C GLU A 684 19.49 22.19 -42.48
N TYR A 685 19.68 22.35 -41.16
CA TYR A 685 18.58 22.67 -40.26
C TYR A 685 18.77 23.95 -39.45
N LEU A 686 19.99 24.45 -39.29
CA LEU A 686 20.16 25.66 -38.47
C LEU A 686 19.55 26.89 -39.12
N PRO A 687 19.75 27.17 -40.41
CA PRO A 687 19.03 28.29 -41.02
C PRO A 687 17.53 28.16 -40.94
N ALA A 688 17.01 26.94 -40.87
CA ALA A 688 15.58 26.71 -40.79
C ALA A 688 15.08 26.60 -39.36
N SER A 689 15.92 26.88 -38.37
CA SER A 689 15.50 27.00 -36.97
C SER A 689 15.55 28.44 -36.46
N TYR A 690 15.96 29.38 -37.30
CA TYR A 690 16.06 30.79 -36.94
C TYR A 690 15.01 31.65 -37.63
N HIS A 691 14.58 31.26 -38.82
CA HIS A 691 13.57 31.99 -39.56
C HIS A 691 12.14 31.54 -39.27
N GLU A 692 11.97 30.43 -38.55
CA GLU A 692 10.65 29.83 -38.34
C GLU A 692 10.37 29.62 -36.86
N GLY A 693 11.41 29.27 -36.10
CA GLY A 693 11.21 29.02 -34.68
C GLY A 693 10.31 27.83 -34.45
N SER A 694 9.30 28.02 -33.60
CA SER A 694 8.44 26.94 -33.15
C SER A 694 7.52 26.40 -34.23
N LYS A 695 7.51 26.99 -35.42
CA LYS A 695 6.61 26.51 -36.47
C LYS A 695 7.09 25.22 -37.12
N ASN A 696 8.37 24.88 -36.96
CA ASN A 696 8.98 23.70 -37.58
C ASN A 696 9.62 22.87 -36.47
N PRO A 697 8.82 22.15 -35.67
CA PRO A 697 9.37 21.51 -34.48
C PRO A 697 10.27 20.34 -34.76
N VAL A 698 10.42 19.94 -36.02
CA VAL A 698 11.35 18.86 -36.35
C VAL A 698 12.78 19.39 -36.33
N ALA A 699 13.01 20.50 -37.01
CA ALA A 699 14.37 21.03 -37.14
C ALA A 699 14.92 21.49 -35.80
N ARG A 700 14.06 21.95 -34.89
CA ARG A 700 14.53 22.38 -33.59
C ARG A 700 15.09 21.22 -32.77
N GLU A 701 14.63 20.01 -33.05
CA GLU A 701 15.05 18.87 -32.25
C GLU A 701 16.44 18.39 -32.63
N ARG A 702 16.75 18.42 -33.93
CA ARG A 702 18.01 17.84 -34.38
C ARG A 702 19.20 18.70 -34.00
N VAL A 703 19.05 20.03 -34.01
CA VAL A 703 20.11 20.89 -33.49
C VAL A 703 20.38 20.57 -32.04
N HIS A 704 19.33 20.28 -31.28
CA HIS A 704 19.48 20.04 -29.86
C HIS A 704 20.04 18.65 -29.58
N SER A 705 19.80 17.71 -30.46
CA SER A 705 20.41 16.38 -30.39
C SER A 705 21.72 16.31 -31.15
N ALA A 706 22.36 17.44 -31.43
CA ALA A 706 23.59 17.49 -32.19
C ALA A 706 24.73 18.17 -31.45
N ALA A 707 24.44 19.05 -30.51
CA ALA A 707 25.51 19.62 -29.72
C ALA A 707 26.07 18.59 -28.76
N THR A 708 25.18 17.93 -28.02
CA THR A 708 25.62 16.91 -27.08
C THR A 708 26.28 15.73 -27.78
N ILE A 709 26.04 15.56 -29.08
CA ILE A 709 26.89 14.67 -29.87
C ILE A 709 28.32 15.19 -29.85
N ALA A 710 28.52 16.44 -30.24
CA ALA A 710 29.86 17.00 -30.28
C ALA A 710 30.46 17.09 -28.90
N GLY A 711 29.64 17.12 -27.86
CA GLY A 711 30.17 17.06 -26.51
C GLY A 711 30.98 15.81 -26.28
N ILE A 712 30.58 14.70 -26.90
CA ILE A 712 31.33 13.46 -26.77
C ILE A 712 32.70 13.60 -27.42
N ALA A 713 32.86 14.52 -28.36
CA ALA A 713 34.14 14.63 -29.05
C ALA A 713 35.16 15.38 -28.23
N PHE A 714 34.80 16.47 -27.56
CA PHE A 714 35.77 17.24 -26.79
C PHE A 714 35.90 16.76 -25.35
N ALA A 715 35.29 15.63 -25.01
CA ALA A 715 35.55 14.99 -23.72
C ALA A 715 36.58 13.87 -23.82
N ASN A 716 36.91 13.43 -25.03
CA ASN A 716 37.96 12.45 -25.25
C ASN A 716 39.09 13.01 -26.09
N ALA A 717 39.05 14.28 -26.45
CA ALA A 717 40.18 14.93 -27.08
C ALA A 717 40.08 16.41 -26.83
N PHE A 718 41.08 16.95 -26.15
CA PHE A 718 41.04 18.32 -25.66
C PHE A 718 40.91 19.32 -26.80
N LEU A 719 40.49 20.53 -26.44
CA LEU A 719 40.11 21.57 -27.38
C LEU A 719 41.30 22.37 -27.84
N GLY A 720 41.07 23.13 -28.91
CA GLY A 720 42.09 23.96 -29.50
C GLY A 720 42.31 25.24 -28.73
N VAL A 721 42.89 26.25 -29.39
CA VAL A 721 43.18 27.52 -28.75
C VAL A 721 41.96 28.45 -28.74
N CYS A 722 41.06 28.30 -29.71
CA CYS A 722 39.97 29.25 -29.88
C CYS A 722 39.06 29.28 -28.66
N HIS A 723 38.97 28.19 -27.92
CA HIS A 723 38.15 28.11 -26.73
C HIS A 723 38.91 28.54 -25.47
N SER A 724 40.00 29.28 -25.62
CA SER A 724 40.70 29.90 -24.50
C SER A 724 40.58 31.41 -24.51
N MET A 725 40.94 32.05 -25.63
CA MET A 725 40.92 33.50 -25.72
C MET A 725 39.53 34.08 -25.53
N ALA A 726 38.48 33.26 -25.68
CA ALA A 726 37.12 33.72 -25.50
C ALA A 726 36.64 33.63 -24.07
N HIS A 727 37.29 32.82 -23.24
CA HIS A 727 37.01 32.85 -21.81
C HIS A 727 37.23 34.26 -21.25
N LYS A 728 38.47 34.75 -21.37
CA LYS A 728 38.83 36.02 -20.76
C LYS A 728 38.14 37.18 -21.44
N LEU A 729 37.97 37.09 -22.76
CA LEU A 729 37.22 38.06 -23.53
C LEU A 729 35.72 37.95 -23.33
N GLY A 730 35.27 37.03 -22.48
CA GLY A 730 33.86 36.87 -22.17
C GLY A 730 33.58 36.81 -20.67
N SER A 731 34.58 37.13 -19.85
CA SER A 731 34.36 37.27 -18.42
C SER A 731 35.14 38.45 -17.84
N GLN A 732 35.61 39.38 -18.68
CA GLN A 732 36.25 40.61 -18.23
C GLN A 732 35.71 41.85 -18.91
N PHE A 733 35.06 41.73 -20.07
CA PHE A 733 34.29 42.80 -20.67
C PHE A 733 32.79 42.57 -20.55
N HIS A 734 32.37 41.47 -19.91
CA HIS A 734 30.96 41.08 -19.81
C HIS A 734 30.33 40.90 -21.19
N ILE A 735 30.84 39.89 -21.90
CA ILE A 735 30.21 39.36 -23.12
C ILE A 735 29.72 37.95 -22.77
N PRO A 736 28.57 37.49 -23.27
CA PRO A 736 28.20 36.10 -23.07
C PRO A 736 29.02 35.16 -23.94
N HIS A 737 29.34 33.99 -23.39
CA HIS A 737 30.12 33.00 -24.12
C HIS A 737 29.34 32.48 -25.31
N GLY A 738 29.98 32.48 -26.47
CA GLY A 738 29.40 31.97 -27.69
C GLY A 738 29.57 32.95 -28.83
N LEU A 739 29.42 34.23 -28.51
CA LEU A 739 29.70 35.26 -29.48
C LEU A 739 31.19 35.49 -29.65
N ALA A 740 31.98 35.16 -28.63
CA ALA A 740 33.41 35.43 -28.67
C ALA A 740 34.11 34.49 -29.63
N ASN A 741 33.98 33.18 -29.42
CA ASN A 741 34.54 32.23 -30.36
C ASN A 741 33.86 32.30 -31.72
N ALA A 742 32.69 32.92 -31.80
CA ALA A 742 32.06 33.15 -33.08
C ALA A 742 32.76 34.26 -33.88
N LEU A 743 33.45 35.16 -33.20
CA LEU A 743 34.13 36.27 -33.86
C LEU A 743 35.60 35.97 -34.13
N LEU A 744 36.08 34.78 -33.80
CA LEU A 744 37.48 34.43 -33.94
C LEU A 744 37.73 33.14 -34.72
N ILE A 745 36.70 32.35 -35.01
CA ILE A 745 36.92 31.07 -35.66
C ILE A 745 37.38 31.23 -37.09
N CYS A 746 36.98 32.31 -37.75
CA CYS A 746 37.37 32.59 -39.12
C CYS A 746 38.77 33.17 -39.23
N ASN A 747 39.40 33.51 -38.11
CA ASN A 747 40.71 34.14 -38.11
C ASN A 747 41.82 33.19 -37.70
N VAL A 748 41.51 32.13 -36.96
CA VAL A 748 42.52 31.15 -36.58
C VAL A 748 42.83 30.17 -37.69
N ILE A 749 41.89 29.94 -38.62
CA ILE A 749 42.10 28.94 -39.64
C ILE A 749 43.21 29.33 -40.59
N ARG A 750 43.41 30.63 -40.81
CA ARG A 750 44.57 31.08 -41.56
C ARG A 750 45.83 31.11 -40.71
N TYR A 751 45.74 30.78 -39.42
CA TYR A 751 46.86 30.81 -38.50
C TYR A 751 47.43 29.44 -38.20
N ASN A 752 46.62 28.39 -38.29
CA ASN A 752 47.11 27.02 -38.12
C ASN A 752 47.60 26.41 -39.42
N ALA A 753 47.47 27.10 -40.54
CA ALA A 753 47.81 26.57 -41.86
C ALA A 753 48.97 27.36 -42.43
N ASN A 754 50.19 26.91 -42.18
CA ASN A 754 51.39 27.58 -42.66
C ASN A 754 52.60 26.68 -42.34
N ASP A 755 53.81 27.19 -42.60
CA ASP A 755 55.03 26.45 -42.29
C ASP A 755 55.28 26.38 -40.78
N ASN A 756 55.00 27.47 -40.06
CA ASN A 756 55.07 27.47 -38.60
C ASN A 756 56.46 27.13 -38.07
N PRO A 757 57.42 28.06 -38.15
CA PRO A 757 58.78 27.76 -37.62
C PRO A 757 58.81 27.23 -36.20
N THR A 758 57.85 27.60 -35.36
CA THR A 758 57.81 27.18 -33.96
C THR A 758 56.80 26.04 -33.82
N LYS A 759 57.31 24.82 -33.84
CA LYS A 759 56.47 23.63 -33.74
C LYS A 759 57.28 22.51 -33.09
N GLN A 760 56.76 21.97 -31.99
CA GLN A 760 57.46 20.90 -31.29
C GLN A 760 57.56 19.66 -32.19
N THR A 761 58.66 18.93 -32.03
CA THR A 761 59.04 17.84 -32.91
C THR A 761 58.78 16.51 -32.21
N ALA A 762 58.57 15.47 -33.02
CA ALA A 762 58.16 14.12 -32.65
C ALA A 762 56.67 14.04 -32.39
N PHE A 763 55.95 15.15 -32.37
CA PHE A 763 54.50 15.16 -32.25
C PHE A 763 54.00 16.33 -33.07
N SER A 764 52.88 16.12 -33.77
CA SER A 764 52.27 17.11 -34.66
C SER A 764 53.09 17.37 -35.93
N GLN A 765 54.17 16.62 -36.15
CA GLN A 765 54.98 16.70 -37.37
C GLN A 765 55.20 15.34 -38.01
N TYR A 766 55.41 14.29 -37.21
CA TYR A 766 55.59 12.93 -37.70
C TYR A 766 54.62 11.94 -37.08
N ASP A 767 54.40 12.00 -35.77
CA ASP A 767 53.47 11.08 -35.14
C ASP A 767 52.03 11.36 -35.55
N ARG A 768 51.69 12.63 -35.74
CA ARG A 768 50.43 13.09 -36.29
C ARG A 768 50.68 13.76 -37.63
N PRO A 769 49.85 13.51 -38.67
CA PRO A 769 50.26 13.87 -40.03
C PRO A 769 50.52 15.37 -40.24
N GLN A 770 49.50 16.18 -40.04
CA GLN A 770 49.58 17.61 -40.29
C GLN A 770 48.22 18.20 -39.95
N ALA A 771 48.18 19.52 -39.82
CA ALA A 771 46.96 20.24 -39.51
C ALA A 771 46.30 20.84 -40.74
N ARG A 772 46.87 20.65 -41.92
CA ARG A 772 46.37 21.28 -43.14
C ARG A 772 45.43 20.36 -43.90
N ARG A 773 45.93 19.19 -44.31
CA ARG A 773 45.13 18.26 -45.09
C ARG A 773 43.87 17.82 -44.35
N ARG A 774 43.90 17.85 -43.02
CA ARG A 774 42.71 17.50 -42.27
C ARG A 774 41.59 18.50 -42.50
N TYR A 775 41.90 19.75 -42.77
CA TYR A 775 40.84 20.70 -43.09
C TYR A 775 40.25 20.43 -44.46
N ALA A 776 40.99 19.76 -45.34
CA ALA A 776 40.44 19.43 -46.64
C ALA A 776 39.33 18.39 -46.53
N GLU A 777 39.53 17.36 -45.72
CA GLU A 777 38.58 16.27 -45.65
C GLU A 777 37.23 16.71 -45.09
N ILE A 778 37.14 17.89 -44.50
CA ILE A 778 35.83 18.47 -44.21
C ILE A 778 35.26 19.10 -45.46
N ALA A 779 36.10 19.62 -46.34
CA ALA A 779 35.64 20.35 -47.51
C ALA A 779 35.15 19.44 -48.63
N ASP A 780 35.17 18.12 -48.46
CA ASP A 780 34.66 17.19 -49.45
C ASP A 780 33.61 16.23 -48.91
N HIS A 781 33.60 15.96 -47.61
CA HIS A 781 32.51 15.21 -47.00
C HIS A 781 31.28 16.08 -46.81
N LEU A 782 31.49 17.37 -46.57
CA LEU A 782 30.39 18.29 -46.36
C LEU A 782 29.78 18.77 -47.67
N GLY A 783 30.52 18.69 -48.77
CA GLY A 783 29.99 19.05 -50.08
C GLY A 783 30.12 20.51 -50.43
N LEU A 784 31.35 21.03 -50.42
CA LEU A 784 31.62 22.41 -50.80
C LEU A 784 32.87 22.45 -51.67
N SER A 785 32.95 21.56 -52.64
CA SER A 785 34.10 21.52 -53.52
C SER A 785 33.72 20.85 -54.82
N ALA A 786 34.43 21.22 -55.87
CA ALA A 786 34.29 20.58 -57.16
C ALA A 786 35.04 19.26 -57.17
N PRO A 787 34.76 18.39 -58.14
CA PRO A 787 35.51 17.12 -58.21
C PRO A 787 36.99 17.33 -58.42
N GLY A 788 37.38 18.28 -59.25
CA GLY A 788 38.77 18.56 -59.52
C GLY A 788 39.24 19.83 -58.84
N ASP A 789 40.04 19.67 -57.78
CA ASP A 789 40.52 20.80 -57.02
C ASP A 789 41.86 20.43 -56.40
N ARG A 790 42.52 21.44 -55.84
CA ARG A 790 43.76 21.29 -55.10
C ARG A 790 43.50 21.56 -53.62
N THR A 791 44.59 21.54 -52.85
CA THR A 791 44.49 21.73 -51.41
C THR A 791 44.03 23.13 -51.06
N ALA A 792 44.69 24.14 -51.62
CA ALA A 792 44.44 25.52 -51.20
C ALA A 792 43.02 25.97 -51.50
N ALA A 793 42.51 25.66 -52.69
CA ALA A 793 41.18 26.11 -53.06
C ALA A 793 40.08 25.47 -52.23
N LYS A 794 40.35 24.33 -51.59
CA LYS A 794 39.35 23.72 -50.73
C LYS A 794 39.23 24.49 -49.42
N ILE A 795 40.31 25.12 -48.98
CA ILE A 795 40.25 25.92 -47.76
C ILE A 795 39.32 27.11 -47.93
N GLU A 796 39.48 27.85 -49.03
CA GLU A 796 38.77 29.10 -49.19
C GLU A 796 37.27 28.87 -49.28
N LYS A 797 36.85 27.80 -49.96
CA LYS A 797 35.43 27.52 -50.09
C LYS A 797 34.83 27.01 -48.80
N LEU A 798 35.64 26.61 -47.83
CA LEU A 798 35.13 26.40 -46.49
C LEU A 798 34.94 27.74 -45.81
N LEU A 799 35.93 28.61 -45.92
CA LEU A 799 35.94 29.84 -45.15
C LEU A 799 34.83 30.78 -45.58
N ALA A 800 34.43 30.72 -46.85
CA ALA A 800 33.31 31.52 -47.30
C ALA A 800 32.00 31.00 -46.70
N TRP A 801 31.88 29.68 -46.58
CA TRP A 801 30.67 29.11 -45.98
C TRP A 801 30.51 29.56 -44.53
N LEU A 802 31.60 29.91 -43.86
CA LEU A 802 31.50 30.39 -42.49
C LEU A 802 31.07 31.85 -42.40
N GLU A 803 31.27 32.64 -43.45
CA GLU A 803 30.85 34.03 -43.44
C GLU A 803 29.40 34.19 -43.86
N THR A 804 28.94 33.39 -44.81
CA THR A 804 27.56 33.46 -45.24
C THR A 804 26.59 32.86 -44.25
N LEU A 805 27.09 32.20 -43.20
CA LEU A 805 26.25 31.75 -42.10
C LEU A 805 26.10 32.81 -41.03
N LYS A 806 27.18 33.55 -40.76
CA LYS A 806 27.10 34.64 -39.80
C LYS A 806 26.25 35.80 -40.30
N ALA A 807 26.06 35.90 -41.63
CA ALA A 807 25.28 37.00 -42.17
C ALA A 807 23.80 36.82 -41.90
N GLU A 808 23.22 35.75 -42.43
CA GLU A 808 21.78 35.56 -42.31
C GLU A 808 21.33 35.33 -40.88
N LEU A 809 22.23 34.87 -40.00
CA LEU A 809 21.87 34.71 -38.60
C LEU A 809 21.88 36.01 -37.84
N GLY A 810 22.55 37.04 -38.35
CA GLY A 810 22.50 38.34 -37.73
C GLY A 810 23.39 38.50 -36.52
N ILE A 811 24.70 38.43 -36.73
CA ILE A 811 25.68 38.81 -35.71
C ILE A 811 26.61 39.85 -36.31
N PRO A 812 27.26 40.65 -35.48
CA PRO A 812 28.19 41.66 -36.01
C PRO A 812 29.43 41.04 -36.63
N LYS A 813 30.30 41.89 -37.15
CA LYS A 813 31.57 41.46 -37.75
C LYS A 813 32.72 41.52 -36.77
N SER A 814 32.99 42.70 -36.19
CA SER A 814 34.12 42.92 -35.32
C SER A 814 33.65 43.21 -33.90
N ILE A 815 34.61 43.27 -33.00
CA ILE A 815 34.31 43.50 -31.59
C ILE A 815 33.65 44.86 -31.38
N ARG A 816 33.93 45.82 -32.27
CA ARG A 816 33.56 47.20 -32.03
C ARG A 816 32.05 47.37 -31.96
N GLU A 817 31.33 46.68 -32.83
CA GLU A 817 29.88 46.81 -32.86
C GLU A 817 29.19 46.12 -31.69
N ALA A 818 29.94 45.39 -30.86
CA ALA A 818 29.33 44.65 -29.77
C ALA A 818 29.13 45.46 -28.51
N GLY A 819 29.84 46.58 -28.36
CA GLY A 819 29.70 47.43 -27.20
C GLY A 819 30.95 47.59 -26.35
N VAL A 820 32.12 47.59 -26.99
CA VAL A 820 33.39 47.79 -26.30
C VAL A 820 34.00 49.08 -26.84
N GLN A 821 34.24 50.03 -25.94
CA GLN A 821 34.81 51.32 -26.31
C GLN A 821 36.30 51.16 -26.62
N GLU A 822 36.84 52.20 -27.25
CA GLU A 822 38.27 52.32 -27.50
C GLU A 822 38.97 53.04 -26.34
N ALA A 823 38.75 52.52 -25.13
CA ALA A 823 39.32 53.09 -23.92
C ALA A 823 39.99 52.05 -23.04
N ASP A 824 39.46 50.83 -23.05
CA ASP A 824 39.91 49.75 -22.17
C ASP A 824 40.39 48.55 -22.97
N PHE A 825 40.99 48.79 -24.14
CA PHE A 825 41.44 47.73 -25.02
C PHE A 825 42.92 47.78 -25.37
N LEU A 826 43.58 48.93 -25.26
CA LEU A 826 45.02 49.01 -25.40
C LEU A 826 45.74 49.10 -24.06
N ALA A 827 45.03 49.37 -22.98
CA ALA A 827 45.59 49.34 -21.63
C ALA A 827 45.35 48.02 -20.93
N ASN A 828 44.60 47.09 -21.54
CA ASN A 828 44.34 45.78 -20.96
C ASN A 828 44.65 44.64 -21.93
N VAL A 829 45.26 44.94 -23.07
CA VAL A 829 45.67 43.88 -24.00
C VAL A 829 46.85 43.07 -23.49
N ASP A 830 47.62 43.59 -22.54
CA ASP A 830 48.83 42.93 -22.06
C ASP A 830 48.60 42.01 -20.87
N LYS A 831 47.74 42.40 -19.94
CA LYS A 831 47.30 41.49 -18.89
C LYS A 831 46.32 40.44 -19.41
N LEU A 832 45.86 40.59 -20.65
CA LEU A 832 44.91 39.67 -21.26
C LEU A 832 45.54 38.65 -22.19
N SER A 833 46.57 39.04 -22.93
CA SER A 833 47.27 38.15 -23.83
C SER A 833 48.34 37.32 -23.13
N GLU A 834 48.62 37.59 -21.86
CA GLU A 834 49.49 36.75 -21.05
C GLU A 834 48.71 35.71 -20.26
N ASP A 835 47.40 35.63 -20.46
CA ASP A 835 46.56 34.63 -19.81
C ASP A 835 46.19 33.49 -20.73
N ALA A 836 46.13 33.72 -22.04
CA ALA A 836 45.79 32.66 -22.96
C ALA A 836 46.93 31.66 -23.14
N PHE A 837 48.09 31.91 -22.56
CA PHE A 837 49.19 30.98 -22.68
C PHE A 837 49.14 29.87 -21.64
N ASP A 838 48.40 30.06 -20.55
CA ASP A 838 48.40 29.10 -19.44
C ASP A 838 47.00 28.72 -18.95
N ASP A 839 45.95 29.05 -19.68
CA ASP A 839 44.58 28.68 -19.27
C ASP A 839 44.11 27.45 -20.03
N GLN A 840 44.83 26.36 -19.81
CA GLN A 840 44.44 25.03 -20.30
C GLN A 840 44.25 25.04 -21.82
N CYS A 841 45.34 25.30 -22.52
CA CYS A 841 45.38 25.16 -23.95
C CYS A 841 46.82 24.90 -24.34
N THR A 842 47.04 24.83 -25.65
CA THR A 842 48.33 24.55 -26.28
C THR A 842 48.74 23.08 -26.15
N GLY A 843 47.98 22.27 -25.39
CA GLY A 843 48.09 20.84 -25.56
C GLY A 843 47.65 20.44 -26.94
N ALA A 844 46.58 21.05 -27.41
CA ALA A 844 46.11 20.94 -28.77
C ALA A 844 46.68 22.11 -29.58
N ASN A 845 46.11 22.36 -30.74
CA ASN A 845 46.48 23.50 -31.58
C ASN A 845 47.93 23.36 -32.02
N PRO A 846 48.20 22.46 -32.97
CA PRO A 846 49.57 22.04 -33.31
C PRO A 846 50.64 23.12 -33.39
N ARG A 847 50.25 24.31 -33.79
CA ARG A 847 51.20 25.41 -33.90
C ARG A 847 51.49 25.93 -32.50
N TYR A 848 52.71 25.73 -32.04
CA TYR A 848 53.11 26.14 -30.72
C TYR A 848 53.17 27.66 -30.65
N PRO A 849 52.25 28.33 -29.96
CA PRO A 849 52.18 29.78 -30.06
C PRO A 849 53.18 30.48 -29.15
N LEU A 850 53.64 31.63 -29.62
CA LEU A 850 54.46 32.54 -28.83
C LEU A 850 53.68 33.83 -28.58
N ILE A 851 53.98 34.48 -27.46
CA ILE A 851 53.07 35.51 -26.93
C ILE A 851 53.08 36.74 -27.82
N SER A 852 54.18 37.02 -28.50
CA SER A 852 54.29 38.20 -29.33
C SER A 852 53.56 38.05 -30.67
N GLU A 853 52.81 36.98 -30.89
CA GLU A 853 51.97 36.81 -32.07
C GLU A 853 50.53 36.50 -31.73
N LEU A 854 50.23 36.12 -30.50
CA LEU A 854 48.84 35.92 -30.09
C LEU A 854 48.10 37.22 -29.87
N LYS A 855 48.78 38.37 -29.88
CA LYS A 855 48.14 39.66 -29.77
C LYS A 855 47.85 40.30 -31.11
N GLN A 856 48.41 39.77 -32.19
CA GLN A 856 48.03 40.23 -33.51
C GLN A 856 46.59 39.86 -33.84
N ILE A 857 46.15 38.69 -33.36
CA ILE A 857 44.79 38.24 -33.60
C ILE A 857 43.81 39.04 -32.75
N LEU A 858 44.22 39.43 -31.55
CA LEU A 858 43.39 40.28 -30.71
C LEU A 858 43.39 41.73 -31.17
N LEU A 859 44.18 42.09 -32.17
CA LEU A 859 44.35 43.46 -32.60
C LEU A 859 44.04 43.65 -34.07
N ASP A 860 43.70 42.59 -34.79
CA ASP A 860 43.13 42.68 -36.13
C ASP A 860 41.67 42.26 -36.16
N THR A 861 41.15 41.74 -35.06
CA THR A 861 39.71 41.51 -34.88
C THR A 861 39.08 42.61 -34.03
N TYR A 862 39.58 43.84 -34.17
CA TYR A 862 38.95 45.02 -33.61
C TYR A 862 38.70 46.10 -34.66
N TYR A 863 39.49 46.16 -35.72
CA TYR A 863 39.28 47.08 -36.83
C TYR A 863 38.70 46.40 -38.06
N GLY A 864 38.55 45.08 -38.06
CA GLY A 864 37.93 44.35 -39.15
C GLY A 864 38.87 43.72 -40.14
N ARG A 865 40.18 43.94 -40.01
CA ARG A 865 41.11 43.46 -41.02
C ARG A 865 41.27 41.94 -40.91
N ASP A 866 41.95 41.39 -41.91
CA ASP A 866 42.15 39.95 -42.05
C ASP A 866 43.62 39.61 -41.83
N TYR A 867 43.87 38.71 -40.87
CA TYR A 867 45.22 38.31 -40.55
C TYR A 867 45.91 37.69 -41.75
N VAL A 868 47.21 37.90 -41.85
CA VAL A 868 48.00 37.38 -42.96
C VAL A 868 49.48 37.55 -42.66
N GLU A 869 50.30 36.63 -43.16
CA GLU A 869 51.74 36.72 -43.05
C GLU A 869 52.34 37.31 -44.32
N ASN B 450 -1.87 26.08 51.74
CA ASN B 450 -1.52 24.71 51.35
C ASN B 450 -2.57 24.13 50.43
N MET B 451 -2.21 23.07 49.71
CA MET B 451 -3.13 22.44 48.78
C MET B 451 -2.59 21.08 48.36
N LEU B 452 -3.43 20.07 48.44
CA LEU B 452 -3.10 18.70 48.09
C LEU B 452 -3.38 18.46 46.62
N TRP B 453 -3.04 17.26 46.13
CA TRP B 453 -3.26 16.95 44.73
C TRP B 453 -3.45 15.45 44.54
N HIS B 454 -3.73 15.08 43.29
CA HIS B 454 -3.96 13.70 42.90
C HIS B 454 -3.62 13.63 41.42
N LYS B 455 -2.42 13.14 41.11
CA LYS B 455 -1.93 13.03 39.75
C LYS B 455 -1.72 11.57 39.39
N LEU B 456 -1.85 11.29 38.11
CA LEU B 456 -1.78 9.93 37.62
C LEU B 456 -1.39 9.99 36.16
N PRO B 457 -1.14 8.86 35.55
CA PRO B 457 -0.93 8.84 34.11
C PRO B 457 -2.20 9.08 33.34
N LYS B 458 -2.10 9.05 32.02
CA LYS B 458 -3.23 9.27 31.16
C LYS B 458 -4.09 8.03 31.01
N SER B 459 -3.49 6.85 31.07
CA SER B 459 -4.18 5.64 30.69
C SER B 459 -3.53 4.43 31.33
N ILE B 460 -4.35 3.51 31.80
CA ILE B 460 -3.89 2.23 32.32
C ILE B 460 -4.72 1.12 31.71
N TYR B 461 -4.25 0.53 30.63
CA TYR B 461 -4.89 -0.65 30.07
C TYR B 461 -4.51 -1.89 30.88
N PHE B 462 -5.50 -2.72 31.20
CA PHE B 462 -5.25 -3.92 31.97
C PHE B 462 -6.35 -4.94 31.75
N ARG B 463 -5.97 -6.16 31.36
CA ARG B 463 -6.66 -7.42 31.59
C ARG B 463 -5.83 -8.49 30.90
N ARG B 464 -6.09 -9.74 31.26
CA ARG B 464 -5.46 -10.89 30.63
C ARG B 464 -5.65 -10.86 29.12
N GLY B 465 -4.55 -10.70 28.39
CA GLY B 465 -4.57 -10.67 26.95
C GLY B 465 -4.69 -9.27 26.41
N SER B 466 -3.79 -8.38 26.85
CA SER B 466 -3.90 -6.95 26.57
C SER B 466 -2.67 -6.34 25.93
N LEU B 467 -1.59 -7.08 25.78
CA LEU B 467 -0.36 -6.51 25.25
C LEU B 467 -0.36 -6.36 23.73
N PRO B 468 -0.76 -7.37 22.94
CA PRO B 468 -0.72 -7.20 21.48
C PRO B 468 -1.77 -6.25 20.94
N ILE B 469 -2.79 -5.94 21.73
CA ILE B 469 -3.92 -5.14 21.24
C ILE B 469 -3.70 -3.66 21.51
N ALA B 470 -3.12 -3.32 22.66
CA ALA B 470 -2.83 -1.92 22.95
C ALA B 470 -1.70 -1.41 22.09
N LEU B 471 -0.72 -2.27 21.81
CA LEU B 471 0.42 -1.87 20.99
C LEU B 471 0.01 -1.53 19.57
N ASP B 472 -1.15 -2.00 19.13
CA ASP B 472 -1.71 -1.55 17.86
C ASP B 472 -2.06 -0.07 17.90
N GLU B 473 -2.27 0.49 19.09
CA GLU B 473 -2.60 1.90 19.22
C GLU B 473 -1.39 2.81 18.99
N VAL B 474 -0.18 2.30 19.19
CA VAL B 474 1.03 3.11 19.01
C VAL B 474 1.63 2.92 17.62
N ILE B 475 0.87 2.39 16.67
CA ILE B 475 1.29 2.37 15.26
C ILE B 475 0.18 2.85 14.35
N THR B 476 -1.05 2.94 14.86
CA THR B 476 -2.10 3.63 14.12
C THR B 476 -1.88 5.14 14.17
N ASP B 477 -1.25 5.62 15.24
CA ASP B 477 -0.71 6.97 15.28
C ASP B 477 0.67 6.97 14.65
N GLY B 478 1.15 8.15 14.31
CA GLY B 478 2.44 8.25 13.65
C GLY B 478 3.59 7.98 14.59
N HIS B 479 4.20 6.80 14.45
CA HIS B 479 5.38 6.43 15.23
C HIS B 479 6.17 5.43 14.41
N LYS B 480 7.40 5.78 14.06
CA LYS B 480 8.20 5.03 13.11
C LYS B 480 9.39 4.30 13.74
N ARG B 481 10.09 4.94 14.67
CA ARG B 481 11.30 4.40 15.26
C ARG B 481 11.08 4.13 16.74
N ALA B 482 11.81 3.15 17.26
CA ALA B 482 11.61 2.66 18.61
C ALA B 482 12.94 2.41 19.31
N LEU B 483 12.83 2.14 20.61
CA LEU B 483 13.95 1.79 21.46
C LEU B 483 13.41 1.02 22.65
N ILE B 484 14.20 0.07 23.14
CA ILE B 484 13.76 -0.88 24.17
C ILE B 484 14.85 -0.97 25.24
N VAL B 485 14.43 -1.18 26.48
CA VAL B 485 15.32 -1.47 27.60
C VAL B 485 14.89 -2.80 28.19
N THR B 486 15.87 -3.59 28.61
CA THR B 486 15.59 -4.94 29.11
C THR B 486 16.78 -5.44 29.92
N ASP B 487 16.49 -6.24 30.92
CA ASP B 487 17.50 -6.93 31.70
C ASP B 487 18.17 -8.02 30.86
N ARG B 488 19.28 -8.55 31.37
CA ARG B 488 19.99 -9.59 30.63
C ARG B 488 19.30 -10.94 30.76
N PHE B 489 18.57 -11.17 31.85
CA PHE B 489 17.84 -12.43 31.99
C PHE B 489 16.63 -12.49 31.07
N LEU B 490 16.07 -11.33 30.73
CA LEU B 490 14.88 -11.23 29.88
C LEU B 490 15.23 -10.96 28.42
N PHE B 491 16.40 -11.40 27.97
CA PHE B 491 16.78 -11.30 26.57
C PHE B 491 17.27 -12.62 26.01
N ASN B 492 17.96 -13.43 26.80
CA ASN B 492 18.36 -14.76 26.36
C ASN B 492 17.20 -15.74 26.36
N ASN B 493 16.12 -15.43 27.08
CA ASN B 493 14.88 -16.18 27.03
C ASN B 493 13.90 -15.45 26.12
N GLY B 494 12.69 -16.01 26.02
CA GLY B 494 11.70 -15.50 25.08
C GLY B 494 10.72 -14.48 25.62
N TYR B 495 11.20 -13.41 26.26
CA TYR B 495 10.35 -12.32 26.73
C TYR B 495 10.66 -10.98 26.07
N ALA B 496 11.72 -10.88 25.27
CA ALA B 496 12.06 -9.66 24.56
C ALA B 496 11.78 -9.71 23.07
N ASP B 497 11.20 -10.81 22.59
CA ASP B 497 10.78 -10.94 21.20
C ASP B 497 9.27 -10.98 21.04
N GLN B 498 8.52 -11.02 22.14
CA GLN B 498 7.07 -11.00 22.05
C GLN B 498 6.56 -9.62 21.65
N ILE B 499 7.25 -8.56 22.08
CA ILE B 499 6.90 -7.19 21.68
C ILE B 499 7.74 -6.72 20.49
N THR B 500 8.56 -7.59 19.90
CA THR B 500 9.34 -7.27 18.71
C THR B 500 8.74 -7.87 17.45
N SER B 501 8.19 -9.08 17.54
CA SER B 501 7.62 -9.73 16.37
C SER B 501 6.32 -9.06 15.94
N VAL B 502 5.51 -8.61 16.90
CA VAL B 502 4.25 -7.98 16.57
C VAL B 502 4.49 -6.60 15.98
N LEU B 503 5.42 -5.84 16.57
CA LEU B 503 5.66 -4.48 16.16
C LEU B 503 6.44 -4.40 14.85
N LYS B 504 7.04 -5.50 14.40
CA LYS B 504 7.94 -5.44 13.26
C LYS B 504 7.22 -5.62 11.93
N ALA B 505 6.08 -6.30 11.92
CA ALA B 505 5.44 -6.65 10.64
C ALA B 505 4.89 -5.41 9.94
N ALA B 506 4.27 -4.51 10.69
CA ALA B 506 3.72 -3.30 10.07
C ALA B 506 4.81 -2.44 9.45
N GLY B 507 6.02 -2.51 10.01
CA GLY B 507 7.19 -1.87 9.45
C GLY B 507 7.69 -0.72 10.30
N VAL B 508 8.66 -1.02 11.15
CA VAL B 508 9.37 -0.05 11.96
C VAL B 508 10.77 -0.61 12.24
N GLU B 509 11.63 0.22 12.80
CA GLU B 509 12.97 -0.17 13.21
C GLU B 509 13.06 -0.22 14.72
N THR B 510 13.79 -1.19 15.23
CA THR B 510 13.93 -1.38 16.67
C THR B 510 15.29 -1.99 16.98
N GLU B 511 15.80 -1.65 18.16
CA GLU B 511 17.08 -2.17 18.62
C GLU B 511 17.01 -2.42 20.13
N VAL B 512 17.69 -3.46 20.56
CA VAL B 512 17.70 -3.88 21.96
C VAL B 512 18.89 -3.21 22.65
N PHE B 513 18.85 -3.16 23.98
CA PHE B 513 19.93 -2.60 24.79
C PHE B 513 19.88 -3.33 26.12
N PHE B 514 20.90 -4.15 26.40
CA PHE B 514 20.88 -5.04 27.56
C PHE B 514 22.25 -5.02 28.25
N GLU B 515 22.41 -4.13 29.24
CA GLU B 515 23.46 -4.33 30.23
C GLU B 515 23.06 -3.88 31.62
N VAL B 516 21.79 -3.54 31.85
CA VAL B 516 21.38 -2.96 33.12
C VAL B 516 21.51 -4.01 34.21
N GLU B 517 22.27 -3.67 35.24
CA GLU B 517 22.59 -4.58 36.34
C GLU B 517 21.50 -4.46 37.40
N ALA B 518 21.76 -4.98 38.59
CA ALA B 518 20.81 -4.90 39.69
C ALA B 518 20.64 -3.48 40.22
N ASP B 519 21.50 -2.56 39.83
CA ASP B 519 21.33 -1.16 40.23
C ASP B 519 22.14 -0.27 39.29
N PRO B 520 21.58 0.79 38.73
CA PRO B 520 22.38 1.67 37.88
C PRO B 520 23.50 2.35 38.66
N THR B 521 24.48 2.87 37.90
CA THR B 521 25.74 3.35 38.45
C THR B 521 26.14 4.74 38.01
N LEU B 522 25.32 5.42 37.20
CA LEU B 522 25.59 6.73 36.59
C LEU B 522 26.58 6.65 35.44
N SER B 523 27.16 5.49 35.15
CA SER B 523 27.99 5.28 33.98
C SER B 523 27.28 4.49 32.90
N ILE B 524 26.37 3.60 33.28
CA ILE B 524 25.61 2.83 32.31
C ILE B 524 24.50 3.68 31.72
N VAL B 525 23.85 4.49 32.56
CA VAL B 525 22.77 5.35 32.07
C VAL B 525 23.28 6.36 31.07
N ARG B 526 24.49 6.87 31.29
CA ARG B 526 25.09 7.80 30.34
C ARG B 526 25.52 7.09 29.08
N LYS B 527 25.87 5.81 29.18
CA LYS B 527 26.25 5.06 27.99
C LYS B 527 25.08 4.94 27.04
N GLY B 528 23.86 4.87 27.57
CA GLY B 528 22.69 4.82 26.72
C GLY B 528 22.35 6.17 26.11
N ALA B 529 22.72 7.25 26.79
CA ALA B 529 22.44 8.58 26.27
C ALA B 529 23.16 8.79 24.94
N GLU B 530 24.42 8.38 24.87
CA GLU B 530 25.13 8.46 23.60
C GLU B 530 24.58 7.48 22.57
N LEU B 531 23.91 6.42 23.02
CA LEU B 531 23.22 5.53 22.09
C LEU B 531 21.89 6.10 21.64
N ALA B 532 21.25 6.92 22.47
CA ALA B 532 19.94 7.44 22.12
C ALA B 532 20.04 8.52 21.05
N ASN B 533 21.02 9.41 21.16
CA ASN B 533 21.19 10.50 20.21
C ASN B 533 22.03 10.11 19.00
N SER B 534 22.09 8.82 18.69
CA SER B 534 22.67 8.32 17.44
C SER B 534 21.65 7.65 16.54
N PHE B 535 20.39 7.54 16.96
CA PHE B 535 19.34 6.89 16.17
C PHE B 535 18.06 7.69 16.06
N LYS B 536 17.81 8.65 16.94
CA LYS B 536 16.66 9.54 16.87
C LYS B 536 15.34 8.77 16.99
N PRO B 537 15.09 8.07 18.08
CA PRO B 537 13.84 7.34 18.23
C PRO B 537 12.69 8.29 18.54
N ASP B 538 11.51 7.71 18.70
CA ASP B 538 10.30 8.44 19.06
C ASP B 538 9.52 7.84 20.21
N VAL B 539 9.77 6.59 20.59
CA VAL B 539 9.06 5.94 21.68
C VAL B 539 10.05 5.08 22.46
N ILE B 540 10.11 5.30 23.77
CA ILE B 540 10.90 4.47 24.67
C ILE B 540 9.97 3.49 25.35
N ILE B 541 10.31 2.20 25.29
CA ILE B 541 9.53 1.14 25.89
C ILE B 541 10.40 0.50 26.97
N ALA B 542 9.96 0.62 28.21
CA ALA B 542 10.62 -0.06 29.31
C ALA B 542 10.17 -1.51 29.38
N LEU B 543 10.82 -2.26 30.27
CA LEU B 543 10.42 -3.62 30.60
C LEU B 543 11.23 -4.07 31.80
N GLY B 544 10.60 -4.82 32.67
CA GLY B 544 11.21 -5.33 33.88
C GLY B 544 10.46 -4.88 35.10
N GLY B 545 11.01 -5.23 36.25
CA GLY B 545 10.43 -4.86 37.53
C GLY B 545 11.44 -4.29 38.49
N GLY B 546 11.21 -3.04 38.90
CA GLY B 546 12.04 -2.41 39.90
C GLY B 546 13.21 -1.67 39.31
N SER B 547 14.37 -2.33 39.29
CA SER B 547 15.60 -1.66 38.90
C SER B 547 15.62 -1.19 37.45
N PRO B 548 15.28 -2.00 36.44
CA PRO B 548 15.55 -1.59 35.07
C PRO B 548 14.63 -0.52 34.52
N MET B 549 13.55 -0.19 35.21
CA MET B 549 12.65 0.86 34.77
C MET B 549 13.20 2.24 35.09
N ASP B 550 13.68 2.43 36.32
CA ASP B 550 14.22 3.72 36.71
C ASP B 550 15.44 4.10 35.86
N ALA B 551 16.17 3.11 35.35
CA ALA B 551 17.29 3.40 34.47
C ALA B 551 16.83 4.00 33.14
N ALA B 552 15.60 3.72 32.72
CA ALA B 552 15.06 4.27 31.49
C ALA B 552 14.34 5.59 31.69
N LYS B 553 14.21 6.05 32.93
CA LYS B 553 13.66 7.38 33.18
C LYS B 553 14.74 8.44 33.13
N ILE B 554 15.85 8.22 33.85
CA ILE B 554 16.96 9.16 33.80
C ILE B 554 17.55 9.18 32.40
N MET B 555 17.50 8.05 31.69
CA MET B 555 17.98 8.02 30.31
C MET B 555 17.10 8.84 29.39
N TRP B 556 15.87 9.15 29.79
CA TRP B 556 14.95 9.86 28.91
C TRP B 556 15.11 11.37 29.04
N VAL B 557 15.50 11.87 30.21
CA VAL B 557 15.56 13.32 30.39
C VAL B 557 16.82 13.89 29.75
N MET B 558 17.94 13.16 29.79
CA MET B 558 19.17 13.60 29.15
C MET B 558 19.28 13.11 27.71
N TYR B 559 18.14 12.89 27.06
CA TYR B 559 18.06 12.76 25.61
C TYR B 559 17.43 13.99 24.97
N GLU B 560 16.50 14.63 25.65
CA GLU B 560 15.92 15.89 25.20
C GLU B 560 16.64 17.10 25.76
N HIS B 561 17.42 16.95 26.82
CA HIS B 561 18.16 18.04 27.45
C HIS B 561 19.62 17.61 27.61
N PRO B 562 20.41 17.67 26.53
CA PRO B 562 21.82 17.25 26.67
C PRO B 562 22.68 18.25 27.41
N GLU B 563 22.44 19.54 27.22
CA GLU B 563 23.32 20.55 27.78
C GLU B 563 23.31 20.58 29.30
N THR B 564 22.25 20.09 29.92
CA THR B 564 22.13 20.17 31.37
C THR B 564 23.02 19.13 32.02
N HIS B 565 23.87 19.59 32.94
CA HIS B 565 24.77 18.71 33.65
C HIS B 565 24.07 18.16 34.89
N PHE B 566 24.46 16.95 35.29
CA PHE B 566 23.82 16.24 36.38
C PHE B 566 23.86 16.98 37.72
N GLU B 567 24.74 17.96 37.88
CA GLU B 567 24.81 18.67 39.15
C GLU B 567 23.56 19.50 39.41
N GLU B 568 22.87 19.93 38.36
CA GLU B 568 21.73 20.83 38.49
C GLU B 568 20.46 20.10 38.85
N LEU B 569 20.31 18.85 38.41
CA LEU B 569 19.10 18.07 38.66
C LEU B 569 19.21 17.20 39.89
N ALA B 570 19.95 17.63 40.90
CA ALA B 570 20.06 16.89 42.15
C ALA B 570 20.05 17.76 43.38
N LEU B 571 19.89 19.08 43.25
CA LEU B 571 19.88 19.99 44.38
C LEU B 571 18.61 20.81 44.50
N ARG B 572 17.92 21.10 43.41
CA ARG B 572 16.66 21.81 43.47
C ARG B 572 15.49 20.89 43.82
N PHE B 573 15.47 19.69 43.24
CA PHE B 573 14.39 18.73 43.40
C PHE B 573 14.89 17.52 44.18
N MET B 574 14.54 17.43 45.46
CA MET B 574 14.91 16.29 46.29
C MET B 574 13.81 15.80 47.21
N ASP B 575 12.72 16.54 47.40
CA ASP B 575 11.59 16.06 48.19
C ASP B 575 10.32 16.66 47.62
N ILE B 576 9.31 15.81 47.43
CA ILE B 576 8.10 16.22 46.69
C ILE B 576 7.12 16.78 47.71
N ARG B 577 7.39 18.00 48.14
CA ARG B 577 6.41 18.85 48.79
C ARG B 577 6.52 20.30 48.38
N LYS B 578 7.58 20.69 47.68
CA LYS B 578 7.80 22.06 47.27
C LYS B 578 7.34 22.24 45.84
N ARG B 579 6.91 23.46 45.54
CA ARG B 579 6.44 23.81 44.21
C ARG B 579 6.99 25.15 43.73
N ILE B 580 7.96 25.73 44.44
CA ILE B 580 8.51 27.03 44.04
C ILE B 580 9.47 26.88 42.88
N TYR B 581 10.13 25.72 42.76
CA TYR B 581 11.05 25.43 41.68
C TYR B 581 10.36 24.53 40.67
N LYS B 582 10.46 24.89 39.40
CA LYS B 582 9.82 24.16 38.31
C LYS B 582 10.85 23.48 37.42
N PHE B 583 10.40 22.49 36.74
CA PHE B 583 11.14 21.53 35.95
C PHE B 583 10.91 21.80 34.46
N PRO B 584 11.91 21.62 33.58
CA PRO B 584 11.67 21.91 32.17
C PRO B 584 10.73 20.92 31.52
N LYS B 585 9.81 21.43 30.72
CA LYS B 585 8.80 20.60 30.08
C LYS B 585 9.44 19.53 29.20
N MET B 586 8.74 18.43 29.03
CA MET B 586 9.19 17.29 28.25
C MET B 586 8.08 16.90 27.27
N GLY B 587 8.38 15.92 26.42
CA GLY B 587 7.41 15.40 25.49
C GLY B 587 7.34 16.17 24.20
N VAL B 588 8.49 16.52 23.64
CA VAL B 588 8.55 17.23 22.37
C VAL B 588 8.84 16.28 21.22
N LYS B 589 9.73 15.31 21.44
CA LYS B 589 10.12 14.37 20.41
C LYS B 589 10.12 12.93 20.91
N ALA B 590 9.43 12.65 22.02
CA ALA B 590 9.42 11.31 22.54
C ALA B 590 8.30 11.15 23.56
N LYS B 591 7.85 9.92 23.71
CA LYS B 591 6.95 9.55 24.79
C LYS B 591 7.33 8.18 25.30
N MET B 592 7.02 7.93 26.57
CA MET B 592 7.50 6.77 27.29
C MET B 592 6.34 5.82 27.58
N ILE B 593 6.50 4.57 27.16
CA ILE B 593 5.62 3.49 27.53
C ILE B 593 6.25 2.81 28.73
N ALA B 594 5.46 2.01 29.44
CA ALA B 594 5.95 1.20 30.54
C ALA B 594 5.23 -0.13 30.54
N VAL B 595 5.89 -1.15 31.04
CA VAL B 595 5.32 -2.48 31.17
C VAL B 595 5.78 -3.07 32.48
N THR B 596 4.92 -3.85 33.11
CA THR B 596 5.21 -4.51 34.37
C THR B 596 5.25 -6.01 34.11
N THR B 597 6.15 -6.70 34.80
CA THR B 597 6.35 -8.12 34.62
C THR B 597 6.54 -8.87 35.92
N THR B 598 6.41 -8.23 37.07
CA THR B 598 6.47 -8.89 38.35
C THR B 598 5.37 -8.33 39.25
N SER B 599 5.04 -9.10 40.26
CA SER B 599 3.88 -8.85 41.10
C SER B 599 4.34 -8.42 42.48
N GLY B 600 4.27 -7.12 42.74
CA GLY B 600 4.53 -6.62 44.07
C GLY B 600 5.23 -5.28 44.17
N THR B 601 5.61 -4.67 43.05
CA THR B 601 6.25 -3.36 43.04
C THR B 601 5.53 -2.44 42.08
N GLY B 602 5.14 -1.27 42.58
CA GLY B 602 4.43 -0.30 41.78
C GLY B 602 5.35 0.74 41.17
N SER B 603 6.23 0.31 40.28
CA SER B 603 7.18 1.20 39.65
C SER B 603 6.74 1.72 38.29
N GLU B 604 5.45 1.61 37.97
CA GLU B 604 4.95 1.97 36.65
C GLU B 604 4.08 3.22 36.64
N VAL B 605 3.63 3.70 37.81
CA VAL B 605 2.85 4.92 37.90
C VAL B 605 3.35 5.83 39.02
N THR B 606 4.55 5.58 39.51
CA THR B 606 5.11 6.38 40.57
C THR B 606 6.19 7.30 40.00
N PRO B 607 6.28 8.54 40.43
CA PRO B 607 7.20 9.48 39.81
C PRO B 607 8.57 9.51 40.50
N PHE B 608 9.16 8.33 40.68
CA PHE B 608 10.37 8.17 41.47
C PHE B 608 11.50 7.62 40.61
N ALA B 609 12.69 7.60 41.19
CA ALA B 609 13.90 7.19 40.49
C ALA B 609 15.01 7.13 41.52
N VAL B 610 16.11 6.48 41.14
CA VAL B 610 17.25 6.39 42.04
C VAL B 610 18.48 5.96 41.25
N VAL B 611 19.61 6.57 41.56
CA VAL B 611 20.90 6.21 40.97
C VAL B 611 21.98 6.46 42.01
N THR B 612 23.07 5.71 41.90
CA THR B 612 24.18 5.78 42.83
C THR B 612 25.47 6.13 42.10
N ASP B 613 26.41 6.70 42.85
CA ASP B 613 27.70 7.11 42.32
C ASP B 613 28.72 5.99 42.46
N ASP B 614 29.68 5.97 41.54
CA ASP B 614 30.81 5.05 41.59
C ASP B 614 32.03 5.66 42.26
N ALA B 615 32.20 6.98 42.17
CA ALA B 615 33.35 7.64 42.79
C ALA B 615 33.23 7.61 44.30
N THR B 616 32.11 8.09 44.85
CA THR B 616 31.90 8.23 46.27
C THR B 616 31.06 7.12 46.88
N GLY B 617 30.15 6.54 46.10
CA GLY B 617 29.20 5.60 46.65
C GLY B 617 27.99 6.29 47.26
N GLN B 618 27.55 7.39 46.68
CA GLN B 618 26.47 8.21 47.18
C GLN B 618 25.25 8.11 46.26
N LYS B 619 24.07 8.30 46.83
CA LYS B 619 22.81 8.25 46.09
C LYS B 619 22.36 9.65 45.70
N TYR B 620 21.59 9.71 44.62
CA TYR B 620 21.01 10.96 44.12
C TYR B 620 19.54 10.71 43.77
N PRO B 621 18.64 10.79 44.76
CA PRO B 621 17.22 10.57 44.45
C PRO B 621 16.58 11.77 43.77
N LEU B 622 15.95 11.53 42.63
CA LEU B 622 15.15 12.51 41.92
C LEU B 622 13.68 12.28 42.18
N ALA B 623 12.91 13.37 42.14
CA ALA B 623 11.46 13.24 42.29
C ALA B 623 10.78 14.53 41.80
N ASP B 624 10.06 14.43 40.70
CA ASP B 624 9.16 15.51 40.29
C ASP B 624 8.12 14.93 39.34
N TYR B 625 6.97 15.59 39.30
CA TYR B 625 5.79 15.08 38.60
C TYR B 625 5.81 15.44 37.13
N ALA B 626 6.88 15.11 36.44
CA ALA B 626 6.88 15.14 34.99
C ALA B 626 7.65 13.99 34.37
N LEU B 627 8.13 13.04 35.17
CA LEU B 627 8.74 11.83 34.65
C LEU B 627 7.75 10.71 34.44
N THR B 628 6.49 10.90 34.82
CA THR B 628 5.56 9.80 34.77
C THR B 628 5.25 9.44 33.33
N PRO B 629 5.12 8.16 33.01
CA PRO B 629 4.89 7.78 31.62
C PRO B 629 3.54 8.23 31.13
N ASP B 630 3.42 8.27 29.81
CA ASP B 630 2.19 8.61 29.14
C ASP B 630 1.35 7.40 28.78
N MET B 631 1.75 6.21 29.22
CA MET B 631 0.97 4.99 29.00
C MET B 631 1.52 3.86 29.86
N ALA B 632 0.63 3.18 30.55
CA ALA B 632 0.94 2.00 31.34
C ALA B 632 0.28 0.79 30.73
N ILE B 633 0.81 -0.38 31.06
CA ILE B 633 0.25 -1.65 30.65
C ILE B 633 0.43 -2.63 31.80
N VAL B 634 -0.66 -3.21 32.27
CA VAL B 634 -0.64 -4.12 33.40
C VAL B 634 -1.20 -5.45 32.95
N ASP B 635 -0.32 -6.35 32.53
CA ASP B 635 -0.69 -7.65 32.03
C ASP B 635 -0.48 -8.72 33.09
N ALA B 636 -1.15 -9.86 32.88
CA ALA B 636 -1.02 -11.02 33.76
C ALA B 636 -0.65 -12.28 33.00
N ASN B 637 -0.27 -12.17 31.73
CA ASN B 637 0.18 -13.30 30.95
C ASN B 637 1.67 -13.51 31.06
N LEU B 638 2.42 -12.41 31.20
CA LEU B 638 3.85 -12.46 31.37
C LEU B 638 4.27 -12.94 32.75
N VAL B 639 3.33 -13.25 33.64
CA VAL B 639 3.62 -13.95 34.90
C VAL B 639 2.64 -15.11 34.98
N MET B 640 3.07 -16.27 34.52
CA MET B 640 2.34 -17.51 34.74
C MET B 640 3.27 -18.69 35.04
N ASP B 641 4.59 -18.49 35.05
CA ASP B 641 5.55 -19.57 35.25
C ASP B 641 6.67 -19.19 36.19
N MET B 642 6.61 -18.04 36.86
CA MET B 642 7.71 -17.63 37.71
C MET B 642 7.77 -18.54 38.92
N PRO B 643 8.97 -18.77 39.47
CA PRO B 643 9.10 -19.71 40.58
C PRO B 643 8.46 -19.19 41.84
N LYS B 644 8.35 -20.07 42.82
CA LYS B 644 7.70 -19.74 44.08
C LYS B 644 8.70 -19.22 45.11
N SER B 645 9.54 -18.29 44.67
CA SER B 645 10.30 -17.43 45.56
C SER B 645 10.39 -15.99 45.07
N LEU B 646 9.87 -15.68 43.89
CA LEU B 646 9.76 -14.32 43.39
C LEU B 646 8.33 -13.79 43.47
N CYS B 647 7.39 -14.57 44.01
CA CYS B 647 6.03 -14.11 44.21
C CYS B 647 5.57 -14.42 45.63
N ALA B 648 6.49 -14.34 46.59
CA ALA B 648 6.16 -14.25 47.99
C ALA B 648 6.98 -13.22 48.73
N PHE B 649 8.04 -12.68 48.14
CA PHE B 649 8.71 -11.50 48.65
C PHE B 649 8.03 -10.23 48.14
N GLY B 650 7.90 -10.13 46.82
CA GLY B 650 7.21 -8.99 46.24
C GLY B 650 5.75 -8.92 46.66
N GLY B 651 5.08 -10.06 46.76
CA GLY B 651 3.69 -10.06 47.14
C GLY B 651 3.47 -9.52 48.53
N LEU B 652 4.44 -9.72 49.42
CA LEU B 652 4.41 -9.14 50.75
C LEU B 652 4.97 -7.73 50.78
N ASP B 653 5.61 -7.29 49.69
CA ASP B 653 6.07 -5.91 49.62
C ASP B 653 4.88 -4.96 49.60
N ALA B 654 3.83 -5.31 48.84
CA ALA B 654 2.69 -4.42 48.68
C ALA B 654 1.99 -4.15 49.99
N VAL B 655 1.88 -5.16 50.85
CA VAL B 655 1.17 -5.01 52.11
C VAL B 655 1.86 -4.03 53.03
N THR B 656 3.14 -3.75 52.79
CA THR B 656 3.80 -2.65 53.49
C THR B 656 3.66 -1.34 52.73
N HIS B 657 3.50 -1.39 51.40
CA HIS B 657 3.36 -0.15 50.65
C HIS B 657 2.05 0.54 50.98
N ALA B 658 0.97 -0.22 51.07
CA ALA B 658 -0.34 0.37 51.27
C ALA B 658 -0.67 0.61 52.72
N MET B 659 -0.16 -0.20 53.63
CA MET B 659 -0.49 -0.05 55.05
C MET B 659 0.39 0.98 55.75
N GLU B 660 0.99 1.90 55.00
CA GLU B 660 1.57 3.10 55.54
C GLU B 660 1.00 4.37 54.93
N ALA B 661 0.28 4.27 53.82
CA ALA B 661 -0.36 5.45 53.26
C ALA B 661 -1.57 5.86 54.07
N TYR B 662 -2.31 4.90 54.58
CA TYR B 662 -3.47 5.21 55.40
C TYR B 662 -3.09 5.97 56.67
N VAL B 663 -1.86 5.79 57.16
CA VAL B 663 -1.43 6.39 58.42
C VAL B 663 -0.55 7.59 58.24
N SER B 664 -0.01 7.82 57.05
CA SER B 664 0.84 8.97 56.84
C SER B 664 0.05 10.25 57.01
N VAL B 665 0.75 11.37 56.85
CA VAL B 665 0.20 12.67 57.18
C VAL B 665 -0.33 13.40 55.96
N LEU B 666 0.11 13.05 54.76
CA LEU B 666 -0.40 13.61 53.51
C LEU B 666 -1.60 12.84 52.98
N ALA B 667 -2.38 12.22 53.85
CA ALA B 667 -3.53 11.44 53.44
C ALA B 667 -4.71 12.34 53.18
N SER B 668 -5.22 12.28 51.97
CA SER B 668 -6.43 12.96 51.58
C SER B 668 -7.58 11.97 51.53
N GLU B 669 -8.76 12.46 51.19
CA GLU B 669 -9.91 11.62 50.96
C GLU B 669 -9.95 11.05 49.54
N PHE B 670 -8.84 11.16 48.80
CA PHE B 670 -8.69 10.51 47.51
C PHE B 670 -7.89 9.23 47.59
N SER B 671 -6.84 9.20 48.42
CA SER B 671 -5.89 8.11 48.46
C SER B 671 -6.10 7.16 49.63
N ASP B 672 -7.19 7.30 50.38
CA ASP B 672 -7.55 6.36 51.43
C ASP B 672 -8.59 5.37 50.99
N GLY B 673 -8.98 5.39 49.71
CA GLY B 673 -10.05 4.55 49.23
C GLY B 673 -9.51 3.42 48.39
N GLN B 674 -8.45 3.69 47.66
CA GLN B 674 -7.82 2.68 46.84
C GLN B 674 -6.77 1.88 47.58
N ALA B 675 -6.25 2.41 48.67
CA ALA B 675 -5.31 1.69 49.51
C ALA B 675 -6.00 0.78 50.51
N LEU B 676 -7.32 0.80 50.57
CA LEU B 676 -8.09 -0.18 51.30
C LEU B 676 -8.65 -1.28 50.41
N GLN B 677 -8.58 -1.12 49.10
CA GLN B 677 -8.94 -2.18 48.17
C GLN B 677 -7.81 -3.17 47.95
N ALA B 678 -6.62 -2.88 48.46
CA ALA B 678 -5.52 -3.84 48.36
C ALA B 678 -5.62 -4.91 49.43
N LEU B 679 -5.79 -4.50 50.69
CA LEU B 679 -5.75 -5.46 51.78
C LEU B 679 -6.88 -6.47 51.67
N LYS B 680 -8.01 -6.08 51.10
CA LYS B 680 -9.11 -7.02 50.93
C LYS B 680 -8.88 -7.97 49.77
N LEU B 681 -8.06 -7.58 48.80
CA LEU B 681 -7.68 -8.45 47.71
C LEU B 681 -6.39 -9.21 47.97
N LEU B 682 -5.65 -8.86 49.02
CA LEU B 682 -4.39 -9.52 49.36
C LEU B 682 -4.52 -10.33 50.65
N LYS B 683 -5.73 -10.74 51.02
CA LYS B 683 -5.89 -11.78 52.01
C LYS B 683 -6.95 -12.80 51.60
N GLU B 684 -7.32 -12.85 50.33
CA GLU B 684 -8.25 -13.83 49.80
C GLU B 684 -7.66 -14.65 48.66
N TYR B 685 -6.54 -14.23 48.09
CA TYR B 685 -5.95 -14.90 46.94
C TYR B 685 -4.44 -15.10 47.04
N LEU B 686 -3.73 -14.42 47.94
CA LEU B 686 -2.27 -14.52 47.95
C LEU B 686 -1.82 -15.88 48.52
N PRO B 687 -2.42 -16.39 49.59
CA PRO B 687 -2.12 -17.78 49.96
C PRO B 687 -2.39 -18.76 48.85
N ALA B 688 -3.44 -18.53 48.07
CA ALA B 688 -3.83 -19.45 47.02
C ALA B 688 -3.01 -19.29 45.75
N SER B 689 -1.94 -18.49 45.77
CA SER B 689 -1.01 -18.40 44.66
C SER B 689 0.40 -18.86 45.01
N TYR B 690 0.55 -19.58 46.11
CA TYR B 690 1.85 -20.09 46.55
C TYR B 690 1.76 -21.59 46.76
N HIS B 691 0.62 -22.08 47.26
CA HIS B 691 0.41 -23.51 47.43
C HIS B 691 0.02 -24.20 46.13
N GLU B 692 -0.60 -23.49 45.19
CA GLU B 692 -1.13 -24.08 43.96
C GLU B 692 -0.32 -23.71 42.74
N GLY B 693 -0.10 -22.43 42.51
CA GLY B 693 0.67 -21.99 41.36
C GLY B 693 -0.18 -21.83 40.11
N SER B 694 0.39 -22.20 38.97
CA SER B 694 -0.23 -21.96 37.67
C SER B 694 -1.52 -22.74 37.44
N LYS B 695 -1.92 -23.63 38.35
CA LYS B 695 -3.16 -24.37 38.18
C LYS B 695 -4.40 -23.56 38.56
N ASN B 696 -4.24 -22.36 39.11
CA ASN B 696 -5.35 -21.47 39.47
C ASN B 696 -5.15 -20.16 38.72
N PRO B 697 -5.51 -20.11 37.44
CA PRO B 697 -5.13 -18.94 36.63
C PRO B 697 -5.88 -17.67 36.96
N VAL B 698 -6.83 -17.72 37.88
CA VAL B 698 -7.57 -16.52 38.26
C VAL B 698 -6.84 -15.74 39.35
N ALA B 699 -6.21 -16.42 40.29
CA ALA B 699 -5.60 -15.75 41.42
C ALA B 699 -4.30 -15.05 41.06
N ARG B 700 -3.64 -15.47 39.99
CA ARG B 700 -2.49 -14.71 39.51
C ARG B 700 -2.89 -13.41 38.84
N GLU B 701 -4.16 -13.25 38.49
CA GLU B 701 -4.61 -12.06 37.78
C GLU B 701 -4.97 -10.93 38.73
N ARG B 702 -5.51 -11.26 39.89
CA ARG B 702 -5.97 -10.23 40.82
C ARG B 702 -4.82 -9.70 41.65
N VAL B 703 -3.92 -10.57 42.09
CA VAL B 703 -2.78 -10.12 42.89
C VAL B 703 -1.91 -9.18 42.07
N HIS B 704 -1.72 -9.49 40.79
CA HIS B 704 -0.95 -8.62 39.92
C HIS B 704 -1.71 -7.34 39.62
N SER B 705 -3.04 -7.41 39.58
CA SER B 705 -3.86 -6.22 39.42
C SER B 705 -4.12 -5.51 40.73
N ALA B 706 -3.69 -6.08 41.86
CA ALA B 706 -3.82 -5.45 43.17
C ALA B 706 -2.47 -5.08 43.75
N ALA B 707 -1.51 -4.74 42.89
CA ALA B 707 -0.24 -4.17 43.31
C ALA B 707 -0.13 -2.73 42.83
N THR B 708 -0.29 -2.52 41.52
CA THR B 708 -0.29 -1.18 40.96
C THR B 708 -1.54 -0.39 41.34
N ILE B 709 -2.47 -0.99 42.09
CA ILE B 709 -3.46 -0.20 42.81
C ILE B 709 -2.80 0.50 43.99
N ALA B 710 -2.16 -0.27 44.87
CA ALA B 710 -1.40 0.34 45.95
C ALA B 710 -0.24 1.17 45.42
N GLY B 711 0.20 0.91 44.19
CA GLY B 711 1.15 1.78 43.55
C GLY B 711 0.63 3.19 43.33
N ILE B 712 -0.68 3.36 43.29
CA ILE B 712 -1.25 4.69 43.13
C ILE B 712 -1.26 5.42 44.46
N ALA B 713 -1.39 4.70 45.56
CA ALA B 713 -1.60 5.36 46.85
C ALA B 713 -0.33 5.93 47.44
N PHE B 714 0.85 5.56 46.94
CA PHE B 714 2.09 6.18 47.39
C PHE B 714 2.74 7.03 46.31
N ALA B 715 2.06 7.26 45.19
CA ALA B 715 2.53 8.25 44.23
C ALA B 715 2.05 9.65 44.58
N ASN B 716 1.08 9.78 45.47
CA ASN B 716 0.60 11.06 45.95
C ASN B 716 1.02 11.31 47.38
N ALA B 717 0.64 10.42 48.28
CA ALA B 717 1.13 10.45 49.64
C ALA B 717 2.49 9.76 49.70
N PHE B 718 3.25 10.07 50.73
CA PHE B 718 4.58 9.53 50.89
C PHE B 718 4.60 8.43 51.94
N LEU B 719 5.61 7.60 51.84
CA LEU B 719 5.70 6.39 52.64
C LEU B 719 6.21 6.67 54.04
N GLY B 720 6.08 5.66 54.88
CA GLY B 720 6.55 5.75 56.26
C GLY B 720 8.05 5.67 56.36
N VAL B 721 8.53 5.11 57.47
CA VAL B 721 9.96 4.90 57.67
C VAL B 721 10.41 3.47 57.39
N CYS B 722 9.50 2.49 57.47
CA CYS B 722 9.87 1.11 57.26
C CYS B 722 10.46 0.88 55.88
N HIS B 723 10.02 1.66 54.90
CA HIS B 723 10.57 1.58 53.56
C HIS B 723 11.86 2.38 53.40
N SER B 724 12.36 3.03 54.46
CA SER B 724 13.61 3.78 54.39
C SER B 724 14.80 2.94 54.82
N MET B 725 14.76 2.43 56.05
CA MET B 725 15.88 1.68 56.61
C MET B 725 16.21 0.48 55.76
N ALA B 726 15.19 -0.19 55.24
CA ALA B 726 15.41 -1.38 54.42
C ALA B 726 15.97 -1.06 53.05
N HIS B 727 15.84 0.18 52.59
CA HIS B 727 16.45 0.54 51.33
C HIS B 727 17.97 0.50 51.43
N LYS B 728 18.52 0.79 52.61
CA LYS B 728 19.94 0.69 52.86
C LYS B 728 20.35 -0.64 53.47
N LEU B 729 19.44 -1.33 54.16
CA LEU B 729 19.74 -2.66 54.67
C LEU B 729 19.91 -3.68 53.55
N GLY B 730 19.51 -3.35 52.32
CA GLY B 730 19.68 -4.21 51.17
C GLY B 730 20.70 -3.72 50.17
N SER B 731 21.53 -2.74 50.52
CA SER B 731 22.62 -2.28 49.65
C SER B 731 23.96 -2.31 50.37
N GLN B 732 24.06 -3.04 51.49
CA GLN B 732 25.31 -3.23 52.20
C GLN B 732 25.59 -4.72 52.34
N PHE B 733 24.53 -5.50 52.60
CA PHE B 733 24.63 -6.95 52.76
C PHE B 733 24.16 -7.72 51.54
N HIS B 734 23.67 -7.03 50.50
CA HIS B 734 23.17 -7.65 49.27
C HIS B 734 22.04 -8.63 49.56
N ILE B 735 20.94 -8.07 50.07
CA ILE B 735 19.66 -8.77 50.19
C ILE B 735 18.74 -8.16 49.15
N PRO B 736 17.85 -8.93 48.51
CA PRO B 736 16.93 -8.31 47.55
C PRO B 736 15.82 -7.54 48.27
N HIS B 737 15.47 -6.39 47.72
CA HIS B 737 14.44 -5.56 48.33
C HIS B 737 13.09 -6.26 48.22
N GLY B 738 12.44 -6.40 49.37
CA GLY B 738 11.16 -7.07 49.45
C GLY B 738 11.12 -7.97 50.67
N LEU B 739 12.27 -8.53 51.01
CA LEU B 739 12.41 -9.33 52.21
C LEU B 739 12.81 -8.50 53.41
N ALA B 740 13.34 -7.30 53.20
CA ALA B 740 13.82 -6.49 54.29
C ALA B 740 12.69 -5.72 54.97
N ASN B 741 11.71 -5.26 54.19
CA ASN B 741 10.54 -4.59 54.76
C ASN B 741 9.44 -5.57 55.17
N ALA B 742 9.70 -6.87 55.09
CA ALA B 742 8.82 -7.88 55.67
C ALA B 742 9.21 -8.28 57.08
N LEU B 743 10.47 -8.08 57.46
CA LEU B 743 10.97 -8.47 58.77
C LEU B 743 10.81 -7.38 59.82
N LEU B 744 10.45 -6.17 59.42
CA LEU B 744 10.36 -5.03 60.33
C LEU B 744 8.93 -4.55 60.57
N ILE B 745 8.02 -4.79 59.62
CA ILE B 745 6.66 -4.26 59.69
C ILE B 745 5.91 -4.76 60.91
N CYS B 746 6.34 -5.87 61.49
CA CYS B 746 5.71 -6.43 62.68
C CYS B 746 6.20 -5.78 63.97
N ASN B 747 7.32 -5.04 63.92
CA ASN B 747 7.89 -4.41 65.09
C ASN B 747 7.79 -2.90 65.09
N VAL B 748 7.83 -2.27 63.91
CA VAL B 748 7.75 -0.82 63.85
C VAL B 748 6.36 -0.30 64.19
N ILE B 749 5.35 -1.16 64.22
CA ILE B 749 3.99 -0.71 64.48
C ILE B 749 3.83 -0.33 65.94
N ARG B 750 4.41 -1.11 66.85
CA ARG B 750 4.34 -0.74 68.26
C ARG B 750 5.17 0.48 68.59
N TYR B 751 5.98 0.97 67.65
CA TYR B 751 6.70 2.22 67.85
C TYR B 751 5.81 3.43 67.58
N ASN B 752 4.86 3.31 66.67
CA ASN B 752 4.02 4.43 66.26
C ASN B 752 2.72 4.52 67.06
N ALA B 753 2.52 3.68 68.07
CA ALA B 753 1.33 3.71 68.91
C ALA B 753 1.75 3.79 70.37
N ASN B 754 2.13 5.00 70.78
CA ASN B 754 2.59 5.29 72.13
C ASN B 754 2.55 6.81 72.29
N ASP B 755 2.94 7.30 73.46
CA ASP B 755 3.09 8.74 73.66
C ASP B 755 4.16 9.31 72.74
N ASN B 756 5.36 8.73 72.77
CA ASN B 756 6.48 9.16 71.93
C ASN B 756 6.74 10.66 72.11
N PRO B 757 7.44 11.07 73.18
CA PRO B 757 7.35 12.47 73.64
C PRO B 757 7.78 13.50 72.62
N THR B 758 8.74 13.18 71.76
CA THR B 758 9.21 14.12 70.75
C THR B 758 8.31 14.00 69.52
N LYS B 759 7.67 15.11 69.15
CA LYS B 759 6.80 15.15 67.99
C LYS B 759 6.58 16.60 67.59
N GLN B 760 6.39 16.81 66.30
CA GLN B 760 6.26 18.16 65.78
C GLN B 760 4.95 18.79 66.23
N THR B 761 4.94 20.12 66.24
CA THR B 761 3.85 20.91 66.81
C THR B 761 3.00 21.52 65.71
N ALA B 762 1.68 21.58 65.97
CA ALA B 762 0.67 22.13 65.06
C ALA B 762 0.53 21.33 63.78
N PHE B 763 1.14 20.15 63.68
CA PHE B 763 1.07 19.35 62.48
C PHE B 763 1.33 17.90 62.87
N SER B 764 0.45 17.01 62.44
CA SER B 764 0.47 15.60 62.82
C SER B 764 0.15 15.40 64.30
N GLN B 765 -0.51 16.37 64.93
CA GLN B 765 -0.96 16.27 66.31
C GLN B 765 -2.42 16.64 66.49
N TYR B 766 -2.91 17.64 65.76
CA TYR B 766 -4.26 18.18 65.96
C TYR B 766 -5.07 18.24 64.66
N ASP B 767 -4.41 18.59 63.55
CA ASP B 767 -5.11 18.62 62.27
C ASP B 767 -5.26 17.23 61.67
N ARG B 768 -4.18 16.45 61.64
CA ARG B 768 -4.24 15.03 61.36
C ARG B 768 -4.48 14.28 62.66
N PRO B 769 -5.52 13.43 62.76
CA PRO B 769 -6.06 13.08 64.08
C PRO B 769 -5.07 12.38 65.01
N GLN B 770 -4.61 11.21 64.60
CA GLN B 770 -3.71 10.38 65.38
C GLN B 770 -3.45 9.13 64.55
N ALA B 771 -2.38 8.42 64.90
CA ALA B 771 -2.03 7.20 64.19
C ALA B 771 -2.63 5.96 64.82
N ARG B 772 -2.88 5.98 66.13
CA ARG B 772 -3.38 4.80 66.80
C ARG B 772 -4.76 4.41 66.29
N ARG B 773 -5.70 5.35 66.32
CA ARG B 773 -7.07 5.04 65.92
C ARG B 773 -7.17 4.67 64.46
N ARG B 774 -6.24 5.13 63.62
CA ARG B 774 -6.29 4.78 62.22
C ARG B 774 -5.88 3.33 62.00
N TYR B 775 -4.99 2.80 62.84
CA TYR B 775 -4.66 1.38 62.75
C TYR B 775 -5.80 0.50 63.24
N ALA B 776 -6.82 1.07 63.87
CA ALA B 776 -7.95 0.28 64.34
C ALA B 776 -8.98 0.04 63.26
N GLU B 777 -9.19 1.02 62.38
CA GLU B 777 -10.21 0.87 61.35
C GLU B 777 -9.84 -0.24 60.38
N ILE B 778 -8.54 -0.51 60.21
CA ILE B 778 -8.13 -1.64 59.39
C ILE B 778 -8.53 -2.94 60.09
N ALA B 779 -8.65 -2.93 61.40
CA ALA B 779 -9.03 -4.13 62.13
C ALA B 779 -10.53 -4.39 62.14
N ASP B 780 -11.33 -3.53 61.49
CA ASP B 780 -12.76 -3.73 61.37
C ASP B 780 -13.25 -3.77 59.93
N HIS B 781 -12.55 -3.11 59.02
CA HIS B 781 -12.90 -3.20 57.61
C HIS B 781 -12.43 -4.51 56.99
N LEU B 782 -11.36 -5.08 57.54
CA LEU B 782 -10.80 -6.32 57.04
C LEU B 782 -11.36 -7.54 57.75
N GLY B 783 -12.18 -7.35 58.78
CA GLY B 783 -12.83 -8.46 59.43
C GLY B 783 -11.93 -9.26 60.34
N LEU B 784 -11.41 -8.61 61.39
CA LEU B 784 -10.56 -9.26 62.37
C LEU B 784 -10.91 -8.78 63.76
N SER B 785 -12.19 -8.62 64.05
CA SER B 785 -12.60 -8.06 65.32
C SER B 785 -14.01 -8.51 65.66
N ALA B 786 -14.26 -8.62 66.95
CA ALA B 786 -15.60 -8.85 67.47
C ALA B 786 -16.39 -7.55 67.45
N PRO B 787 -17.70 -7.61 67.66
CA PRO B 787 -18.49 -6.36 67.69
C PRO B 787 -18.07 -5.40 68.80
N GLY B 788 -17.87 -5.90 70.01
CA GLY B 788 -17.53 -5.05 71.15
C GLY B 788 -16.14 -5.30 71.69
N ASP B 789 -15.23 -4.35 71.46
CA ASP B 789 -13.88 -4.40 71.99
C ASP B 789 -13.43 -2.97 72.28
N ARG B 790 -12.17 -2.81 72.64
CA ARG B 790 -11.51 -1.53 72.83
C ARG B 790 -10.48 -1.34 71.72
N THR B 791 -9.75 -0.22 71.81
CA THR B 791 -8.74 0.08 70.81
C THR B 791 -7.58 -0.90 70.86
N ALA B 792 -7.16 -1.28 72.06
CA ALA B 792 -5.95 -2.09 72.19
C ALA B 792 -6.17 -3.51 71.68
N ALA B 793 -7.30 -4.12 72.02
CA ALA B 793 -7.55 -5.50 71.62
C ALA B 793 -7.61 -5.67 70.11
N LYS B 794 -7.90 -4.60 69.36
CA LYS B 794 -7.86 -4.69 67.92
C LYS B 794 -6.43 -4.69 67.39
N ILE B 795 -5.53 -3.98 68.05
CA ILE B 795 -4.16 -3.89 67.58
C ILE B 795 -3.50 -5.27 67.64
N GLU B 796 -3.64 -5.95 68.78
CA GLU B 796 -3.02 -7.27 68.93
C GLU B 796 -3.58 -8.26 67.93
N LYS B 797 -4.84 -8.11 67.53
CA LYS B 797 -5.41 -9.01 66.55
C LYS B 797 -4.97 -8.68 65.13
N LEU B 798 -4.51 -7.46 64.89
CA LEU B 798 -3.87 -7.17 63.62
C LEU B 798 -2.53 -7.89 63.52
N LEU B 799 -1.71 -7.78 64.57
CA LEU B 799 -0.41 -8.42 64.54
C LEU B 799 -0.53 -9.93 64.48
N ALA B 800 -1.58 -10.50 65.07
CA ALA B 800 -1.76 -11.94 65.03
C ALA B 800 -2.05 -12.44 63.63
N TRP B 801 -2.54 -11.59 62.74
CA TRP B 801 -2.75 -11.99 61.36
C TRP B 801 -1.46 -11.96 60.56
N LEU B 802 -0.52 -11.09 60.93
CA LEU B 802 0.71 -10.98 60.14
C LEU B 802 1.64 -12.17 60.37
N GLU B 803 1.84 -12.56 61.63
CA GLU B 803 2.76 -13.65 61.92
C GLU B 803 2.28 -14.96 61.32
N THR B 804 0.96 -15.16 61.28
CA THR B 804 0.42 -16.37 60.69
C THR B 804 0.59 -16.38 59.18
N LEU B 805 0.57 -15.20 58.55
CA LEU B 805 0.79 -15.12 57.12
C LEU B 805 2.27 -15.19 56.78
N LYS B 806 3.13 -14.76 57.71
CA LYS B 806 4.57 -14.83 57.47
C LYS B 806 5.10 -16.25 57.56
N ALA B 807 4.34 -17.20 58.10
CA ALA B 807 4.82 -18.57 58.27
C ALA B 807 4.49 -19.43 57.07
N GLU B 808 3.21 -19.54 56.71
CA GLU B 808 2.81 -20.44 55.64
C GLU B 808 3.30 -19.97 54.27
N LEU B 809 3.87 -18.78 54.16
CA LEU B 809 4.53 -18.34 52.94
C LEU B 809 6.01 -18.72 52.91
N GLY B 810 6.62 -19.00 54.05
CA GLY B 810 7.98 -19.48 54.06
C GLY B 810 9.03 -18.40 54.04
N ILE B 811 9.00 -17.52 55.04
CA ILE B 811 10.06 -16.52 55.24
C ILE B 811 10.57 -16.68 56.67
N PRO B 812 11.79 -16.21 56.94
CA PRO B 812 12.36 -16.41 58.28
C PRO B 812 11.78 -15.52 59.36
N LYS B 813 12.31 -15.66 60.57
CA LYS B 813 11.84 -14.91 61.73
C LYS B 813 12.71 -13.71 62.08
N SER B 814 13.98 -13.73 61.72
CA SER B 814 14.88 -12.63 62.05
C SER B 814 16.03 -12.63 61.05
N ILE B 815 16.95 -11.68 61.22
CA ILE B 815 18.01 -11.51 60.24
C ILE B 815 19.02 -12.64 60.33
N ARG B 816 19.17 -13.26 61.50
CA ARG B 816 20.27 -14.19 61.72
C ARG B 816 20.16 -15.40 60.83
N GLU B 817 18.94 -15.83 60.50
CA GLU B 817 18.74 -16.97 59.62
C GLU B 817 18.82 -16.61 58.15
N ALA B 818 19.12 -15.36 57.80
CA ALA B 818 19.02 -14.88 56.44
C ALA B 818 20.35 -14.73 55.71
N GLY B 819 21.47 -14.84 56.42
CA GLY B 819 22.79 -14.75 55.80
C GLY B 819 23.63 -13.60 56.29
N VAL B 820 23.48 -13.23 57.55
CA VAL B 820 24.23 -12.16 58.18
C VAL B 820 24.75 -12.63 59.52
N GLN B 821 26.07 -12.63 59.70
CA GLN B 821 26.70 -13.11 60.91
C GLN B 821 26.93 -11.95 61.89
N GLU B 822 27.45 -12.30 63.05
CA GLU B 822 27.80 -11.34 64.09
C GLU B 822 29.24 -10.85 63.93
N ALA B 823 29.54 -10.29 62.75
CA ALA B 823 30.89 -9.85 62.41
C ALA B 823 30.95 -8.43 61.90
N ASP B 824 29.97 -8.01 61.09
CA ASP B 824 29.94 -6.68 60.51
C ASP B 824 28.57 -6.05 60.71
N PHE B 825 27.90 -6.39 61.81
CA PHE B 825 26.59 -5.88 62.16
C PHE B 825 26.60 -5.00 63.39
N LEU B 826 27.29 -5.40 64.45
CA LEU B 826 27.59 -4.50 65.56
C LEU B 826 28.79 -3.60 65.25
N ALA B 827 29.28 -3.61 64.01
CA ALA B 827 30.28 -2.68 63.52
C ALA B 827 29.71 -1.65 62.57
N ASN B 828 28.76 -2.04 61.72
CA ASN B 828 28.11 -1.15 60.76
C ASN B 828 26.74 -0.69 61.26
N VAL B 829 26.55 -0.62 62.58
CA VAL B 829 25.27 -0.21 63.14
C VAL B 829 25.14 1.31 63.20
N ASP B 830 26.24 2.04 63.40
CA ASP B 830 26.19 3.47 63.61
C ASP B 830 26.45 4.29 62.35
N LYS B 831 27.29 3.80 61.44
CA LYS B 831 27.40 4.42 60.13
C LYS B 831 26.18 4.12 59.25
N LEU B 832 25.30 3.22 59.69
CA LEU B 832 24.08 2.87 58.98
C LEU B 832 22.83 3.50 59.58
N SER B 833 22.75 3.57 60.90
CA SER B 833 21.58 4.16 61.54
C SER B 833 21.55 5.66 61.37
N GLU B 834 22.71 6.31 61.30
CA GLU B 834 22.78 7.73 60.94
C GLU B 834 22.96 7.92 59.44
N ASP B 835 22.16 7.17 58.69
CA ASP B 835 21.86 7.49 57.29
C ASP B 835 20.40 7.32 56.96
N ALA B 836 19.65 6.54 57.73
CA ALA B 836 18.21 6.46 57.55
C ALA B 836 17.55 7.79 57.83
N PHE B 837 18.13 8.58 58.73
CA PHE B 837 17.56 9.88 59.05
C PHE B 837 17.56 10.83 57.87
N ASP B 838 18.50 10.67 56.92
CA ASP B 838 18.65 11.57 55.79
C ASP B 838 18.19 10.95 54.47
N ASP B 839 17.45 9.85 54.51
CA ASP B 839 17.01 9.16 53.30
C ASP B 839 15.57 9.55 52.97
N GLN B 840 15.42 10.82 52.55
CA GLN B 840 14.22 11.36 51.89
C GLN B 840 12.93 11.03 52.64
N CYS B 841 13.02 10.83 53.94
CA CYS B 841 11.92 10.34 54.76
C CYS B 841 11.66 11.31 55.90
N THR B 842 10.82 10.88 56.83
CA THR B 842 10.36 11.63 57.98
C THR B 842 9.35 12.72 57.64
N GLY B 843 9.00 12.90 56.37
CA GLY B 843 7.91 13.80 56.07
C GLY B 843 6.61 13.23 56.55
N ALA B 844 6.43 11.93 56.40
CA ALA B 844 5.33 11.19 56.96
C ALA B 844 5.75 10.63 58.31
N ASN B 845 5.01 9.63 58.82
CA ASN B 845 5.36 8.95 60.04
C ASN B 845 5.30 9.90 61.22
N PRO B 846 4.08 10.19 61.73
CA PRO B 846 3.85 11.30 62.67
C PRO B 846 4.87 11.52 63.77
N ARG B 847 5.44 10.44 64.29
CA ARG B 847 6.37 10.53 65.40
C ARG B 847 7.78 10.77 64.85
N TYR B 848 8.33 11.91 65.17
CA TYR B 848 9.62 12.33 64.64
C TYR B 848 10.73 11.56 65.33
N PRO B 849 11.45 10.68 64.65
CA PRO B 849 12.40 9.83 65.35
C PRO B 849 13.66 10.60 65.72
N LEU B 850 14.46 9.96 66.58
CA LEU B 850 15.79 10.44 66.92
C LEU B 850 16.74 9.25 66.89
N ILE B 851 17.97 9.51 66.44
CA ILE B 851 18.88 8.45 66.02
C ILE B 851 19.20 7.51 67.16
N SER B 852 19.16 7.99 68.40
CA SER B 852 19.48 7.14 69.54
C SER B 852 18.54 5.96 69.68
N GLU B 853 17.30 6.09 69.21
CA GLU B 853 16.31 5.02 69.32
C GLU B 853 16.19 4.20 68.05
N LEU B 854 16.65 4.71 66.92
CA LEU B 854 16.50 3.99 65.66
C LEU B 854 17.55 2.92 65.44
N LYS B 855 18.57 2.83 66.29
CA LYS B 855 19.44 1.66 66.32
C LYS B 855 18.93 0.61 67.28
N GLN B 856 18.07 0.98 68.23
CA GLN B 856 17.46 0.01 69.12
C GLN B 856 16.63 -1.01 68.36
N ILE B 857 16.06 -0.63 67.22
CA ILE B 857 15.23 -1.54 66.44
C ILE B 857 16.10 -2.48 65.61
N LEU B 858 17.10 -1.93 64.91
CA LEU B 858 18.04 -2.76 64.18
C LEU B 858 18.83 -3.71 65.08
N LEU B 859 18.95 -3.38 66.36
CA LEU B 859 19.67 -4.22 67.30
C LEU B 859 18.79 -5.26 67.95
N ASP B 860 17.47 -5.06 67.94
CA ASP B 860 16.53 -5.97 68.58
C ASP B 860 15.84 -6.92 67.61
N THR B 861 15.72 -6.53 66.34
CA THR B 861 15.16 -7.41 65.33
C THR B 861 16.15 -8.48 64.87
N TYR B 862 17.44 -8.33 65.20
CA TYR B 862 18.45 -9.30 64.84
C TYR B 862 18.44 -10.51 65.77
N TYR B 863 18.28 -10.28 67.07
CA TYR B 863 18.16 -11.36 68.05
C TYR B 863 16.75 -11.90 68.18
N GLY B 864 15.86 -11.57 67.24
CA GLY B 864 14.53 -12.14 67.22
C GLY B 864 13.57 -11.62 68.27
N ARG B 865 14.03 -10.82 69.23
CA ARG B 865 13.14 -10.32 70.26
C ARG B 865 12.21 -9.25 69.67
N ASP B 866 11.37 -8.68 70.53
CA ASP B 866 10.33 -7.73 70.14
C ASP B 866 10.53 -6.41 70.87
N TYR B 867 10.37 -5.31 70.14
CA TYR B 867 10.60 -3.99 70.71
C TYR B 867 9.48 -3.63 71.67
N VAL B 868 9.85 -3.13 72.85
CA VAL B 868 8.89 -2.83 73.90
C VAL B 868 9.44 -1.65 74.71
N GLU B 869 8.54 -0.79 75.17
CA GLU B 869 8.89 0.30 76.10
C GLU B 869 8.47 -0.05 77.52
N MET C 1 -7.13 -43.99 -23.90
CA MET C 1 -8.22 -44.60 -24.70
C MET C 1 -9.07 -43.53 -25.38
N ALA C 2 -10.01 -43.98 -26.21
CA ALA C 2 -10.88 -43.11 -26.96
C ALA C 2 -12.25 -43.05 -26.30
N VAL C 3 -12.91 -41.90 -26.46
CA VAL C 3 -14.23 -41.66 -25.89
C VAL C 3 -15.15 -41.34 -27.06
N THR C 4 -16.01 -42.31 -27.41
CA THR C 4 -16.89 -42.22 -28.57
C THR C 4 -18.30 -41.81 -28.22
N ASN C 5 -18.93 -42.53 -27.29
CA ASN C 5 -20.34 -42.39 -26.99
C ASN C 5 -20.56 -42.25 -25.49
N VAL C 6 -21.81 -41.95 -25.15
CA VAL C 6 -22.18 -41.56 -23.79
C VAL C 6 -21.96 -42.66 -22.76
N ALA C 7 -21.85 -43.92 -23.22
CA ALA C 7 -21.79 -45.04 -22.27
C ALA C 7 -20.51 -45.03 -21.44
N GLU C 8 -19.47 -44.31 -21.87
CA GLU C 8 -18.23 -44.20 -21.12
C GLU C 8 -17.86 -42.78 -20.76
N LEU C 9 -18.64 -41.79 -21.18
CA LEU C 9 -18.37 -40.43 -20.73
C LEU C 9 -18.55 -40.31 -19.22
N ASN C 10 -19.44 -41.10 -18.65
CA ASN C 10 -19.59 -41.17 -17.21
C ASN C 10 -18.48 -41.96 -16.53
N ALA C 11 -17.53 -42.49 -17.29
CA ALA C 11 -16.31 -43.09 -16.74
C ALA C 11 -15.14 -42.13 -16.76
N LEU C 12 -15.08 -41.21 -17.72
CA LEU C 12 -14.01 -40.24 -17.74
C LEU C 12 -14.20 -39.18 -16.68
N VAL C 13 -15.44 -38.77 -16.46
CA VAL C 13 -15.72 -37.73 -15.47
C VAL C 13 -15.50 -38.23 -14.06
N GLU C 14 -15.45 -39.54 -13.85
CA GLU C 14 -15.23 -40.10 -12.53
C GLU C 14 -13.75 -40.24 -12.19
N ARG C 15 -12.90 -40.46 -13.18
CA ARG C 15 -11.47 -40.62 -12.90
C ARG C 15 -10.87 -39.31 -12.42
N VAL C 16 -11.21 -38.20 -13.08
CA VAL C 16 -10.63 -36.92 -12.73
C VAL C 16 -11.08 -36.52 -11.33
N LYS C 17 -12.33 -36.84 -11.00
CA LYS C 17 -12.85 -36.54 -9.68
C LYS C 17 -12.08 -37.28 -8.61
N LYS C 18 -11.52 -38.44 -8.94
CA LYS C 18 -10.70 -39.17 -7.99
C LYS C 18 -9.34 -38.52 -7.80
N ALA C 19 -8.94 -37.67 -8.74
CA ALA C 19 -7.63 -37.04 -8.71
C ALA C 19 -7.66 -35.63 -8.17
N GLN C 20 -8.69 -34.86 -8.53
CA GLN C 20 -8.83 -33.51 -8.04
C GLN C 20 -8.84 -33.46 -6.52
N ARG C 21 -9.46 -34.46 -5.90
CA ARG C 21 -9.46 -34.57 -4.45
C ARG C 21 -8.09 -34.93 -3.90
N GLU C 22 -7.19 -35.42 -4.75
CA GLU C 22 -5.79 -35.61 -4.39
C GLU C 22 -4.95 -34.39 -4.68
N TYR C 23 -5.41 -33.49 -5.53
CA TYR C 23 -4.71 -32.26 -5.85
C TYR C 23 -4.96 -31.17 -4.81
N ALA C 24 -6.08 -31.23 -4.11
CA ALA C 24 -6.53 -30.10 -3.30
C ALA C 24 -5.98 -30.16 -1.89
N SER C 25 -4.81 -30.77 -1.72
CA SER C 25 -4.13 -30.77 -0.44
C SER C 25 -2.65 -30.41 -0.58
N PHE C 26 -2.17 -30.19 -1.81
CA PHE C 26 -0.82 -29.69 -2.00
C PHE C 26 -0.66 -28.34 -1.34
N THR C 27 0.58 -27.93 -1.18
CA THR C 27 0.94 -26.65 -0.60
C THR C 27 1.48 -25.72 -1.67
N GLN C 28 1.67 -24.46 -1.27
CA GLN C 28 2.00 -23.41 -2.23
C GLN C 28 3.36 -23.61 -2.86
N GLU C 29 4.24 -24.40 -2.25
CA GLU C 29 5.63 -24.43 -2.69
C GLU C 29 5.89 -25.42 -3.82
N GLN C 30 5.04 -26.43 -3.99
CA GLN C 30 5.19 -27.40 -5.08
C GLN C 30 4.02 -27.36 -6.05
N VAL C 31 3.34 -26.23 -6.16
CA VAL C 31 2.43 -25.94 -7.25
C VAL C 31 2.96 -24.85 -8.15
N ASP C 32 3.77 -23.94 -7.62
CA ASP C 32 4.54 -23.00 -8.41
C ASP C 32 5.77 -23.65 -9.04
N LYS C 33 5.91 -24.97 -8.91
CA LYS C 33 6.91 -25.75 -9.62
C LYS C 33 6.34 -26.48 -10.83
N ILE C 34 5.04 -26.75 -10.83
CA ILE C 34 4.39 -27.28 -12.01
C ILE C 34 4.14 -26.17 -13.00
N PHE C 35 3.79 -25.00 -12.51
CA PHE C 35 3.42 -23.87 -13.37
C PHE C 35 4.58 -23.40 -14.22
N ARG C 36 5.81 -23.77 -13.88
CA ARG C 36 6.98 -23.35 -14.63
C ARG C 36 7.26 -24.31 -15.77
N ALA C 37 7.33 -25.60 -15.48
CA ALA C 37 7.61 -26.61 -16.50
C ALA C 37 6.38 -27.02 -17.27
N ALA C 38 5.31 -26.22 -17.25
CA ALA C 38 4.16 -26.41 -18.11
C ALA C 38 3.95 -25.26 -19.06
N ALA C 39 4.51 -24.10 -18.78
CA ALA C 39 4.48 -22.98 -19.70
C ALA C 39 5.60 -23.04 -20.70
N LEU C 40 6.80 -23.40 -20.23
CA LEU C 40 7.96 -23.46 -21.10
C LEU C 40 7.75 -24.49 -22.21
N ALA C 41 7.17 -25.63 -21.89
CA ALA C 41 6.99 -26.67 -22.88
C ALA C 41 5.84 -26.40 -23.83
N ALA C 42 5.09 -25.33 -23.62
CA ALA C 42 4.15 -24.84 -24.62
C ALA C 42 4.75 -23.78 -25.50
N ALA C 43 5.68 -23.00 -25.00
CA ALA C 43 6.37 -22.01 -25.80
C ALA C 43 7.49 -22.61 -26.63
N ASP C 44 8.13 -23.67 -26.12
CA ASP C 44 9.18 -24.36 -26.86
C ASP C 44 8.64 -25.32 -27.89
N ALA C 45 7.33 -25.35 -28.10
CA ALA C 45 6.71 -26.17 -29.13
C ALA C 45 5.71 -25.32 -29.90
N ARG C 46 6.12 -24.11 -30.23
CA ARG C 46 5.29 -23.19 -30.98
C ARG C 46 5.33 -23.41 -32.48
N ILE C 47 6.29 -24.20 -32.98
CA ILE C 47 6.39 -24.42 -34.43
C ILE C 47 6.59 -25.90 -34.79
N PRO C 48 6.00 -26.84 -34.06
CA PRO C 48 5.34 -27.98 -34.71
C PRO C 48 3.83 -27.91 -34.62
N LEU C 49 3.30 -26.90 -33.93
CA LEU C 49 1.94 -26.92 -33.42
C LEU C 49 1.01 -25.98 -34.18
N ALA C 50 1.55 -24.98 -34.86
CA ALA C 50 0.73 -24.14 -35.73
C ALA C 50 0.65 -24.74 -37.11
N LYS C 51 1.72 -25.35 -37.59
CA LYS C 51 1.76 -25.96 -38.90
C LYS C 51 0.84 -27.16 -39.02
N MET C 52 0.34 -27.69 -37.91
CA MET C 52 -0.56 -28.83 -37.91
C MET C 52 -2.03 -28.42 -37.83
N ALA C 53 -2.32 -27.14 -37.59
CA ALA C 53 -3.68 -26.64 -37.59
C ALA C 53 -4.07 -25.98 -38.90
N VAL C 54 -3.12 -25.80 -39.80
CA VAL C 54 -3.39 -25.20 -41.09
C VAL C 54 -3.75 -26.23 -42.16
N ALA C 55 -3.25 -27.45 -42.05
CA ALA C 55 -3.49 -28.44 -43.08
C ALA C 55 -4.87 -29.07 -42.96
N GLU C 56 -5.40 -29.16 -41.74
CA GLU C 56 -6.73 -29.74 -41.54
C GLU C 56 -7.82 -28.70 -41.67
N SER C 57 -7.67 -27.58 -40.96
CA SER C 57 -8.71 -26.57 -40.93
C SER C 57 -8.94 -25.98 -42.31
N GLY C 58 -7.88 -25.55 -42.98
CA GLY C 58 -7.95 -25.02 -44.33
C GLY C 58 -7.80 -23.51 -44.43
N MET C 59 -7.71 -22.79 -43.32
CA MET C 59 -7.53 -21.35 -43.32
C MET C 59 -6.26 -20.97 -42.61
N GLY C 60 -6.03 -19.67 -42.55
CA GLY C 60 -4.95 -19.10 -41.78
C GLY C 60 -3.61 -19.25 -42.46
N ILE C 61 -2.73 -18.31 -42.13
CA ILE C 61 -1.36 -18.31 -42.62
C ILE C 61 -0.46 -18.81 -41.49
N VAL C 62 0.61 -19.50 -41.88
CA VAL C 62 1.52 -20.09 -40.92
C VAL C 62 2.36 -19.06 -40.20
N GLU C 63 2.51 -17.87 -40.76
CA GLU C 63 3.45 -16.90 -40.26
C GLU C 63 2.90 -16.05 -39.13
N ASP C 64 1.58 -16.05 -38.93
CA ASP C 64 0.95 -15.25 -37.89
C ASP C 64 0.47 -16.07 -36.70
N LYS C 65 0.29 -17.38 -36.86
CA LYS C 65 -0.03 -18.24 -35.73
C LYS C 65 1.20 -18.65 -34.94
N VAL C 66 2.35 -18.04 -35.21
CA VAL C 66 3.58 -18.31 -34.45
C VAL C 66 3.90 -17.19 -33.49
N ILE C 67 3.52 -15.96 -33.83
CA ILE C 67 3.68 -14.82 -32.94
C ILE C 67 2.37 -14.48 -32.23
N LYS C 68 1.47 -15.46 -32.12
CA LYS C 68 0.30 -15.40 -31.27
C LYS C 68 0.28 -16.52 -30.25
N ASN C 69 0.92 -17.64 -30.56
CA ASN C 69 1.09 -18.73 -29.60
C ASN C 69 2.18 -18.45 -28.58
N HIS C 70 3.03 -17.46 -28.84
CA HIS C 70 4.08 -17.06 -27.91
C HIS C 70 3.68 -15.88 -27.06
N PHE C 71 2.62 -15.16 -27.43
CA PHE C 71 2.13 -14.05 -26.65
C PHE C 71 1.10 -14.46 -25.61
N ALA C 72 0.41 -15.56 -25.83
CA ALA C 72 -0.53 -16.12 -24.87
C ALA C 72 0.08 -17.26 -24.07
N SER C 73 1.39 -17.26 -23.92
CA SER C 73 2.08 -18.23 -23.09
C SER C 73 3.24 -17.64 -22.30
N GLU C 74 3.45 -16.33 -22.36
CA GLU C 74 4.39 -15.67 -21.48
C GLU C 74 3.84 -14.40 -20.85
N TYR C 75 2.75 -13.84 -21.36
CA TYR C 75 1.99 -12.88 -20.58
C TYR C 75 1.34 -13.54 -19.39
N ILE C 76 0.95 -14.81 -19.55
CA ILE C 76 0.34 -15.58 -18.48
C ILE C 76 1.37 -16.22 -17.55
N TYR C 77 2.66 -15.96 -17.77
CA TYR C 77 3.72 -16.24 -16.80
C TYR C 77 4.57 -14.99 -16.61
N ASN C 78 3.91 -13.86 -16.47
CA ASN C 78 4.58 -12.65 -16.02
C ASN C 78 3.77 -11.82 -15.04
N ALA C 79 2.52 -12.18 -14.76
CA ALA C 79 1.67 -11.43 -13.86
C ALA C 79 1.02 -12.27 -12.79
N TYR C 80 0.72 -13.53 -13.08
CA TYR C 80 0.14 -14.45 -12.11
C TYR C 80 1.22 -15.37 -11.54
N LYS C 81 2.43 -14.86 -11.40
CA LYS C 81 3.52 -15.63 -10.81
C LYS C 81 3.47 -15.62 -9.30
N ASP C 82 3.37 -14.44 -8.72
CA ASP C 82 3.33 -14.27 -7.26
C ASP C 82 2.00 -13.65 -6.86
N GLU C 83 1.00 -14.51 -6.74
CA GLU C 83 -0.32 -14.12 -6.27
C GLU C 83 -0.87 -15.32 -5.50
N LYS C 84 -0.85 -15.22 -4.18
CA LYS C 84 -1.09 -16.38 -3.33
C LYS C 84 -2.55 -16.79 -3.41
N THR C 85 -2.79 -18.03 -3.85
CA THR C 85 -4.13 -18.60 -3.94
C THR C 85 -4.16 -20.01 -3.38
N CYS C 86 -3.37 -20.25 -2.34
CA CYS C 86 -3.31 -21.55 -1.71
C CYS C 86 -3.04 -21.38 -0.23
N GLY C 87 -3.68 -22.21 0.57
CA GLY C 87 -3.48 -22.15 2.00
C GLY C 87 -4.01 -20.88 2.62
N VAL C 88 -3.09 -19.99 3.00
CA VAL C 88 -3.41 -18.78 3.74
C VAL C 88 -3.12 -17.57 2.86
N LEU C 89 -4.02 -16.59 2.91
CA LEU C 89 -3.87 -15.35 2.15
C LEU C 89 -3.35 -14.21 3.02
N SER C 90 -4.07 -13.89 4.10
CA SER C 90 -3.76 -12.74 4.94
C SER C 90 -4.07 -13.09 6.38
N GLU C 91 -3.63 -12.21 7.29
CA GLU C 91 -3.78 -12.46 8.72
C GLU C 91 -3.74 -11.14 9.47
N ASP C 92 -4.88 -10.73 10.01
CA ASP C 92 -4.98 -9.57 10.88
C ASP C 92 -5.27 -10.07 12.30
N ASP C 93 -4.49 -9.60 13.27
CA ASP C 93 -4.52 -10.14 14.64
C ASP C 93 -4.86 -9.08 15.67
N THR C 94 -5.87 -8.26 15.41
CA THR C 94 -6.42 -7.41 16.45
C THR C 94 -7.36 -8.20 17.35
N PHE C 95 -8.10 -9.15 16.77
CA PHE C 95 -8.96 -10.05 17.52
C PHE C 95 -8.87 -11.50 17.06
N GLY C 96 -8.28 -11.78 15.91
CA GLY C 96 -8.11 -13.13 15.42
C GLY C 96 -9.00 -13.46 14.24
N THR C 97 -8.45 -13.39 13.02
CA THR C 97 -9.16 -13.73 11.81
C THR C 97 -8.17 -14.18 10.77
N ILE C 98 -8.60 -15.07 9.88
CA ILE C 98 -7.82 -15.51 8.75
C ILE C 98 -8.75 -15.82 7.58
N THR C 99 -8.17 -15.96 6.40
CA THR C 99 -8.89 -15.89 5.13
C THR C 99 -8.47 -17.01 4.18
N ILE C 100 -8.57 -18.26 4.65
CA ILE C 100 -8.19 -19.38 3.81
C ILE C 100 -9.05 -19.43 2.55
N ALA C 101 -8.57 -20.19 1.58
CA ALA C 101 -9.17 -20.28 0.26
C ALA C 101 -9.40 -21.74 -0.10
N GLU C 102 -10.27 -21.96 -1.08
CA GLU C 102 -10.47 -23.29 -1.62
C GLU C 102 -10.92 -23.17 -3.06
N PRO C 103 -10.82 -24.24 -3.83
CA PRO C 103 -11.24 -24.21 -5.22
C PRO C 103 -12.70 -24.59 -5.39
N ILE C 104 -13.13 -24.67 -6.64
CA ILE C 104 -14.52 -24.94 -6.98
C ILE C 104 -14.72 -26.43 -7.20
N GLY C 105 -14.09 -26.95 -8.25
CA GLY C 105 -14.46 -28.23 -8.77
C GLY C 105 -13.87 -28.52 -10.12
N ILE C 106 -14.72 -28.85 -11.07
CA ILE C 106 -14.32 -29.33 -12.39
C ILE C 106 -14.87 -28.36 -13.43
N ILE C 107 -14.00 -27.88 -14.30
CA ILE C 107 -14.31 -26.81 -15.24
C ILE C 107 -14.50 -27.41 -16.63
N CYS C 108 -15.71 -27.33 -17.16
CA CYS C 108 -15.90 -27.73 -18.54
C CYS C 108 -15.25 -26.71 -19.45
N GLY C 109 -15.39 -26.93 -20.75
CA GLY C 109 -14.78 -26.06 -21.72
C GLY C 109 -15.33 -26.30 -23.10
N ILE C 110 -15.26 -25.27 -23.94
CA ILE C 110 -15.65 -25.36 -25.34
C ILE C 110 -14.63 -24.55 -26.11
N VAL C 111 -14.37 -24.99 -27.33
CA VAL C 111 -13.31 -24.42 -28.16
C VAL C 111 -13.81 -24.33 -29.60
N PRO C 112 -13.59 -23.23 -30.30
CA PRO C 112 -14.05 -23.11 -31.67
C PRO C 112 -13.01 -23.57 -32.67
N THR C 113 -13.31 -23.39 -33.96
CA THR C 113 -12.40 -23.74 -35.04
C THR C 113 -11.52 -22.59 -35.49
N THR C 114 -11.71 -21.40 -34.94
CA THR C 114 -10.94 -20.25 -35.39
C THR C 114 -9.53 -20.25 -34.82
N ASN C 115 -9.41 -20.17 -33.50
CA ASN C 115 -8.13 -20.23 -32.80
C ASN C 115 -8.05 -21.55 -32.02
N PRO C 116 -7.88 -22.68 -32.71
CA PRO C 116 -8.01 -23.97 -32.06
C PRO C 116 -6.93 -24.29 -31.06
N THR C 117 -5.86 -23.53 -31.02
CA THR C 117 -4.71 -23.84 -30.18
C THR C 117 -4.35 -22.77 -29.16
N SER C 118 -4.62 -21.50 -29.41
CA SER C 118 -4.25 -20.46 -28.46
C SER C 118 -5.13 -20.48 -27.23
N THR C 119 -6.44 -20.65 -27.42
CA THR C 119 -7.37 -20.69 -26.30
C THR C 119 -7.52 -22.07 -25.71
N ALA C 120 -6.50 -22.91 -25.85
CA ALA C 120 -6.33 -24.10 -25.03
C ALA C 120 -5.06 -24.08 -24.21
N ILE C 121 -4.06 -23.29 -24.60
CA ILE C 121 -2.93 -23.05 -23.74
C ILE C 121 -3.31 -22.14 -22.58
N PHE C 122 -4.32 -21.30 -22.76
CA PHE C 122 -4.69 -20.31 -21.76
C PHE C 122 -5.61 -20.87 -20.68
N LYS C 123 -6.40 -21.89 -21.00
CA LYS C 123 -7.29 -22.52 -20.03
C LYS C 123 -6.65 -23.67 -19.28
N SER C 124 -5.40 -24.02 -19.59
CA SER C 124 -4.70 -25.09 -18.90
C SER C 124 -3.48 -24.59 -18.15
N LEU C 125 -3.31 -23.27 -18.02
CA LEU C 125 -2.29 -22.67 -17.17
C LEU C 125 -2.87 -21.79 -16.07
N ILE C 126 -4.19 -21.72 -15.95
CA ILE C 126 -4.83 -21.21 -14.75
C ILE C 126 -5.67 -22.26 -14.05
N SER C 127 -6.23 -23.21 -14.78
CA SER C 127 -6.86 -24.38 -14.23
C SER C 127 -5.87 -25.37 -13.67
N LEU C 128 -4.58 -25.08 -13.77
CA LEU C 128 -3.51 -25.87 -13.16
C LEU C 128 -2.77 -25.07 -12.10
N LYS C 129 -3.20 -23.83 -11.82
CA LYS C 129 -2.60 -22.96 -10.83
C LYS C 129 -3.52 -22.72 -9.64
N THR C 130 -4.80 -23.03 -9.77
CA THR C 130 -5.78 -22.86 -8.71
C THR C 130 -6.42 -24.18 -8.30
N ARG C 131 -5.71 -25.28 -8.51
CA ARG C 131 -6.06 -26.56 -7.92
C ARG C 131 -7.44 -27.03 -8.37
N ASN C 132 -7.55 -27.24 -9.68
CA ASN C 132 -8.73 -27.82 -10.27
C ASN C 132 -8.33 -28.44 -11.60
N ALA C 133 -9.31 -28.82 -12.41
CA ALA C 133 -9.09 -29.55 -13.64
C ALA C 133 -9.97 -28.99 -14.75
N ILE C 134 -9.83 -29.56 -15.94
CA ILE C 134 -10.70 -29.21 -17.06
C ILE C 134 -11.03 -30.42 -17.92
N ILE C 135 -12.04 -30.25 -18.75
CA ILE C 135 -12.49 -31.22 -19.74
C ILE C 135 -12.87 -30.43 -20.99
N PHE C 136 -12.35 -30.84 -22.14
CA PHE C 136 -12.56 -30.12 -23.40
C PHE C 136 -13.72 -30.73 -24.19
N SER C 137 -14.07 -30.09 -25.30
CA SER C 137 -15.15 -30.53 -26.17
C SER C 137 -15.04 -29.85 -27.54
N PRO C 138 -14.03 -30.16 -28.32
CA PRO C 138 -13.73 -29.39 -29.52
C PRO C 138 -14.73 -29.59 -30.64
N HIS C 139 -14.47 -28.90 -31.70
CA HIS C 139 -15.14 -28.77 -32.98
C HIS C 139 -14.68 -29.89 -33.91
N PRO C 140 -15.48 -30.30 -34.90
CA PRO C 140 -15.05 -31.44 -35.73
C PRO C 140 -13.90 -31.12 -36.64
N ARG C 141 -13.85 -29.90 -37.19
CA ARG C 141 -12.87 -29.59 -38.22
C ARG C 141 -11.46 -29.49 -37.69
N ALA C 142 -11.25 -29.45 -36.37
CA ALA C 142 -9.92 -29.29 -35.79
C ALA C 142 -9.74 -30.18 -34.58
N LYS C 143 -10.21 -31.41 -34.65
CA LYS C 143 -10.14 -32.31 -33.50
C LYS C 143 -8.75 -32.83 -33.21
N ASP C 144 -7.79 -32.62 -34.10
CA ASP C 144 -6.46 -33.19 -33.98
C ASP C 144 -5.47 -32.25 -33.33
N ALA C 145 -5.69 -30.94 -33.47
CA ALA C 145 -4.77 -29.97 -32.92
C ALA C 145 -5.04 -29.70 -31.45
N THR C 146 -6.29 -29.47 -31.10
CA THR C 146 -6.64 -29.13 -29.73
C THR C 146 -6.29 -30.27 -28.79
N ASN C 147 -6.59 -31.49 -29.19
CA ASN C 147 -6.24 -32.63 -28.36
C ASN C 147 -4.73 -32.79 -28.25
N LYS C 148 -3.97 -32.32 -29.25
CA LYS C 148 -2.52 -32.44 -29.18
C LYS C 148 -1.96 -31.53 -28.11
N ALA C 149 -2.36 -30.27 -28.10
CA ALA C 149 -1.72 -29.29 -27.23
C ALA C 149 -2.10 -29.48 -25.77
N ALA C 150 -3.23 -30.09 -25.50
CA ALA C 150 -3.59 -30.46 -24.15
C ALA C 150 -2.96 -31.78 -23.71
N ASP C 151 -2.05 -32.33 -24.51
CA ASP C 151 -1.25 -33.48 -24.11
C ASP C 151 0.18 -33.11 -23.80
N ILE C 152 0.73 -32.09 -24.46
CA ILE C 152 2.08 -31.66 -24.15
C ILE C 152 2.14 -31.05 -22.77
N VAL C 153 1.11 -30.28 -22.40
CA VAL C 153 1.10 -29.66 -21.09
C VAL C 153 0.99 -30.72 -20.01
N LEU C 154 0.24 -31.79 -20.29
CA LEU C 154 0.04 -32.84 -19.31
C LEU C 154 1.32 -33.59 -19.05
N GLN C 155 1.85 -34.26 -20.08
CA GLN C 155 2.99 -35.16 -19.91
C GLN C 155 4.25 -34.44 -19.41
N ALA C 156 4.29 -33.11 -19.45
CA ALA C 156 5.33 -32.35 -18.81
C ALA C 156 5.00 -31.99 -17.38
N ALA C 157 3.73 -32.01 -17.01
CA ALA C 157 3.33 -31.79 -15.63
C ALA C 157 3.46 -33.03 -14.78
N ILE C 158 3.22 -34.21 -15.37
CA ILE C 158 3.32 -35.46 -14.63
C ILE C 158 4.70 -35.59 -14.01
N ALA C 159 5.73 -35.28 -14.78
CA ALA C 159 7.10 -35.49 -14.34
C ALA C 159 7.67 -34.27 -13.63
N ALA C 160 6.90 -33.70 -12.73
CA ALA C 160 7.44 -32.78 -11.76
C ALA C 160 6.77 -32.84 -10.40
N GLY C 161 5.83 -33.77 -10.17
CA GLY C 161 5.19 -33.93 -8.88
C GLY C 161 3.67 -33.97 -8.93
N ALA C 162 3.11 -34.23 -10.09
CA ALA C 162 1.68 -34.18 -10.31
C ALA C 162 1.06 -35.57 -10.27
N PRO C 163 -0.26 -35.65 -10.19
CA PRO C 163 -0.94 -36.92 -10.33
C PRO C 163 -1.16 -37.26 -11.80
N LYS C 164 -1.92 -38.32 -12.07
CA LYS C 164 -1.86 -38.95 -13.38
C LYS C 164 -2.84 -38.38 -14.38
N ASP C 165 -4.14 -38.50 -14.10
CA ASP C 165 -5.18 -38.16 -15.07
C ASP C 165 -5.93 -36.94 -14.53
N LEU C 166 -5.36 -35.77 -14.81
CA LEU C 166 -5.90 -34.49 -14.38
C LEU C 166 -6.59 -33.74 -15.50
N ILE C 167 -6.34 -34.12 -16.74
CA ILE C 167 -6.91 -33.47 -17.91
C ILE C 167 -7.35 -34.56 -18.86
N GLY C 168 -8.48 -34.35 -19.53
CA GLY C 168 -8.99 -35.30 -20.49
C GLY C 168 -9.67 -34.58 -21.63
N TRP C 169 -9.89 -35.32 -22.70
CA TRP C 169 -10.46 -34.72 -23.90
C TRP C 169 -11.24 -35.74 -24.69
N ILE C 170 -12.42 -35.31 -25.16
CA ILE C 170 -13.19 -36.08 -26.08
C ILE C 170 -12.44 -36.21 -27.40
N ASP C 171 -12.74 -37.30 -28.13
CA ASP C 171 -12.34 -37.47 -29.51
C ASP C 171 -13.54 -37.90 -30.32
N GLN C 172 -13.63 -37.42 -31.54
CA GLN C 172 -14.72 -37.76 -32.45
C GLN C 172 -16.06 -37.30 -31.90
N PRO C 173 -16.27 -35.99 -31.79
CA PRO C 173 -17.49 -35.49 -31.15
C PRO C 173 -18.65 -35.26 -32.09
N SER C 174 -19.72 -34.73 -31.53
CA SER C 174 -20.89 -34.28 -32.26
C SER C 174 -21.68 -33.37 -31.33
N VAL C 175 -22.92 -33.06 -31.73
CA VAL C 175 -23.76 -32.20 -30.90
C VAL C 175 -24.40 -33.00 -29.79
N GLU C 176 -24.85 -34.21 -30.09
CA GLU C 176 -25.66 -34.98 -29.14
C GLU C 176 -24.84 -35.40 -27.93
N LEU C 177 -23.53 -35.50 -28.08
CA LEU C 177 -22.68 -35.84 -26.95
C LEU C 177 -22.42 -34.66 -26.04
N SER C 178 -22.39 -33.45 -26.59
CA SER C 178 -21.96 -32.30 -25.82
C SER C 178 -23.00 -31.90 -24.78
N ASN C 179 -24.29 -32.12 -25.06
CA ASN C 179 -25.33 -31.68 -24.14
C ASN C 179 -25.35 -32.46 -22.84
N ALA C 180 -24.59 -33.54 -22.72
CA ALA C 180 -24.48 -34.28 -21.48
C ALA C 180 -23.34 -33.80 -20.60
N LEU C 181 -22.43 -32.98 -21.16
CA LEU C 181 -21.36 -32.36 -20.40
C LEU C 181 -21.70 -30.94 -20.01
N MET C 182 -22.99 -30.63 -19.87
CA MET C 182 -23.43 -29.37 -19.31
C MET C 182 -24.57 -29.53 -18.31
N HIS C 183 -25.21 -30.70 -18.27
CA HIS C 183 -26.25 -31.01 -17.28
C HIS C 183 -25.81 -32.10 -16.32
N HIS C 184 -24.63 -32.67 -16.49
CA HIS C 184 -24.09 -33.61 -15.53
C HIS C 184 -23.99 -32.94 -14.17
N PRO C 185 -24.17 -33.67 -13.07
CA PRO C 185 -24.26 -32.97 -11.78
C PRO C 185 -22.95 -32.42 -11.29
N ASP C 186 -21.83 -33.04 -11.64
CA ASP C 186 -20.56 -32.80 -10.95
C ASP C 186 -19.60 -31.92 -11.76
N ILE C 187 -20.15 -30.98 -12.51
CA ILE C 187 -19.37 -29.88 -13.08
C ILE C 187 -20.18 -28.61 -12.97
N ASN C 188 -19.50 -27.50 -12.71
CA ASN C 188 -20.16 -26.29 -12.23
C ASN C 188 -19.64 -25.01 -12.87
N LEU C 189 -18.89 -25.09 -13.96
CA LEU C 189 -18.48 -23.94 -14.74
C LEU C 189 -18.58 -24.28 -16.22
N ILE C 190 -18.63 -23.24 -17.06
CA ILE C 190 -18.43 -23.41 -18.49
C ILE C 190 -17.76 -22.18 -19.07
N LEU C 191 -16.60 -22.37 -19.71
CA LEU C 191 -15.89 -21.32 -20.43
C LEU C 191 -16.09 -21.56 -21.92
N ALA C 192 -17.11 -20.91 -22.47
CA ALA C 192 -17.43 -21.02 -23.88
C ALA C 192 -16.94 -19.80 -24.63
N THR C 193 -16.52 -20.04 -25.87
CA THR C 193 -16.19 -18.97 -26.80
C THR C 193 -16.85 -19.28 -28.14
N GLY C 194 -16.52 -18.49 -29.14
CA GLY C 194 -17.05 -18.59 -30.47
C GLY C 194 -17.91 -17.40 -30.80
N GLY C 195 -18.65 -17.52 -31.88
CA GLY C 195 -19.63 -16.52 -32.25
C GLY C 195 -20.84 -16.60 -31.34
N PRO C 196 -21.93 -15.95 -31.73
CA PRO C 196 -23.16 -15.99 -30.93
C PRO C 196 -24.03 -17.19 -31.23
N GLY C 197 -23.41 -18.37 -31.33
CA GLY C 197 -24.12 -19.60 -31.59
C GLY C 197 -24.28 -20.47 -30.36
N MET C 198 -23.20 -20.61 -29.58
CA MET C 198 -23.17 -21.45 -28.40
C MET C 198 -23.15 -20.67 -27.10
N VAL C 199 -22.58 -19.47 -27.11
CA VAL C 199 -22.57 -18.63 -25.91
C VAL C 199 -23.98 -18.29 -25.48
N LYS C 200 -24.92 -18.23 -26.42
CA LYS C 200 -26.29 -17.88 -26.08
C LYS C 200 -27.02 -19.03 -25.40
N ALA C 201 -26.67 -20.27 -25.73
CA ALA C 201 -27.27 -21.43 -25.08
C ALA C 201 -26.59 -21.77 -23.77
N ALA C 202 -25.36 -21.29 -23.57
CA ALA C 202 -24.65 -21.59 -22.33
C ALA C 202 -25.22 -20.84 -21.15
N TYR C 203 -25.52 -19.56 -21.33
CA TYR C 203 -26.07 -18.76 -20.24
C TYR C 203 -27.36 -19.33 -19.70
N SER C 204 -28.11 -20.06 -20.53
CA SER C 204 -29.39 -20.64 -20.15
C SER C 204 -29.22 -22.15 -20.08
N SER C 205 -28.67 -22.62 -18.96
CA SER C 205 -28.57 -24.05 -18.70
C SER C 205 -28.75 -24.42 -17.24
N GLY C 206 -29.07 -23.47 -16.37
CA GLY C 206 -29.19 -23.77 -14.96
C GLY C 206 -27.86 -23.87 -14.24
N LYS C 207 -26.85 -23.16 -14.73
CA LYS C 207 -25.52 -23.20 -14.14
C LYS C 207 -24.85 -21.87 -14.39
N PRO C 208 -23.85 -21.50 -13.59
CA PRO C 208 -23.13 -20.25 -13.86
C PRO C 208 -22.29 -20.39 -15.11
N ALA C 209 -21.94 -19.26 -15.69
CA ALA C 209 -21.20 -19.28 -16.93
C ALA C 209 -20.56 -17.93 -17.19
N ILE C 210 -19.49 -17.96 -17.96
CA ILE C 210 -18.91 -16.77 -18.55
C ILE C 210 -18.59 -17.10 -20.00
N GLY C 211 -18.44 -16.05 -20.79
CA GLY C 211 -18.30 -16.20 -22.23
C GLY C 211 -17.40 -15.17 -22.85
N VAL C 212 -16.55 -15.62 -23.76
CA VAL C 212 -15.57 -14.78 -24.42
C VAL C 212 -16.11 -14.49 -25.81
N GLY C 213 -16.77 -13.34 -25.97
CA GLY C 213 -17.49 -13.03 -27.17
C GLY C 213 -16.77 -12.03 -28.05
N ALA C 214 -17.51 -11.55 -29.04
CA ALA C 214 -16.97 -10.60 -30.00
C ALA C 214 -18.14 -9.82 -30.59
N GLY C 215 -17.98 -8.50 -30.62
CA GLY C 215 -19.00 -7.62 -31.14
C GLY C 215 -18.38 -6.64 -32.11
N ASN C 216 -19.15 -6.29 -33.12
CA ASN C 216 -18.61 -5.51 -34.21
C ASN C 216 -18.25 -4.13 -33.71
N THR C 217 -16.97 -3.81 -33.76
CA THR C 217 -16.44 -2.58 -33.21
C THR C 217 -16.19 -1.57 -34.30
N PRO C 218 -16.58 -0.32 -34.12
CA PRO C 218 -16.46 0.63 -35.21
C PRO C 218 -15.19 1.45 -35.20
N VAL C 219 -14.97 2.15 -36.30
CA VAL C 219 -13.89 3.10 -36.46
C VAL C 219 -14.52 4.44 -36.84
N VAL C 220 -13.96 5.52 -36.32
CA VAL C 220 -14.49 6.86 -36.55
C VAL C 220 -13.34 7.77 -37.02
N ILE C 221 -13.57 8.47 -38.13
CA ILE C 221 -12.62 9.43 -38.67
C ILE C 221 -13.33 10.77 -38.80
N ASP C 222 -12.76 11.80 -38.20
CA ASP C 222 -13.22 13.16 -38.34
C ASP C 222 -12.33 13.92 -39.30
N GLU C 223 -12.51 15.24 -39.36
CA GLU C 223 -11.82 16.08 -40.33
C GLU C 223 -10.43 16.49 -39.89
N THR C 224 -10.23 16.76 -38.60
CA THR C 224 -8.98 17.30 -38.12
C THR C 224 -7.83 16.31 -38.19
N ALA C 225 -8.10 15.05 -38.46
CA ALA C 225 -7.08 14.03 -38.28
C ALA C 225 -6.16 13.94 -39.49
N ASP C 226 -5.16 13.10 -39.34
CA ASP C 226 -4.30 12.73 -40.45
C ASP C 226 -4.96 11.62 -41.24
N ILE C 227 -4.72 11.65 -42.55
CA ILE C 227 -5.29 10.67 -43.47
C ILE C 227 -4.23 9.71 -43.99
N LYS C 228 -3.01 10.18 -44.18
CA LYS C 228 -1.92 9.39 -44.72
C LYS C 228 -1.49 8.26 -43.80
N ARG C 229 -1.93 8.25 -42.55
CA ARG C 229 -1.53 7.28 -41.55
C ARG C 229 -2.68 6.40 -41.08
N ALA C 230 -3.86 6.99 -40.85
CA ALA C 230 -5.00 6.24 -40.33
C ALA C 230 -5.82 5.62 -41.45
N VAL C 231 -5.22 5.37 -42.59
CA VAL C 231 -5.76 4.44 -43.57
C VAL C 231 -4.85 3.25 -43.75
N ALA C 232 -3.58 3.37 -43.36
CA ALA C 232 -2.61 2.30 -43.52
C ALA C 232 -2.42 1.49 -42.25
N SER C 233 -3.04 1.89 -41.15
CA SER C 233 -3.10 1.06 -39.94
C SER C 233 -4.32 0.17 -39.92
N VAL C 234 -5.49 0.69 -40.26
CA VAL C 234 -6.69 -0.14 -40.42
C VAL C 234 -6.44 -1.22 -41.45
N LEU C 235 -5.65 -0.93 -42.47
CA LEU C 235 -5.39 -1.89 -43.52
C LEU C 235 -4.41 -2.96 -43.11
N MET C 236 -3.72 -2.79 -41.99
CA MET C 236 -2.78 -3.78 -41.49
C MET C 236 -3.45 -4.75 -40.53
N SER C 237 -4.28 -4.23 -39.65
CA SER C 237 -4.88 -5.03 -38.59
C SER C 237 -6.09 -5.82 -39.04
N LYS C 238 -6.32 -5.90 -40.35
CA LYS C 238 -7.40 -6.70 -40.90
C LYS C 238 -6.94 -7.83 -41.78
N THR C 239 -5.75 -7.70 -42.39
CA THR C 239 -5.13 -8.81 -43.11
C THR C 239 -4.18 -9.62 -42.22
N PHE C 240 -4.36 -9.54 -40.91
CA PHE C 240 -3.57 -10.29 -39.95
C PHE C 240 -4.31 -11.59 -39.65
N ASP C 241 -3.82 -12.69 -40.20
CA ASP C 241 -4.49 -13.98 -40.14
C ASP C 241 -5.85 -13.91 -40.82
N ASN C 242 -5.95 -13.09 -41.86
CA ASN C 242 -7.13 -13.01 -42.71
C ASN C 242 -8.38 -12.62 -41.92
N GLY C 243 -8.22 -11.90 -40.83
CA GLY C 243 -9.34 -11.27 -40.18
C GLY C 243 -10.20 -12.19 -39.36
N VAL C 244 -9.58 -13.03 -38.54
CA VAL C 244 -10.28 -13.91 -37.62
C VAL C 244 -9.94 -13.62 -36.18
N ILE C 245 -9.01 -12.71 -35.92
CA ILE C 245 -8.70 -12.36 -34.54
C ILE C 245 -9.91 -11.70 -33.92
N CYS C 246 -10.24 -12.12 -32.71
CA CYS C 246 -11.37 -11.54 -32.01
C CYS C 246 -11.14 -10.05 -31.78
N ALA C 247 -12.20 -9.28 -31.93
CA ALA C 247 -12.17 -7.83 -31.76
C ALA C 247 -11.23 -7.18 -32.77
N SER C 248 -11.56 -7.40 -34.03
CA SER C 248 -10.94 -6.71 -35.14
C SER C 248 -11.85 -5.57 -35.58
N GLU C 249 -11.49 -4.92 -36.68
CA GLU C 249 -12.31 -3.88 -37.24
C GLU C 249 -13.37 -4.49 -38.15
N GLN C 250 -14.54 -3.87 -38.18
CA GLN C 250 -15.63 -4.31 -39.04
C GLN C 250 -16.38 -3.19 -39.74
N SER C 251 -16.19 -1.93 -39.33
CA SER C 251 -16.95 -0.84 -39.93
C SER C 251 -16.17 0.46 -39.76
N VAL C 252 -16.31 1.33 -40.75
CA VAL C 252 -15.52 2.54 -40.85
C VAL C 252 -16.47 3.70 -41.09
N VAL C 253 -16.83 4.40 -40.04
CA VAL C 253 -17.69 5.57 -40.12
C VAL C 253 -16.82 6.79 -40.34
N VAL C 254 -17.23 7.65 -41.27
CA VAL C 254 -16.44 8.80 -41.68
C VAL C 254 -17.36 9.96 -41.98
N VAL C 255 -16.90 11.17 -41.65
CA VAL C 255 -17.64 12.40 -41.89
C VAL C 255 -17.48 12.83 -43.35
N ASP C 256 -18.27 13.82 -43.76
CA ASP C 256 -18.45 14.11 -45.18
C ASP C 256 -17.35 14.98 -45.76
N SER C 257 -16.72 15.81 -44.94
CA SER C 257 -15.78 16.79 -45.47
C SER C 257 -14.59 16.17 -46.18
N VAL C 258 -14.22 14.94 -45.84
CA VAL C 258 -13.08 14.27 -46.44
C VAL C 258 -13.47 12.87 -46.92
N TYR C 259 -14.74 12.68 -47.27
CA TYR C 259 -15.18 11.38 -47.76
C TYR C 259 -14.67 11.10 -49.16
N ASP C 260 -14.39 12.14 -49.93
CA ASP C 260 -13.92 11.99 -51.30
C ASP C 260 -12.40 12.01 -51.41
N ALA C 261 -11.68 11.82 -50.29
CA ALA C 261 -10.25 11.60 -50.29
C ALA C 261 -9.84 10.37 -49.50
N VAL C 262 -10.75 9.78 -48.72
CA VAL C 262 -10.52 8.52 -48.01
C VAL C 262 -11.30 7.42 -48.73
N ARG C 263 -11.46 7.57 -50.04
CA ARG C 263 -12.05 6.57 -50.91
C ARG C 263 -11.05 6.09 -51.95
N GLU C 264 -10.46 7.01 -52.70
CA GLU C 264 -9.49 6.63 -53.73
C GLU C 264 -8.18 6.20 -53.10
N ARG C 265 -7.86 6.72 -51.92
CA ARG C 265 -6.66 6.29 -51.21
C ARG C 265 -6.71 4.80 -50.90
N PHE C 266 -7.90 4.26 -50.60
CA PHE C 266 -8.02 2.82 -50.43
C PHE C 266 -7.74 2.10 -51.73
N ALA C 267 -8.20 2.66 -52.85
CA ALA C 267 -8.11 1.97 -54.13
C ALA C 267 -6.68 1.86 -54.62
N THR C 268 -5.81 2.76 -54.19
CA THR C 268 -4.45 2.79 -54.69
C THR C 268 -3.58 1.76 -54.00
N HIS C 269 -3.59 1.73 -52.67
CA HIS C 269 -2.68 0.85 -51.94
C HIS C 269 -3.08 -0.62 -52.04
N GLY C 270 -4.25 -0.97 -51.52
CA GLY C 270 -4.67 -2.35 -51.51
C GLY C 270 -6.16 -2.61 -51.70
N GLY C 271 -6.93 -1.57 -51.92
CA GLY C 271 -8.37 -1.71 -51.94
C GLY C 271 -8.92 -2.01 -53.32
N TYR C 272 -10.19 -2.43 -53.32
CA TYR C 272 -10.97 -2.56 -54.55
C TYR C 272 -12.43 -2.38 -54.18
N LEU C 273 -12.97 -1.20 -54.47
CA LEU C 273 -14.33 -0.86 -54.10
C LEU C 273 -15.33 -1.68 -54.90
N LEU C 274 -16.60 -1.52 -54.55
CA LEU C 274 -17.70 -2.03 -55.35
C LEU C 274 -18.95 -1.23 -55.01
N GLN C 275 -19.69 -0.83 -56.05
CA GLN C 275 -20.88 -0.01 -55.87
C GLN C 275 -22.03 -0.37 -56.79
N GLY C 276 -21.92 -1.40 -57.63
CA GLY C 276 -22.92 -1.71 -58.63
C GLY C 276 -23.59 -3.06 -58.46
N LYS C 277 -23.65 -3.81 -59.56
CA LYS C 277 -24.32 -5.10 -59.53
C LYS C 277 -23.61 -6.10 -58.62
N GLU C 278 -22.30 -5.95 -58.45
CA GLU C 278 -21.55 -6.89 -57.61
C GLU C 278 -21.99 -6.83 -56.15
N LEU C 279 -22.58 -5.73 -55.72
CA LEU C 279 -22.93 -5.57 -54.31
C LEU C 279 -23.98 -6.58 -53.87
N LYS C 280 -24.88 -6.99 -54.76
CA LYS C 280 -25.88 -7.98 -54.40
C LYS C 280 -25.36 -9.40 -54.48
N ALA C 281 -24.27 -9.62 -55.21
CA ALA C 281 -23.71 -10.96 -55.29
C ALA C 281 -22.94 -11.31 -54.02
N VAL C 282 -22.14 -10.36 -53.53
CA VAL C 282 -21.43 -10.57 -52.26
C VAL C 282 -22.43 -10.59 -51.11
N GLN C 283 -23.57 -9.93 -51.25
CA GLN C 283 -24.55 -9.83 -50.18
C GLN C 283 -25.36 -11.11 -49.99
N ASP C 284 -25.22 -12.10 -50.87
CA ASP C 284 -26.00 -13.32 -50.80
C ASP C 284 -25.13 -14.53 -50.48
N VAL C 285 -23.89 -14.30 -50.03
CA VAL C 285 -22.94 -15.37 -49.75
C VAL C 285 -22.65 -15.50 -48.27
N ILE C 286 -22.62 -14.38 -47.53
CA ILE C 286 -22.27 -14.40 -46.12
C ILE C 286 -23.50 -14.59 -45.24
N LEU C 287 -24.62 -14.96 -45.84
CA LEU C 287 -25.86 -15.10 -45.10
C LEU C 287 -26.74 -16.10 -45.84
N LYS C 288 -26.88 -17.29 -45.28
CA LYS C 288 -27.49 -18.43 -45.95
C LYS C 288 -28.81 -18.84 -45.32
N ASN C 289 -28.82 -19.09 -44.01
CA ASN C 289 -29.99 -19.57 -43.29
C ASN C 289 -30.20 -18.76 -42.02
N GLY C 290 -30.15 -17.44 -42.14
CA GLY C 290 -30.27 -16.58 -40.98
C GLY C 290 -29.07 -16.59 -40.07
N ALA C 291 -27.97 -17.19 -40.48
CA ALA C 291 -26.74 -17.23 -39.70
C ALA C 291 -25.56 -17.09 -40.64
N LEU C 292 -24.36 -17.19 -40.07
CA LEU C 292 -23.14 -17.02 -40.85
C LEU C 292 -22.77 -18.31 -41.56
N ASN C 293 -22.12 -18.16 -42.70
CA ASN C 293 -21.63 -19.30 -43.45
C ASN C 293 -20.32 -19.80 -42.86
N ALA C 294 -19.98 -21.03 -43.21
CA ALA C 294 -18.69 -21.64 -42.88
C ALA C 294 -17.88 -21.94 -44.13
N ALA C 295 -18.16 -21.24 -45.23
CA ALA C 295 -17.50 -21.49 -46.50
C ALA C 295 -16.40 -20.50 -46.82
N ILE C 296 -16.31 -19.39 -46.08
CA ILE C 296 -15.31 -18.36 -46.31
C ILE C 296 -14.53 -18.00 -45.06
N VAL C 297 -14.91 -18.54 -43.90
CA VAL C 297 -14.36 -18.08 -42.64
C VAL C 297 -12.88 -18.39 -42.59
N GLY C 298 -12.07 -17.35 -42.74
CA GLY C 298 -10.62 -17.45 -42.73
C GLY C 298 -10.00 -17.39 -44.10
N GLN C 299 -10.77 -17.48 -45.16
CA GLN C 299 -10.19 -17.58 -46.49
C GLN C 299 -9.62 -16.23 -46.91
N PRO C 300 -8.77 -16.22 -47.94
CA PRO C 300 -8.21 -14.94 -48.40
C PRO C 300 -9.20 -14.09 -49.16
N ALA C 301 -8.69 -13.02 -49.76
CA ALA C 301 -9.54 -11.98 -50.32
C ALA C 301 -10.21 -12.44 -51.60
N TYR C 302 -9.43 -12.80 -52.60
CA TYR C 302 -9.96 -12.95 -53.94
C TYR C 302 -10.82 -14.19 -54.11
N LYS C 303 -10.75 -15.14 -53.18
CA LYS C 303 -11.46 -16.39 -53.40
C LYS C 303 -12.96 -16.24 -53.22
N ILE C 304 -13.40 -15.44 -52.25
CA ILE C 304 -14.83 -15.26 -52.07
C ILE C 304 -15.42 -14.58 -53.27
N ALA C 305 -14.65 -13.68 -53.90
CA ALA C 305 -15.10 -13.07 -55.14
C ALA C 305 -15.32 -14.11 -56.22
N GLU C 306 -14.60 -15.22 -56.15
CA GLU C 306 -14.81 -16.31 -57.10
C GLU C 306 -16.09 -17.08 -56.81
N LEU C 307 -16.55 -17.08 -55.56
CA LEU C 307 -17.82 -17.75 -55.25
C LEU C 307 -19.00 -17.05 -55.90
N ALA C 308 -18.94 -15.72 -56.01
CA ALA C 308 -20.03 -14.96 -56.57
C ALA C 308 -20.04 -14.98 -58.08
N GLY C 309 -18.87 -14.89 -58.71
CA GLY C 309 -18.74 -15.07 -60.14
C GLY C 309 -17.74 -14.18 -60.84
N PHE C 310 -17.46 -12.99 -60.29
CA PHE C 310 -16.57 -12.07 -60.95
C PHE C 310 -15.12 -12.32 -60.51
N SER C 311 -14.21 -11.49 -61.02
CA SER C 311 -12.78 -11.71 -60.87
C SER C 311 -12.11 -10.45 -60.33
N VAL C 312 -10.96 -10.66 -59.69
CA VAL C 312 -10.20 -9.59 -59.03
C VAL C 312 -8.71 -9.86 -59.20
N PRO C 313 -7.87 -8.83 -59.20
CA PRO C 313 -6.43 -9.07 -59.16
C PRO C 313 -6.02 -9.87 -57.93
N GLU C 314 -4.78 -10.36 -57.98
CA GLU C 314 -4.31 -11.36 -57.02
C GLU C 314 -3.79 -10.73 -55.74
N ASN C 315 -3.16 -9.56 -55.85
CA ASN C 315 -2.52 -8.91 -54.73
C ASN C 315 -3.46 -8.02 -53.93
N THR C 316 -4.76 -8.19 -54.08
CA THR C 316 -5.70 -7.42 -53.29
C THR C 316 -5.73 -7.93 -51.86
N LYS C 317 -6.14 -7.05 -50.95
CA LYS C 317 -6.13 -7.33 -49.53
C LYS C 317 -7.54 -7.38 -48.94
N ILE C 318 -8.40 -6.42 -49.27
CA ILE C 318 -9.73 -6.34 -48.70
C ILE C 318 -10.74 -5.88 -49.74
N LEU C 319 -12.00 -6.20 -49.46
CA LEU C 319 -13.13 -5.79 -50.26
C LEU C 319 -13.95 -4.79 -49.46
N ILE C 320 -14.09 -3.59 -49.99
CA ILE C 320 -14.87 -2.53 -49.36
C ILE C 320 -16.19 -2.41 -50.10
N GLY C 321 -17.28 -2.30 -49.34
CA GLY C 321 -18.57 -1.90 -49.86
C GLY C 321 -18.96 -0.52 -49.36
N GLU C 322 -20.23 -0.19 -49.54
CA GLU C 322 -20.74 1.07 -48.99
C GLU C 322 -22.25 1.05 -49.01
N VAL C 323 -22.86 1.30 -47.85
CA VAL C 323 -24.30 1.33 -47.68
C VAL C 323 -24.64 2.47 -46.73
N THR C 324 -25.94 2.62 -46.41
CA THR C 324 -26.39 3.67 -45.50
C THR C 324 -27.41 3.22 -44.46
N VAL C 325 -28.00 2.03 -44.60
CA VAL C 325 -28.99 1.50 -43.66
C VAL C 325 -28.27 0.68 -42.60
N VAL C 326 -28.75 0.76 -41.35
CA VAL C 326 -28.06 0.13 -40.22
C VAL C 326 -29.04 -0.56 -39.27
N ASP C 327 -29.44 -1.78 -39.60
CA ASP C 327 -30.10 -2.73 -38.71
C ASP C 327 -29.86 -4.14 -39.26
N GLU C 328 -30.51 -5.10 -38.59
CA GLU C 328 -30.56 -6.52 -38.95
C GLU C 328 -30.52 -6.79 -40.44
N SER C 329 -31.36 -6.14 -41.23
CA SER C 329 -31.62 -6.62 -42.59
C SER C 329 -30.36 -6.60 -43.44
N GLU C 330 -29.70 -5.45 -43.54
CA GLU C 330 -28.55 -5.33 -44.41
C GLU C 330 -27.38 -6.12 -43.85
N PRO C 331 -26.85 -7.14 -44.56
CA PRO C 331 -25.76 -7.93 -43.97
C PRO C 331 -24.37 -7.36 -44.22
N PHE C 332 -24.04 -6.31 -43.47
CA PHE C 332 -22.65 -5.90 -43.32
C PHE C 332 -22.32 -5.44 -41.92
N ALA C 333 -23.25 -5.48 -40.98
CA ALA C 333 -23.02 -5.09 -39.60
C ALA C 333 -22.77 -6.28 -38.69
N HIS C 334 -23.34 -7.44 -39.01
CA HIS C 334 -22.96 -8.66 -38.34
C HIS C 334 -21.47 -8.90 -38.50
N GLU C 335 -20.84 -9.39 -37.44
CA GLU C 335 -19.46 -9.82 -37.54
C GLU C 335 -19.34 -10.98 -38.52
N LYS C 336 -18.25 -11.00 -39.26
CA LYS C 336 -18.08 -11.89 -40.40
C LYS C 336 -16.89 -12.82 -40.31
N LEU C 337 -15.80 -12.41 -39.67
CA LEU C 337 -14.59 -13.21 -39.61
C LEU C 337 -14.03 -13.43 -41.02
N SER C 338 -13.78 -12.33 -41.70
CA SER C 338 -13.34 -12.38 -43.09
C SER C 338 -12.74 -11.03 -43.46
N PRO C 339 -11.87 -10.99 -44.46
CA PRO C 339 -11.37 -9.70 -44.91
C PRO C 339 -12.38 -8.94 -45.73
N THR C 340 -13.37 -8.39 -45.04
CA THR C 340 -14.34 -7.50 -45.63
C THR C 340 -14.58 -6.35 -44.67
N LEU C 341 -15.45 -5.44 -45.05
CA LEU C 341 -15.59 -4.18 -44.35
C LEU C 341 -16.90 -3.53 -44.75
N ALA C 342 -17.09 -2.31 -44.30
CA ALA C 342 -18.28 -1.54 -44.63
C ALA C 342 -18.05 -0.11 -44.19
N MET C 343 -18.28 0.83 -45.10
CA MET C 343 -18.11 2.25 -44.82
C MET C 343 -19.43 2.96 -44.94
N TYR C 344 -19.68 3.87 -44.00
CA TYR C 344 -20.89 4.67 -43.92
C TYR C 344 -20.54 6.12 -44.19
N ARG C 345 -21.58 6.93 -44.40
CA ARG C 345 -21.48 8.36 -44.59
C ARG C 345 -22.19 9.05 -43.46
N ALA C 346 -21.67 10.20 -43.05
CA ALA C 346 -22.28 10.98 -41.99
C ALA C 346 -21.99 12.45 -42.19
N LYS C 347 -22.79 13.29 -41.52
CA LYS C 347 -22.76 14.72 -41.77
C LYS C 347 -21.64 15.41 -40.99
N ASP C 348 -21.70 15.33 -39.67
CA ASP C 348 -20.73 15.98 -38.80
C ASP C 348 -20.37 15.03 -37.67
N PHE C 349 -19.51 15.52 -36.77
CA PHE C 349 -18.95 14.66 -35.73
C PHE C 349 -20.03 14.15 -34.79
N GLU C 350 -20.86 15.05 -34.29
CA GLU C 350 -21.79 14.70 -33.23
C GLU C 350 -22.83 13.69 -33.66
N ASP C 351 -23.03 13.50 -34.96
CA ASP C 351 -23.94 12.48 -35.45
C ASP C 351 -23.27 11.16 -35.72
N ALA C 352 -21.96 11.16 -35.98
CA ALA C 352 -21.25 9.89 -36.18
C ALA C 352 -21.29 9.05 -34.92
N VAL C 353 -21.03 9.68 -33.77
CA VAL C 353 -21.08 8.99 -32.50
C VAL C 353 -22.45 8.38 -32.28
N GLU C 354 -23.50 9.10 -32.70
CA GLU C 354 -24.84 8.55 -32.65
C GLU C 354 -25.02 7.34 -33.55
N LYS C 355 -24.16 7.19 -34.57
CA LYS C 355 -24.22 6.06 -35.48
C LYS C 355 -23.24 4.97 -35.11
N ALA C 356 -22.73 4.96 -33.89
CA ALA C 356 -21.92 3.88 -33.37
C ALA C 356 -22.52 3.20 -32.16
N GLU C 357 -23.21 3.95 -31.29
CA GLU C 357 -23.97 3.33 -30.21
C GLU C 357 -24.91 2.27 -30.73
N LYS C 358 -25.51 2.51 -31.89
CA LYS C 358 -26.50 1.60 -32.43
C LYS C 358 -25.86 0.36 -33.04
N LEU C 359 -24.58 0.41 -33.37
CA LEU C 359 -23.89 -0.78 -33.87
C LEU C 359 -23.44 -1.69 -32.73
N VAL C 360 -22.95 -1.11 -31.64
CA VAL C 360 -22.42 -1.91 -30.55
C VAL C 360 -23.51 -2.80 -29.96
N ALA C 361 -24.62 -2.19 -29.54
CA ALA C 361 -25.68 -2.95 -28.90
C ALA C 361 -26.37 -3.94 -29.83
N MET C 362 -26.07 -3.90 -31.13
CA MET C 362 -26.60 -4.93 -32.03
C MET C 362 -25.93 -6.26 -31.80
N GLY C 363 -24.64 -6.24 -31.49
CA GLY C 363 -23.87 -7.46 -31.37
C GLY C 363 -23.99 -8.09 -30.01
N GLY C 364 -24.44 -7.32 -29.02
CA GLY C 364 -24.75 -7.81 -27.71
C GLY C 364 -23.74 -7.41 -26.65
N ILE C 365 -22.48 -7.33 -27.01
CA ILE C 365 -21.40 -7.10 -26.06
C ILE C 365 -20.51 -5.98 -26.58
N GLY C 366 -19.91 -5.24 -25.65
CA GLY C 366 -18.92 -4.25 -25.98
C GLY C 366 -17.52 -4.77 -25.67
N HIS C 367 -16.65 -4.68 -26.68
CA HIS C 367 -15.26 -5.09 -26.53
C HIS C 367 -14.29 -3.93 -26.73
N THR C 368 -14.36 -3.25 -27.88
CA THR C 368 -13.44 -2.15 -28.16
C THR C 368 -14.15 -1.09 -28.99
N SER C 369 -13.45 0.01 -29.20
CA SER C 369 -13.88 1.14 -30.02
C SER C 369 -12.68 2.05 -30.17
N CYS C 370 -12.47 2.55 -31.39
CA CYS C 370 -11.28 3.31 -31.70
C CYS C 370 -11.61 4.55 -32.51
N LEU C 371 -10.85 5.62 -32.27
CA LEU C 371 -11.10 6.94 -32.81
C LEU C 371 -9.79 7.54 -33.29
N TYR C 372 -9.78 8.07 -34.51
CA TYR C 372 -8.62 8.72 -35.10
C TYR C 372 -8.85 10.22 -35.15
N THR C 373 -7.96 10.98 -34.53
CA THR C 373 -8.06 12.43 -34.46
C THR C 373 -6.77 12.94 -33.86
N ASP C 374 -6.71 14.26 -33.71
CA ASP C 374 -5.56 14.90 -33.07
C ASP C 374 -5.83 15.01 -31.57
N GLN C 375 -4.77 14.85 -30.78
CA GLN C 375 -4.88 14.72 -29.34
C GLN C 375 -4.17 15.83 -28.58
N ASP C 376 -3.74 16.89 -29.26
CA ASP C 376 -3.11 18.03 -28.63
C ASP C 376 -3.80 19.36 -28.95
N ASN C 377 -4.82 19.36 -29.81
CA ASN C 377 -5.62 20.53 -30.10
C ASN C 377 -7.11 20.29 -29.92
N GLN C 378 -7.52 19.14 -29.40
CA GLN C 378 -8.93 18.86 -29.08
C GLN C 378 -9.00 18.05 -27.80
N PRO C 379 -8.66 18.64 -26.66
CA PRO C 379 -8.82 17.92 -25.40
C PRO C 379 -10.27 17.71 -25.00
N ALA C 380 -11.20 18.45 -25.60
CA ALA C 380 -12.60 18.37 -25.25
C ALA C 380 -13.37 17.37 -26.10
N ARG C 381 -12.79 16.91 -27.21
CA ARG C 381 -13.45 15.94 -28.06
C ARG C 381 -13.04 14.51 -27.77
N VAL C 382 -11.83 14.30 -27.22
CA VAL C 382 -11.43 12.96 -26.84
C VAL C 382 -12.05 12.54 -25.52
N SER C 383 -12.51 13.50 -24.71
CA SER C 383 -13.19 13.20 -23.45
C SER C 383 -14.70 13.08 -23.62
N TYR C 384 -15.27 13.71 -24.64
CA TYR C 384 -16.69 13.52 -24.94
C TYR C 384 -16.98 12.13 -25.47
N PHE C 385 -15.97 11.45 -26.01
CA PHE C 385 -16.12 10.07 -26.46
C PHE C 385 -15.99 9.06 -25.33
N GLY C 386 -15.64 9.50 -24.13
CA GLY C 386 -15.56 8.66 -22.96
C GLY C 386 -16.74 8.71 -22.03
N GLN C 387 -17.84 9.36 -22.43
CA GLN C 387 -19.05 9.43 -21.64
C GLN C 387 -20.28 9.14 -22.50
N LYS C 388 -20.08 8.51 -23.66
CA LYS C 388 -21.19 8.15 -24.55
C LYS C 388 -21.09 6.75 -25.11
N MET C 389 -19.92 6.15 -25.19
CA MET C 389 -19.77 4.78 -25.63
C MET C 389 -19.71 3.84 -24.43
N LYS C 390 -19.99 2.56 -24.70
CA LYS C 390 -20.15 1.55 -23.65
C LYS C 390 -19.34 0.33 -24.05
N THR C 391 -18.07 0.34 -23.68
CA THR C 391 -17.18 -0.80 -23.84
C THR C 391 -16.21 -0.81 -22.66
N ALA C 392 -15.16 -1.61 -22.76
CA ALA C 392 -14.13 -1.70 -21.75
C ALA C 392 -12.80 -1.13 -22.20
N ARG C 393 -12.64 -0.93 -23.49
CA ARG C 393 -11.46 -0.27 -24.05
C ARG C 393 -11.89 0.85 -24.97
N ILE C 394 -11.12 1.92 -24.95
CA ILE C 394 -11.34 3.06 -25.83
C ILE C 394 -9.97 3.46 -26.34
N LEU C 395 -9.71 3.23 -27.61
CA LEU C 395 -8.41 3.47 -28.20
C LEU C 395 -8.41 4.78 -28.97
N ILE C 396 -7.28 5.49 -28.91
CA ILE C 396 -7.09 6.75 -29.59
C ILE C 396 -5.81 6.66 -30.41
N ASN C 397 -5.95 6.86 -31.72
CA ASN C 397 -4.84 6.81 -32.67
C ASN C 397 -3.99 5.56 -32.46
N THR C 398 -4.62 4.42 -32.66
CA THR C 398 -3.96 3.15 -32.44
C THR C 398 -4.83 2.05 -33.02
N PRO C 399 -4.27 1.04 -33.68
CA PRO C 399 -5.09 -0.05 -34.19
C PRO C 399 -5.72 -0.85 -33.06
N ALA C 400 -6.57 -1.77 -33.47
CA ALA C 400 -7.42 -2.48 -32.52
C ALA C 400 -6.67 -3.60 -31.83
N SER C 401 -6.22 -4.60 -32.58
CA SER C 401 -5.75 -5.84 -31.96
C SER C 401 -4.31 -5.70 -31.47
N GLN C 402 -3.38 -5.65 -32.42
CA GLN C 402 -1.97 -5.50 -32.15
C GLN C 402 -1.26 -5.55 -33.49
N GLY C 403 0.02 -5.18 -33.49
CA GLY C 403 0.87 -5.38 -34.64
C GLY C 403 1.66 -6.68 -34.52
N GLY C 404 2.51 -6.90 -35.52
CA GLY C 404 3.35 -8.07 -35.53
C GLY C 404 4.65 -7.84 -34.79
N ILE C 405 5.77 -7.98 -35.50
CA ILE C 405 7.08 -7.68 -34.94
C ILE C 405 7.89 -6.95 -36.01
N GLY C 406 8.59 -5.89 -35.61
CA GLY C 406 9.16 -4.93 -36.53
C GLY C 406 8.71 -3.52 -36.20
N ASP C 407 8.37 -3.28 -34.93
CA ASP C 407 7.71 -2.06 -34.51
C ASP C 407 7.82 -1.94 -32.99
N LEU C 408 7.37 -0.80 -32.47
CA LEU C 408 7.45 -0.47 -31.05
C LEU C 408 6.09 0.00 -30.53
N TYR C 409 5.05 -0.74 -30.86
CA TYR C 409 3.72 -0.49 -30.30
C TYR C 409 3.73 -0.67 -28.79
N ASN C 410 2.65 -0.24 -28.15
CA ASN C 410 2.52 -0.36 -26.71
C ASN C 410 2.45 -1.81 -26.29
N PHE C 411 3.23 -2.17 -25.27
CA PHE C 411 3.52 -3.56 -24.95
C PHE C 411 2.63 -4.14 -23.87
N LYS C 412 2.32 -3.38 -22.82
CA LYS C 412 1.53 -3.90 -21.70
C LYS C 412 0.06 -3.56 -21.94
N LEU C 413 -0.48 -4.17 -22.99
CA LEU C 413 -1.92 -4.26 -23.20
C LEU C 413 -2.27 -5.73 -23.28
N ALA C 414 -3.35 -6.11 -22.61
CA ALA C 414 -3.69 -7.51 -22.58
C ALA C 414 -4.13 -7.97 -23.96
N PRO C 415 -4.10 -9.28 -24.21
CA PRO C 415 -4.56 -9.76 -25.51
C PRO C 415 -6.04 -9.50 -25.70
N SER C 416 -6.46 -9.69 -26.95
CA SER C 416 -7.84 -9.43 -27.30
C SER C 416 -8.77 -10.44 -26.67
N LEU C 417 -8.35 -11.70 -26.62
CA LEU C 417 -9.10 -12.71 -25.92
C LEU C 417 -8.75 -12.61 -24.44
N THR C 418 -9.19 -13.59 -23.64
CA THR C 418 -9.16 -13.47 -22.20
C THR C 418 -9.92 -12.23 -21.75
N LEU C 419 -11.12 -12.06 -22.31
CA LEU C 419 -11.92 -10.89 -21.99
C LEU C 419 -13.38 -11.24 -22.26
N GLY C 420 -14.13 -11.48 -21.21
CA GLY C 420 -15.48 -12.01 -21.31
C GLY C 420 -16.52 -11.21 -20.56
N CYS C 421 -17.63 -11.85 -20.22
CA CYS C 421 -18.80 -11.14 -19.74
C CYS C 421 -19.52 -12.02 -18.72
N GLY C 422 -20.77 -11.68 -18.43
CA GLY C 422 -21.61 -12.46 -17.56
C GLY C 422 -23.06 -12.49 -17.97
N SER C 423 -23.38 -12.01 -19.17
CA SER C 423 -24.77 -11.91 -19.60
C SER C 423 -24.80 -11.65 -21.10
N TRP C 424 -25.99 -11.35 -21.61
CA TRP C 424 -26.21 -11.03 -23.01
C TRP C 424 -27.20 -9.90 -23.23
N GLY C 425 -27.82 -9.38 -22.19
CA GLY C 425 -29.03 -8.58 -22.33
C GLY C 425 -28.85 -7.27 -23.06
N GLY C 426 -28.19 -6.32 -22.42
CA GLY C 426 -28.04 -5.00 -22.99
C GLY C 426 -27.26 -4.08 -22.10
N ASN C 427 -26.34 -3.33 -22.69
CA ASN C 427 -25.49 -2.39 -21.95
C ASN C 427 -24.70 -3.12 -20.87
N SER C 428 -24.01 -4.17 -21.31
CA SER C 428 -23.20 -5.01 -20.45
C SER C 428 -21.74 -4.87 -20.85
N ILE C 429 -20.90 -4.53 -19.89
CA ILE C 429 -19.49 -4.35 -20.10
C ILE C 429 -18.76 -5.65 -19.76
N SER C 430 -17.55 -5.77 -20.28
CA SER C 430 -16.69 -6.93 -20.07
C SER C 430 -15.61 -6.62 -19.05
N GLU C 431 -14.90 -7.67 -18.66
CA GLU C 431 -13.82 -7.58 -17.70
C GLU C 431 -12.94 -8.81 -17.86
N ASN C 432 -11.73 -8.73 -17.32
CA ASN C 432 -10.68 -9.71 -17.62
C ASN C 432 -10.71 -10.83 -16.58
N VAL C 433 -10.81 -12.08 -17.07
CA VAL C 433 -10.77 -13.25 -16.21
C VAL C 433 -9.34 -13.48 -15.78
N GLY C 434 -9.18 -14.41 -14.85
CA GLY C 434 -7.90 -14.71 -14.26
C GLY C 434 -8.12 -15.44 -12.96
N PRO C 435 -7.08 -15.63 -12.21
CA PRO C 435 -7.20 -16.39 -10.96
C PRO C 435 -7.72 -15.56 -9.80
N LYS C 436 -8.91 -15.00 -9.99
CA LYS C 436 -9.73 -14.49 -8.89
C LYS C 436 -11.20 -14.87 -9.02
N HIS C 437 -11.65 -15.33 -10.17
CA HIS C 437 -13.01 -15.83 -10.35
C HIS C 437 -13.16 -17.28 -9.95
N LEU C 438 -12.07 -18.06 -10.01
CA LEU C 438 -12.07 -19.47 -9.66
C LEU C 438 -11.64 -19.72 -8.24
N ILE C 439 -11.82 -18.73 -7.36
CA ILE C 439 -11.36 -18.81 -5.97
C ILE C 439 -12.42 -18.20 -5.06
N ASN C 440 -13.15 -19.05 -4.36
CA ASN C 440 -14.04 -18.61 -3.30
C ASN C 440 -13.30 -18.62 -1.97
N LYS C 441 -13.49 -17.57 -1.19
CA LYS C 441 -12.72 -17.37 0.04
C LYS C 441 -13.63 -17.30 1.25
N LYS C 442 -13.09 -17.73 2.38
CA LYS C 442 -13.80 -17.90 3.63
C LYS C 442 -13.21 -16.99 4.71
N THR C 443 -13.84 -17.03 5.87
CA THR C 443 -13.33 -16.38 7.07
C THR C 443 -13.62 -17.26 8.27
N VAL C 444 -12.68 -17.27 9.21
CA VAL C 444 -12.91 -17.87 10.53
C VAL C 444 -12.70 -16.78 11.57
N ALA C 445 -13.28 -17.00 12.74
CA ALA C 445 -13.24 -16.00 13.80
C ALA C 445 -13.31 -16.69 15.14
N LYS C 446 -12.35 -16.38 16.00
CA LYS C 446 -12.30 -16.91 17.35
C LYS C 446 -12.88 -15.89 18.32
N ARG C 447 -12.84 -16.21 19.61
CA ARG C 447 -13.35 -15.36 20.67
C ARG C 447 -12.16 -14.82 21.44
N ALA C 448 -11.95 -13.52 21.31
CA ALA C 448 -10.88 -12.84 22.03
C ALA C 448 -11.44 -12.22 23.30
N GLU C 449 -10.58 -12.14 24.31
CA GLU C 449 -10.99 -11.56 25.57
C GLU C 449 -10.87 -10.04 25.51
N ASN C 450 -11.88 -9.37 26.01
CA ASN C 450 -11.97 -7.93 25.97
C ASN C 450 -10.92 -7.31 26.90
N MET C 451 -10.83 -5.99 26.85
CA MET C 451 -9.93 -5.23 27.70
C MET C 451 -10.66 -4.02 28.27
N LEU C 452 -10.33 -3.69 29.50
CA LEU C 452 -10.95 -2.61 30.25
C LEU C 452 -10.03 -1.39 30.22
N TRP C 453 -10.35 -0.37 31.01
CA TRP C 453 -9.52 0.82 31.06
C TRP C 453 -9.82 1.60 32.34
N HIS C 454 -9.01 2.62 32.56
CA HIS C 454 -9.19 3.53 33.68
C HIS C 454 -8.49 4.84 33.30
N LYS C 455 -9.25 5.81 32.82
CA LYS C 455 -8.71 7.02 32.23
C LYS C 455 -9.17 8.24 33.00
N LEU C 456 -8.32 9.25 33.01
CA LEU C 456 -8.52 10.43 33.83
C LEU C 456 -7.86 11.64 33.22
N PRO C 457 -8.04 12.80 33.82
CA PRO C 457 -7.22 13.94 33.45
C PRO C 457 -5.81 13.81 33.97
N LYS C 458 -4.99 14.81 33.70
CA LYS C 458 -3.62 14.81 34.18
C LYS C 458 -3.56 15.19 35.65
N SER C 459 -4.42 16.11 36.08
CA SER C 459 -4.24 16.75 37.37
C SER C 459 -5.56 17.19 37.97
N ILE C 460 -5.70 17.01 39.28
CA ILE C 460 -6.84 17.48 40.05
C ILE C 460 -6.33 18.15 41.32
N TYR C 461 -6.33 19.47 41.35
CA TYR C 461 -6.06 20.23 42.54
C TYR C 461 -7.32 20.43 43.35
N PHE C 462 -7.19 20.40 44.67
CA PHE C 462 -8.31 20.66 45.56
C PHE C 462 -7.90 20.96 47.00
N ARG C 463 -8.41 22.06 47.53
CA ARG C 463 -8.63 22.31 48.96
C ARG C 463 -9.15 23.74 49.07
N ARG C 464 -9.74 24.09 50.20
CA ARG C 464 -10.09 25.48 50.51
C ARG C 464 -8.94 26.42 50.20
N GLY C 465 -9.22 27.41 49.35
CA GLY C 465 -8.24 28.38 48.96
C GLY C 465 -7.25 27.84 47.97
N SER C 466 -7.73 27.47 46.79
CA SER C 466 -6.87 26.89 45.77
C SER C 466 -7.18 27.37 44.36
N LEU C 467 -8.09 28.31 44.18
CA LEU C 467 -8.38 28.82 42.85
C LEU C 467 -7.33 29.83 42.38
N PRO C 468 -6.87 30.77 43.22
CA PRO C 468 -5.84 31.69 42.71
C PRO C 468 -4.48 31.05 42.53
N ILE C 469 -4.07 30.16 43.42
CA ILE C 469 -2.72 29.61 43.38
C ILE C 469 -2.52 28.80 42.11
N ALA C 470 -3.44 27.88 41.84
CA ALA C 470 -3.32 27.05 40.66
C ALA C 470 -3.38 27.88 39.39
N LEU C 471 -4.19 28.93 39.42
CA LEU C 471 -4.39 29.74 38.23
C LEU C 471 -3.21 30.65 37.93
N ASP C 472 -2.23 30.72 38.84
CA ASP C 472 -0.96 31.37 38.52
C ASP C 472 -0.06 30.45 37.71
N GLU C 473 -0.23 29.14 37.83
CA GLU C 473 0.58 28.18 37.09
C GLU C 473 0.31 28.23 35.60
N VAL C 474 -0.82 28.79 35.16
CA VAL C 474 -1.14 28.86 33.75
C VAL C 474 -0.48 30.04 33.05
N ILE C 475 -0.05 31.07 33.78
CA ILE C 475 0.53 32.26 33.18
C ILE C 475 2.05 32.27 33.25
N THR C 476 2.67 31.58 34.21
CA THR C 476 4.12 31.47 34.18
C THR C 476 4.57 30.71 32.94
N ASP C 477 3.91 29.60 32.63
CA ASP C 477 4.12 28.95 31.36
C ASP C 477 3.50 29.78 30.24
N GLY C 478 3.93 29.50 29.02
CA GLY C 478 3.55 30.36 27.91
C GLY C 478 2.08 30.26 27.54
N HIS C 479 1.33 31.30 27.91
CA HIS C 479 -0.08 31.42 27.54
C HIS C 479 -0.42 32.90 27.60
N LYS C 480 -1.05 33.40 26.54
CA LYS C 480 -1.26 34.82 26.33
C LYS C 480 -2.72 35.23 26.34
N ARG C 481 -3.57 34.51 25.60
CA ARG C 481 -4.96 34.90 25.36
C ARG C 481 -5.89 33.87 25.97
N ALA C 482 -6.99 34.34 26.57
CA ALA C 482 -7.87 33.49 27.35
C ALA C 482 -9.32 33.86 27.09
N LEU C 483 -10.09 32.88 26.63
CA LEU C 483 -11.54 32.96 26.51
C LEU C 483 -12.18 32.38 27.76
N ILE C 484 -13.40 32.82 28.05
CA ILE C 484 -14.16 32.33 29.19
C ILE C 484 -15.58 32.03 28.74
N VAL C 485 -16.19 31.03 29.38
CA VAL C 485 -17.59 30.68 29.19
C VAL C 485 -18.26 30.68 30.53
N THR C 486 -19.53 31.07 30.56
CA THR C 486 -20.24 31.27 31.81
C THR C 486 -21.74 31.32 31.54
N ASP C 487 -22.50 31.02 32.57
CA ASP C 487 -23.95 31.19 32.55
C ASP C 487 -24.27 32.68 32.72
N ARG C 488 -25.54 32.99 32.95
CA ARG C 488 -25.97 34.37 33.11
C ARG C 488 -25.87 34.83 34.55
N PHE C 489 -26.48 34.08 35.47
CA PHE C 489 -26.48 34.44 36.89
C PHE C 489 -25.08 34.54 37.46
N LEU C 490 -24.10 33.92 36.83
CA LEU C 490 -22.72 33.96 37.28
C LEU C 490 -21.94 35.12 36.66
N PHE C 491 -22.63 36.12 36.11
CA PHE C 491 -21.97 37.29 35.54
C PHE C 491 -22.56 38.59 36.04
N ASN C 492 -23.84 38.60 36.39
CA ASN C 492 -24.44 39.76 37.04
C ASN C 492 -24.13 39.84 38.52
N ASN C 493 -23.38 38.87 39.06
CA ASN C 493 -22.85 38.91 40.41
C ASN C 493 -21.34 38.73 40.34
N GLY C 494 -20.69 38.73 41.51
CA GLY C 494 -19.25 38.83 41.56
C GLY C 494 -18.50 37.51 41.55
N TYR C 495 -19.01 36.50 40.84
CA TYR C 495 -18.30 35.23 40.74
C TYR C 495 -17.31 35.24 39.57
N ALA C 496 -17.65 35.90 38.47
CA ALA C 496 -16.84 35.81 37.26
C ALA C 496 -15.62 36.70 37.30
N ASP C 497 -15.68 37.81 38.02
CA ASP C 497 -14.52 38.70 38.11
C ASP C 497 -13.36 38.05 38.87
N GLN C 498 -13.66 37.06 39.73
CA GLN C 498 -12.67 36.48 40.64
C GLN C 498 -11.57 35.71 39.92
N ILE C 499 -11.73 35.40 38.62
CA ILE C 499 -10.67 34.86 37.79
C ILE C 499 -10.29 35.79 36.65
N THR C 500 -10.87 36.99 36.59
CA THR C 500 -10.52 37.99 35.60
C THR C 500 -9.53 39.02 36.14
N SER C 501 -9.73 39.46 37.38
CA SER C 501 -8.83 40.44 37.97
C SER C 501 -7.42 39.89 38.13
N VAL C 502 -7.29 38.70 38.74
CA VAL C 502 -6.00 38.11 39.00
C VAL C 502 -5.28 37.68 37.73
N LEU C 503 -5.97 37.62 36.60
CA LEU C 503 -5.31 37.42 35.31
C LEU C 503 -4.85 38.72 34.68
N LYS C 504 -5.68 39.76 34.74
CA LYS C 504 -5.42 40.98 33.98
C LYS C 504 -4.18 41.71 34.47
N ALA C 505 -3.76 41.48 35.71
CA ALA C 505 -2.60 42.17 36.25
C ALA C 505 -1.35 41.83 35.47
N ALA C 506 -1.02 40.54 35.37
CA ALA C 506 0.13 40.13 34.60
C ALA C 506 -0.05 40.40 33.12
N GLY C 507 -1.30 40.50 32.66
CA GLY C 507 -1.60 40.95 31.32
C GLY C 507 -1.93 39.84 30.36
N VAL C 508 -3.22 39.58 30.19
CA VAL C 508 -3.74 38.62 29.22
C VAL C 508 -5.12 39.08 28.82
N GLU C 509 -5.39 39.06 27.52
CA GLU C 509 -6.66 39.53 27.00
C GLU C 509 -7.78 38.60 27.43
N THR C 510 -8.92 39.17 27.80
CA THR C 510 -10.07 38.42 28.27
C THR C 510 -11.34 38.92 27.62
N GLU C 511 -12.22 37.99 27.26
CA GLU C 511 -13.57 38.30 26.83
C GLU C 511 -14.53 37.30 27.43
N VAL C 512 -15.69 37.80 27.81
CA VAL C 512 -16.74 37.00 28.43
C VAL C 512 -17.81 36.73 27.39
N PHE C 513 -18.54 35.63 27.56
CA PHE C 513 -19.49 35.14 26.57
C PHE C 513 -20.66 34.53 27.33
N PHE C 514 -21.76 35.27 27.43
CA PHE C 514 -22.88 34.92 28.30
C PHE C 514 -24.20 34.98 27.54
N GLU C 515 -24.57 33.88 26.91
CA GLU C 515 -25.97 33.68 26.56
C GLU C 515 -26.42 32.24 26.69
N VAL C 516 -25.62 31.37 27.33
CA VAL C 516 -25.99 29.97 27.42
C VAL C 516 -27.21 29.83 28.32
N GLU C 517 -28.17 29.05 27.85
CA GLU C 517 -29.45 28.87 28.52
C GLU C 517 -29.33 27.69 29.48
N ALA C 518 -30.45 27.28 30.08
CA ALA C 518 -30.46 26.10 30.93
C ALA C 518 -30.10 24.83 30.15
N ASP C 519 -30.25 24.85 28.82
CA ASP C 519 -29.77 23.77 27.97
C ASP C 519 -29.17 24.37 26.70
N PRO C 520 -28.28 23.66 26.02
CA PRO C 520 -27.78 24.13 24.73
C PRO C 520 -28.74 23.74 23.62
N THR C 521 -28.63 24.45 22.48
CA THR C 521 -29.70 24.51 21.50
C THR C 521 -29.20 24.43 20.04
N LEU C 522 -27.88 24.39 19.83
CA LEU C 522 -27.23 24.24 18.52
C LEU C 522 -27.27 25.49 17.65
N SER C 523 -28.02 26.51 18.04
CA SER C 523 -27.90 27.82 17.42
C SER C 523 -27.01 28.74 18.23
N ILE C 524 -26.90 28.47 19.53
CA ILE C 524 -26.06 29.26 20.41
C ILE C 524 -24.61 28.84 20.29
N VAL C 525 -24.36 27.53 20.40
CA VAL C 525 -23.00 27.00 20.35
C VAL C 525 -22.31 27.34 19.05
N ARG C 526 -23.05 27.48 17.96
CA ARG C 526 -22.43 27.85 16.70
C ARG C 526 -21.98 29.30 16.71
N LYS C 527 -22.74 30.16 17.41
CA LYS C 527 -22.35 31.56 17.53
C LYS C 527 -21.02 31.68 18.23
N GLY C 528 -20.79 30.85 19.25
CA GLY C 528 -19.53 30.90 19.97
C GLY C 528 -18.35 30.49 19.12
N ALA C 529 -18.57 29.58 18.17
CA ALA C 529 -17.51 29.22 17.24
C ALA C 529 -17.14 30.41 16.36
N GLU C 530 -18.14 31.20 15.99
CA GLU C 530 -17.91 32.39 15.16
C GLU C 530 -17.14 33.46 15.93
N LEU C 531 -17.23 33.43 17.26
CA LEU C 531 -16.45 34.36 18.07
C LEU C 531 -15.05 33.84 18.30
N ALA C 532 -14.88 32.52 18.40
CA ALA C 532 -13.58 31.96 18.73
C ALA C 532 -12.61 32.05 17.57
N ASN C 533 -13.07 31.78 16.35
CA ASN C 533 -12.19 31.78 15.18
C ASN C 533 -11.97 33.17 14.61
N SER C 534 -12.40 34.22 15.30
CA SER C 534 -12.03 35.60 14.99
C SER C 534 -11.18 36.23 16.08
N PHE C 535 -10.69 35.43 17.03
CA PHE C 535 -9.85 35.90 18.13
C PHE C 535 -8.57 35.09 18.29
N LYS C 536 -8.59 33.81 17.96
CA LYS C 536 -7.44 32.91 18.03
C LYS C 536 -6.91 32.78 19.45
N PRO C 537 -7.70 32.26 20.38
CA PRO C 537 -7.24 32.09 21.75
C PRO C 537 -6.34 30.87 21.88
N ASP C 538 -5.89 30.64 23.11
CA ASP C 538 -5.04 29.51 23.44
C ASP C 538 -5.46 28.77 24.70
N VAL C 539 -6.27 29.36 25.56
CA VAL C 539 -6.68 28.76 26.83
C VAL C 539 -8.16 29.00 27.05
N ILE C 540 -8.97 27.98 26.81
CA ILE C 540 -10.38 28.05 27.16
C ILE C 540 -10.53 27.75 28.65
N ILE C 541 -11.47 28.43 29.29
CA ILE C 541 -11.75 28.27 30.71
C ILE C 541 -13.25 28.23 30.86
N ALA C 542 -13.76 27.10 31.34
CA ALA C 542 -15.17 26.96 31.62
C ALA C 542 -15.48 27.43 33.03
N LEU C 543 -16.76 27.42 33.35
CA LEU C 543 -17.26 27.75 34.67
C LEU C 543 -18.74 27.44 34.68
N GLY C 544 -19.23 27.00 35.81
CA GLY C 544 -20.62 26.61 35.98
C GLY C 544 -20.77 25.13 36.19
N GLY C 545 -22.00 24.75 36.48
CA GLY C 545 -22.32 23.38 36.79
C GLY C 545 -23.26 22.78 35.79
N GLY C 546 -22.78 21.83 35.01
CA GLY C 546 -23.65 21.09 34.13
C GLY C 546 -23.84 21.76 32.79
N SER C 547 -24.91 22.54 32.70
CA SER C 547 -25.40 23.05 31.42
C SER C 547 -24.37 23.81 30.59
N PRO C 548 -23.51 24.66 31.12
CA PRO C 548 -22.57 25.33 30.25
C PRO C 548 -21.39 24.47 29.83
N MET C 549 -20.97 23.60 30.72
CA MET C 549 -19.78 22.79 30.46
C MET C 549 -20.01 21.80 29.33
N ASP C 550 -21.22 21.29 29.20
CA ASP C 550 -21.56 20.46 28.06
C ASP C 550 -21.43 21.22 26.74
N ALA C 551 -21.55 22.54 26.76
CA ALA C 551 -21.44 23.34 25.56
C ALA C 551 -20.04 23.86 25.30
N ALA C 552 -19.16 23.80 26.29
CA ALA C 552 -17.78 24.21 26.13
C ALA C 552 -16.88 23.09 25.65
N LYS C 553 -17.41 21.88 25.47
CA LYS C 553 -16.70 20.80 24.82
C LYS C 553 -17.07 20.66 23.36
N ILE C 554 -18.18 21.26 22.94
CA ILE C 554 -18.52 21.36 21.53
C ILE C 554 -17.90 22.59 20.91
N MET C 555 -17.86 23.71 21.65
CA MET C 555 -17.30 24.95 21.12
C MET C 555 -15.82 24.84 20.85
N TRP C 556 -15.15 23.83 21.40
CA TRP C 556 -13.73 23.63 21.19
C TRP C 556 -13.47 22.77 19.96
N VAL C 557 -14.31 21.76 19.71
CA VAL C 557 -13.95 20.78 18.68
C VAL C 557 -14.24 21.33 17.28
N MET C 558 -15.25 22.18 17.12
CA MET C 558 -15.52 22.82 15.84
C MET C 558 -14.73 24.11 15.66
N TYR C 559 -13.83 24.44 16.58
CA TYR C 559 -12.89 25.53 16.44
C TYR C 559 -11.53 25.06 15.98
N GLU C 560 -11.16 23.84 16.35
CA GLU C 560 -9.93 23.20 15.91
C GLU C 560 -10.10 22.43 14.61
N HIS C 561 -11.34 22.25 14.14
CA HIS C 561 -11.61 21.44 12.95
C HIS C 561 -12.85 21.98 12.26
N PRO C 562 -12.76 23.14 11.62
CA PRO C 562 -13.99 23.77 11.10
C PRO C 562 -14.62 23.01 9.97
N GLU C 563 -13.84 22.45 9.05
CA GLU C 563 -14.40 21.82 7.88
C GLU C 563 -15.21 20.57 8.20
N THR C 564 -15.11 20.04 9.42
CA THR C 564 -15.89 18.89 9.84
C THR C 564 -17.23 19.37 10.36
N HIS C 565 -18.30 18.78 9.84
CA HIS C 565 -19.65 19.18 10.20
C HIS C 565 -20.01 18.57 11.55
N PHE C 566 -21.29 18.67 11.92
CA PHE C 566 -21.85 18.06 13.11
C PHE C 566 -22.74 16.86 12.81
N GLU C 567 -22.94 16.55 11.53
CA GLU C 567 -23.70 15.37 11.14
C GLU C 567 -22.82 14.14 10.97
N GLU C 568 -21.50 14.29 11.02
CA GLU C 568 -20.59 13.16 11.00
C GLU C 568 -20.22 12.71 12.40
N LEU C 569 -20.22 13.63 13.36
CA LEU C 569 -19.92 13.30 14.75
C LEU C 569 -21.16 12.95 15.54
N ALA C 570 -22.17 12.40 14.88
CA ALA C 570 -23.34 11.87 15.56
C ALA C 570 -23.76 10.51 15.03
N LEU C 571 -22.90 9.84 14.27
CA LEU C 571 -23.16 8.49 13.80
C LEU C 571 -21.98 7.55 13.98
N ARG C 572 -20.77 8.07 14.21
CA ARG C 572 -19.63 7.25 14.55
C ARG C 572 -19.53 7.04 16.05
N PHE C 573 -19.54 8.12 16.81
CA PHE C 573 -19.30 8.12 18.24
C PHE C 573 -20.60 8.40 18.98
N MET C 574 -21.23 7.35 19.47
CA MET C 574 -22.43 7.49 20.27
C MET C 574 -22.51 6.54 21.46
N ASP C 575 -21.52 5.69 21.68
CA ASP C 575 -21.52 4.82 22.86
C ASP C 575 -20.11 4.37 23.14
N ILE C 576 -19.70 4.46 24.40
CA ILE C 576 -18.29 4.22 24.77
C ILE C 576 -18.17 2.75 25.15
N ARG C 577 -18.21 1.91 24.13
CA ARG C 577 -17.65 0.57 24.22
C ARG C 577 -16.91 0.17 22.96
N LYS C 578 -17.23 0.77 21.82
CA LYS C 578 -16.48 0.53 20.61
C LYS C 578 -15.13 1.21 20.71
N ARG C 579 -14.17 0.66 19.98
CA ARG C 579 -12.83 1.21 19.94
C ARG C 579 -12.26 1.12 18.54
N ILE C 580 -13.12 1.02 17.53
CA ILE C 580 -12.66 0.78 16.16
C ILE C 580 -12.27 2.10 15.50
N TYR C 581 -13.25 2.99 15.36
CA TYR C 581 -13.04 4.26 14.69
C TYR C 581 -12.49 5.27 15.69
N LYS C 582 -11.44 5.97 15.30
CA LYS C 582 -10.77 6.91 16.17
C LYS C 582 -11.21 8.34 15.91
N PHE C 583 -10.87 9.21 16.85
CA PHE C 583 -11.21 10.61 16.88
C PHE C 583 -10.03 11.44 16.37
N PRO C 584 -10.24 12.55 15.67
CA PRO C 584 -9.10 13.37 15.26
C PRO C 584 -8.40 13.96 16.46
N LYS C 585 -7.06 14.00 16.39
CA LYS C 585 -6.28 14.38 17.56
C LYS C 585 -6.55 15.81 17.95
N MET C 586 -6.69 16.02 19.26
CA MET C 586 -6.98 17.31 19.84
C MET C 586 -5.89 17.69 20.82
N GLY C 587 -5.75 19.00 21.02
CA GLY C 587 -4.72 19.54 21.87
C GLY C 587 -3.58 20.22 21.13
N VAL C 588 -3.81 20.67 19.90
CA VAL C 588 -2.76 21.35 19.15
C VAL C 588 -2.64 22.79 19.62
N LYS C 589 -3.69 23.57 19.43
CA LYS C 589 -3.69 25.01 19.68
C LYS C 589 -4.66 25.38 20.78
N ALA C 590 -4.72 24.56 21.82
CA ALA C 590 -5.54 24.87 22.98
C ALA C 590 -5.26 23.84 24.07
N LYS C 591 -5.77 24.13 25.25
CA LYS C 591 -5.88 23.15 26.32
C LYS C 591 -6.89 23.69 27.32
N MET C 592 -7.78 22.82 27.76
CA MET C 592 -9.02 23.23 28.40
C MET C 592 -8.95 23.05 29.91
N ILE C 593 -9.10 24.14 30.63
CA ILE C 593 -9.25 24.14 32.08
C ILE C 593 -10.73 23.95 32.36
N ALA C 594 -11.09 23.67 33.60
CA ALA C 594 -12.49 23.58 34.00
C ALA C 594 -12.61 23.78 35.49
N VAL C 595 -13.78 24.27 35.91
CA VAL C 595 -14.05 24.61 37.30
C VAL C 595 -15.48 24.22 37.61
N THR C 596 -15.75 23.88 38.88
CA THR C 596 -17.09 23.63 39.38
C THR C 596 -17.55 24.79 40.23
N THR C 597 -18.86 24.82 40.46
CA THR C 597 -19.48 25.78 41.35
C THR C 597 -20.56 25.22 42.25
N THR C 598 -21.05 24.00 42.00
CA THR C 598 -22.10 23.40 42.80
C THR C 598 -21.75 21.97 43.14
N SER C 599 -22.21 21.54 44.31
CA SER C 599 -21.84 20.24 44.87
C SER C 599 -22.93 19.26 44.52
N GLY C 600 -22.59 18.27 43.70
CA GLY C 600 -23.53 17.25 43.33
C GLY C 600 -23.60 16.94 41.85
N THR C 601 -22.60 17.35 41.08
CA THR C 601 -22.51 16.96 39.68
C THR C 601 -21.07 16.83 39.27
N GLY C 602 -20.70 15.63 38.86
CA GLY C 602 -19.36 15.35 38.40
C GLY C 602 -19.25 15.45 36.90
N SER C 603 -19.32 16.67 36.39
CA SER C 603 -19.24 16.91 34.96
C SER C 603 -17.88 17.44 34.52
N GLU C 604 -16.88 17.44 35.40
CA GLU C 604 -15.58 18.00 35.09
C GLU C 604 -14.56 16.98 34.61
N VAL C 605 -14.70 15.72 34.98
CA VAL C 605 -13.72 14.68 34.65
C VAL C 605 -14.37 13.53 33.90
N THR C 606 -15.46 13.80 33.21
CA THR C 606 -16.24 12.78 32.56
C THR C 606 -16.44 13.12 31.08
N PRO C 607 -16.27 12.19 30.17
CA PRO C 607 -16.47 12.45 28.75
C PRO C 607 -17.90 12.27 28.24
N PHE C 608 -18.72 13.29 28.45
CA PHE C 608 -20.07 13.27 27.93
C PHE C 608 -20.45 14.67 27.48
N ALA C 609 -21.52 14.74 26.71
CA ALA C 609 -21.95 15.98 26.10
C ALA C 609 -23.33 15.77 25.52
N VAL C 610 -24.16 16.80 25.63
CA VAL C 610 -25.52 16.76 25.12
C VAL C 610 -25.77 18.01 24.31
N VAL C 611 -26.44 17.85 23.18
CA VAL C 611 -26.72 18.93 22.25
C VAL C 611 -28.10 18.67 21.67
N THR C 612 -29.04 19.56 21.97
CA THR C 612 -30.39 19.48 21.43
C THR C 612 -30.48 20.36 20.19
N ASP C 613 -31.11 19.84 19.15
CA ASP C 613 -31.45 20.64 17.99
C ASP C 613 -32.74 21.38 18.25
N ASP C 614 -32.92 22.49 17.53
CA ASP C 614 -34.02 23.40 17.81
C ASP C 614 -35.23 23.14 16.92
N ALA C 615 -35.00 22.69 15.68
CA ALA C 615 -36.10 22.50 14.74
C ALA C 615 -36.99 21.33 15.15
N THR C 616 -36.42 20.13 15.19
CA THR C 616 -37.20 18.93 15.46
C THR C 616 -37.41 18.69 16.96
N GLY C 617 -36.34 18.76 17.74
CA GLY C 617 -36.40 18.45 19.16
C GLY C 617 -35.71 17.14 19.51
N GLN C 618 -34.72 16.75 18.71
CA GLN C 618 -34.01 15.50 18.89
C GLN C 618 -32.67 15.77 19.58
N LYS C 619 -32.13 14.72 20.20
CA LYS C 619 -30.82 14.76 20.84
C LYS C 619 -29.79 14.04 19.99
N TYR C 620 -28.55 14.53 20.04
CA TYR C 620 -27.42 13.96 19.30
C TYR C 620 -26.26 13.78 20.26
N PRO C 621 -26.30 12.76 21.12
CA PRO C 621 -25.26 12.64 22.14
C PRO C 621 -23.92 12.22 21.57
N LEU C 622 -22.86 12.71 22.22
CA LEU C 622 -21.48 12.40 21.87
C LEU C 622 -20.78 11.76 23.04
N ALA C 623 -19.78 10.93 22.74
CA ALA C 623 -18.92 10.38 23.78
C ALA C 623 -17.66 9.75 23.24
N ASP C 624 -16.50 10.29 23.61
CA ASP C 624 -15.24 9.60 23.41
C ASP C 624 -14.18 10.23 24.29
N TYR C 625 -13.14 9.46 24.57
CA TYR C 625 -12.18 9.82 25.60
C TYR C 625 -11.11 10.76 25.08
N ALA C 626 -11.52 11.86 24.48
CA ALA C 626 -10.58 12.95 24.21
C ALA C 626 -11.19 14.32 24.41
N LEU C 627 -12.44 14.40 24.84
CA LEU C 627 -13.00 15.66 25.33
C LEU C 627 -12.75 15.85 26.81
N THR C 628 -11.83 15.11 27.38
CA THR C 628 -11.56 15.31 28.78
C THR C 628 -10.76 16.59 28.98
N PRO C 629 -11.08 17.38 29.98
CA PRO C 629 -10.23 18.51 30.31
C PRO C 629 -8.86 18.05 30.77
N ASP C 630 -7.87 18.86 30.44
CA ASP C 630 -6.50 18.63 30.88
C ASP C 630 -6.20 19.30 32.22
N MET C 631 -7.22 19.63 32.99
CA MET C 631 -7.08 20.17 34.33
C MET C 631 -8.46 20.27 34.94
N ALA C 632 -8.52 20.19 36.25
CA ALA C 632 -9.74 20.46 36.99
C ALA C 632 -9.39 21.05 38.34
N ILE C 633 -10.30 21.88 38.85
CA ILE C 633 -10.05 22.68 40.04
C ILE C 633 -11.28 22.64 40.93
N VAL C 634 -11.23 21.83 41.96
CA VAL C 634 -12.35 21.66 42.89
C VAL C 634 -12.10 22.54 44.09
N ASP C 635 -12.74 23.69 44.12
CA ASP C 635 -12.68 24.61 45.25
C ASP C 635 -13.99 24.58 46.03
N ALA C 636 -13.89 24.97 47.29
CA ALA C 636 -15.02 25.01 48.20
C ALA C 636 -15.40 26.42 48.63
N ASN C 637 -14.63 27.43 48.25
CA ASN C 637 -14.93 28.80 48.63
C ASN C 637 -16.01 29.40 47.76
N LEU C 638 -16.11 28.97 46.51
CA LEU C 638 -17.16 29.46 45.64
C LEU C 638 -18.53 28.99 46.05
N VAL C 639 -18.63 28.00 46.94
CA VAL C 639 -19.90 27.50 47.42
C VAL C 639 -19.87 27.59 48.94
N MET C 640 -20.32 28.72 49.47
CA MET C 640 -20.66 28.86 50.87
C MET C 640 -21.91 29.68 51.09
N ASP C 641 -22.51 30.25 50.04
CA ASP C 641 -23.59 31.20 50.13
C ASP C 641 -24.87 30.72 49.47
N MET C 642 -24.83 29.59 48.75
CA MET C 642 -25.99 29.17 48.01
C MET C 642 -27.10 28.74 48.96
N PRO C 643 -28.36 28.94 48.59
CA PRO C 643 -29.45 28.70 49.53
C PRO C 643 -29.63 27.23 49.80
N LYS C 644 -30.44 26.94 50.82
CA LYS C 644 -30.71 25.56 51.21
C LYS C 644 -31.94 25.01 50.50
N SER C 645 -31.94 25.17 49.19
CA SER C 645 -32.79 24.37 48.31
C SER C 645 -32.02 23.93 47.08
N LEU C 646 -30.70 24.03 47.08
CA LEU C 646 -29.84 23.52 46.02
C LEU C 646 -28.64 22.78 46.57
N CYS C 647 -28.68 22.38 47.84
CA CYS C 647 -27.73 21.44 48.42
C CYS C 647 -28.36 20.08 48.71
N ALA C 648 -29.58 19.84 48.21
CA ALA C 648 -30.23 18.55 48.29
C ALA C 648 -30.52 17.98 46.91
N PHE C 649 -31.06 18.80 46.01
CA PHE C 649 -31.24 18.37 44.63
C PHE C 649 -29.94 17.99 43.99
N GLY C 650 -28.83 18.60 44.42
CA GLY C 650 -27.54 18.26 43.89
C GLY C 650 -26.96 17.08 44.62
N GLY C 651 -27.06 17.11 45.94
CA GLY C 651 -26.41 16.10 46.74
C GLY C 651 -26.97 14.71 46.48
N LEU C 652 -28.28 14.59 46.36
CA LEU C 652 -28.87 13.30 46.08
C LEU C 652 -28.54 12.78 44.70
N ASP C 653 -27.98 13.60 43.83
CA ASP C 653 -27.52 13.10 42.54
C ASP C 653 -26.25 12.29 42.72
N ALA C 654 -25.37 12.72 43.64
CA ALA C 654 -24.12 12.01 43.84
C ALA C 654 -24.33 10.61 44.36
N VAL C 655 -25.22 10.48 45.34
CA VAL C 655 -25.57 9.16 45.88
C VAL C 655 -26.03 8.25 44.76
N THR C 656 -26.85 8.77 43.87
CA THR C 656 -27.34 7.98 42.76
C THR C 656 -26.32 7.86 41.64
N HIS C 657 -25.38 8.79 41.56
CA HIS C 657 -24.30 8.65 40.59
C HIS C 657 -23.28 7.60 41.02
N ALA C 658 -23.36 7.09 42.25
CA ALA C 658 -22.39 6.15 42.78
C ALA C 658 -22.96 4.78 43.06
N MET C 659 -24.24 4.69 43.43
CA MET C 659 -24.89 3.43 43.71
C MET C 659 -25.41 2.76 42.45
N GLU C 660 -24.86 3.11 41.28
CA GLU C 660 -25.05 2.37 40.05
C GLU C 660 -23.74 1.94 39.42
N ALA C 661 -22.62 2.48 39.85
CA ALA C 661 -21.31 2.06 39.38
C ALA C 661 -20.73 0.93 40.20
N TYR C 662 -21.43 0.47 41.22
CA TYR C 662 -21.03 -0.67 42.03
C TYR C 662 -21.87 -1.90 41.75
N VAL C 663 -22.74 -1.85 40.75
CA VAL C 663 -23.62 -2.95 40.40
C VAL C 663 -23.60 -3.25 38.91
N SER C 664 -23.09 -2.35 38.09
CA SER C 664 -23.19 -2.49 36.65
C SER C 664 -22.34 -3.64 36.17
N VAL C 665 -22.27 -3.78 34.85
CA VAL C 665 -21.66 -4.91 34.17
C VAL C 665 -20.33 -4.54 33.56
N LEU C 666 -19.77 -3.38 33.90
CA LEU C 666 -18.45 -2.98 33.46
C LEU C 666 -17.48 -2.72 34.61
N ALA C 667 -17.88 -2.92 35.86
CA ALA C 667 -17.04 -2.55 36.98
C ALA C 667 -15.84 -3.48 37.09
N SER C 668 -14.71 -2.88 37.36
CA SER C 668 -13.47 -3.57 37.63
C SER C 668 -13.18 -3.51 39.13
N GLU C 669 -11.99 -3.94 39.51
CA GLU C 669 -11.49 -3.76 40.87
C GLU C 669 -10.84 -2.39 41.09
N PHE C 670 -10.81 -1.54 40.07
CA PHE C 670 -10.36 -0.16 40.21
C PHE C 670 -11.48 0.76 40.68
N SER C 671 -12.59 0.75 39.96
CA SER C 671 -13.64 1.74 40.12
C SER C 671 -14.66 1.39 41.18
N ASP C 672 -14.31 0.52 42.12
CA ASP C 672 -15.20 0.17 43.21
C ASP C 672 -14.79 0.83 44.52
N GLY C 673 -13.50 0.88 44.79
CA GLY C 673 -13.05 1.44 46.05
C GLY C 673 -13.38 2.91 46.18
N GLN C 674 -13.32 3.63 45.06
CA GLN C 674 -13.64 5.05 45.11
C GLN C 674 -15.13 5.27 45.22
N ALA C 675 -15.92 4.47 44.52
CA ALA C 675 -17.36 4.62 44.57
C ALA C 675 -17.97 4.13 45.87
N LEU C 676 -17.18 3.56 46.76
CA LEU C 676 -17.61 3.28 48.11
C LEU C 676 -17.22 4.38 49.08
N GLN C 677 -16.15 5.12 48.77
CA GLN C 677 -15.75 6.21 49.63
C GLN C 677 -16.73 7.38 49.58
N ALA C 678 -17.64 7.38 48.62
CA ALA C 678 -18.63 8.45 48.54
C ALA C 678 -19.77 8.25 49.51
N LEU C 679 -20.29 7.03 49.62
CA LEU C 679 -21.43 6.81 50.48
C LEU C 679 -21.10 7.00 51.95
N LYS C 680 -19.89 6.63 52.36
CA LYS C 680 -19.54 6.74 53.77
C LYS C 680 -19.44 8.19 54.20
N LEU C 681 -18.91 9.04 53.33
CA LEU C 681 -18.82 10.45 53.66
C LEU C 681 -20.19 11.11 53.69
N LEU C 682 -21.08 10.72 52.79
CA LEU C 682 -22.32 11.44 52.58
C LEU C 682 -23.39 11.13 53.61
N LYS C 683 -23.14 10.20 54.54
CA LYS C 683 -24.09 9.95 55.61
C LYS C 683 -23.73 10.66 56.90
N GLU C 684 -22.47 11.02 57.09
CA GLU C 684 -21.99 11.61 58.34
C GLU C 684 -21.89 13.12 58.29
N TYR C 685 -22.12 13.74 57.14
CA TYR C 685 -22.02 15.19 57.01
C TYR C 685 -23.15 15.87 56.24
N LEU C 686 -23.98 15.15 55.49
CA LEU C 686 -25.02 15.81 54.72
C LEU C 686 -26.12 16.36 55.60
N PRO C 687 -26.64 15.61 56.58
CA PRO C 687 -27.66 16.18 57.46
C PRO C 687 -27.17 17.37 58.28
N ALA C 688 -25.86 17.62 58.32
CA ALA C 688 -25.33 18.79 58.99
C ALA C 688 -25.23 20.00 58.07
N SER C 689 -25.02 19.78 56.76
CA SER C 689 -24.85 20.88 55.82
C SER C 689 -26.16 21.34 55.21
N TYR C 690 -27.27 21.07 55.84
CA TYR C 690 -28.56 21.58 55.44
C TYR C 690 -29.30 22.22 56.59
N HIS C 691 -29.13 21.72 57.81
CA HIS C 691 -29.75 22.33 58.98
C HIS C 691 -29.02 23.58 59.43
N GLU C 692 -27.73 23.70 59.13
CA GLU C 692 -26.89 24.76 59.67
C GLU C 692 -26.42 25.72 58.60
N GLY C 693 -25.75 25.22 57.57
CA GLY C 693 -25.20 26.05 56.53
C GLY C 693 -23.78 26.49 56.82
N SER C 694 -23.50 27.78 56.61
CA SER C 694 -22.15 28.29 56.67
C SER C 694 -21.56 28.24 58.08
N LYS C 695 -22.36 28.00 59.11
CA LYS C 695 -21.82 27.90 60.45
C LYS C 695 -20.97 26.65 60.66
N ASN C 696 -21.04 25.68 59.74
CA ASN C 696 -20.24 24.46 59.79
C ASN C 696 -19.29 24.47 58.59
N PRO C 697 -18.19 25.22 58.66
CA PRO C 697 -17.37 25.43 57.46
C PRO C 697 -16.49 24.25 57.08
N VAL C 698 -16.57 23.14 57.81
CA VAL C 698 -15.76 21.97 57.54
C VAL C 698 -16.63 20.94 56.81
N ALA C 699 -17.90 20.90 57.16
CA ALA C 699 -18.80 19.91 56.57
C ALA C 699 -18.92 20.11 55.07
N ARG C 700 -19.23 21.32 54.63
CA ARG C 700 -19.43 21.58 53.22
C ARG C 700 -18.21 21.28 52.39
N GLU C 701 -17.02 21.34 52.97
CA GLU C 701 -15.81 21.13 52.19
C GLU C 701 -15.62 19.68 51.79
N ARG C 702 -16.21 18.74 52.52
CA ARG C 702 -16.08 17.33 52.20
C ARG C 702 -17.10 16.88 51.18
N VAL C 703 -18.34 17.32 51.33
CA VAL C 703 -19.39 16.98 50.36
C VAL C 703 -18.96 17.41 48.97
N HIS C 704 -18.59 18.68 48.82
CA HIS C 704 -18.13 19.17 47.53
C HIS C 704 -16.83 18.51 47.10
N SER C 705 -16.09 17.90 48.02
CA SER C 705 -14.95 17.07 47.67
C SER C 705 -15.31 15.60 47.54
N ALA C 706 -16.60 15.28 47.45
CA ALA C 706 -17.06 13.90 47.37
C ALA C 706 -17.91 13.59 46.16
N ALA C 707 -18.65 14.56 45.63
CA ALA C 707 -19.38 14.28 44.41
C ALA C 707 -18.44 13.96 43.27
N THR C 708 -17.36 14.73 43.15
CA THR C 708 -16.37 14.45 42.13
C THR C 708 -15.53 13.21 42.44
N ILE C 709 -15.63 12.67 43.65
CA ILE C 709 -15.07 11.35 43.90
C ILE C 709 -15.95 10.28 43.28
N ALA C 710 -17.26 10.49 43.25
CA ALA C 710 -18.12 9.58 42.52
C ALA C 710 -18.05 9.85 41.04
N GLY C 711 -17.77 11.10 40.67
CA GLY C 711 -17.65 11.43 39.27
C GLY C 711 -16.47 10.75 38.62
N ILE C 712 -15.45 10.40 39.40
CA ILE C 712 -14.31 9.70 38.84
C ILE C 712 -14.61 8.23 38.58
N ALA C 713 -15.78 7.76 38.99
CA ALA C 713 -16.20 6.40 38.68
C ALA C 713 -16.90 6.34 37.33
N PHE C 714 -17.97 7.13 37.16
CA PHE C 714 -18.81 6.92 36.00
C PHE C 714 -18.28 7.59 34.75
N ALA C 715 -17.01 7.92 34.71
CA ALA C 715 -16.31 8.12 33.46
C ALA C 715 -15.71 6.84 32.93
N ASN C 716 -15.61 5.81 33.76
CA ASN C 716 -15.17 4.48 33.35
C ASN C 716 -16.33 3.51 33.23
N ALA C 717 -17.09 3.34 34.30
CA ALA C 717 -18.21 2.42 34.35
C ALA C 717 -19.50 3.19 34.12
N PHE C 718 -20.14 2.95 32.98
CA PHE C 718 -21.33 3.68 32.60
C PHE C 718 -22.45 3.48 33.63
N LEU C 719 -23.34 4.45 33.67
CA LEU C 719 -24.45 4.50 34.59
C LEU C 719 -25.50 3.44 34.26
N GLY C 720 -26.52 3.40 35.10
CA GLY C 720 -27.61 2.47 34.98
C GLY C 720 -28.81 3.03 34.26
N VAL C 721 -29.99 2.62 34.73
CA VAL C 721 -31.25 3.02 34.11
C VAL C 721 -31.89 4.21 34.81
N CYS C 722 -31.65 4.41 36.10
CA CYS C 722 -32.26 5.50 36.84
C CYS C 722 -31.86 6.85 36.30
N HIS C 723 -30.66 6.99 35.79
CA HIS C 723 -30.16 8.24 35.23
C HIS C 723 -30.47 8.36 33.74
N SER C 724 -31.52 7.68 33.28
CA SER C 724 -32.05 7.86 31.93
C SER C 724 -33.48 8.38 31.93
N MET C 725 -34.40 7.69 32.61
CA MET C 725 -35.79 8.10 32.60
C MET C 725 -35.97 9.50 33.15
N ALA C 726 -35.10 9.91 34.06
CA ALA C 726 -35.19 11.27 34.59
C ALA C 726 -34.70 12.30 33.59
N HIS C 727 -33.78 11.90 32.71
CA HIS C 727 -33.27 12.83 31.72
C HIS C 727 -34.39 13.30 30.81
N LYS C 728 -35.33 12.42 30.48
CA LYS C 728 -36.51 12.85 29.72
C LYS C 728 -37.51 13.55 30.61
N LEU C 729 -37.73 13.02 31.81
CA LEU C 729 -38.65 13.61 32.76
C LEU C 729 -38.21 14.98 33.25
N GLY C 730 -36.98 15.39 32.94
CA GLY C 730 -36.50 16.73 33.22
C GLY C 730 -36.31 17.54 31.96
N SER C 731 -36.99 17.16 30.89
CA SER C 731 -37.00 17.95 29.66
C SER C 731 -38.36 17.96 28.98
N GLN C 732 -39.42 17.51 29.65
CA GLN C 732 -40.77 17.53 29.09
C GLN C 732 -41.83 17.96 30.08
N PHE C 733 -41.53 18.04 31.38
CA PHE C 733 -42.33 18.74 32.35
C PHE C 733 -41.59 19.86 33.06
N HIS C 734 -40.34 20.13 32.70
CA HIS C 734 -39.52 21.16 33.33
C HIS C 734 -39.38 20.93 34.83
N ILE C 735 -38.73 19.82 35.17
CA ILE C 735 -38.19 19.58 36.51
C ILE C 735 -36.68 19.53 36.36
N PRO C 736 -35.89 20.03 37.30
CA PRO C 736 -34.43 19.93 37.16
C PRO C 736 -33.89 18.57 37.52
N HIS C 737 -32.86 18.15 36.79
CA HIS C 737 -32.16 16.93 37.12
C HIS C 737 -31.53 17.06 38.49
N GLY C 738 -31.92 16.17 39.38
CA GLY C 738 -31.51 16.23 40.76
C GLY C 738 -32.63 15.86 41.69
N LEU C 739 -33.86 16.13 41.25
CA LEU C 739 -35.06 15.76 41.99
C LEU C 739 -35.71 14.51 41.44
N ALA C 740 -35.57 14.27 40.14
CA ALA C 740 -36.22 13.12 39.55
C ALA C 740 -35.58 11.82 40.02
N ASN C 741 -34.26 11.76 40.01
CA ASN C 741 -33.57 10.56 40.46
C ASN C 741 -33.43 10.47 41.96
N ALA C 742 -34.22 11.25 42.71
CA ALA C 742 -34.47 11.02 44.12
C ALA C 742 -35.86 10.45 44.38
N LEU C 743 -36.73 10.46 43.37
CA LEU C 743 -38.07 9.90 43.48
C LEU C 743 -38.19 8.49 42.94
N LEU C 744 -37.18 8.02 42.20
CA LEU C 744 -37.19 6.72 41.58
C LEU C 744 -36.24 5.71 42.24
N ILE C 745 -35.20 6.18 42.92
CA ILE C 745 -34.16 5.30 43.44
C ILE C 745 -34.63 4.45 44.60
N CYS C 746 -35.82 4.71 45.15
CA CYS C 746 -36.41 3.86 46.17
C CYS C 746 -37.46 2.90 45.60
N ASN C 747 -37.55 2.79 44.28
CA ASN C 747 -38.50 1.92 43.63
C ASN C 747 -37.80 1.01 42.63
N VAL C 748 -36.83 1.57 41.92
CA VAL C 748 -36.09 0.81 40.93
C VAL C 748 -35.22 -0.26 41.57
N ILE C 749 -34.84 -0.09 42.83
CA ILE C 749 -33.99 -1.09 43.50
C ILE C 749 -34.72 -2.41 43.62
N ARG C 750 -36.00 -2.37 43.94
CA ARG C 750 -36.76 -3.61 44.00
C ARG C 750 -36.98 -4.23 42.63
N TYR C 751 -36.64 -3.55 41.54
CA TYR C 751 -36.67 -4.10 40.20
C TYR C 751 -35.25 -4.24 39.64
N ASN C 752 -34.33 -4.64 40.51
CA ASN C 752 -33.06 -5.20 40.07
C ASN C 752 -32.68 -6.41 40.91
N ALA C 753 -33.55 -6.85 41.83
CA ALA C 753 -33.32 -8.04 42.66
C ALA C 753 -34.57 -8.92 42.58
N ASN C 754 -34.62 -9.75 41.55
CA ASN C 754 -35.73 -10.66 41.32
C ASN C 754 -35.21 -11.79 40.42
N ASP C 755 -36.12 -12.58 39.86
CA ASP C 755 -35.73 -13.66 38.95
C ASP C 755 -35.48 -13.14 37.54
N ASN C 756 -36.31 -12.19 37.08
CA ASN C 756 -36.12 -11.49 35.81
C ASN C 756 -36.00 -12.45 34.63
N PRO C 757 -37.13 -12.96 34.09
CA PRO C 757 -37.06 -14.02 33.08
C PRO C 757 -36.16 -13.73 31.89
N THR C 758 -36.22 -12.53 31.33
CA THR C 758 -35.43 -12.17 30.17
C THR C 758 -34.14 -11.52 30.63
N LYS C 759 -33.02 -12.16 30.32
CA LYS C 759 -31.71 -11.66 30.70
C LYS C 759 -30.72 -12.04 29.62
N GLN C 760 -29.97 -11.05 29.13
CA GLN C 760 -28.91 -11.33 28.18
C GLN C 760 -27.87 -12.21 28.85
N THR C 761 -27.22 -13.04 28.03
CA THR C 761 -26.52 -14.22 28.50
C THR C 761 -25.15 -14.28 27.86
N ALA C 762 -24.23 -14.91 28.58
CA ALA C 762 -22.78 -14.91 28.40
C ALA C 762 -22.17 -13.65 29.02
N PHE C 763 -22.98 -12.73 29.52
CA PHE C 763 -22.54 -11.67 30.39
C PHE C 763 -23.67 -11.39 31.36
N SER C 764 -23.33 -11.08 32.60
CA SER C 764 -24.28 -10.83 33.67
C SER C 764 -25.03 -12.09 34.10
N GLN C 765 -24.54 -13.28 33.72
CA GLN C 765 -25.03 -14.54 34.27
C GLN C 765 -23.89 -15.41 34.79
N TYR C 766 -22.76 -15.43 34.08
CA TYR C 766 -21.63 -16.28 34.44
C TYR C 766 -20.29 -15.56 34.46
N ASP C 767 -20.12 -14.50 33.66
CA ASP C 767 -18.89 -13.73 33.71
C ASP C 767 -18.89 -12.72 34.86
N ARG C 768 -19.98 -11.96 34.99
CA ARG C 768 -20.23 -11.06 36.10
C ARG C 768 -21.17 -11.73 37.08
N PRO C 769 -20.92 -11.66 38.39
CA PRO C 769 -21.53 -12.63 39.31
C PRO C 769 -23.04 -12.52 39.40
N GLN C 770 -23.54 -11.36 39.80
CA GLN C 770 -24.95 -11.19 40.12
C GLN C 770 -25.13 -9.74 40.54
N ALA C 771 -26.38 -9.32 40.67
CA ALA C 771 -26.74 -7.99 41.10
C ALA C 771 -27.17 -7.91 42.56
N ARG C 772 -27.93 -8.90 43.03
CA ARG C 772 -28.52 -8.80 44.35
C ARG C 772 -27.47 -8.78 45.44
N ARG C 773 -26.54 -9.72 45.40
CA ARG C 773 -25.58 -9.87 46.49
C ARG C 773 -24.71 -8.64 46.65
N ARG C 774 -24.50 -7.88 45.57
CA ARG C 774 -23.69 -6.68 45.68
C ARG C 774 -24.44 -5.54 46.34
N TYR C 775 -25.77 -5.56 46.33
CA TYR C 775 -26.52 -4.58 47.11
C TYR C 775 -26.46 -4.86 48.60
N ALA C 776 -25.90 -6.00 49.02
CA ALA C 776 -25.78 -6.30 50.43
C ALA C 776 -24.48 -5.79 51.02
N GLU C 777 -23.40 -5.85 50.23
CA GLU C 777 -22.11 -5.41 50.73
C GLU C 777 -22.14 -3.95 51.15
N ILE C 778 -22.98 -3.14 50.51
CA ILE C 778 -23.14 -1.76 50.93
C ILE C 778 -23.82 -1.70 52.28
N ALA C 779 -24.68 -2.66 52.59
CA ALA C 779 -25.36 -2.63 53.87
C ALA C 779 -24.43 -2.91 55.04
N ASP C 780 -23.28 -3.54 54.79
CA ASP C 780 -22.31 -3.83 55.83
C ASP C 780 -21.22 -2.77 55.95
N HIS C 781 -20.61 -2.40 54.83
CA HIS C 781 -19.58 -1.36 54.83
C HIS C 781 -20.11 -0.03 55.32
N LEU C 782 -21.41 0.21 55.19
CA LEU C 782 -22.04 1.45 55.57
C LEU C 782 -22.59 1.42 56.99
N GLY C 783 -22.64 0.25 57.63
CA GLY C 783 -23.06 0.16 59.01
C GLY C 783 -24.55 0.17 59.24
N LEU C 784 -25.27 -0.72 58.58
CA LEU C 784 -26.71 -0.86 58.75
C LEU C 784 -27.11 -2.32 58.77
N SER C 785 -26.37 -3.13 59.50
CA SER C 785 -26.67 -4.54 59.60
C SER C 785 -26.23 -5.08 60.94
N ALA C 786 -27.05 -5.95 61.50
CA ALA C 786 -26.68 -6.67 62.70
C ALA C 786 -25.77 -7.84 62.32
N PRO C 787 -24.98 -8.34 63.28
CA PRO C 787 -24.00 -9.39 62.91
C PRO C 787 -24.62 -10.67 62.40
N GLY C 788 -25.88 -10.94 62.72
CA GLY C 788 -26.55 -12.14 62.26
C GLY C 788 -27.84 -11.84 61.52
N ASP C 789 -27.82 -12.00 60.20
CA ASP C 789 -28.97 -11.73 59.36
C ASP C 789 -28.82 -12.52 58.08
N ARG C 790 -29.90 -12.57 57.32
CA ARG C 790 -29.92 -13.20 56.01
C ARG C 790 -29.71 -12.14 54.93
N THR C 791 -29.76 -12.58 53.67
CA THR C 791 -29.51 -11.68 52.57
C THR C 791 -30.68 -10.75 52.32
N ALA C 792 -31.90 -11.30 52.31
CA ALA C 792 -33.05 -10.53 51.88
C ALA C 792 -33.35 -9.36 52.81
N ALA C 793 -33.25 -9.58 54.12
CA ALA C 793 -33.60 -8.53 55.06
C ALA C 793 -32.55 -7.43 55.11
N LYS C 794 -31.34 -7.67 54.59
CA LYS C 794 -30.35 -6.60 54.55
C LYS C 794 -30.81 -5.48 53.63
N ILE C 795 -31.45 -5.84 52.52
CA ILE C 795 -31.96 -4.83 51.59
C ILE C 795 -32.98 -3.95 52.29
N GLU C 796 -33.82 -4.53 53.13
CA GLU C 796 -34.89 -3.76 53.75
C GLU C 796 -34.35 -2.71 54.70
N LYS C 797 -33.25 -3.00 55.39
CA LYS C 797 -32.67 -2.01 56.28
C LYS C 797 -31.93 -0.93 55.51
N LEU C 798 -31.43 -1.26 54.32
CA LEU C 798 -30.89 -0.23 53.44
C LEU C 798 -32.00 0.71 53.01
N LEU C 799 -33.00 0.16 52.33
CA LEU C 799 -34.06 0.93 51.71
C LEU C 799 -34.94 1.66 52.72
N ALA C 800 -34.73 1.47 54.02
CA ALA C 800 -35.30 2.35 55.03
C ALA C 800 -34.44 3.59 55.26
N TRP C 801 -33.14 3.50 55.00
CA TRP C 801 -32.28 4.66 55.18
C TRP C 801 -32.48 5.70 54.09
N LEU C 802 -32.83 5.26 52.87
CA LEU C 802 -33.09 6.21 51.81
C LEU C 802 -34.44 6.90 51.94
N GLU C 803 -35.31 6.43 52.83
CA GLU C 803 -36.63 7.02 53.00
C GLU C 803 -36.62 8.08 54.08
N THR C 804 -36.00 7.80 55.22
CA THR C 804 -35.92 8.78 56.29
C THR C 804 -34.92 9.89 55.99
N LEU C 805 -34.11 9.76 54.95
CA LEU C 805 -33.27 10.87 54.51
C LEU C 805 -34.09 11.90 53.74
N LYS C 806 -35.05 11.44 52.94
CA LYS C 806 -35.90 12.35 52.18
C LYS C 806 -36.97 13.01 53.03
N ALA C 807 -37.07 12.66 54.32
CA ALA C 807 -38.04 13.28 55.19
C ALA C 807 -37.56 14.59 55.79
N GLU C 808 -36.26 14.70 56.06
CA GLU C 808 -35.71 15.87 56.73
C GLU C 808 -35.14 16.91 55.80
N LEU C 809 -34.52 16.49 54.68
CA LEU C 809 -34.03 17.46 53.72
C LEU C 809 -35.16 18.23 53.05
N GLY C 810 -36.37 17.68 53.05
CA GLY C 810 -37.51 18.41 52.54
C GLY C 810 -37.74 18.25 51.05
N ILE C 811 -37.92 17.02 50.59
CA ILE C 811 -38.42 16.75 49.25
C ILE C 811 -39.69 15.92 49.40
N PRO C 812 -40.59 15.95 48.44
CA PRO C 812 -41.87 15.25 48.60
C PRO C 812 -41.76 13.75 48.38
N LYS C 813 -42.88 13.07 48.55
CA LYS C 813 -42.96 11.62 48.46
C LYS C 813 -43.22 11.13 47.04
N SER C 814 -44.04 11.85 46.29
CA SER C 814 -44.48 11.43 44.98
C SER C 814 -44.52 12.62 44.04
N ILE C 815 -44.79 12.33 42.77
CA ILE C 815 -44.68 13.35 41.73
C ILE C 815 -45.79 14.37 41.86
N ARG C 816 -46.94 13.98 42.41
CA ARG C 816 -48.13 14.82 42.35
C ARG C 816 -47.93 16.11 43.13
N GLU C 817 -47.09 16.08 44.16
CA GLU C 817 -46.85 17.25 44.99
C GLU C 817 -45.76 18.15 44.44
N ALA C 818 -45.31 17.94 43.21
CA ALA C 818 -44.13 18.59 42.68
C ALA C 818 -44.39 19.51 41.49
N GLY C 819 -45.62 19.54 40.98
CA GLY C 819 -45.97 20.51 39.94
C GLY C 819 -46.40 19.97 38.61
N VAL C 820 -47.10 18.83 38.60
CA VAL C 820 -47.78 18.35 37.40
C VAL C 820 -49.17 17.91 37.77
N GLN C 821 -50.00 17.75 36.74
CA GLN C 821 -51.42 17.48 36.88
C GLN C 821 -51.79 16.19 36.14
N GLU C 822 -53.04 15.80 36.32
CA GLU C 822 -53.58 14.56 35.76
C GLU C 822 -54.20 14.80 34.39
N ALA C 823 -53.46 15.45 33.52
CA ALA C 823 -53.90 15.72 32.15
C ALA C 823 -52.85 15.36 31.12
N ASP C 824 -51.57 15.57 31.42
CA ASP C 824 -50.48 15.28 30.50
C ASP C 824 -49.53 14.30 31.17
N PHE C 825 -50.10 13.27 31.80
CA PHE C 825 -49.31 12.13 32.26
C PHE C 825 -49.96 10.80 31.94
N LEU C 826 -51.17 10.78 31.38
CA LEU C 826 -51.74 9.58 30.81
C LEU C 826 -51.80 9.60 29.30
N ALA C 827 -51.53 10.75 28.68
CA ALA C 827 -51.42 10.85 27.24
C ALA C 827 -49.98 10.86 26.76
N ASN C 828 -49.07 11.42 27.55
CA ASN C 828 -47.68 11.54 27.19
C ASN C 828 -46.82 10.51 27.92
N VAL C 829 -47.39 9.36 28.27
CA VAL C 829 -46.63 8.29 28.88
C VAL C 829 -45.98 7.38 27.85
N ASP C 830 -46.60 7.22 26.68
CA ASP C 830 -46.13 6.28 25.67
C ASP C 830 -45.10 6.89 24.74
N LYS C 831 -45.01 8.21 24.65
CA LYS C 831 -43.90 8.89 24.02
C LYS C 831 -42.79 9.19 25.02
N LEU C 832 -42.89 8.65 26.24
CA LEU C 832 -41.89 8.83 27.27
C LEU C 832 -41.31 7.52 27.75
N SER C 833 -42.05 6.41 27.62
CA SER C 833 -41.52 5.12 28.00
C SER C 833 -40.54 4.62 26.96
N GLU C 834 -40.97 4.53 25.71
CA GLU C 834 -40.12 4.05 24.62
C GLU C 834 -39.34 5.19 23.97
N ASP C 835 -38.74 6.01 24.83
CA ASP C 835 -37.65 6.90 24.47
C ASP C 835 -36.52 6.86 25.50
N ALA C 836 -36.76 6.27 26.67
CA ALA C 836 -35.69 5.96 27.60
C ALA C 836 -35.02 4.63 27.26
N PHE C 837 -35.74 3.75 26.59
CA PHE C 837 -35.17 2.48 26.14
C PHE C 837 -34.03 2.67 25.15
N ASP C 838 -33.92 3.85 24.54
CA ASP C 838 -32.95 4.11 23.49
C ASP C 838 -31.89 5.14 23.85
N ASP C 839 -32.07 5.92 24.91
CA ASP C 839 -31.17 7.06 25.19
C ASP C 839 -30.00 6.63 26.08
N GLN C 840 -29.19 5.73 25.52
CA GLN C 840 -27.90 5.36 26.11
C GLN C 840 -28.04 4.88 27.54
N CYS C 841 -28.91 3.91 27.72
CA CYS C 841 -28.92 3.06 28.88
C CYS C 841 -28.92 1.63 28.39
N THR C 842 -29.12 0.71 29.32
CA THR C 842 -29.13 -0.73 29.07
C THR C 842 -27.75 -1.31 28.76
N GLY C 843 -26.72 -0.48 28.63
CA GLY C 843 -25.38 -1.01 28.66
C GLY C 843 -25.11 -1.65 30.00
N ALA C 844 -25.45 -0.94 31.05
CA ALA C 844 -25.53 -1.45 32.39
C ALA C 844 -26.96 -1.88 32.67
N ASN C 845 -27.34 -1.99 33.94
CA ASN C 845 -28.67 -2.35 34.36
C ASN C 845 -28.94 -3.78 33.92
N PRO C 846 -28.36 -4.75 34.64
CA PRO C 846 -28.17 -6.12 34.09
C PRO C 846 -29.37 -6.74 33.39
N ARG C 847 -30.54 -6.70 34.00
CA ARG C 847 -31.71 -7.29 33.35
C ARG C 847 -32.03 -6.50 32.08
N TYR C 848 -32.21 -7.22 31.01
CA TYR C 848 -32.59 -6.64 29.74
C TYR C 848 -34.03 -6.15 29.85
N PRO C 849 -34.28 -4.85 29.95
CA PRO C 849 -35.65 -4.39 30.18
C PRO C 849 -36.57 -4.66 29.01
N LEU C 850 -37.85 -4.37 29.21
CA LEU C 850 -38.84 -4.46 28.15
C LEU C 850 -39.93 -3.43 28.43
N ILE C 851 -40.50 -2.87 27.37
CA ILE C 851 -41.26 -1.63 27.48
C ILE C 851 -42.46 -1.80 28.40
N SER C 852 -43.11 -2.97 28.35
CA SER C 852 -44.32 -3.16 29.14
C SER C 852 -44.07 -3.10 30.63
N GLU C 853 -42.81 -3.22 31.07
CA GLU C 853 -42.44 -3.12 32.47
C GLU C 853 -41.62 -1.87 32.76
N LEU C 854 -41.76 -0.84 31.93
CA LEU C 854 -41.12 0.45 32.18
C LEU C 854 -42.10 1.60 32.13
N LYS C 855 -43.39 1.34 31.94
CA LYS C 855 -44.45 2.30 32.24
C LYS C 855 -45.18 1.95 33.51
N GLN C 856 -44.92 0.77 34.08
CA GLN C 856 -45.46 0.44 35.40
C GLN C 856 -44.69 1.17 36.50
N ILE C 857 -43.42 1.47 36.27
CA ILE C 857 -42.64 2.24 37.24
C ILE C 857 -43.07 3.70 37.22
N LEU C 858 -43.29 4.25 36.03
CA LEU C 858 -43.73 5.64 35.94
C LEU C 858 -45.19 5.83 36.31
N LEU C 859 -45.94 4.75 36.53
CA LEU C 859 -47.35 4.82 36.84
C LEU C 859 -47.65 4.31 38.24
N ASP C 860 -46.62 3.97 39.01
CA ASP C 860 -46.78 3.58 40.40
C ASP C 860 -45.97 4.45 41.34
N THR C 861 -45.03 5.24 40.83
CA THR C 861 -44.34 6.26 41.62
C THR C 861 -44.96 7.63 41.44
N TYR C 862 -46.13 7.71 40.81
CA TYR C 862 -46.91 8.94 40.69
C TYR C 862 -48.04 8.99 41.72
N TYR C 863 -48.81 7.91 41.82
CA TYR C 863 -49.80 7.81 42.89
C TYR C 863 -49.15 7.61 44.25
N GLY C 864 -47.95 7.03 44.29
CA GLY C 864 -47.23 6.80 45.53
C GLY C 864 -47.06 5.35 45.92
N ARG C 865 -47.55 4.41 45.12
CA ARG C 865 -47.45 3.00 45.46
C ARG C 865 -46.01 2.52 45.31
N ASP C 866 -45.79 1.24 45.56
CA ASP C 866 -44.49 0.60 45.48
C ASP C 866 -44.54 -0.58 44.53
N TYR C 867 -43.64 -0.60 43.55
CA TYR C 867 -43.63 -1.67 42.56
C TYR C 867 -43.38 -3.01 43.23
N VAL C 868 -44.05 -4.03 42.72
CA VAL C 868 -43.92 -5.37 43.27
C VAL C 868 -44.52 -6.37 42.30
N GLU C 869 -43.89 -7.54 42.20
CA GLU C 869 -44.35 -8.61 41.32
C GLU C 869 -44.98 -9.74 42.11
N MET D 1 -49.22 9.36 -6.97
CA MET D 1 -50.41 8.56 -7.42
C MET D 1 -50.23 7.09 -7.10
N ALA D 2 -51.28 6.32 -7.36
CA ALA D 2 -51.30 4.89 -7.10
C ALA D 2 -51.08 4.12 -8.38
N VAL D 3 -50.47 2.94 -8.25
CA VAL D 3 -50.18 2.08 -9.38
C VAL D 3 -50.88 0.75 -9.10
N THR D 4 -51.99 0.51 -9.82
CA THR D 4 -52.85 -0.64 -9.61
C THR D 4 -52.59 -1.77 -10.60
N ASN D 5 -52.64 -1.46 -11.90
CA ASN D 5 -52.61 -2.46 -12.94
C ASN D 5 -51.57 -2.10 -13.99
N VAL D 6 -51.35 -3.03 -14.91
CA VAL D 6 -50.26 -2.98 -15.87
C VAL D 6 -50.37 -1.80 -16.83
N ALA D 7 -51.55 -1.21 -16.97
CA ALA D 7 -51.75 -0.18 -17.99
C ALA D 7 -50.95 1.09 -17.69
N GLU D 8 -50.51 1.29 -16.45
CA GLU D 8 -49.71 2.45 -16.08
C GLU D 8 -48.35 2.07 -15.50
N LEU D 9 -48.05 0.79 -15.33
CA LEU D 9 -46.71 0.42 -14.90
C LEU D 9 -45.68 0.83 -15.94
N ASN D 10 -46.05 0.83 -17.21
CA ASN D 10 -45.18 1.34 -18.26
C ASN D 10 -45.11 2.86 -18.30
N ALA D 11 -45.82 3.54 -17.39
CA ALA D 11 -45.66 4.97 -17.20
C ALA D 11 -44.75 5.32 -16.04
N LEU D 12 -44.68 4.47 -15.02
CA LEU D 12 -43.78 4.71 -13.91
C LEU D 12 -42.35 4.42 -14.30
N VAL D 13 -42.14 3.37 -15.09
CA VAL D 13 -40.80 2.99 -15.48
C VAL D 13 -40.19 3.99 -16.45
N GLU D 14 -41.01 4.83 -17.07
CA GLU D 14 -40.51 5.82 -18.01
C GLU D 14 -40.12 7.12 -17.32
N ARG D 15 -40.75 7.47 -16.21
CA ARG D 15 -40.41 8.72 -15.54
C ARG D 15 -39.03 8.62 -14.92
N VAL D 16 -38.71 7.51 -14.27
CA VAL D 16 -37.43 7.38 -13.61
C VAL D 16 -36.30 7.37 -14.64
N LYS D 17 -36.57 6.77 -15.79
CA LYS D 17 -35.58 6.76 -16.86
C LYS D 17 -35.28 8.15 -17.36
N LYS D 18 -36.24 9.06 -17.24
CA LYS D 18 -36.00 10.45 -17.61
C LYS D 18 -35.14 11.16 -16.58
N ALA D 19 -35.05 10.63 -15.37
CA ALA D 19 -34.31 11.25 -14.29
C ALA D 19 -32.94 10.67 -14.10
N GLN D 20 -32.81 9.35 -14.22
CA GLN D 20 -31.52 8.70 -14.09
C GLN D 20 -30.50 9.28 -15.05
N ARG D 21 -30.95 9.62 -16.26
CA ARG D 21 -30.07 10.25 -17.23
C ARG D 21 -29.72 11.67 -16.84
N GLU D 22 -30.45 12.27 -15.90
CA GLU D 22 -30.09 13.54 -15.31
C GLU D 22 -29.22 13.39 -14.07
N TYR D 23 -29.21 12.21 -13.47
CA TYR D 23 -28.38 11.93 -12.31
C TYR D 23 -26.96 11.56 -12.70
N ALA D 24 -26.76 11.04 -13.91
CA ALA D 24 -25.49 10.41 -14.26
C ALA D 24 -24.50 11.41 -14.84
N SER D 25 -24.61 12.67 -14.44
CA SER D 25 -23.65 13.69 -14.81
C SER D 25 -23.20 14.52 -13.62
N PHE D 26 -23.73 14.26 -12.44
CA PHE D 26 -23.24 14.90 -11.23
C PHE D 26 -21.78 14.54 -11.00
N THR D 27 -21.15 15.30 -10.13
CA THR D 27 -19.76 15.09 -9.76
C THR D 27 -19.67 14.54 -8.34
N GLN D 28 -18.45 14.15 -7.98
CA GLN D 28 -18.24 13.44 -6.72
C GLN D 28 -18.55 14.30 -5.50
N GLU D 29 -18.55 15.62 -5.63
CA GLU D 29 -18.59 16.48 -4.46
C GLU D 29 -20.00 16.76 -3.98
N GLN D 30 -21.02 16.62 -4.83
CA GLN D 30 -22.41 16.82 -4.41
C GLN D 30 -23.25 15.57 -4.53
N VAL D 31 -22.61 14.40 -4.45
CA VAL D 31 -23.29 13.13 -4.22
C VAL D 31 -22.98 12.57 -2.85
N ASP D 32 -21.81 12.87 -2.31
CA ASP D 32 -21.48 12.61 -0.92
C ASP D 32 -22.13 13.62 0.02
N LYS D 33 -22.99 14.50 -0.50
CA LYS D 33 -23.83 15.38 0.31
C LYS D 33 -25.26 14.87 0.41
N ILE D 34 -25.72 14.07 -0.55
CA ILE D 34 -27.01 13.40 -0.42
C ILE D 34 -26.89 12.22 0.51
N PHE D 35 -25.76 11.51 0.43
CA PHE D 35 -25.58 10.29 1.19
C PHE D 35 -25.56 10.54 2.69
N ARG D 36 -25.37 11.77 3.12
CA ARG D 36 -25.33 12.11 4.53
C ARG D 36 -26.72 12.37 5.07
N ALA D 37 -27.47 13.25 4.40
CA ALA D 37 -28.81 13.60 4.84
C ALA D 37 -29.87 12.62 4.37
N ALA D 38 -29.46 11.42 3.97
CA ALA D 38 -30.38 10.32 3.71
C ALA D 38 -30.20 9.16 4.65
N ALA D 39 -29.06 9.04 5.30
CA ALA D 39 -28.85 8.04 6.32
C ALA D 39 -29.32 8.51 7.68
N LEU D 40 -29.05 9.76 8.01
CA LEU D 40 -29.44 10.30 9.29
C LEU D 40 -30.96 10.27 9.46
N ALA D 41 -31.69 10.60 8.41
CA ALA D 41 -33.14 10.65 8.51
C ALA D 41 -33.78 9.26 8.50
N ALA D 42 -33.01 8.21 8.30
CA ALA D 42 -33.48 6.85 8.52
C ALA D 42 -33.17 6.36 9.91
N ALA D 43 -32.08 6.82 10.50
CA ALA D 43 -31.74 6.47 11.87
C ALA D 43 -32.51 7.29 12.88
N ASP D 44 -32.84 8.53 12.56
CA ASP D 44 -33.62 9.39 13.43
C ASP D 44 -35.11 9.11 13.36
N ALA D 45 -35.51 8.08 12.64
CA ALA D 45 -36.90 7.66 12.56
C ALA D 45 -36.98 6.15 12.75
N ARG D 46 -36.23 5.66 13.71
CA ARG D 46 -36.21 4.24 14.02
C ARG D 46 -37.34 3.80 14.93
N ILE D 47 -38.06 4.73 15.56
CA ILE D 47 -39.15 4.35 16.47
C ILE D 47 -40.42 5.16 16.24
N PRO D 48 -40.75 5.55 15.01
CA PRO D 48 -42.14 5.42 14.54
C PRO D 48 -42.32 4.30 13.53
N LEU D 49 -41.23 3.64 13.15
CA LEU D 49 -41.17 2.84 11.92
C LEU D 49 -41.15 1.35 12.18
N ALA D 50 -40.77 0.92 13.37
CA ALA D 50 -40.87 -0.48 13.75
C ALA D 50 -42.24 -0.77 14.34
N LYS D 51 -42.78 0.17 15.09
CA LYS D 51 -44.08 0.01 15.72
C LYS D 51 -45.22 -0.07 14.71
N MET D 52 -44.98 0.31 13.46
CA MET D 52 -45.99 0.26 12.41
C MET D 52 -45.91 -0.99 11.56
N ALA D 53 -44.88 -1.82 11.75
CA ALA D 53 -44.76 -3.09 11.06
C ALA D 53 -45.21 -4.26 11.92
N VAL D 54 -45.49 -4.02 13.19
CA VAL D 54 -45.94 -5.07 14.09
C VAL D 54 -47.46 -5.20 14.12
N ALA D 55 -48.19 -4.11 13.89
CA ALA D 55 -49.64 -4.15 14.00
C ALA D 55 -50.28 -4.78 12.77
N GLU D 56 -49.66 -4.64 11.61
CA GLU D 56 -50.20 -5.20 10.38
C GLU D 56 -49.74 -6.63 10.17
N SER D 57 -48.43 -6.85 10.26
CA SER D 57 -47.86 -8.16 9.97
C SER D 57 -48.39 -9.21 10.94
N GLY D 58 -48.29 -8.93 12.24
CA GLY D 58 -48.79 -9.81 13.27
C GLY D 58 -47.74 -10.56 14.05
N MET D 59 -46.47 -10.46 13.67
CA MET D 59 -45.38 -11.12 14.37
C MET D 59 -44.38 -10.10 14.89
N GLY D 60 -43.34 -10.63 15.54
CA GLY D 60 -42.22 -9.84 15.96
C GLY D 60 -42.51 -9.04 17.21
N ILE D 61 -41.44 -8.77 17.96
CA ILE D 61 -41.50 -7.96 19.16
C ILE D 61 -40.96 -6.59 18.82
N VAL D 62 -41.51 -5.57 19.49
CA VAL D 62 -41.14 -4.20 19.22
C VAL D 62 -39.76 -3.85 19.72
N GLU D 63 -39.22 -4.63 20.65
CA GLU D 63 -38.00 -4.26 21.34
C GLU D 63 -36.74 -4.68 20.59
N ASP D 64 -36.88 -5.56 19.60
CA ASP D 64 -35.73 -6.05 18.85
C ASP D 64 -35.64 -5.48 17.45
N LYS D 65 -36.73 -4.97 16.90
CA LYS D 65 -36.70 -4.28 15.62
C LYS D 65 -36.24 -2.83 15.76
N VAL D 66 -35.75 -2.41 16.92
CA VAL D 66 -35.23 -1.08 17.12
C VAL D 66 -33.71 -1.07 17.15
N ILE D 67 -33.10 -2.15 17.61
CA ILE D 67 -31.65 -2.31 17.61
C ILE D 67 -31.20 -3.18 16.44
N LYS D 68 -32.02 -3.25 15.39
CA LYS D 68 -31.65 -3.81 14.11
C LYS D 68 -31.80 -2.81 12.97
N ASN D 69 -32.69 -1.83 13.14
CA ASN D 69 -32.84 -0.73 12.21
C ASN D 69 -31.76 0.32 12.37
N HIS D 70 -31.04 0.30 13.48
CA HIS D 70 -29.95 1.22 13.73
C HIS D 70 -28.59 0.62 13.40
N PHE D 71 -28.52 -0.70 13.22
CA PHE D 71 -27.28 -1.36 12.87
C PHE D 71 -27.10 -1.47 11.36
N ALA D 72 -28.20 -1.47 10.61
CA ALA D 72 -28.16 -1.47 9.14
C ALA D 72 -28.35 -0.07 8.58
N SER D 73 -28.00 0.94 9.34
CA SER D 73 -28.04 2.31 8.86
C SER D 73 -26.87 3.16 9.33
N GLU D 74 -25.91 2.58 10.04
CA GLU D 74 -24.66 3.26 10.35
C GLU D 74 -23.43 2.42 10.09
N TYR D 75 -23.57 1.10 9.95
CA TYR D 75 -22.49 0.32 9.33
C TYR D 75 -22.33 0.68 7.88
N ILE D 76 -23.43 1.03 7.21
CA ILE D 76 -23.42 1.43 5.82
C ILE D 76 -23.08 2.90 5.64
N TYR D 77 -22.79 3.63 6.72
CA TYR D 77 -22.16 4.94 6.67
C TYR D 77 -20.96 4.96 7.61
N ASN D 78 -20.16 3.91 7.54
CA ASN D 78 -18.85 3.91 8.17
C ASN D 78 -17.77 3.27 7.35
N ALA D 79 -18.08 2.66 6.22
CA ALA D 79 -17.11 1.98 5.38
C ALA D 79 -17.15 2.39 3.93
N TYR D 80 -18.32 2.74 3.41
CA TYR D 80 -18.48 3.21 2.04
C TYR D 80 -18.57 4.73 1.99
N LYS D 81 -17.87 5.40 2.91
CA LYS D 81 -17.85 6.86 2.94
C LYS D 81 -16.87 7.42 1.92
N ASP D 82 -15.63 6.94 1.96
CA ASP D 82 -14.57 7.39 1.07
C ASP D 82 -14.10 6.23 0.19
N GLU D 83 -14.85 6.01 -0.88
CA GLU D 83 -14.51 5.02 -1.90
C GLU D 83 -15.00 5.59 -3.22
N LYS D 84 -14.06 6.08 -4.02
CA LYS D 84 -14.40 6.88 -5.19
C LYS D 84 -15.04 5.99 -6.25
N THR D 85 -16.28 6.32 -6.63
CA THR D 85 -17.01 5.61 -7.67
C THR D 85 -17.68 6.59 -8.62
N CYS D 86 -17.02 7.72 -8.86
CA CYS D 86 -17.57 8.72 -9.76
C CYS D 86 -16.42 9.42 -10.46
N GLY D 87 -16.64 9.73 -11.74
CA GLY D 87 -15.62 10.41 -12.50
C GLY D 87 -14.38 9.58 -12.72
N VAL D 88 -13.31 9.91 -12.02
CA VAL D 88 -12.00 9.30 -12.22
C VAL D 88 -11.63 8.51 -10.98
N LEU D 89 -11.04 7.33 -11.19
CA LEU D 89 -10.60 6.46 -10.12
C LEU D 89 -9.10 6.56 -9.88
N SER D 90 -8.31 6.29 -10.91
CA SER D 90 -6.86 6.22 -10.79
C SER D 90 -6.22 6.77 -12.06
N GLU D 91 -4.91 6.96 -12.01
CA GLU D 91 -4.19 7.57 -13.13
C GLU D 91 -2.72 7.17 -13.05
N ASP D 92 -2.29 6.32 -13.97
CA ASP D 92 -0.89 5.96 -14.14
C ASP D 92 -0.39 6.58 -15.44
N ASP D 93 0.75 7.29 -15.37
CA ASP D 93 1.23 8.11 -16.49
C ASP D 93 2.62 7.70 -16.93
N THR D 94 2.85 6.40 -17.10
CA THR D 94 4.05 5.94 -17.79
C THR D 94 3.88 6.05 -19.30
N PHE D 95 2.66 5.80 -19.79
CA PHE D 95 2.33 5.96 -21.19
C PHE D 95 0.98 6.63 -21.42
N GLY D 96 0.14 6.76 -20.41
CA GLY D 96 -1.15 7.43 -20.51
C GLY D 96 -2.32 6.49 -20.47
N THR D 97 -2.95 6.36 -19.31
CA THR D 97 -4.14 5.54 -19.14
C THR D 97 -4.95 6.10 -17.98
N ILE D 98 -6.27 5.93 -18.06
CA ILE D 98 -7.18 6.29 -16.99
C ILE D 98 -8.35 5.30 -16.99
N THR D 99 -9.11 5.32 -15.89
CA THR D 99 -10.02 4.25 -15.51
C THR D 99 -11.39 4.80 -15.09
N ILE D 100 -12.01 5.60 -15.95
CA ILE D 100 -13.31 6.15 -15.62
C ILE D 100 -14.33 5.06 -15.39
N ALA D 101 -15.43 5.43 -14.75
CA ALA D 101 -16.47 4.51 -14.33
C ALA D 101 -17.82 5.01 -14.83
N GLU D 102 -18.79 4.10 -14.86
CA GLU D 102 -20.16 4.46 -15.17
C GLU D 102 -21.10 3.48 -14.49
N PRO D 103 -22.37 3.83 -14.37
CA PRO D 103 -23.32 2.95 -13.73
C PRO D 103 -24.00 2.02 -14.73
N ILE D 104 -24.96 1.25 -14.23
CA ILE D 104 -25.64 0.25 -15.02
C ILE D 104 -26.92 0.83 -15.60
N GLY D 105 -27.86 1.15 -14.73
CA GLY D 105 -29.22 1.38 -15.16
C GLY D 105 -30.19 1.44 -14.01
N ILE D 106 -31.23 0.61 -14.09
CA ILE D 106 -32.35 0.63 -13.18
C ILE D 106 -32.43 -0.72 -12.47
N ILE D 107 -32.47 -0.69 -11.15
CA ILE D 107 -32.36 -1.88 -10.31
C ILE D 107 -33.74 -2.24 -9.79
N CYS D 108 -34.26 -3.38 -10.21
CA CYS D 108 -35.50 -3.86 -9.60
C CYS D 108 -35.21 -4.31 -8.17
N GLY D 109 -36.25 -4.81 -7.53
CA GLY D 109 -36.13 -5.23 -6.15
C GLY D 109 -37.31 -6.05 -5.71
N ILE D 110 -37.09 -6.90 -4.72
CA ILE D 110 -38.15 -7.69 -4.11
C ILE D 110 -37.86 -7.70 -2.63
N VAL D 111 -38.93 -7.74 -1.84
CA VAL D 111 -38.85 -7.61 -0.38
C VAL D 111 -39.81 -8.61 0.26
N PRO D 112 -39.41 -9.33 1.30
CA PRO D 112 -40.32 -10.28 1.92
C PRO D 112 -41.11 -9.66 3.06
N THR D 113 -41.87 -10.50 3.76
CA THR D 113 -42.67 -10.06 4.91
C THR D 113 -41.94 -10.23 6.23
N THR D 114 -40.74 -10.81 6.23
CA THR D 114 -40.04 -11.05 7.48
C THR D 114 -39.40 -9.79 8.04
N ASN D 115 -38.46 -9.21 7.29
CA ASN D 115 -37.81 -7.97 7.65
C ASN D 115 -38.25 -6.87 6.67
N PRO D 116 -39.48 -6.41 6.78
CA PRO D 116 -40.04 -5.53 5.74
C PRO D 116 -39.42 -4.16 5.69
N THR D 117 -38.61 -3.77 6.68
CA THR D 117 -38.07 -2.42 6.75
C THR D 117 -36.56 -2.34 6.75
N SER D 118 -35.85 -3.34 7.26
CA SER D 118 -34.39 -3.25 7.29
C SER D 118 -33.78 -3.40 5.92
N THR D 119 -34.27 -4.34 5.12
CA THR D 119 -33.75 -4.56 3.78
C THR D 119 -34.41 -3.67 2.75
N ALA D 120 -34.91 -2.51 3.17
CA ALA D 120 -35.22 -1.42 2.26
C ALA D 120 -34.43 -0.17 2.57
N ILE D 121 -33.91 -0.03 3.79
CA ILE D 121 -32.95 1.02 4.07
C ILE D 121 -31.61 0.71 3.44
N PHE D 122 -31.30 -0.56 3.25
CA PHE D 122 -29.99 -0.97 2.76
C PHE D 122 -29.89 -0.91 1.24
N LYS D 123 -31.00 -1.07 0.52
CA LYS D 123 -30.99 -0.99 -0.94
C LYS D 123 -31.22 0.42 -1.48
N SER D 124 -31.44 1.40 -0.60
CA SER D 124 -31.64 2.78 -1.01
C SER D 124 -30.54 3.70 -0.50
N LEU D 125 -29.47 3.16 0.05
CA LEU D 125 -28.28 3.91 0.41
C LEU D 125 -27.03 3.44 -0.32
N ILE D 126 -27.15 2.48 -1.22
CA ILE D 126 -26.11 2.22 -2.22
C ILE D 126 -26.59 2.46 -3.63
N SER D 127 -27.87 2.26 -3.91
CA SER D 127 -28.49 2.68 -5.15
C SER D 127 -28.66 4.17 -5.26
N LEU D 128 -28.27 4.92 -4.23
CA LEU D 128 -28.23 6.37 -4.25
C LEU D 128 -26.81 6.90 -4.14
N LYS D 129 -25.81 6.02 -4.09
CA LYS D 129 -24.40 6.38 -3.99
C LYS D 129 -23.64 6.04 -5.25
N THR D 130 -24.19 5.22 -6.14
CA THR D 130 -23.56 4.84 -7.39
C THR D 130 -24.38 5.25 -8.59
N ARG D 131 -25.19 6.29 -8.44
CA ARG D 131 -25.81 6.97 -9.56
C ARG D 131 -26.73 6.03 -10.36
N ASN D 132 -27.74 5.55 -9.67
CA ASN D 132 -28.79 4.76 -10.30
C ASN D 132 -30.03 4.87 -9.42
N ALA D 133 -31.02 4.03 -9.70
CA ALA D 133 -32.31 4.10 -9.05
C ALA D 133 -32.80 2.72 -8.69
N ILE D 134 -33.98 2.64 -8.06
CA ILE D 134 -34.61 1.37 -7.76
C ILE D 134 -36.13 1.45 -7.91
N ILE D 135 -36.73 0.27 -7.97
CA ILE D 135 -38.18 0.08 -8.01
C ILE D 135 -38.49 -1.13 -7.14
N PHE D 136 -39.45 -0.98 -6.21
CA PHE D 136 -39.78 -2.03 -5.26
C PHE D 136 -40.96 -2.87 -5.75
N SER D 137 -41.29 -3.92 -5.00
CA SER D 137 -42.39 -4.82 -5.31
C SER D 137 -42.76 -5.66 -4.10
N PRO D 138 -43.31 -5.06 -3.07
CA PRO D 138 -43.45 -5.73 -1.78
C PRO D 138 -44.53 -6.81 -1.78
N HIS D 139 -44.67 -7.43 -0.67
CA HIS D 139 -45.53 -8.49 -0.22
C HIS D 139 -46.87 -7.92 0.23
N PRO D 140 -47.97 -8.68 0.18
CA PRO D 140 -49.26 -8.08 0.53
C PRO D 140 -49.40 -7.76 2.00
N ARG D 141 -48.87 -8.62 2.87
CA ARG D 141 -49.12 -8.48 4.29
C ARG D 141 -48.41 -7.29 4.92
N ALA D 142 -47.49 -6.63 4.22
CA ALA D 142 -46.75 -5.51 4.78
C ALA D 142 -46.56 -4.40 3.76
N LYS D 143 -47.61 -4.10 3.00
CA LYS D 143 -47.50 -3.09 1.94
C LYS D 143 -47.43 -1.67 2.45
N ASP D 144 -47.68 -1.44 3.74
CA ASP D 144 -47.76 -0.10 4.29
C ASP D 144 -46.44 0.36 4.89
N ALA D 145 -45.63 -0.56 5.37
CA ALA D 145 -44.38 -0.20 6.01
C ALA D 145 -43.28 0.05 4.99
N THR D 146 -43.11 -0.87 4.05
CA THR D 146 -42.03 -0.76 3.08
C THR D 146 -42.19 0.50 2.23
N ASN D 147 -43.41 0.79 1.80
CA ASN D 147 -43.64 2.01 1.04
C ASN D 147 -43.38 3.25 1.89
N LYS D 148 -43.55 3.14 3.21
CA LYS D 148 -43.31 4.30 4.06
C LYS D 148 -41.84 4.65 4.11
N ALA D 149 -40.98 3.66 4.35
CA ALA D 149 -39.58 3.94 4.60
C ALA D 149 -38.84 4.35 3.34
N ALA D 150 -39.33 3.96 2.17
CA ALA D 150 -38.79 4.44 0.92
C ALA D 150 -39.35 5.79 0.53
N ASP D 151 -40.09 6.45 1.41
CA ASP D 151 -40.52 7.83 1.21
C ASP D 151 -39.77 8.80 2.10
N ILE D 152 -39.35 8.38 3.28
CA ILE D 152 -38.57 9.26 4.14
C ILE D 152 -37.21 9.52 3.53
N VAL D 153 -36.61 8.50 2.94
CA VAL D 153 -35.30 8.68 2.33
C VAL D 153 -35.40 9.59 1.14
N LEU D 154 -36.51 9.52 0.41
CA LEU D 154 -36.67 10.34 -0.79
C LEU D 154 -36.81 11.81 -0.42
N GLN D 155 -37.86 12.15 0.32
CA GLN D 155 -38.19 13.54 0.59
C GLN D 155 -37.11 14.27 1.38
N ALA D 156 -36.15 13.55 1.96
CA ALA D 156 -34.98 14.17 2.53
C ALA D 156 -33.83 14.29 1.53
N ALA D 157 -33.86 13.52 0.47
CA ALA D 157 -32.87 13.66 -0.59
C ALA D 157 -33.21 14.77 -1.55
N ILE D 158 -34.50 15.01 -1.80
CA ILE D 158 -34.91 16.06 -2.72
C ILE D 158 -34.35 17.40 -2.28
N ALA D 159 -34.41 17.68 -0.98
CA ALA D 159 -34.01 18.98 -0.47
C ALA D 159 -32.55 19.00 -0.06
N ALA D 160 -31.70 18.48 -0.91
CA ALA D 160 -30.28 18.77 -0.81
C ALA D 160 -29.56 18.85 -2.16
N GLY D 161 -30.28 18.76 -3.28
CA GLY D 161 -29.69 18.90 -4.60
C GLY D 161 -30.04 17.78 -5.56
N ALA D 162 -31.10 17.04 -5.27
CA ALA D 162 -31.47 15.88 -6.06
C ALA D 162 -32.58 16.21 -7.04
N PRO D 163 -32.84 15.31 -7.98
CA PRO D 163 -34.00 15.45 -8.85
C PRO D 163 -35.25 14.89 -8.19
N LYS D 164 -36.35 14.81 -8.92
CA LYS D 164 -37.66 14.68 -8.29
C LYS D 164 -38.07 13.23 -8.06
N ASP D 165 -38.23 12.46 -9.13
CA ASP D 165 -38.81 11.13 -9.05
C ASP D 165 -37.71 10.12 -9.39
N LEU D 166 -36.92 9.79 -8.38
CA LEU D 166 -35.81 8.86 -8.49
C LEU D 166 -36.12 7.50 -7.91
N ILE D 167 -37.16 7.39 -7.11
CA ILE D 167 -37.56 6.14 -6.46
C ILE D 167 -39.07 6.03 -6.57
N GLY D 168 -39.57 4.83 -6.79
CA GLY D 168 -40.98 4.59 -6.89
C GLY D 168 -41.33 3.24 -6.31
N TRP D 169 -42.62 3.06 -6.05
CA TRP D 169 -43.07 1.83 -5.42
C TRP D 169 -44.49 1.49 -5.82
N ILE D 170 -44.70 0.21 -6.12
CA ILE D 170 -46.02 -0.31 -6.34
C ILE D 170 -46.84 -0.20 -5.05
N ASP D 171 -48.15 -0.13 -5.21
CA ASP D 171 -49.10 -0.28 -4.13
C ASP D 171 -50.18 -1.25 -4.58
N GLN D 172 -50.64 -2.07 -3.65
CA GLN D 172 -51.69 -3.05 -3.90
C GLN D 172 -51.26 -4.07 -4.95
N PRO D 173 -50.26 -4.90 -4.64
CA PRO D 173 -49.72 -5.81 -5.62
C PRO D 173 -50.39 -7.17 -5.68
N SER D 174 -49.83 -8.03 -6.54
CA SER D 174 -50.20 -9.41 -6.65
C SER D 174 -49.08 -10.12 -7.39
N VAL D 175 -49.35 -11.36 -7.82
CA VAL D 175 -48.36 -12.13 -8.55
C VAL D 175 -48.32 -11.70 -10.01
N GLU D 176 -49.50 -11.50 -10.59
CA GLU D 176 -49.61 -11.28 -12.03
C GLU D 176 -48.96 -9.97 -12.45
N LEU D 177 -48.88 -9.01 -11.54
CA LEU D 177 -48.24 -7.74 -11.86
C LEU D 177 -46.72 -7.85 -11.80
N SER D 178 -46.19 -8.70 -10.93
CA SER D 178 -44.76 -8.71 -10.70
C SER D 178 -43.99 -9.28 -11.88
N ASN D 179 -44.58 -10.22 -12.61
CA ASN D 179 -43.86 -10.86 -13.72
C ASN D 179 -43.59 -9.93 -14.88
N ALA D 180 -44.16 -8.72 -14.90
CA ALA D 180 -43.86 -7.74 -15.93
C ALA D 180 -42.72 -6.82 -15.54
N LEU D 181 -42.31 -6.83 -14.28
CA LEU D 181 -41.15 -6.07 -13.82
C LEU D 181 -39.92 -6.94 -13.71
N MET D 182 -39.85 -8.00 -14.52
CA MET D 182 -38.65 -8.80 -14.67
C MET D 182 -38.34 -9.15 -16.11
N HIS D 183 -39.29 -8.96 -17.03
CA HIS D 183 -39.08 -9.15 -18.45
C HIS D 183 -39.16 -7.86 -19.24
N HIS D 184 -39.46 -6.74 -18.59
CA HIS D 184 -39.42 -5.45 -19.23
C HIS D 184 -38.01 -5.19 -19.77
N PRO D 185 -37.87 -4.48 -20.89
CA PRO D 185 -36.54 -4.43 -21.51
C PRO D 185 -35.55 -3.57 -20.74
N ASP D 186 -36.02 -2.54 -20.04
CA ASP D 186 -35.16 -1.47 -19.56
C ASP D 186 -34.86 -1.57 -18.07
N ILE D 187 -34.76 -2.79 -17.55
CA ILE D 187 -34.18 -3.04 -16.24
C ILE D 187 -33.33 -4.30 -16.32
N ASN D 188 -32.21 -4.30 -15.60
CA ASN D 188 -31.15 -5.26 -15.85
C ASN D 188 -30.52 -5.83 -14.58
N LEU D 189 -31.15 -5.67 -13.43
CA LEU D 189 -30.73 -6.32 -12.19
C LEU D 189 -31.97 -6.80 -11.45
N ILE D 190 -31.76 -7.73 -10.53
CA ILE D 190 -32.78 -8.07 -9.54
C ILE D 190 -32.13 -8.47 -8.22
N LEU D 191 -32.46 -7.77 -7.14
CA LEU D 191 -32.02 -8.12 -5.79
C LEU D 191 -33.21 -8.73 -5.06
N ALA D 192 -33.29 -10.06 -5.11
CA ALA D 192 -34.35 -10.80 -4.46
C ALA D 192 -33.86 -11.40 -3.16
N THR D 193 -34.75 -11.46 -2.18
CA THR D 193 -34.52 -12.18 -0.94
C THR D 193 -35.74 -13.03 -0.65
N GLY D 194 -35.75 -13.62 0.54
CA GLY D 194 -36.81 -14.49 1.01
C GLY D 194 -36.31 -15.90 1.14
N GLY D 195 -37.24 -16.82 1.31
CA GLY D 195 -36.93 -18.22 1.31
C GLY D 195 -36.64 -18.70 -0.09
N PRO D 196 -36.62 -20.02 -0.30
CA PRO D 196 -36.36 -20.58 -1.62
C PRO D 196 -37.62 -20.68 -2.47
N GLY D 197 -38.42 -19.62 -2.49
CA GLY D 197 -39.63 -19.56 -3.28
C GLY D 197 -39.50 -18.71 -4.52
N MET D 198 -38.88 -17.54 -4.37
CA MET D 198 -38.73 -16.58 -5.45
C MET D 198 -37.30 -16.48 -5.96
N VAL D 199 -36.31 -16.72 -5.10
CA VAL D 199 -34.91 -16.69 -5.53
C VAL D 199 -34.65 -17.75 -6.59
N LYS D 200 -35.41 -18.85 -6.57
CA LYS D 200 -35.19 -19.91 -7.54
C LYS D 200 -35.73 -19.54 -8.92
N ALA D 201 -36.79 -18.73 -8.96
CA ALA D 201 -37.33 -18.28 -10.24
C ALA D 201 -36.59 -17.07 -10.79
N ALA D 202 -35.87 -16.34 -9.93
CA ALA D 202 -35.16 -15.16 -10.38
C ALA D 202 -33.94 -15.52 -11.21
N TYR D 203 -33.17 -16.52 -10.78
CA TYR D 203 -31.98 -16.93 -11.51
C TYR D 203 -32.30 -17.34 -12.93
N SER D 204 -33.52 -17.82 -13.18
CA SER D 204 -33.94 -18.30 -14.49
C SER D 204 -34.97 -17.31 -15.03
N SER D 205 -34.49 -16.21 -15.58
CA SER D 205 -35.34 -15.25 -16.25
C SER D 205 -34.69 -14.59 -17.45
N GLY D 206 -33.50 -15.00 -17.86
CA GLY D 206 -32.81 -14.36 -18.96
C GLY D 206 -32.17 -13.05 -18.60
N LYS D 207 -31.76 -12.89 -17.34
CA LYS D 207 -31.15 -11.65 -16.87
C LYS D 207 -30.21 -11.99 -15.73
N PRO D 208 -29.23 -11.14 -15.46
CA PRO D 208 -28.36 -11.40 -14.32
C PRO D 208 -29.11 -11.21 -13.02
N ALA D 209 -28.59 -11.80 -11.97
CA ALA D 209 -29.27 -11.74 -10.68
C ALA D 209 -28.33 -12.12 -9.56
N ILE D 210 -28.64 -11.62 -8.38
CA ILE D 210 -28.05 -12.08 -7.15
C ILE D 210 -29.16 -12.25 -6.13
N GLY D 211 -28.89 -13.03 -5.10
CA GLY D 211 -29.91 -13.41 -4.15
C GLY D 211 -29.38 -13.56 -2.75
N VAL D 212 -30.15 -13.07 -1.79
CA VAL D 212 -29.78 -13.07 -0.39
C VAL D 212 -30.57 -14.18 0.28
N GLY D 213 -29.96 -15.35 0.40
CA GLY D 213 -30.65 -16.54 0.84
C GLY D 213 -30.36 -16.90 2.27
N ALA D 214 -30.80 -18.11 2.63
CA ALA D 214 -30.63 -18.63 3.97
C ALA D 214 -30.65 -20.14 3.91
N GLY D 215 -29.68 -20.76 4.56
CA GLY D 215 -29.57 -22.20 4.59
C GLY D 215 -29.37 -22.67 6.00
N ASN D 216 -29.90 -23.84 6.29
CA ASN D 216 -29.94 -24.29 7.67
C ASN D 216 -28.54 -24.58 8.13
N THR D 217 -28.10 -23.84 9.13
CA THR D 217 -26.73 -23.91 9.60
C THR D 217 -26.65 -24.71 10.89
N PRO D 218 -25.69 -25.61 11.03
CA PRO D 218 -25.68 -26.49 12.18
C PRO D 218 -24.84 -25.99 13.33
N VAL D 219 -25.00 -26.66 14.46
CA VAL D 219 -24.19 -26.45 15.66
C VAL D 219 -23.58 -27.79 16.02
N VAL D 220 -22.34 -27.77 16.49
CA VAL D 220 -21.60 -28.99 16.83
C VAL D 220 -21.03 -28.84 18.23
N ILE D 221 -21.28 -29.82 19.09
CA ILE D 221 -20.75 -29.87 20.45
C ILE D 221 -20.00 -31.18 20.61
N ASP D 222 -18.74 -31.09 21.01
CA ASP D 222 -17.91 -32.23 21.33
C ASP D 222 -17.82 -32.38 22.85
N GLU D 223 -16.92 -33.25 23.30
CA GLU D 223 -16.81 -33.60 24.71
C GLU D 223 -15.95 -32.63 25.50
N THR D 224 -14.88 -32.11 24.90
CA THR D 224 -13.93 -31.29 25.63
C THR D 224 -14.47 -29.94 26.03
N ALA D 225 -15.64 -29.55 25.52
CA ALA D 225 -16.06 -28.17 25.65
C ALA D 225 -16.74 -27.93 26.99
N ASP D 226 -17.06 -26.67 27.21
CA ASP D 226 -17.88 -26.28 28.33
C ASP D 226 -19.34 -26.48 27.97
N ILE D 227 -20.14 -26.84 28.97
CA ILE D 227 -21.57 -27.08 28.80
C ILE D 227 -22.40 -25.99 29.44
N LYS D 228 -21.95 -25.43 30.55
CA LYS D 228 -22.68 -24.41 31.29
C LYS D 228 -22.82 -23.11 30.53
N ARG D 229 -22.09 -22.93 29.43
CA ARG D 229 -22.07 -21.71 28.65
C ARG D 229 -22.63 -21.88 27.25
N ALA D 230 -22.28 -22.96 26.56
CA ALA D 230 -22.71 -23.20 25.20
C ALA D 230 -24.05 -23.90 25.12
N VAL D 231 -24.87 -23.78 26.15
CA VAL D 231 -26.28 -24.06 26.06
C VAL D 231 -27.10 -22.80 26.29
N ALA D 232 -26.51 -21.78 26.91
CA ALA D 232 -27.22 -20.55 27.22
C ALA D 232 -26.95 -19.45 26.20
N SER D 233 -26.05 -19.69 25.24
CA SER D 233 -25.88 -18.80 24.10
C SER D 233 -26.77 -19.19 22.92
N VAL D 234 -26.83 -20.48 22.60
CA VAL D 234 -27.77 -20.97 21.59
C VAL D 234 -29.19 -20.60 21.97
N LEU D 235 -29.48 -20.59 23.26
CA LEU D 235 -30.82 -20.29 23.72
C LEU D 235 -31.15 -18.82 23.66
N MET D 236 -30.16 -17.96 23.47
CA MET D 236 -30.39 -16.53 23.35
C MET D 236 -30.59 -16.12 21.91
N SER D 237 -29.79 -16.64 21.00
CA SER D 237 -29.81 -16.23 19.61
C SER D 237 -30.91 -16.86 18.81
N LYS D 238 -31.88 -17.50 19.46
CA LYS D 238 -33.03 -18.09 18.79
C LYS D 238 -34.34 -17.47 19.21
N THR D 239 -34.42 -16.92 20.41
CA THR D 239 -35.57 -16.15 20.84
C THR D 239 -35.41 -14.66 20.57
N PHE D 240 -34.53 -14.30 19.63
CA PHE D 240 -34.30 -12.92 19.21
C PHE D 240 -35.20 -12.64 18.03
N ASP D 241 -36.27 -11.89 18.27
CA ASP D 241 -37.31 -11.65 17.27
C ASP D 241 -37.96 -12.96 16.84
N ASN D 242 -38.05 -13.90 17.78
CA ASN D 242 -38.77 -15.15 17.59
C ASN D 242 -38.23 -15.97 16.43
N GLY D 243 -36.95 -15.80 16.13
CA GLY D 243 -36.28 -16.72 15.22
C GLY D 243 -36.58 -16.51 13.77
N VAL D 244 -36.55 -15.27 13.31
CA VAL D 244 -36.73 -14.94 11.91
C VAL D 244 -35.51 -14.26 11.31
N ILE D 245 -34.48 -13.98 12.12
CA ILE D 245 -33.28 -13.40 11.58
C ILE D 245 -32.63 -14.40 10.65
N CYS D 246 -32.20 -13.92 9.49
CA CYS D 246 -31.54 -14.79 8.54
C CYS D 246 -30.26 -15.34 9.14
N ALA D 247 -30.00 -16.61 8.85
CA ALA D 247 -28.81 -17.30 9.35
C ALA D 247 -28.81 -17.39 10.87
N SER D 248 -29.86 -18.01 11.37
CA SER D 248 -29.95 -18.38 12.77
C SER D 248 -29.59 -19.84 12.92
N GLU D 249 -29.75 -20.37 14.12
CA GLU D 249 -29.53 -21.78 14.38
C GLU D 249 -30.76 -22.58 14.02
N GLN D 250 -30.55 -23.79 13.54
CA GLN D 250 -31.64 -24.70 13.20
C GLN D 250 -31.42 -26.14 13.62
N SER D 251 -30.21 -26.54 13.98
CA SER D 251 -29.94 -27.92 14.31
C SER D 251 -28.73 -28.00 15.22
N VAL D 252 -28.76 -28.97 16.13
CA VAL D 252 -27.78 -29.09 17.20
C VAL D 252 -27.28 -30.52 17.19
N VAL D 253 -26.14 -30.75 16.56
CA VAL D 253 -25.50 -32.06 16.53
C VAL D 253 -24.58 -32.18 17.73
N VAL D 254 -24.64 -33.33 18.40
CA VAL D 254 -23.92 -33.53 19.65
C VAL D 254 -23.43 -34.97 19.71
N VAL D 255 -22.25 -35.16 20.28
CA VAL D 255 -21.63 -36.47 20.45
C VAL D 255 -22.24 -37.17 21.65
N ASP D 256 -21.94 -38.47 21.81
CA ASP D 256 -22.69 -39.32 22.72
C ASP D 256 -22.22 -39.22 24.16
N SER D 257 -20.95 -38.88 24.39
CA SER D 257 -20.40 -38.95 25.73
C SER D 257 -21.09 -38.02 26.71
N VAL D 258 -21.70 -36.94 26.23
CA VAL D 258 -22.37 -35.97 27.10
C VAL D 258 -23.77 -35.68 26.59
N TYR D 259 -24.39 -36.65 25.91
CA TYR D 259 -25.74 -36.44 25.41
C TYR D 259 -26.77 -36.49 26.53
N ASP D 260 -26.45 -37.16 27.64
CA ASP D 260 -27.36 -37.29 28.77
C ASP D 260 -27.13 -36.22 29.82
N ALA D 261 -26.40 -35.14 29.50
CA ALA D 261 -26.28 -33.97 30.34
C ALA D 261 -26.60 -32.68 29.60
N VAL D 262 -26.69 -32.71 28.28
CA VAL D 262 -27.10 -31.58 27.46
C VAL D 262 -28.54 -31.82 26.97
N ARG D 263 -29.31 -32.54 27.78
CA ARG D 263 -30.73 -32.77 27.55
C ARG D 263 -31.57 -32.19 28.67
N GLU D 264 -31.26 -32.56 29.92
CA GLU D 264 -32.02 -32.06 31.05
C GLU D 264 -31.68 -30.60 31.33
N ARG D 265 -30.47 -30.19 30.99
CA ARG D 265 -30.10 -28.79 31.13
C ARG D 265 -30.99 -27.88 30.31
N PHE D 266 -31.42 -28.34 29.13
CA PHE D 266 -32.39 -27.57 28.36
C PHE D 266 -33.71 -27.49 29.09
N ALA D 267 -34.11 -28.58 29.73
CA ALA D 267 -35.44 -28.64 30.34
C ALA D 267 -35.56 -27.74 31.54
N THR D 268 -34.45 -27.41 32.19
CA THR D 268 -34.50 -26.64 33.42
C THR D 268 -34.64 -25.14 33.12
N HIS D 269 -33.80 -24.61 32.24
CA HIS D 269 -33.78 -23.17 32.01
C HIS D 269 -35.00 -22.70 31.22
N GLY D 270 -35.15 -23.16 29.99
CA GLY D 270 -36.23 -22.71 29.14
C GLY D 270 -36.84 -23.73 28.21
N GLY D 271 -36.36 -24.96 28.26
CA GLY D 271 -36.76 -25.94 27.28
C GLY D 271 -37.98 -26.74 27.68
N TYR D 272 -38.54 -27.44 26.70
CA TYR D 272 -39.58 -28.43 26.93
C TYR D 272 -39.49 -29.46 25.80
N LEU D 273 -38.92 -30.61 26.12
CA LEU D 273 -38.69 -31.66 25.14
C LEU D 273 -40.01 -32.26 24.67
N LEU D 274 -39.90 -33.14 23.68
CA LEU D 274 -41.01 -33.98 23.28
C LEU D 274 -40.45 -35.20 22.56
N GLN D 275 -40.98 -36.38 22.91
CA GLN D 275 -40.49 -37.64 22.36
C GLN D 275 -41.58 -38.66 22.05
N GLY D 276 -42.84 -38.34 22.25
CA GLY D 276 -43.92 -39.31 22.12
C GLY D 276 -44.92 -38.99 21.03
N LYS D 277 -46.20 -39.05 21.39
CA LYS D 277 -47.27 -38.84 20.42
C LYS D 277 -47.26 -37.41 19.89
N GLU D 278 -46.79 -36.44 20.70
CA GLU D 278 -46.79 -35.06 20.27
C GLU D 278 -45.88 -34.82 19.07
N LEU D 279 -44.91 -35.69 18.84
CA LEU D 279 -43.93 -35.47 17.78
C LEU D 279 -44.59 -35.51 16.40
N LYS D 280 -45.64 -36.30 16.23
CA LYS D 280 -46.33 -36.36 14.95
C LYS D 280 -47.32 -35.22 14.77
N ALA D 281 -47.76 -34.59 15.86
CA ALA D 281 -48.67 -33.47 15.73
C ALA D 281 -47.95 -32.22 15.28
N VAL D 282 -46.78 -31.95 15.86
CA VAL D 282 -45.98 -30.82 15.42
C VAL D 282 -45.43 -31.07 14.02
N GLN D 283 -45.27 -32.33 13.64
CA GLN D 283 -44.68 -32.68 12.35
C GLN D 283 -45.64 -32.49 11.18
N ASP D 284 -46.92 -32.20 11.44
CA ASP D 284 -47.93 -32.07 10.40
C ASP D 284 -48.44 -30.64 10.28
N VAL D 285 -47.73 -29.68 10.88
CA VAL D 285 -48.15 -28.29 10.90
C VAL D 285 -47.22 -27.41 10.07
N ILE D 286 -45.92 -27.70 10.07
CA ILE D 286 -44.94 -26.87 9.37
C ILE D 286 -44.74 -27.32 7.94
N LEU D 287 -45.62 -28.19 7.44
CA LEU D 287 -45.48 -28.72 6.09
C LEU D 287 -46.86 -29.11 5.62
N LYS D 288 -47.40 -28.33 4.68
CA LYS D 288 -48.78 -28.43 4.25
C LYS D 288 -48.93 -28.92 2.82
N ASN D 289 -48.26 -28.27 1.87
CA ASN D 289 -48.36 -28.57 0.45
C ASN D 289 -46.98 -28.66 -0.18
N GLY D 290 -46.09 -29.41 0.47
CA GLY D 290 -44.72 -29.50 -0.01
C GLY D 290 -43.90 -28.24 0.18
N ALA D 291 -44.41 -27.27 0.91
CA ALA D 291 -43.69 -26.04 1.20
C ALA D 291 -43.97 -25.61 2.62
N LEU D 292 -43.44 -24.46 3.01
CA LEU D 292 -43.59 -23.97 4.36
C LEU D 292 -44.92 -23.27 4.54
N ASN D 293 -45.44 -23.33 5.76
CA ASN D 293 -46.67 -22.65 6.10
C ASN D 293 -46.40 -21.17 6.38
N ALA D 294 -47.47 -20.38 6.33
CA ALA D 294 -47.44 -18.99 6.71
C ALA D 294 -48.32 -18.71 7.92
N ALA D 295 -48.58 -19.73 8.72
CA ALA D 295 -49.47 -19.64 9.87
C ALA D 295 -48.73 -19.49 11.19
N ILE D 296 -47.43 -19.75 11.22
CA ILE D 296 -46.63 -19.66 12.44
C ILE D 296 -45.40 -18.79 12.28
N VAL D 297 -45.12 -18.31 11.08
CA VAL D 297 -43.84 -17.65 10.81
C VAL D 297 -43.76 -16.36 11.62
N GLY D 298 -42.94 -16.40 12.66
CA GLY D 298 -42.73 -15.29 13.55
C GLY D 298 -43.45 -15.41 14.86
N GLN D 299 -44.36 -16.35 15.00
CA GLN D 299 -45.18 -16.40 16.19
C GLN D 299 -44.37 -16.89 17.39
N PRO D 300 -44.85 -16.68 18.60
CA PRO D 300 -44.12 -17.16 19.78
C PRO D 300 -44.19 -18.65 19.97
N ALA D 301 -43.68 -19.11 21.12
CA ALA D 301 -43.46 -20.52 21.34
C ALA D 301 -44.75 -21.28 21.54
N TYR D 302 -45.52 -20.90 22.56
CA TYR D 302 -46.61 -21.75 23.01
C TYR D 302 -47.79 -21.77 22.07
N LYS D 303 -47.88 -20.83 21.12
CA LYS D 303 -49.07 -20.75 20.30
C LYS D 303 -49.13 -21.86 19.27
N ILE D 304 -48.00 -22.23 18.68
CA ILE D 304 -48.02 -23.31 17.71
C ILE D 304 -48.41 -24.61 18.38
N ALA D 305 -48.02 -24.78 19.64
CA ALA D 305 -48.46 -25.95 20.39
C ALA D 305 -49.97 -25.97 20.54
N GLU D 306 -50.61 -24.79 20.49
CA GLU D 306 -52.06 -24.73 20.54
C GLU D 306 -52.68 -25.13 19.21
N LEU D 307 -51.96 -24.98 18.10
CA LEU D 307 -52.49 -25.40 16.81
C LEU D 307 -52.63 -26.91 16.74
N ALA D 308 -51.72 -27.64 17.39
CA ALA D 308 -51.73 -29.10 17.33
C ALA D 308 -52.74 -29.69 18.30
N GLY D 309 -52.86 -29.13 19.50
CA GLY D 309 -53.90 -29.51 20.44
C GLY D 309 -53.50 -29.54 21.89
N PHE D 310 -52.23 -29.78 22.20
CA PHE D 310 -51.80 -29.89 23.58
C PHE D 310 -51.43 -28.51 24.14
N SER D 311 -50.97 -28.49 25.39
CA SER D 311 -50.76 -27.27 26.14
C SER D 311 -49.36 -27.25 26.73
N VAL D 312 -48.87 -26.03 26.99
CA VAL D 312 -47.51 -25.80 27.49
C VAL D 312 -47.54 -24.62 28.45
N PRO D 313 -46.61 -24.58 29.41
CA PRO D 313 -46.49 -23.37 30.22
C PRO D 313 -46.20 -22.13 29.38
N GLU D 314 -46.34 -20.98 30.02
CA GLU D 314 -46.37 -19.71 29.30
C GLU D 314 -44.97 -19.15 29.08
N ASN D 315 -44.06 -19.37 30.02
CA ASN D 315 -42.72 -18.81 29.99
C ASN D 315 -41.73 -19.67 29.22
N THR D 316 -42.21 -20.60 28.40
CA THR D 316 -41.31 -21.40 27.59
C THR D 316 -40.76 -20.56 26.44
N LYS D 317 -39.60 -20.99 25.95
CA LYS D 317 -38.88 -20.27 24.92
C LYS D 317 -38.80 -21.03 23.61
N ILE D 318 -38.47 -22.32 23.65
CA ILE D 318 -38.30 -23.12 22.44
C ILE D 318 -38.83 -24.51 22.64
N LEU D 319 -39.13 -25.15 21.52
CA LEU D 319 -39.57 -26.53 21.45
C LEU D 319 -38.48 -27.37 20.81
N ILE D 320 -37.96 -28.34 21.55
CA ILE D 320 -36.93 -29.24 21.05
C ILE D 320 -37.58 -30.58 20.72
N GLY D 321 -37.20 -31.13 19.57
CA GLY D 321 -37.49 -32.50 19.22
C GLY D 321 -36.24 -33.35 19.21
N GLU D 322 -36.36 -34.53 18.62
CA GLU D 322 -35.18 -35.37 18.44
C GLU D 322 -35.50 -36.48 17.47
N VAL D 323 -34.68 -36.61 16.43
CA VAL D 323 -34.82 -37.61 15.39
C VAL D 323 -33.43 -38.11 15.02
N THR D 324 -33.35 -39.01 14.03
CA THR D 324 -32.08 -39.55 13.57
C THR D 324 -31.94 -39.65 12.05
N VAL D 325 -33.00 -39.48 11.29
CA VAL D 325 -32.97 -39.55 9.83
C VAL D 325 -32.75 -38.14 9.27
N VAL D 326 -31.97 -38.04 8.19
CA VAL D 326 -31.56 -36.73 7.65
C VAL D 326 -31.63 -36.70 6.13
N ASP D 327 -32.81 -36.46 5.60
CA ASP D 327 -33.06 -36.06 4.21
C ASP D 327 -34.40 -35.33 4.14
N GLU D 328 -34.79 -35.01 2.91
CA GLU D 328 -36.08 -34.42 2.54
C GLU D 328 -37.24 -34.82 3.42
N SER D 329 -37.44 -36.13 3.64
CA SER D 329 -38.73 -36.59 4.16
C SER D 329 -39.03 -36.02 5.54
N GLU D 330 -38.12 -36.20 6.47
CA GLU D 330 -38.38 -35.77 7.84
C GLU D 330 -38.38 -34.25 7.92
N PRO D 331 -39.48 -33.59 8.32
CA PRO D 331 -39.46 -32.12 8.32
C PRO D 331 -38.94 -31.51 9.61
N PHE D 332 -37.62 -31.54 9.78
CA PHE D 332 -36.96 -30.69 10.76
C PHE D 332 -35.63 -30.14 10.25
N ALA D 333 -35.23 -30.43 9.02
CA ALA D 333 -34.01 -29.91 8.44
C ALA D 333 -34.23 -28.72 7.54
N HIS D 334 -35.40 -28.63 6.90
CA HIS D 334 -35.78 -27.41 6.23
C HIS D 334 -35.78 -26.25 7.20
N GLU D 335 -35.34 -25.09 6.73
CA GLU D 335 -35.44 -23.88 7.52
C GLU D 335 -36.91 -23.56 7.76
N LYS D 336 -37.20 -23.03 8.95
CA LYS D 336 -38.56 -22.88 9.43
C LYS D 336 -38.96 -21.46 9.77
N LEU D 337 -38.03 -20.64 10.23
CA LEU D 337 -38.34 -19.28 10.66
C LEU D 337 -39.31 -19.32 11.84
N SER D 338 -38.91 -20.00 12.89
CA SER D 338 -39.77 -20.21 14.05
C SER D 338 -38.90 -20.65 15.23
N PRO D 339 -39.35 -20.44 16.44
CA PRO D 339 -38.60 -20.95 17.59
C PRO D 339 -38.78 -22.45 17.76
N THR D 340 -38.12 -23.20 16.89
CA THR D 340 -38.04 -24.64 17.01
C THR D 340 -36.61 -25.06 16.70
N LEU D 341 -36.36 -26.35 16.74
CA LEU D 341 -35.00 -26.86 16.70
C LEU D 341 -35.05 -28.33 16.37
N ALA D 342 -33.89 -28.97 16.44
CA ALA D 342 -33.77 -30.40 16.19
C ALA D 342 -32.39 -30.84 16.63
N MET D 343 -32.34 -31.89 17.44
CA MET D 343 -31.09 -32.42 17.95
C MET D 343 -30.90 -33.84 17.45
N TYR D 344 -29.66 -34.14 17.05
CA TYR D 344 -29.27 -35.44 16.54
C TYR D 344 -28.30 -36.09 17.52
N ARG D 345 -28.06 -37.38 17.30
CA ARG D 345 -27.10 -38.16 18.07
C ARG D 345 -25.99 -38.62 17.14
N ALA D 346 -24.78 -38.69 17.68
CA ALA D 346 -23.64 -39.14 16.91
C ALA D 346 -22.63 -39.81 17.83
N LYS D 347 -21.75 -40.60 17.22
CA LYS D 347 -20.84 -41.45 17.97
C LYS D 347 -19.63 -40.70 18.47
N ASP D 348 -18.83 -40.17 17.56
CA ASP D 348 -17.60 -39.48 17.89
C ASP D 348 -17.49 -38.23 17.02
N PHE D 349 -16.38 -37.50 17.19
CA PHE D 349 -16.22 -36.21 16.54
C PHE D 349 -16.19 -36.35 15.03
N GLU D 350 -15.36 -37.26 14.53
CA GLU D 350 -15.10 -37.33 13.10
C GLU D 350 -16.33 -37.70 12.28
N ASP D 351 -17.35 -38.27 12.93
CA ASP D 351 -18.60 -38.59 12.23
C ASP D 351 -19.62 -37.47 12.31
N ALA D 352 -19.53 -36.60 13.33
CA ALA D 352 -20.46 -35.48 13.41
C ALA D 352 -20.25 -34.54 12.24
N VAL D 353 -19.00 -34.23 11.92
CA VAL D 353 -18.68 -33.38 10.79
C VAL D 353 -19.24 -33.97 9.51
N GLU D 354 -19.19 -35.29 9.39
CA GLU D 354 -19.82 -35.95 8.26
C GLU D 354 -21.33 -35.79 8.25
N LYS D 355 -21.94 -35.48 9.40
CA LYS D 355 -23.37 -35.28 9.49
C LYS D 355 -23.75 -33.81 9.45
N ALA D 356 -22.86 -32.94 8.99
CA ALA D 356 -23.16 -31.54 8.75
C ALA D 356 -22.97 -31.12 7.30
N GLU D 357 -22.01 -31.70 6.60
CA GLU D 357 -21.89 -31.48 5.16
C GLU D 357 -23.19 -31.80 4.45
N LYS D 358 -23.88 -32.84 4.91
CA LYS D 358 -25.09 -33.28 4.25
C LYS D 358 -26.27 -32.38 4.55
N LEU D 359 -26.21 -31.59 5.62
CA LEU D 359 -27.27 -30.64 5.90
C LEU D 359 -27.12 -29.36 5.11
N VAL D 360 -25.88 -28.87 4.96
CA VAL D 360 -25.65 -27.61 4.28
C VAL D 360 -26.13 -27.68 2.83
N ALA D 361 -25.63 -28.66 2.09
CA ALA D 361 -25.97 -28.77 0.68
C ALA D 361 -27.43 -29.11 0.43
N MET D 362 -28.21 -29.43 1.47
CA MET D 362 -29.63 -29.61 1.30
C MET D 362 -30.34 -28.29 1.05
N GLY D 363 -29.88 -27.24 1.70
CA GLY D 363 -30.54 -25.96 1.62
C GLY D 363 -30.13 -25.15 0.41
N GLY D 364 -29.01 -25.51 -0.20
CA GLY D 364 -28.57 -24.94 -1.43
C GLY D 364 -27.40 -24.00 -1.31
N ILE D 365 -27.33 -23.26 -0.21
CA ILE D 365 -26.33 -22.22 -0.04
C ILE D 365 -25.68 -22.39 1.32
N GLY D 366 -24.41 -21.98 1.42
CA GLY D 366 -23.72 -21.93 2.68
C GLY D 366 -23.62 -20.50 3.18
N HIS D 367 -24.04 -20.29 4.42
CA HIS D 367 -23.98 -19.00 5.08
C HIS D 367 -23.08 -19.00 6.30
N THR D 368 -23.34 -19.88 7.27
CA THR D 368 -22.54 -19.93 8.49
C THR D 368 -22.44 -21.35 8.99
N SER D 369 -21.64 -21.53 10.02
CA SER D 369 -21.43 -22.78 10.73
C SER D 369 -20.62 -22.48 11.97
N CYS D 370 -21.02 -23.08 13.08
CA CYS D 370 -20.43 -22.75 14.37
C CYS D 370 -20.12 -24.00 15.16
N LEU D 371 -19.03 -23.92 15.94
CA LEU D 371 -18.46 -25.05 16.66
C LEU D 371 -18.08 -24.62 18.07
N TYR D 372 -18.49 -25.39 19.08
CA TYR D 372 -18.17 -25.12 20.46
C TYR D 372 -17.16 -26.13 20.95
N THR D 373 -16.02 -25.64 21.43
CA THR D 373 -14.94 -26.49 21.90
C THR D 373 -13.92 -25.59 22.58
N ASP D 374 -12.84 -26.19 23.05
CA ASP D 374 -11.73 -25.45 23.62
C ASP D 374 -10.72 -25.11 22.55
N GLN D 375 -10.13 -23.93 22.65
CA GLN D 375 -9.29 -23.37 21.59
C GLN D 375 -7.85 -23.15 22.02
N ASP D 376 -7.44 -23.68 23.18
CA ASP D 376 -6.06 -23.59 23.63
C ASP D 376 -5.44 -24.95 23.92
N ASN D 377 -6.19 -26.04 23.80
CA ASN D 377 -5.68 -27.40 23.95
C ASN D 377 -6.02 -28.29 22.76
N GLN D 378 -6.61 -27.75 21.70
CA GLN D 378 -6.87 -28.50 20.47
C GLN D 378 -6.65 -27.60 19.27
N PRO D 379 -5.40 -27.21 18.99
CA PRO D 379 -5.14 -26.44 17.78
C PRO D 379 -5.31 -27.23 16.50
N ALA D 380 -5.34 -28.56 16.59
CA ALA D 380 -5.45 -29.40 15.41
C ALA D 380 -6.88 -29.75 15.06
N ARG D 381 -7.83 -29.52 15.96
CA ARG D 381 -9.22 -29.81 15.70
C ARG D 381 -9.99 -28.61 15.20
N VAL D 382 -9.57 -27.39 15.55
CA VAL D 382 -10.21 -26.20 15.02
C VAL D 382 -9.78 -25.90 13.59
N SER D 383 -8.65 -26.45 13.16
CA SER D 383 -8.17 -26.28 11.79
C SER D 383 -8.65 -27.39 10.86
N TYR D 384 -8.98 -28.57 11.40
CA TYR D 384 -9.58 -29.61 10.60
C TYR D 384 -11.00 -29.28 10.19
N PHE D 385 -11.67 -28.38 10.93
CA PHE D 385 -12.99 -27.92 10.56
C PHE D 385 -12.96 -26.82 9.51
N GLY D 386 -11.79 -26.32 9.15
CA GLY D 386 -11.64 -25.32 8.11
C GLY D 386 -11.22 -25.86 6.76
N GLN D 387 -11.21 -27.18 6.57
CA GLN D 387 -10.88 -27.80 5.29
C GLN D 387 -11.90 -28.88 4.93
N LYS D 388 -13.07 -28.86 5.56
CA LYS D 388 -14.12 -29.82 5.26
C LYS D 388 -15.50 -29.20 5.11
N MET D 389 -15.77 -28.04 5.70
CA MET D 389 -17.04 -27.36 5.52
C MET D 389 -16.93 -26.32 4.41
N LYS D 390 -18.09 -25.94 3.89
CA LYS D 390 -18.18 -25.07 2.71
C LYS D 390 -19.18 -23.98 2.99
N THR D 391 -18.69 -22.89 3.58
CA THR D 391 -19.46 -21.68 3.81
C THR D 391 -18.51 -20.50 3.67
N ALA D 392 -18.96 -19.33 4.10
CA ALA D 392 -18.16 -18.11 4.09
C ALA D 392 -17.79 -17.63 5.48
N ARG D 393 -18.44 -18.14 6.50
CA ARG D 393 -18.10 -17.86 7.88
C ARG D 393 -17.98 -19.16 8.65
N ILE D 394 -17.02 -19.18 9.56
CA ILE D 394 -16.80 -20.30 10.45
C ILE D 394 -16.58 -19.73 11.84
N LEU D 395 -17.53 -19.91 12.72
CA LEU D 395 -17.48 -19.33 14.05
C LEU D 395 -17.02 -20.35 15.08
N ILE D 396 -16.25 -19.88 16.05
CA ILE D 396 -15.73 -20.71 17.12
C ILE D 396 -16.08 -20.05 18.45
N ASN D 397 -16.81 -20.79 19.28
CA ASN D 397 -17.27 -20.32 20.58
C ASN D 397 -17.88 -18.93 20.50
N THR D 398 -18.97 -18.84 19.77
CA THR D 398 -19.62 -17.58 19.55
C THR D 398 -20.98 -17.84 18.91
N PRO D 399 -22.03 -17.13 19.30
CA PRO D 399 -23.33 -17.35 18.65
C PRO D 399 -23.29 -16.93 17.19
N ALA D 400 -24.41 -17.21 16.52
CA ALA D 400 -24.47 -17.06 15.09
C ALA D 400 -24.70 -15.61 14.67
N SER D 401 -25.84 -15.05 15.05
CA SER D 401 -26.24 -13.77 14.46
C SER D 401 -25.56 -12.60 15.13
N GLN D 402 -25.95 -12.32 16.37
CA GLN D 402 -25.39 -11.25 17.18
C GLN D 402 -26.17 -11.26 18.48
N GLY D 403 -25.65 -10.52 19.46
CA GLY D 403 -26.38 -10.23 20.67
C GLY D 403 -27.11 -8.90 20.59
N GLY D 404 -27.75 -8.54 21.69
CA GLY D 404 -28.46 -7.29 21.78
C GLY D 404 -27.56 -6.16 22.23
N ILE D 405 -27.90 -5.55 23.36
CA ILE D 405 -27.07 -4.53 23.99
C ILE D 405 -27.09 -4.76 25.50
N GLY D 406 -25.91 -4.66 26.12
CA GLY D 406 -25.68 -5.15 27.47
C GLY D 406 -24.53 -6.12 27.52
N ASP D 407 -23.59 -5.99 26.58
CA ASP D 407 -22.55 -6.98 26.38
C ASP D 407 -21.45 -6.36 25.53
N LEU D 408 -20.36 -7.11 25.36
CA LEU D 408 -19.18 -6.66 24.61
C LEU D 408 -18.76 -7.72 23.59
N TYR D 409 -19.72 -8.19 22.81
CA TYR D 409 -19.42 -9.08 21.71
C TYR D 409 -18.56 -8.38 20.66
N ASN D 410 -18.04 -9.16 19.72
CA ASN D 410 -17.21 -8.61 18.66
C ASN D 410 -18.01 -7.69 17.76
N PHE D 411 -17.47 -6.51 17.47
CA PHE D 411 -18.22 -5.42 16.89
C PHE D 411 -18.11 -5.32 15.38
N LYS D 412 -16.93 -5.54 14.80
CA LYS D 412 -16.73 -5.39 13.36
C LYS D 412 -16.92 -6.75 12.70
N LEU D 413 -18.15 -7.23 12.77
CA LEU D 413 -18.63 -8.32 11.94
C LEU D 413 -19.84 -7.81 11.17
N ALA D 414 -19.89 -8.12 9.89
CA ALA D 414 -20.95 -7.59 9.08
C ALA D 414 -22.27 -8.21 9.49
N PRO D 415 -23.39 -7.58 9.15
CA PRO D 415 -24.68 -8.16 9.49
C PRO D 415 -24.91 -9.47 8.77
N SER D 416 -25.94 -10.18 9.21
CA SER D 416 -26.24 -11.48 8.65
C SER D 416 -26.74 -11.35 7.22
N LEU D 417 -27.56 -10.34 6.96
CA LEU D 417 -27.98 -10.04 5.61
C LEU D 417 -26.88 -9.25 4.93
N THR D 418 -27.16 -8.73 3.74
CA THR D 418 -26.13 -8.19 2.88
C THR D 418 -25.07 -9.26 2.60
N LEU D 419 -25.54 -10.44 2.24
CA LEU D 419 -24.63 -11.55 1.98
C LEU D 419 -25.35 -12.54 1.08
N GLY D 420 -24.98 -12.54 -0.19
CA GLY D 420 -25.69 -13.27 -1.22
C GLY D 420 -24.82 -14.18 -2.05
N CYS D 421 -25.28 -14.51 -3.25
CA CYS D 421 -24.67 -15.57 -4.05
C CYS D 421 -24.80 -15.20 -5.52
N GLY D 422 -24.60 -16.19 -6.37
CA GLY D 422 -24.75 -16.04 -7.81
C GLY D 422 -25.33 -17.25 -8.50
N SER D 423 -25.82 -18.22 -7.73
CA SER D 423 -26.29 -19.47 -8.32
C SER D 423 -27.09 -20.24 -7.27
N TRP D 424 -27.44 -21.48 -7.61
CA TRP D 424 -28.16 -22.37 -6.71
C TRP D 424 -27.66 -23.82 -6.76
N GLY D 425 -26.71 -24.14 -7.64
CA GLY D 425 -26.46 -25.52 -8.00
C GLY D 425 -25.93 -26.40 -6.88
N GLY D 426 -24.69 -26.17 -6.48
CA GLY D 426 -24.08 -27.02 -5.49
C GLY D 426 -22.67 -26.59 -5.19
N ASN D 427 -22.31 -26.56 -3.91
CA ASN D 427 -21.00 -26.17 -3.46
C ASN D 427 -20.67 -24.75 -3.93
N SER D 428 -21.59 -23.85 -3.62
CA SER D 428 -21.49 -22.44 -3.98
C SER D 428 -21.36 -21.61 -2.71
N ILE D 429 -20.33 -20.80 -2.66
CA ILE D 429 -20.06 -19.94 -1.53
C ILE D 429 -20.66 -18.57 -1.79
N SER D 430 -20.85 -17.82 -0.72
CA SER D 430 -21.39 -16.47 -0.76
C SER D 430 -20.29 -15.43 -0.59
N GLU D 431 -20.67 -14.17 -0.80
CA GLU D 431 -19.77 -13.04 -0.67
C GLU D 431 -20.60 -11.80 -0.50
N ASN D 432 -19.96 -10.72 -0.03
CA ASN D 432 -20.68 -9.54 0.44
C ASN D 432 -20.84 -8.53 -0.68
N VAL D 433 -22.08 -8.12 -0.93
CA VAL D 433 -22.38 -7.10 -1.93
C VAL D 433 -21.98 -5.76 -1.38
N GLY D 434 -22.03 -4.76 -2.24
CA GLY D 434 -21.62 -3.42 -1.92
C GLY D 434 -21.35 -2.66 -3.18
N PRO D 435 -20.79 -1.48 -3.07
CA PRO D 435 -20.56 -0.65 -4.25
C PRO D 435 -19.29 -1.04 -5.01
N LYS D 436 -19.23 -2.30 -5.44
CA LYS D 436 -18.31 -2.72 -6.48
C LYS D 436 -18.95 -3.65 -7.50
N HIS D 437 -20.14 -4.20 -7.24
CA HIS D 437 -20.87 -4.98 -8.21
C HIS D 437 -21.70 -4.13 -9.14
N LEU D 438 -22.11 -2.95 -8.71
CA LEU D 438 -22.92 -2.03 -9.50
C LEU D 438 -22.07 -1.01 -10.25
N ILE D 439 -20.82 -1.33 -10.53
CA ILE D 439 -19.88 -0.40 -11.15
C ILE D 439 -19.05 -1.14 -12.18
N ASN D 440 -19.35 -0.93 -13.45
CA ASN D 440 -18.50 -1.41 -14.53
C ASN D 440 -17.52 -0.33 -14.92
N LYS D 441 -16.26 -0.72 -15.12
CA LYS D 441 -15.17 0.22 -15.33
C LYS D 441 -14.50 0.00 -16.67
N LYS D 442 -13.98 1.09 -17.22
CA LYS D 442 -13.42 1.15 -18.56
C LYS D 442 -11.94 1.52 -18.50
N THR D 443 -11.33 1.55 -19.67
CA THR D 443 -9.97 2.03 -19.85
C THR D 443 -9.88 2.79 -21.16
N VAL D 444 -9.11 3.87 -21.17
CA VAL D 444 -8.73 4.55 -22.40
C VAL D 444 -7.21 4.51 -22.50
N ALA D 445 -6.72 4.69 -23.72
CA ALA D 445 -5.29 4.58 -23.98
C ALA D 445 -4.92 5.45 -25.16
N LYS D 446 -3.96 6.34 -24.97
CA LYS D 446 -3.46 7.20 -26.02
C LYS D 446 -2.18 6.59 -26.60
N ARG D 447 -1.58 7.31 -27.53
CA ARG D 447 -0.36 6.90 -28.22
C ARG D 447 0.77 7.77 -27.71
N ALA D 448 1.69 7.18 -26.97
CA ALA D 448 2.85 7.87 -26.47
C ALA D 448 4.03 7.63 -27.40
N GLU D 449 4.91 8.61 -27.47
CA GLU D 449 6.09 8.50 -28.31
C GLU D 449 7.18 7.74 -27.57
N ASN D 450 7.80 6.83 -28.30
CA ASN D 450 8.81 5.95 -27.73
C ASN D 450 10.08 6.75 -27.41
N MET D 451 11.03 6.08 -26.78
CA MET D 451 12.32 6.66 -26.43
C MET D 451 13.42 5.69 -26.79
N LEU D 452 14.55 6.25 -27.24
CA LEU D 452 15.70 5.50 -27.69
C LEU D 452 16.75 5.49 -26.59
N TRP D 453 17.95 5.01 -26.90
CA TRP D 453 19.02 4.99 -25.91
C TRP D 453 20.36 4.86 -26.62
N HIS D 454 21.42 4.98 -25.82
CA HIS D 454 22.78 4.80 -26.29
C HIS D 454 23.62 4.45 -25.07
N LYS D 455 23.87 3.16 -24.85
CA LYS D 455 24.48 2.66 -23.64
C LYS D 455 25.79 1.95 -23.94
N LEU D 456 26.70 2.03 -23.00
CA LEU D 456 28.06 1.57 -23.17
C LEU D 456 28.69 1.13 -21.87
N PRO D 457 29.89 0.61 -21.91
CA PRO D 457 30.65 0.44 -20.67
C PRO D 457 31.15 1.75 -20.14
N LYS D 458 31.86 1.70 -19.04
CA LYS D 458 32.45 2.89 -18.44
C LYS D 458 33.69 3.32 -19.20
N SER D 459 34.48 2.37 -19.68
CA SER D 459 35.84 2.65 -20.13
C SER D 459 36.28 1.68 -21.20
N ILE D 460 36.98 2.21 -22.19
CA ILE D 460 37.61 1.42 -23.25
C ILE D 460 39.03 1.93 -23.48
N TYR D 461 40.01 1.22 -22.95
CA TYR D 461 41.40 1.48 -23.24
C TYR D 461 41.84 0.77 -24.50
N PHE D 462 42.71 1.41 -25.27
CA PHE D 462 43.26 0.79 -26.47
C PHE D 462 44.49 1.51 -27.01
N ARG D 463 45.55 0.74 -27.25
CA ARG D 463 46.62 1.01 -28.21
C ARG D 463 47.64 -0.11 -28.04
N ARG D 464 48.52 -0.28 -29.01
CA ARG D 464 49.67 -1.17 -28.89
C ARG D 464 50.38 -0.99 -27.56
N GLY D 465 50.50 -2.07 -26.80
CA GLY D 465 51.16 -2.02 -25.52
C GLY D 465 50.30 -1.39 -24.46
N SER D 466 49.16 -2.02 -24.16
CA SER D 466 48.23 -1.48 -23.18
C SER D 466 47.60 -2.53 -22.27
N LEU D 467 48.00 -3.79 -22.37
CA LEU D 467 47.45 -4.81 -21.49
C LEU D 467 48.09 -4.79 -20.11
N PRO D 468 49.41 -4.63 -19.96
CA PRO D 468 49.96 -4.58 -18.60
C PRO D 468 49.62 -3.31 -17.85
N ILE D 469 49.63 -2.15 -18.52
CA ILE D 469 49.47 -0.88 -17.83
C ILE D 469 48.09 -0.80 -17.21
N ALA D 470 47.06 -1.07 -18.00
CA ALA D 470 45.70 -1.00 -17.49
C ALA D 470 45.47 -2.01 -16.39
N LEU D 471 46.11 -3.17 -16.51
CA LEU D 471 45.88 -4.23 -15.54
C LEU D 471 46.59 -3.99 -14.23
N ASP D 472 47.42 -2.95 -14.15
CA ASP D 472 47.93 -2.49 -12.86
C ASP D 472 46.90 -1.65 -12.12
N GLU D 473 45.99 -1.00 -12.84
CA GLU D 473 44.96 -0.19 -12.21
C GLU D 473 43.96 -1.00 -11.41
N VAL D 474 43.88 -2.31 -11.65
CA VAL D 474 42.95 -3.16 -10.91
C VAL D 474 43.48 -3.60 -9.55
N ILE D 475 44.79 -3.55 -9.33
CA ILE D 475 45.39 -4.02 -8.08
C ILE D 475 45.74 -2.88 -7.13
N THR D 476 45.97 -1.67 -7.63
CA THR D 476 46.15 -0.55 -6.71
C THR D 476 44.87 -0.30 -5.92
N ASP D 477 43.74 -0.30 -6.60
CA ASP D 477 42.46 -0.30 -5.91
C ASP D 477 42.23 -1.65 -5.26
N GLY D 478 41.31 -1.68 -4.30
CA GLY D 478 41.13 -2.87 -3.49
C GLY D 478 40.54 -4.03 -4.25
N HIS D 479 41.39 -5.01 -4.56
CA HIS D 479 40.98 -6.26 -5.18
C HIS D 479 42.03 -7.30 -4.86
N LYS D 480 41.58 -8.46 -4.38
CA LYS D 480 42.45 -9.48 -3.81
C LYS D 480 42.47 -10.77 -4.60
N ARG D 481 41.31 -11.29 -4.97
CA ARG D 481 41.17 -12.62 -5.56
C ARG D 481 40.62 -12.49 -6.97
N ALA D 482 41.15 -13.33 -7.88
CA ALA D 482 40.86 -13.20 -9.30
C ALA D 482 40.69 -14.56 -9.94
N LEU D 483 39.53 -14.78 -10.53
CA LEU D 483 39.23 -15.93 -11.36
C LEU D 483 39.49 -15.59 -12.82
N ILE D 484 39.76 -16.61 -13.62
CA ILE D 484 40.01 -16.45 -15.05
C ILE D 484 39.22 -17.50 -15.80
N VAL D 485 38.78 -17.15 -17.01
CA VAL D 485 38.12 -18.06 -17.94
C VAL D 485 38.88 -18.01 -19.25
N THR D 486 38.95 -19.15 -19.93
CA THR D 486 39.77 -19.28 -21.12
C THR D 486 39.34 -20.51 -21.90
N ASP D 487 39.64 -20.50 -23.18
CA ASP D 487 39.48 -21.67 -24.04
C ASP D 487 40.62 -22.64 -23.76
N ARG D 488 40.75 -23.66 -24.61
CA ARG D 488 41.78 -24.68 -24.43
C ARG D 488 43.08 -24.27 -25.12
N PHE D 489 43.01 -23.95 -26.41
CA PHE D 489 44.20 -23.58 -27.17
C PHE D 489 44.92 -22.37 -26.60
N LEU D 490 44.24 -21.55 -25.80
CA LEU D 490 44.83 -20.39 -25.17
C LEU D 490 45.43 -20.70 -23.80
N PHE D 491 45.67 -21.97 -23.48
CA PHE D 491 46.28 -22.36 -22.23
C PHE D 491 47.44 -23.31 -22.41
N ASN D 492 47.44 -24.12 -23.47
CA ASN D 492 48.60 -24.94 -23.80
C ASN D 492 49.68 -24.15 -24.53
N ASN D 493 49.46 -22.86 -24.78
CA ASN D 493 50.49 -21.95 -25.27
C ASN D 493 50.58 -20.77 -24.32
N GLY D 494 51.48 -19.83 -24.66
CA GLY D 494 51.85 -18.81 -23.71
C GLY D 494 51.04 -17.54 -23.75
N TYR D 495 49.74 -17.63 -24.03
CA TYR D 495 48.87 -16.45 -24.00
C TYR D 495 48.30 -16.20 -22.61
N ALA D 496 48.00 -17.26 -21.86
CA ALA D 496 47.30 -17.10 -20.59
C ALA D 496 48.21 -16.67 -19.46
N ASP D 497 49.49 -17.04 -19.52
CA ASP D 497 50.42 -16.63 -18.47
C ASP D 497 50.66 -15.12 -18.47
N GLN D 498 50.45 -14.46 -19.61
CA GLN D 498 50.81 -13.05 -19.78
C GLN D 498 49.99 -12.10 -18.90
N ILE D 499 48.88 -12.58 -18.31
CA ILE D 499 48.14 -11.83 -17.29
C ILE D 499 48.15 -12.52 -15.94
N THR D 500 48.88 -13.63 -15.81
CA THR D 500 49.04 -14.31 -14.53
C THR D 500 50.33 -13.94 -13.82
N SER D 501 51.43 -13.82 -14.57
CA SER D 501 52.71 -13.47 -13.97
C SER D 501 52.67 -12.06 -13.39
N VAL D 502 52.23 -11.09 -14.17
CA VAL D 502 52.21 -9.69 -13.72
C VAL D 502 51.20 -9.44 -12.62
N LEU D 503 50.30 -10.37 -12.36
CA LEU D 503 49.43 -10.30 -11.19
C LEU D 503 50.07 -10.91 -9.96
N LYS D 504 50.70 -12.07 -10.11
CA LYS D 504 51.15 -12.85 -8.97
C LYS D 504 52.25 -12.15 -8.18
N ALA D 505 52.97 -11.22 -8.80
CA ALA D 505 54.05 -10.52 -8.12
C ALA D 505 53.53 -9.73 -6.93
N ALA D 506 52.59 -8.82 -7.18
CA ALA D 506 52.00 -8.06 -6.09
C ALA D 506 51.20 -8.94 -5.15
N GLY D 507 50.74 -10.09 -5.62
CA GLY D 507 50.13 -11.09 -4.78
C GLY D 507 48.62 -11.11 -4.82
N VAL D 508 48.08 -11.99 -5.66
CA VAL D 508 46.64 -12.22 -5.76
C VAL D 508 46.44 -13.65 -6.22
N GLU D 509 45.54 -14.36 -5.56
CA GLU D 509 45.31 -15.76 -5.86
C GLU D 509 44.67 -15.90 -7.24
N THR D 510 45.13 -16.91 -7.99
CA THR D 510 44.66 -17.15 -9.35
C THR D 510 44.36 -18.62 -9.55
N GLU D 511 43.27 -18.89 -10.27
CA GLU D 511 42.96 -20.22 -10.74
C GLU D 511 42.43 -20.15 -12.16
N VAL D 512 42.82 -21.11 -12.96
CA VAL D 512 42.44 -21.20 -14.36
C VAL D 512 41.36 -22.26 -14.49
N PHE D 513 40.52 -22.12 -15.52
CA PHE D 513 39.32 -22.94 -15.69
C PHE D 513 39.15 -23.17 -17.19
N PHE D 514 39.55 -24.35 -17.67
CA PHE D 514 39.66 -24.63 -19.11
C PHE D 514 38.94 -25.94 -19.46
N GLU D 515 37.65 -25.84 -19.73
CA GLU D 515 37.01 -26.91 -20.49
C GLU D 515 35.95 -26.39 -21.45
N VAL D 516 35.88 -25.09 -21.69
CA VAL D 516 34.85 -24.54 -22.56
C VAL D 516 35.08 -25.01 -23.99
N GLU D 517 34.03 -25.48 -24.62
CA GLU D 517 34.09 -26.05 -25.95
C GLU D 517 33.87 -24.92 -26.97
N ALA D 518 33.75 -25.27 -28.25
CA ALA D 518 33.43 -24.30 -29.27
C ALA D 518 32.06 -23.67 -29.07
N ASP D 519 31.19 -24.30 -28.30
CA ASP D 519 29.94 -23.70 -27.86
C ASP D 519 29.65 -24.10 -26.42
N PRO D 520 28.87 -23.32 -25.68
CA PRO D 520 28.46 -23.73 -24.34
C PRO D 520 27.26 -24.67 -24.39
N THR D 521 27.08 -25.43 -23.31
CA THR D 521 26.26 -26.64 -23.35
C THR D 521 25.36 -26.81 -22.12
N LEU D 522 25.44 -25.92 -21.13
CA LEU D 522 24.59 -25.87 -19.93
C LEU D 522 24.94 -26.92 -18.89
N SER D 523 25.80 -27.88 -19.23
CA SER D 523 26.38 -28.77 -18.23
C SER D 523 27.76 -28.29 -17.80
N ILE D 524 28.42 -27.54 -18.68
CA ILE D 524 29.74 -27.01 -18.37
C ILE D 524 29.63 -25.76 -17.52
N VAL D 525 28.80 -24.81 -17.96
CA VAL D 525 28.63 -23.55 -17.26
C VAL D 525 28.17 -23.74 -15.82
N ARG D 526 27.42 -24.80 -15.55
CA ARG D 526 26.98 -25.06 -14.19
C ARG D 526 28.14 -25.52 -13.33
N LYS D 527 29.07 -26.26 -13.91
CA LYS D 527 30.25 -26.69 -13.18
C LYS D 527 31.07 -25.50 -12.71
N GLY D 528 31.17 -24.47 -13.55
CA GLY D 528 31.91 -23.29 -13.17
C GLY D 528 31.28 -22.53 -12.03
N ALA D 529 29.96 -22.59 -11.92
CA ALA D 529 29.29 -21.97 -10.78
C ALA D 529 29.65 -22.71 -9.49
N GLU D 530 29.79 -24.03 -9.58
CA GLU D 530 30.18 -24.84 -8.43
C GLU D 530 31.60 -24.55 -8.00
N LEU D 531 32.44 -24.07 -8.93
CA LEU D 531 33.80 -23.68 -8.57
C LEU D 531 33.84 -22.27 -8.00
N ALA D 532 32.98 -21.40 -8.49
CA ALA D 532 33.02 -20.00 -8.08
C ALA D 532 32.51 -19.80 -6.66
N ASN D 533 31.43 -20.47 -6.29
CA ASN D 533 30.85 -20.29 -4.97
C ASN D 533 31.53 -21.12 -3.89
N SER D 534 32.67 -21.73 -4.20
CA SER D 534 33.55 -22.34 -3.20
C SER D 534 34.89 -21.63 -3.10
N PHE D 535 35.02 -20.45 -3.71
CA PHE D 535 36.24 -19.65 -3.69
C PHE D 535 36.00 -18.20 -3.29
N LYS D 536 34.83 -17.65 -3.60
CA LYS D 536 34.44 -16.28 -3.26
C LYS D 536 35.38 -15.26 -3.88
N PRO D 537 35.45 -15.19 -5.20
CA PRO D 537 36.31 -14.20 -5.85
C PRO D 537 35.67 -12.82 -5.84
N ASP D 538 36.39 -11.87 -6.43
CA ASP D 538 35.94 -10.50 -6.55
C ASP D 538 36.14 -9.90 -7.93
N VAL D 539 36.98 -10.47 -8.77
CA VAL D 539 37.28 -9.93 -10.09
C VAL D 539 37.33 -11.06 -11.11
N ILE D 540 36.26 -11.20 -11.89
CA ILE D 540 36.27 -12.13 -13.00
C ILE D 540 36.99 -11.48 -14.17
N ILE D 541 37.73 -12.29 -14.93
CA ILE D 541 38.49 -11.84 -16.09
C ILE D 541 38.26 -12.86 -17.18
N ALA D 542 37.65 -12.43 -18.27
CA ALA D 542 37.46 -13.27 -19.43
C ALA D 542 38.67 -13.18 -20.35
N LEU D 543 38.62 -14.00 -21.39
CA LEU D 543 39.63 -14.02 -22.44
C LEU D 543 39.12 -14.94 -23.53
N GLY D 544 39.44 -14.60 -24.76
CA GLY D 544 39.00 -15.34 -25.92
C GLY D 544 38.02 -14.55 -26.75
N GLY D 545 37.69 -15.13 -27.89
CA GLY D 545 36.83 -14.48 -28.85
C GLY D 545 35.56 -15.26 -29.05
N GLY D 546 34.45 -14.69 -28.63
CA GLY D 546 33.16 -15.28 -28.92
C GLY D 546 32.74 -16.33 -27.92
N SER D 547 33.05 -17.57 -28.25
CA SER D 547 32.49 -18.72 -27.53
C SER D 547 32.70 -18.71 -26.02
N PRO D 548 33.83 -18.33 -25.46
CA PRO D 548 33.95 -18.37 -24.01
C PRO D 548 33.26 -17.20 -23.33
N MET D 549 33.29 -16.03 -23.98
CA MET D 549 32.76 -14.83 -23.36
C MET D 549 31.26 -14.90 -23.19
N ASP D 550 30.56 -15.57 -24.09
CA ASP D 550 29.14 -15.82 -23.91
C ASP D 550 28.87 -16.67 -22.67
N ALA D 551 29.82 -17.47 -22.23
CA ALA D 551 29.65 -18.32 -21.06
C ALA D 551 30.13 -17.67 -19.78
N ALA D 552 30.90 -16.59 -19.87
CA ALA D 552 31.36 -15.87 -18.69
C ALA D 552 30.40 -14.78 -18.25
N LYS D 553 29.30 -14.59 -18.98
CA LYS D 553 28.22 -13.73 -18.52
C LYS D 553 27.08 -14.52 -17.88
N ILE D 554 27.04 -15.83 -18.08
CA ILE D 554 26.12 -16.69 -17.36
C ILE D 554 26.75 -17.16 -16.06
N MET D 555 28.06 -17.45 -16.07
CA MET D 555 28.73 -17.93 -14.87
C MET D 555 28.75 -16.88 -13.76
N TRP D 556 28.51 -15.62 -14.09
CA TRP D 556 28.49 -14.55 -13.11
C TRP D 556 27.10 -14.38 -12.50
N VAL D 557 26.05 -14.54 -13.28
CA VAL D 557 24.74 -14.16 -12.79
C VAL D 557 24.16 -15.22 -11.86
N MET D 558 24.48 -16.49 -12.06
CA MET D 558 24.06 -17.56 -11.16
C MET D 558 25.04 -17.77 -10.01
N TYR D 559 26.06 -16.92 -9.89
CA TYR D 559 26.95 -16.88 -8.75
C TYR D 559 26.58 -15.80 -7.75
N GLU D 560 25.98 -14.72 -8.24
CA GLU D 560 25.46 -13.64 -7.42
C GLU D 560 24.01 -13.87 -7.00
N HIS D 561 23.34 -14.86 -7.56
CA HIS D 561 21.91 -15.09 -7.30
C HIS D 561 21.62 -16.57 -7.46
N PRO D 562 22.08 -17.40 -6.51
CA PRO D 562 21.97 -18.85 -6.73
C PRO D 562 20.55 -19.36 -6.72
N GLU D 563 19.70 -18.84 -5.84
CA GLU D 563 18.34 -19.37 -5.71
C GLU D 563 17.50 -19.16 -6.95
N THR D 564 17.92 -18.30 -7.87
CA THR D 564 17.20 -18.07 -9.11
C THR D 564 17.63 -19.12 -10.14
N HIS D 565 16.66 -19.80 -10.73
CA HIS D 565 16.92 -20.85 -11.69
C HIS D 565 17.29 -20.25 -13.03
N PHE D 566 17.35 -21.09 -14.06
CA PHE D 566 17.58 -20.68 -15.44
C PHE D 566 16.33 -20.80 -16.30
N GLU D 567 15.22 -21.30 -15.75
CA GLU D 567 13.96 -21.35 -16.46
C GLU D 567 13.11 -20.11 -16.27
N GLU D 568 13.51 -19.21 -15.37
CA GLU D 568 12.85 -17.92 -15.23
C GLU D 568 13.51 -16.84 -16.07
N LEU D 569 14.81 -16.96 -16.32
CA LEU D 569 15.53 -16.01 -17.15
C LEU D 569 15.55 -16.41 -18.61
N ALA D 570 14.51 -17.12 -19.07
CA ALA D 570 14.35 -17.42 -20.47
C ALA D 570 12.92 -17.19 -20.95
N LEU D 571 12.10 -16.50 -20.17
CA LEU D 571 10.76 -16.12 -20.58
C LEU D 571 10.42 -14.68 -20.31
N ARG D 572 11.17 -13.99 -19.46
CA ARG D 572 11.01 -12.55 -19.27
C ARG D 572 11.86 -11.76 -20.25
N PHE D 573 13.15 -12.07 -20.31
CA PHE D 573 14.12 -11.32 -21.08
C PHE D 573 14.57 -12.13 -22.28
N MET D 574 13.99 -11.82 -23.44
CA MET D 574 14.39 -12.47 -24.68
C MET D 574 14.45 -11.53 -25.87
N ASP D 575 14.16 -10.25 -25.72
CA ASP D 575 14.28 -9.30 -26.83
C ASP D 575 14.41 -7.89 -26.27
N ILE D 576 15.39 -7.14 -26.77
CA ILE D 576 15.72 -5.83 -26.20
C ILE D 576 14.91 -4.79 -26.95
N ARG D 577 13.63 -4.75 -26.66
CA ARG D 577 12.81 -3.58 -26.89
C ARG D 577 11.84 -3.31 -25.76
N LYS D 578 11.48 -4.33 -24.99
CA LYS D 578 10.65 -4.15 -23.82
C LYS D 578 11.47 -3.49 -22.73
N ARG D 579 10.77 -2.76 -21.86
CA ARG D 579 11.41 -2.10 -20.75
C ARG D 579 10.54 -2.19 -19.51
N ILE D 580 9.64 -3.17 -19.46
CA ILE D 580 8.67 -3.25 -18.37
C ILE D 580 9.28 -3.95 -17.17
N TYR D 581 9.65 -5.21 -17.35
CA TYR D 581 10.18 -6.03 -16.27
C TYR D 581 11.68 -5.76 -16.16
N LYS D 582 12.14 -5.55 -14.93
CA LYS D 582 13.53 -5.21 -14.68
C LYS D 582 14.32 -6.42 -14.22
N PHE D 583 15.63 -6.27 -14.26
CA PHE D 583 16.63 -7.28 -13.94
C PHE D 583 17.12 -7.07 -12.51
N PRO D 584 17.43 -8.12 -11.75
CA PRO D 584 17.99 -7.90 -10.42
C PRO D 584 19.35 -7.22 -10.49
N LYS D 585 19.59 -6.30 -9.56
CA LYS D 585 20.77 -5.46 -9.64
C LYS D 585 22.03 -6.29 -9.51
N MET D 586 23.01 -5.97 -10.35
CA MET D 586 24.27 -6.67 -10.40
C MET D 586 25.41 -5.69 -10.16
N GLY D 587 26.52 -6.22 -9.68
CA GLY D 587 27.67 -5.43 -9.33
C GLY D 587 27.90 -5.25 -7.85
N VAL D 588 27.39 -6.16 -7.02
CA VAL D 588 27.61 -6.06 -5.59
C VAL D 588 28.99 -6.57 -5.23
N LYS D 589 29.24 -7.85 -5.47
CA LYS D 589 30.44 -8.54 -5.05
C LYS D 589 31.25 -9.02 -6.23
N ALA D 590 31.32 -8.20 -7.28
CA ALA D 590 32.14 -8.50 -8.44
C ALA D 590 32.16 -7.30 -9.37
N LYS D 591 33.04 -7.36 -10.35
CA LYS D 591 32.98 -6.47 -11.50
C LYS D 591 33.85 -7.10 -12.58
N MET D 592 33.34 -7.11 -13.80
CA MET D 592 33.81 -8.00 -14.86
C MET D 592 34.67 -7.24 -15.86
N ILE D 593 35.91 -7.66 -15.99
CA ILE D 593 36.84 -7.19 -17.00
C ILE D 593 36.59 -8.06 -18.23
N ALA D 594 37.14 -7.68 -19.38
CA ALA D 594 37.05 -8.50 -20.58
C ALA D 594 38.14 -8.10 -21.54
N VAL D 595 38.54 -9.05 -22.37
CA VAL D 595 39.66 -8.89 -23.30
C VAL D 595 39.30 -9.60 -24.59
N THR D 596 39.83 -9.11 -25.71
CA THR D 596 39.71 -9.75 -27.01
C THR D 596 41.03 -10.38 -27.41
N THR D 597 40.94 -11.28 -28.39
CA THR D 597 42.12 -11.91 -28.98
C THR D 597 42.07 -12.03 -30.49
N THR D 598 40.93 -11.81 -31.13
CA THR D 598 40.81 -11.94 -32.58
C THR D 598 40.05 -10.76 -33.13
N SER D 599 40.41 -10.40 -34.36
CA SER D 599 39.89 -9.20 -35.00
C SER D 599 38.74 -9.59 -35.89
N GLY D 600 37.55 -9.13 -35.53
CA GLY D 600 36.37 -9.41 -36.32
C GLY D 600 35.16 -9.87 -35.53
N THR D 601 35.16 -9.68 -34.22
CA THR D 601 33.98 -9.96 -33.42
C THR D 601 33.89 -8.99 -32.27
N GLY D 602 32.81 -8.22 -32.25
CA GLY D 602 32.56 -7.27 -31.19
C GLY D 602 31.68 -7.84 -30.11
N SER D 603 32.22 -8.77 -29.34
CA SER D 603 31.49 -9.41 -28.27
C SER D 603 31.85 -8.88 -26.89
N GLU D 604 32.61 -7.80 -26.80
CA GLU D 604 33.07 -7.27 -25.54
C GLU D 604 32.21 -6.16 -24.97
N VAL D 605 31.49 -5.42 -25.81
CA VAL D 605 30.72 -4.26 -25.38
C VAL D 605 29.26 -4.40 -25.78
N THR D 606 28.79 -5.63 -25.93
CA THR D 606 27.47 -5.90 -26.43
C THR D 606 26.72 -6.82 -25.47
N PRO D 607 25.48 -6.56 -25.16
CA PRO D 607 24.70 -7.42 -24.27
C PRO D 607 23.96 -8.57 -24.94
N PHE D 608 24.69 -9.65 -25.19
CA PHE D 608 24.08 -10.84 -25.74
C PHE D 608 24.73 -12.06 -25.14
N ALA D 609 24.07 -13.20 -25.32
CA ALA D 609 24.51 -14.43 -24.70
C ALA D 609 23.70 -15.57 -25.31
N VAL D 610 24.37 -16.70 -25.51
CA VAL D 610 23.75 -17.88 -26.08
C VAL D 610 24.09 -19.06 -25.22
N VAL D 611 23.10 -19.92 -25.00
CA VAL D 611 23.24 -21.09 -24.14
C VAL D 611 22.41 -22.20 -24.77
N THR D 612 23.07 -23.25 -25.22
CA THR D 612 22.40 -24.42 -25.78
C THR D 612 22.23 -25.47 -24.69
N ASP D 613 21.04 -26.05 -24.64
CA ASP D 613 20.80 -27.20 -23.78
C ASP D 613 21.27 -28.46 -24.50
N ASP D 614 21.57 -29.49 -23.71
CA ASP D 614 22.20 -30.69 -24.24
C ASP D 614 21.20 -31.78 -24.55
N ALA D 615 20.11 -31.86 -23.79
CA ALA D 615 19.15 -32.94 -23.97
C ALA D 615 18.39 -32.80 -25.28
N THR D 616 17.65 -31.69 -25.42
CA THR D 616 16.80 -31.51 -26.59
C THR D 616 17.55 -30.93 -27.79
N GLY D 617 18.33 -29.87 -27.57
CA GLY D 617 19.00 -29.17 -28.64
C GLY D 617 18.41 -27.81 -28.94
N GLN D 618 17.79 -27.19 -27.94
CA GLN D 618 17.13 -25.91 -28.10
C GLN D 618 18.03 -24.79 -27.56
N LYS D 619 17.78 -23.58 -28.04
CA LYS D 619 18.46 -22.38 -27.59
C LYS D 619 17.59 -21.57 -26.65
N TYR D 620 18.21 -20.91 -25.68
CA TYR D 620 17.53 -20.07 -24.70
C TYR D 620 18.26 -18.73 -24.64
N PRO D 621 18.06 -17.85 -25.61
CA PRO D 621 18.84 -16.61 -25.65
C PRO D 621 18.42 -15.63 -24.57
N LEU D 622 19.40 -14.86 -24.11
CA LEU D 622 19.21 -13.82 -23.11
C LEU D 622 19.64 -12.47 -23.67
N ALA D 623 19.03 -11.41 -23.16
CA ALA D 623 19.47 -10.06 -23.50
C ALA D 623 18.90 -9.01 -22.57
N ASP D 624 19.76 -8.31 -21.85
CA ASP D 624 19.36 -7.08 -21.17
C ASP D 624 20.61 -6.29 -20.80
N TYR D 625 20.42 -5.00 -20.61
CA TYR D 625 21.54 -4.08 -20.51
C TYR D 625 22.10 -4.01 -19.09
N ALA D 626 22.44 -5.16 -18.52
CA ALA D 626 23.23 -5.17 -17.31
C ALA D 626 24.25 -6.30 -17.28
N LEU D 627 24.36 -7.09 -18.34
CA LEU D 627 25.49 -7.98 -18.52
C LEU D 627 26.64 -7.32 -19.23
N THR D 628 26.65 -6.01 -19.29
CA THR D 628 27.76 -5.36 -19.94
C THR D 628 28.98 -5.40 -19.03
N PRO D 629 30.15 -5.67 -19.57
CA PRO D 629 31.36 -5.52 -18.78
C PRO D 629 31.59 -4.08 -18.36
N ASP D 630 32.17 -3.93 -17.18
CA ASP D 630 32.54 -2.63 -16.66
C ASP D 630 33.96 -2.24 -17.06
N MET D 631 34.50 -2.87 -18.09
CA MET D 631 35.80 -2.52 -18.64
C MET D 631 36.01 -3.35 -19.90
N ALA D 632 36.81 -2.82 -20.81
CA ALA D 632 37.24 -3.57 -21.97
C ALA D 632 38.63 -3.10 -22.37
N ILE D 633 39.39 -4.01 -22.95
CA ILE D 633 40.79 -3.80 -23.25
C ILE D 633 41.11 -4.32 -24.62
N VAL D 634 41.20 -3.43 -25.60
CA VAL D 634 41.47 -3.79 -26.98
C VAL D 634 42.94 -3.60 -27.24
N ASP D 635 43.69 -4.69 -27.22
CA ASP D 635 45.10 -4.71 -27.54
C ASP D 635 45.34 -5.35 -28.89
N ALA D 636 46.47 -4.98 -29.49
CA ALA D 636 46.88 -5.46 -30.80
C ALA D 636 48.12 -6.34 -30.75
N ASN D 637 48.76 -6.48 -29.59
CA ASN D 637 49.95 -7.30 -29.48
C ASN D 637 49.62 -8.78 -29.38
N LEU D 638 48.46 -9.11 -28.83
CA LEU D 638 48.06 -10.49 -28.74
C LEU D 638 47.71 -11.08 -30.10
N VAL D 639 47.55 -10.26 -31.12
CA VAL D 639 47.25 -10.73 -32.47
C VAL D 639 48.31 -10.14 -33.40
N MET D 640 49.40 -10.89 -33.57
CA MET D 640 50.35 -10.65 -34.63
C MET D 640 50.86 -11.94 -35.26
N ASP D 641 50.46 -13.10 -34.74
CA ASP D 641 51.03 -14.38 -35.13
C ASP D 641 49.99 -15.32 -35.72
N MET D 642 48.72 -14.96 -35.69
CA MET D 642 47.69 -15.88 -36.14
C MET D 642 47.78 -16.08 -37.65
N PRO D 643 47.44 -17.26 -38.15
CA PRO D 643 47.68 -17.56 -39.56
C PRO D 643 46.72 -16.78 -40.44
N LYS D 644 47.03 -16.80 -41.73
CA LYS D 644 46.22 -16.08 -42.71
C LYS D 644 45.13 -16.98 -43.29
N SER D 645 44.38 -17.59 -42.38
CA SER D 645 43.06 -18.12 -42.69
C SER D 645 42.08 -17.81 -41.57
N LEU D 646 42.42 -16.89 -40.67
CA LEU D 646 41.51 -16.41 -39.63
C LEU D 646 41.57 -14.89 -39.50
N CYS D 647 42.08 -14.20 -40.52
CA CYS D 647 41.95 -12.75 -40.65
C CYS D 647 41.03 -12.36 -41.77
N ALA D 648 40.30 -13.32 -42.35
CA ALA D 648 39.27 -13.06 -43.34
C ALA D 648 37.90 -13.51 -42.87
N PHE D 649 37.81 -14.71 -42.32
CA PHE D 649 36.56 -15.16 -41.73
C PHE D 649 36.11 -14.25 -40.61
N GLY D 650 37.04 -13.61 -39.93
CA GLY D 650 36.71 -12.69 -38.88
C GLY D 650 36.43 -11.32 -39.44
N GLY D 651 37.29 -10.88 -40.36
CA GLY D 651 37.19 -9.53 -40.86
C GLY D 651 35.90 -9.27 -41.61
N LEU D 652 35.49 -10.23 -42.43
CA LEU D 652 34.24 -10.06 -43.16
C LEU D 652 33.03 -10.09 -42.26
N ASP D 653 33.17 -10.48 -40.99
CA ASP D 653 32.05 -10.37 -40.08
C ASP D 653 31.81 -8.92 -39.69
N ALA D 654 32.90 -8.15 -39.54
CA ALA D 654 32.75 -6.76 -39.13
C ALA D 654 32.02 -5.94 -40.18
N VAL D 655 32.40 -6.12 -41.45
CA VAL D 655 31.72 -5.45 -42.54
C VAL D 655 30.23 -5.74 -42.49
N THR D 656 29.86 -6.98 -42.24
CA THR D 656 28.47 -7.34 -42.16
C THR D 656 27.85 -6.97 -40.82
N HIS D 657 28.67 -6.83 -39.78
CA HIS D 657 28.13 -6.35 -38.52
C HIS D 657 27.84 -4.85 -38.54
N ALA D 658 28.25 -4.14 -39.59
CA ALA D 658 28.09 -2.70 -39.69
C ALA D 658 27.17 -2.26 -40.79
N MET D 659 27.10 -3.00 -41.90
CA MET D 659 26.22 -2.67 -43.00
C MET D 659 24.81 -3.20 -42.80
N GLU D 660 24.41 -3.44 -41.55
CA GLU D 660 23.03 -3.67 -41.18
C GLU D 660 22.55 -2.73 -40.09
N ALA D 661 23.45 -2.03 -39.41
CA ALA D 661 23.09 -1.03 -38.44
C ALA D 661 22.91 0.35 -39.04
N TYR D 662 23.10 0.50 -40.35
CA TYR D 662 22.86 1.74 -41.05
C TYR D 662 21.61 1.69 -41.91
N VAL D 663 20.84 0.62 -41.82
CA VAL D 663 19.63 0.44 -42.61
C VAL D 663 18.45 0.01 -41.77
N SER D 664 18.67 -0.42 -40.54
CA SER D 664 17.61 -1.00 -39.73
C SER D 664 16.61 0.07 -39.33
N VAL D 665 15.66 -0.34 -38.50
CA VAL D 665 14.51 0.46 -38.12
C VAL D 665 14.64 1.00 -36.70
N LEU D 666 15.83 0.90 -36.10
CA LEU D 666 16.09 1.48 -34.79
C LEU D 666 17.21 2.51 -34.79
N ALA D 667 17.80 2.82 -35.94
CA ALA D 667 18.96 3.68 -35.96
C ALA D 667 18.58 5.11 -35.63
N SER D 668 19.42 5.73 -34.83
CA SER D 668 19.32 7.13 -34.48
C SER D 668 20.41 7.90 -35.22
N GLU D 669 20.57 9.16 -34.87
CA GLU D 669 21.68 9.98 -35.35
C GLU D 669 22.95 9.79 -34.52
N PHE D 670 22.92 8.94 -33.50
CA PHE D 670 24.11 8.57 -32.74
C PHE D 670 24.87 7.43 -33.41
N SER D 671 24.18 6.32 -33.66
CA SER D 671 24.81 5.07 -34.05
C SER D 671 25.04 4.95 -35.54
N ASP D 672 25.09 6.05 -36.27
CA ASP D 672 25.37 6.03 -37.69
C ASP D 672 26.78 6.49 -38.00
N GLY D 673 27.26 7.53 -37.31
CA GLY D 673 28.58 8.05 -37.62
C GLY D 673 29.67 7.06 -37.31
N GLN D 674 29.49 6.25 -36.27
CA GLN D 674 30.48 5.26 -35.93
C GLN D 674 30.44 4.08 -36.89
N ALA D 675 29.24 3.66 -37.28
CA ALA D 675 29.11 2.54 -38.18
C ALA D 675 29.48 2.88 -39.61
N LEU D 676 29.80 4.13 -39.90
CA LEU D 676 30.39 4.51 -41.17
C LEU D 676 31.90 4.58 -41.09
N GLN D 677 32.45 4.85 -39.90
CA GLN D 677 33.90 4.89 -39.75
C GLN D 677 34.52 3.51 -39.89
N ALA D 678 33.72 2.44 -39.87
CA ALA D 678 34.26 1.10 -40.02
C ALA D 678 34.53 0.77 -41.47
N LEU D 679 33.61 1.09 -42.37
CA LEU D 679 33.78 0.72 -43.76
C LEU D 679 34.94 1.45 -44.40
N LYS D 680 35.18 2.70 -44.03
CA LYS D 680 36.24 3.46 -44.68
C LYS D 680 37.60 2.91 -44.30
N LEU D 681 37.77 2.48 -43.05
CA LEU D 681 39.03 1.90 -42.64
C LEU D 681 39.28 0.55 -43.28
N LEU D 682 38.22 -0.25 -43.44
CA LEU D 682 38.38 -1.63 -43.83
C LEU D 682 38.61 -1.84 -45.31
N LYS D 683 38.59 -0.78 -46.12
CA LYS D 683 38.92 -0.91 -47.53
C LYS D 683 40.35 -0.51 -47.84
N GLU D 684 40.99 0.30 -46.99
CA GLU D 684 42.32 0.81 -47.25
C GLU D 684 43.41 0.05 -46.54
N TYR D 685 43.07 -0.93 -45.70
CA TYR D 685 44.08 -1.71 -44.98
C TYR D 685 43.85 -3.21 -44.95
N LEU D 686 42.67 -3.72 -45.29
CA LEU D 686 42.46 -5.15 -45.19
C LEU D 686 43.23 -5.92 -46.26
N PRO D 687 43.21 -5.50 -47.53
CA PRO D 687 44.02 -6.21 -48.53
C PRO D 687 45.51 -6.17 -48.26
N ALA D 688 45.97 -5.33 -47.34
CA ALA D 688 47.37 -5.32 -46.94
C ALA D 688 47.67 -6.27 -45.81
N SER D 689 46.70 -6.51 -44.92
CA SER D 689 46.92 -7.37 -43.76
C SER D 689 46.62 -8.83 -44.03
N TYR D 690 46.61 -9.24 -45.27
CA TYR D 690 46.47 -10.64 -45.66
C TYR D 690 47.55 -11.07 -46.61
N HIS D 691 48.02 -10.18 -47.49
CA HIS D 691 49.10 -10.51 -48.40
C HIS D 691 50.45 -10.48 -47.71
N GLU D 692 50.60 -9.72 -46.63
CA GLU D 692 51.89 -9.46 -46.01
C GLU D 692 51.99 -10.08 -44.63
N GLY D 693 51.07 -9.71 -43.74
CA GLY D 693 51.12 -10.18 -42.37
C GLY D 693 51.90 -9.27 -41.46
N SER D 694 52.74 -9.85 -40.61
CA SER D 694 53.44 -9.11 -39.58
C SER D 694 54.43 -8.08 -40.11
N LYS D 695 54.76 -8.14 -41.39
CA LYS D 695 55.68 -7.14 -41.95
C LYS D 695 55.06 -5.76 -42.02
N ASN D 696 53.74 -5.64 -41.88
CA ASN D 696 53.03 -4.36 -41.87
C ASN D 696 52.44 -4.15 -40.49
N PRO D 697 53.24 -3.73 -39.50
CA PRO D 697 52.78 -3.72 -38.12
C PRO D 697 51.83 -2.58 -37.78
N VAL D 698 51.48 -1.74 -38.75
CA VAL D 698 50.59 -0.60 -38.51
C VAL D 698 49.21 -0.97 -39.02
N ALA D 699 49.15 -1.74 -40.10
CA ALA D 699 47.87 -2.09 -40.70
C ALA D 699 47.00 -2.89 -39.72
N ARG D 700 47.56 -3.96 -39.15
CA ARG D 700 46.78 -4.82 -38.28
C ARG D 700 46.25 -4.09 -37.07
N GLU D 701 46.91 -3.01 -36.65
CA GLU D 701 46.48 -2.33 -35.44
C GLU D 701 45.20 -1.55 -35.64
N ARG D 702 44.87 -1.17 -36.87
CA ARG D 702 43.66 -0.43 -37.14
C ARG D 702 42.45 -1.34 -37.34
N VAL D 703 42.63 -2.44 -38.06
CA VAL D 703 41.56 -3.40 -38.25
C VAL D 703 41.05 -3.88 -36.91
N HIS D 704 41.95 -4.37 -36.07
CA HIS D 704 41.56 -4.81 -34.74
C HIS D 704 41.04 -3.66 -33.88
N SER D 705 41.33 -2.42 -34.24
CA SER D 705 40.71 -1.27 -33.60
C SER D 705 39.50 -0.78 -34.35
N ALA D 706 38.95 -1.59 -35.26
CA ALA D 706 37.80 -1.21 -36.06
C ALA D 706 36.62 -2.14 -35.96
N ALA D 707 36.83 -3.42 -35.71
CA ALA D 707 35.70 -4.31 -35.50
C ALA D 707 34.90 -3.88 -34.29
N THR D 708 35.60 -3.56 -33.20
CA THR D 708 34.91 -3.10 -32.01
C THR D 708 34.38 -1.67 -32.16
N ILE D 709 34.74 -0.96 -33.23
CA ILE D 709 34.05 0.28 -33.56
C ILE D 709 32.69 -0.04 -34.16
N ALA D 710 32.57 -1.13 -34.91
CA ALA D 710 31.26 -1.55 -35.36
C ALA D 710 30.51 -2.24 -34.25
N GLY D 711 31.23 -2.86 -33.33
CA GLY D 711 30.59 -3.52 -32.22
C GLY D 711 29.89 -2.54 -31.30
N ILE D 712 30.34 -1.29 -31.29
CA ILE D 712 29.68 -0.28 -30.46
C ILE D 712 28.38 0.19 -31.08
N ALA D 713 28.07 -0.24 -32.30
CA ALA D 713 26.80 0.06 -32.92
C ALA D 713 25.74 -0.95 -32.53
N PHE D 714 25.99 -2.23 -32.80
CA PHE D 714 24.92 -3.21 -32.68
C PHE D 714 24.70 -3.68 -31.26
N ALA D 715 25.16 -2.94 -30.28
CA ALA D 715 24.63 -3.04 -28.94
C ALA D 715 23.46 -2.11 -28.71
N ASN D 716 23.26 -1.14 -29.60
CA ASN D 716 22.11 -0.26 -29.58
C ASN D 716 21.09 -0.62 -30.66
N ALA D 717 21.53 -0.65 -31.91
CA ALA D 717 20.67 -0.96 -33.04
C ALA D 717 20.83 -2.42 -33.43
N PHE D 718 19.80 -3.20 -33.19
CA PHE D 718 19.84 -4.63 -33.44
C PHE D 718 20.15 -4.93 -34.90
N LEU D 719 20.72 -6.11 -35.12
CA LEU D 719 21.14 -6.58 -36.42
C LEU D 719 19.96 -6.91 -37.31
N GLY D 720 20.28 -7.30 -38.53
CA GLY D 720 19.30 -7.63 -39.54
C GLY D 720 19.01 -9.11 -39.63
N VAL D 721 18.79 -9.56 -40.86
CA VAL D 721 18.44 -10.95 -41.13
C VAL D 721 19.64 -11.80 -41.52
N CYS D 722 20.68 -11.21 -42.10
CA CYS D 722 21.84 -11.96 -42.55
C CYS D 722 22.56 -12.63 -41.40
N HIS D 723 22.56 -12.02 -40.22
CA HIS D 723 23.21 -12.58 -39.04
C HIS D 723 22.27 -13.46 -38.24
N SER D 724 21.26 -14.05 -38.89
CA SER D 724 20.41 -15.07 -38.30
C SER D 724 20.52 -16.40 -39.02
N MET D 725 20.27 -16.42 -40.33
CA MET D 725 20.30 -17.69 -41.06
C MET D 725 21.66 -18.36 -40.98
N ALA D 726 22.72 -17.59 -40.83
CA ALA D 726 24.04 -18.18 -40.68
C ALA D 726 24.23 -18.78 -39.31
N HIS D 727 23.55 -18.24 -38.30
CA HIS D 727 23.69 -18.78 -36.96
C HIS D 727 23.22 -20.22 -36.90
N LYS D 728 22.18 -20.56 -37.66
CA LYS D 728 21.76 -21.95 -37.77
C LYS D 728 22.67 -22.72 -38.71
N LEU D 729 23.02 -22.12 -39.84
CA LEU D 729 23.89 -22.74 -40.81
C LEU D 729 25.30 -22.97 -40.29
N GLY D 730 25.64 -22.41 -39.12
CA GLY D 730 26.89 -22.68 -38.46
C GLY D 730 26.71 -23.50 -37.19
N SER D 731 25.60 -24.23 -37.10
CA SER D 731 25.38 -25.15 -36.00
C SER D 731 24.68 -26.43 -36.43
N GLN D 732 24.58 -26.69 -37.74
CA GLN D 732 23.96 -27.90 -38.25
C GLN D 732 24.73 -28.54 -39.41
N PHE D 733 25.69 -27.82 -40.01
CA PHE D 733 26.68 -28.42 -40.89
C PHE D 733 28.11 -28.21 -40.41
N HIS D 734 28.31 -27.57 -39.25
CA HIS D 734 29.63 -27.29 -38.71
C HIS D 734 30.47 -26.46 -39.67
N ILE D 735 30.01 -25.24 -39.93
CA ILE D 735 30.81 -24.18 -40.53
C ILE D 735 30.96 -23.10 -39.47
N PRO D 736 32.10 -22.42 -39.35
CA PRO D 736 32.21 -21.36 -38.37
C PRO D 736 31.55 -20.05 -38.79
N HIS D 737 30.97 -19.37 -37.81
CA HIS D 737 30.43 -18.04 -38.06
C HIS D 737 31.53 -17.11 -38.48
N GLY D 738 31.39 -16.56 -39.67
CA GLY D 738 32.41 -15.73 -40.27
C GLY D 738 32.53 -15.99 -41.74
N LEU D 739 32.20 -17.21 -42.16
CA LEU D 739 32.19 -17.58 -43.55
C LEU D 739 30.79 -17.60 -44.13
N ALA D 740 29.79 -17.88 -43.30
CA ALA D 740 28.42 -17.97 -43.80
C ALA D 740 27.91 -16.60 -44.21
N ASN D 741 28.12 -15.59 -43.37
CA ASN D 741 27.67 -14.26 -43.69
C ASN D 741 28.61 -13.51 -44.61
N ALA D 742 29.51 -14.21 -45.28
CA ALA D 742 30.21 -13.70 -46.45
C ALA D 742 29.69 -14.30 -47.75
N LEU D 743 28.88 -15.36 -47.67
CA LEU D 743 28.29 -16.00 -48.83
C LEU D 743 26.87 -15.52 -49.12
N LEU D 744 26.24 -14.82 -48.18
CA LEU D 744 24.88 -14.35 -48.32
C LEU D 744 24.75 -12.86 -48.52
N ILE D 745 25.75 -12.07 -48.09
CA ILE D 745 25.64 -10.62 -48.12
C ILE D 745 25.69 -10.03 -49.51
N CYS D 746 25.99 -10.83 -50.53
CA CYS D 746 25.93 -10.39 -51.92
C CYS D 746 24.65 -10.86 -52.61
N ASN D 747 23.70 -11.39 -51.86
CA ASN D 747 22.44 -11.88 -52.42
C ASN D 747 21.27 -11.26 -51.68
N VAL D 748 21.40 -11.14 -50.37
CA VAL D 748 20.33 -10.57 -49.56
C VAL D 748 20.14 -9.09 -49.83
N ILE D 749 21.15 -8.40 -50.34
CA ILE D 749 21.03 -6.97 -50.60
C ILE D 749 19.99 -6.73 -51.68
N ARG D 750 19.99 -7.56 -52.72
CA ARG D 750 18.97 -7.42 -53.75
C ARG D 750 17.58 -7.78 -53.26
N TYR D 751 17.43 -8.35 -52.07
CA TYR D 751 16.15 -8.60 -51.44
C TYR D 751 15.96 -7.71 -50.21
N ASN D 752 16.39 -6.46 -50.33
CA ASN D 752 15.94 -5.39 -49.45
C ASN D 752 15.68 -4.12 -50.23
N ALA D 753 15.79 -4.15 -51.57
CA ALA D 753 15.51 -3.00 -52.43
C ALA D 753 14.57 -3.45 -53.54
N ASN D 754 13.28 -3.46 -53.25
CA ASN D 754 12.24 -3.87 -54.19
C ASN D 754 10.94 -3.23 -53.72
N ASP D 755 9.81 -3.69 -54.28
CA ASP D 755 8.51 -3.16 -53.87
C ASP D 755 8.02 -3.82 -52.59
N ASN D 756 8.25 -5.14 -52.45
CA ASN D 756 7.98 -5.89 -51.22
C ASN D 756 6.53 -5.76 -50.77
N PRO D 757 5.58 -6.52 -51.36
CA PRO D 757 4.15 -6.28 -51.09
C PRO D 757 3.76 -6.27 -49.63
N THR D 758 4.28 -7.20 -48.83
CA THR D 758 3.93 -7.28 -47.42
C THR D 758 4.96 -6.49 -46.62
N LYS D 759 4.50 -5.45 -45.95
CA LYS D 759 5.36 -4.60 -45.13
C LYS D 759 4.57 -4.10 -43.95
N GLN D 760 5.12 -4.28 -42.75
CA GLN D 760 4.51 -3.73 -41.56
C GLN D 760 4.49 -2.21 -41.66
N THR D 761 3.46 -1.62 -41.05
CA THR D 761 3.05 -0.27 -41.37
C THR D 761 2.85 0.52 -40.09
N ALA D 762 3.03 1.83 -40.21
CA ALA D 762 3.20 2.82 -39.15
C ALA D 762 4.63 2.82 -38.64
N PHE D 763 5.49 1.92 -39.13
CA PHE D 763 6.93 2.01 -38.97
C PHE D 763 7.54 1.41 -40.22
N SER D 764 8.65 2.00 -40.67
CA SER D 764 9.33 1.59 -41.88
C SER D 764 8.55 1.90 -43.16
N GLN D 765 7.53 2.75 -43.06
CA GLN D 765 6.88 3.31 -44.24
C GLN D 765 6.78 4.82 -44.19
N TYR D 766 6.53 5.39 -43.01
CA TYR D 766 6.36 6.83 -42.84
C TYR D 766 7.15 7.42 -41.69
N ASP D 767 7.45 6.66 -40.65
CA ASP D 767 8.28 7.16 -39.56
C ASP D 767 9.76 7.06 -39.89
N ARG D 768 10.20 5.89 -40.38
CA ARG D 768 11.54 5.65 -40.90
C ARG D 768 11.50 5.73 -42.42
N PRO D 769 12.46 6.41 -43.07
CA PRO D 769 12.23 6.84 -44.44
C PRO D 769 12.07 5.72 -45.44
N GLN D 770 13.10 4.87 -45.57
CA GLN D 770 13.15 3.86 -46.61
C GLN D 770 14.46 3.11 -46.41
N ALA D 771 14.60 2.01 -47.14
CA ALA D 771 15.80 1.18 -47.12
C ALA D 771 16.72 1.41 -48.30
N ARG D 772 16.16 1.58 -49.50
CA ARG D 772 16.98 1.62 -50.71
C ARG D 772 17.91 2.82 -50.72
N ARG D 773 17.37 4.01 -50.46
CA ARG D 773 18.15 5.22 -50.59
C ARG D 773 19.33 5.25 -49.63
N ARG D 774 19.22 4.57 -48.50
CA ARG D 774 20.33 4.53 -47.56
C ARG D 774 21.45 3.63 -48.01
N TYR D 775 21.17 2.66 -48.88
CA TYR D 775 22.26 1.88 -49.48
C TYR D 775 23.04 2.68 -50.51
N ALA D 776 22.58 3.87 -50.88
CA ALA D 776 23.30 4.69 -51.83
C ALA D 776 24.31 5.61 -51.15
N GLU D 777 23.97 6.11 -49.97
CA GLU D 777 24.86 7.02 -49.26
C GLU D 777 26.21 6.37 -48.97
N ILE D 778 26.21 5.05 -48.78
CA ILE D 778 27.47 4.35 -48.60
C ILE D 778 28.26 4.36 -49.89
N ALA D 779 27.59 4.37 -51.03
CA ALA D 779 28.31 4.36 -52.29
C ALA D 779 29.06 5.67 -52.55
N ASP D 780 28.66 6.75 -51.89
CA ASP D 780 29.30 8.05 -52.05
C ASP D 780 30.37 8.31 -51.00
N HIS D 781 30.03 8.12 -49.73
CA HIS D 781 30.98 8.30 -48.64
C HIS D 781 32.19 7.37 -48.76
N LEU D 782 32.02 6.23 -49.43
CA LEU D 782 33.06 5.25 -49.59
C LEU D 782 33.85 5.42 -50.88
N GLY D 783 33.41 6.28 -51.79
CA GLY D 783 34.16 6.59 -52.99
C GLY D 783 34.03 5.57 -54.10
N LEU D 784 32.81 5.26 -54.50
CA LEU D 784 32.54 4.35 -55.60
C LEU D 784 31.41 4.86 -56.47
N SER D 785 31.44 6.15 -56.78
CA SER D 785 30.40 6.74 -57.61
C SER D 785 30.97 7.90 -58.40
N ALA D 786 30.54 8.01 -59.64
CA ALA D 786 30.86 9.14 -60.46
C ALA D 786 29.94 10.30 -60.10
N PRO D 787 30.34 11.54 -60.40
CA PRO D 787 29.53 12.69 -59.95
C PRO D 787 28.13 12.73 -60.53
N GLY D 788 27.90 12.08 -61.68
CA GLY D 788 26.59 12.06 -62.29
C GLY D 788 26.08 10.65 -62.55
N ASP D 789 25.11 10.23 -61.74
CA ASP D 789 24.55 8.89 -61.85
C ASP D 789 23.15 8.92 -61.23
N ARG D 790 22.41 7.85 -61.47
CA ARG D 790 21.08 7.67 -60.89
C ARG D 790 21.20 6.81 -59.64
N THR D 791 20.05 6.51 -59.04
CA THR D 791 20.04 5.76 -57.79
C THR D 791 20.34 4.29 -58.03
N ALA D 792 19.69 3.69 -59.03
CA ALA D 792 19.75 2.25 -59.19
C ALA D 792 21.16 1.77 -59.52
N ALA D 793 21.87 2.48 -60.38
CA ALA D 793 23.18 2.03 -60.79
C ALA D 793 24.24 2.22 -59.70
N LYS D 794 23.95 3.02 -58.67
CA LYS D 794 24.89 3.15 -57.57
C LYS D 794 25.02 1.83 -56.83
N ILE D 795 23.91 1.11 -56.67
CA ILE D 795 23.95 -0.19 -56.01
C ILE D 795 24.87 -1.15 -56.76
N GLU D 796 24.82 -1.10 -58.09
CA GLU D 796 25.58 -2.07 -58.87
C GLU D 796 27.08 -1.86 -58.70
N LYS D 797 27.52 -0.62 -58.55
CA LYS D 797 28.95 -0.38 -58.35
C LYS D 797 29.37 -0.74 -56.94
N LEU D 798 28.45 -0.66 -55.98
CA LEU D 798 28.74 -1.18 -54.65
C LEU D 798 28.93 -2.69 -54.72
N LEU D 799 27.89 -3.39 -55.15
CA LEU D 799 27.84 -4.84 -55.14
C LEU D 799 28.87 -5.48 -56.05
N ALA D 800 29.63 -4.71 -56.83
CA ALA D 800 30.82 -5.21 -57.50
C ALA D 800 32.04 -5.17 -56.59
N TRP D 801 32.05 -4.26 -55.62
CA TRP D 801 33.18 -4.19 -54.71
C TRP D 801 33.20 -5.34 -53.72
N LEU D 802 32.03 -5.85 -53.34
CA LEU D 802 31.96 -6.99 -52.44
C LEU D 802 32.31 -8.30 -53.12
N GLU D 803 32.36 -8.32 -54.44
CA GLU D 803 32.66 -9.54 -55.18
C GLU D 803 34.15 -9.70 -55.44
N THR D 804 34.80 -8.63 -55.89
CA THR D 804 36.23 -8.68 -56.13
C THR D 804 37.05 -8.68 -54.85
N LEU D 805 36.42 -8.42 -53.70
CA LEU D 805 37.12 -8.60 -52.42
C LEU D 805 37.21 -10.06 -52.04
N LYS D 806 36.17 -10.84 -52.33
CA LYS D 806 36.17 -12.27 -52.04
C LYS D 806 37.01 -13.07 -53.02
N ALA D 807 37.56 -12.44 -54.06
CA ALA D 807 38.40 -13.15 -55.01
C ALA D 807 39.84 -13.27 -54.54
N GLU D 808 40.36 -12.27 -53.82
CA GLU D 808 41.76 -12.24 -53.44
C GLU D 808 42.01 -12.76 -52.04
N LEU D 809 41.11 -12.52 -51.09
CA LEU D 809 41.28 -13.08 -49.76
C LEU D 809 41.19 -14.59 -49.75
N GLY D 810 40.57 -15.19 -50.76
CA GLY D 810 40.53 -16.63 -50.88
C GLY D 810 39.40 -17.31 -50.13
N ILE D 811 38.17 -16.95 -50.44
CA ILE D 811 37.00 -17.70 -50.02
C ILE D 811 36.24 -18.12 -51.27
N PRO D 812 35.46 -19.19 -51.23
CA PRO D 812 34.81 -19.66 -52.45
C PRO D 812 33.59 -18.86 -52.84
N LYS D 813 32.98 -19.24 -53.95
CA LYS D 813 31.84 -18.53 -54.53
C LYS D 813 30.51 -19.02 -53.98
N SER D 814 30.40 -20.33 -53.75
CA SER D 814 29.15 -20.93 -53.35
C SER D 814 29.40 -22.00 -52.30
N ILE D 815 28.31 -22.54 -51.77
CA ILE D 815 28.41 -23.44 -50.63
C ILE D 815 29.02 -24.77 -51.01
N ARG D 816 28.87 -25.17 -52.28
CA ARG D 816 29.22 -26.53 -52.67
C ARG D 816 30.71 -26.78 -52.53
N GLU D 817 31.51 -25.75 -52.65
CA GLU D 817 32.96 -25.88 -52.56
C GLU D 817 33.48 -25.78 -51.14
N ALA D 818 32.60 -25.82 -50.14
CA ALA D 818 32.97 -25.53 -48.75
C ALA D 818 32.82 -26.70 -47.80
N GLY D 819 32.27 -27.84 -48.25
CA GLY D 819 32.24 -29.03 -47.42
C GLY D 819 30.88 -29.59 -47.07
N VAL D 820 29.91 -29.48 -47.97
CA VAL D 820 28.65 -30.18 -47.84
C VAL D 820 28.29 -30.83 -49.16
N GLN D 821 27.34 -31.75 -49.10
CA GLN D 821 26.96 -32.59 -50.22
C GLN D 821 25.48 -32.46 -50.50
N GLU D 822 25.05 -33.08 -51.60
CA GLU D 822 23.68 -33.02 -52.08
C GLU D 822 22.84 -34.17 -51.50
N ALA D 823 22.89 -34.33 -50.20
CA ALA D 823 22.11 -35.34 -49.49
C ALA D 823 21.38 -34.78 -48.29
N ASP D 824 21.97 -33.84 -47.58
CA ASP D 824 21.36 -33.24 -46.39
C ASP D 824 21.27 -31.74 -46.60
N PHE D 825 20.82 -31.33 -47.78
CA PHE D 825 20.44 -29.96 -48.03
C PHE D 825 19.12 -29.82 -48.77
N LEU D 826 18.51 -30.93 -49.21
CA LEU D 826 17.15 -30.92 -49.71
C LEU D 826 16.17 -31.58 -48.75
N ALA D 827 16.66 -32.27 -47.72
CA ALA D 827 15.82 -32.82 -46.68
C ALA D 827 15.78 -31.95 -45.44
N ASN D 828 16.89 -31.29 -45.11
CA ASN D 828 17.01 -30.45 -43.93
C ASN D 828 16.90 -28.97 -44.26
N VAL D 829 16.17 -28.62 -45.31
CA VAL D 829 15.93 -27.23 -45.65
C VAL D 829 14.71 -26.67 -44.92
N ASP D 830 13.72 -27.50 -44.63
CA ASP D 830 12.47 -27.05 -44.06
C ASP D 830 12.49 -27.00 -42.55
N LYS D 831 13.43 -27.69 -41.91
CA LYS D 831 13.73 -27.50 -40.50
C LYS D 831 14.81 -26.45 -40.30
N LEU D 832 15.19 -25.75 -41.37
CA LEU D 832 16.19 -24.69 -41.31
C LEU D 832 15.65 -23.35 -41.78
N SER D 833 14.61 -23.35 -42.61
CA SER D 833 14.02 -22.09 -43.03
C SER D 833 13.16 -21.52 -41.92
N GLU D 834 12.19 -22.29 -41.44
CA GLU D 834 11.30 -21.82 -40.36
C GLU D 834 11.87 -22.14 -38.98
N ASP D 835 13.14 -21.81 -38.81
CA ASP D 835 13.77 -21.64 -37.52
C ASP D 835 14.62 -20.38 -37.47
N ALA D 836 14.92 -19.75 -38.61
CA ALA D 836 15.49 -18.43 -38.64
C ALA D 836 14.43 -17.35 -38.52
N PHE D 837 13.20 -17.66 -38.91
CA PHE D 837 12.09 -16.73 -38.76
C PHE D 837 11.81 -16.39 -37.30
N ASP D 838 12.29 -17.20 -36.37
CA ASP D 838 11.98 -17.05 -34.96
C ASP D 838 13.17 -16.69 -34.07
N ASP D 839 14.41 -16.82 -34.56
CA ASP D 839 15.59 -16.67 -33.71
C ASP D 839 16.08 -15.23 -33.69
N GLN D 840 15.23 -14.36 -33.17
CA GLN D 840 15.58 -12.97 -32.85
C GLN D 840 16.14 -12.23 -34.06
N CYS D 841 15.37 -12.28 -35.13
CA CYS D 841 15.50 -11.36 -36.22
C CYS D 841 14.14 -10.76 -36.49
N THR D 842 14.03 -10.03 -37.58
CA THR D 842 12.82 -9.36 -38.01
C THR D 842 12.45 -8.15 -37.15
N GLY D 843 13.18 -7.90 -36.06
CA GLY D 843 13.06 -6.61 -35.42
C GLY D 843 13.52 -5.52 -36.36
N ALA D 844 14.65 -5.75 -36.97
CA ALA D 844 15.15 -4.99 -38.10
C ALA D 844 14.73 -5.70 -39.38
N ASN D 845 15.41 -5.41 -40.49
CA ASN D 845 15.15 -6.02 -41.78
C ASN D 845 13.77 -5.59 -42.23
N PRO D 846 13.64 -4.35 -42.71
CA PRO D 846 12.32 -3.69 -42.78
C PRO D 846 11.18 -4.51 -43.36
N ARG D 847 11.38 -5.15 -44.50
CA ARG D 847 10.31 -5.95 -45.08
C ARG D 847 9.99 -7.12 -44.16
N TYR D 848 8.71 -7.29 -43.87
CA TYR D 848 8.25 -8.39 -43.06
C TYR D 848 8.40 -9.68 -43.87
N PRO D 849 9.37 -10.54 -43.58
CA PRO D 849 9.59 -11.69 -44.44
C PRO D 849 8.46 -12.70 -44.40
N LEU D 850 8.55 -13.71 -45.24
CA LEU D 850 7.61 -14.82 -45.23
C LEU D 850 8.33 -16.05 -45.71
N ILE D 851 7.94 -17.21 -45.18
CA ILE D 851 8.77 -18.41 -45.24
C ILE D 851 9.02 -18.83 -46.68
N SER D 852 8.01 -18.69 -47.54
CA SER D 852 8.14 -19.15 -48.91
C SER D 852 9.22 -18.40 -49.69
N GLU D 853 9.65 -17.23 -49.20
CA GLU D 853 10.72 -16.46 -49.82
C GLU D 853 11.98 -16.43 -48.98
N LEU D 854 12.17 -17.43 -48.12
CA LEU D 854 13.38 -17.57 -47.34
C LEU D 854 14.03 -18.94 -47.49
N LYS D 855 13.44 -19.83 -48.30
CA LYS D 855 14.14 -21.00 -48.79
C LYS D 855 14.58 -20.83 -50.24
N GLN D 856 14.14 -19.78 -50.92
CA GLN D 856 14.66 -19.47 -52.23
C GLN D 856 16.05 -18.86 -52.16
N ILE D 857 16.37 -18.18 -51.06
CA ILE D 857 17.71 -17.64 -50.87
C ILE D 857 18.69 -18.76 -50.54
N LEU D 858 18.28 -19.71 -49.70
CA LEU D 858 19.14 -20.83 -49.37
C LEU D 858 19.26 -21.85 -50.48
N LEU D 859 18.46 -21.73 -51.54
CA LEU D 859 18.44 -22.68 -52.64
C LEU D 859 18.92 -22.06 -53.94
N ASP D 860 19.37 -20.80 -53.91
CA ASP D 860 19.97 -20.15 -55.06
C ASP D 860 21.37 -19.66 -54.79
N THR D 861 21.80 -19.60 -53.53
CA THR D 861 23.18 -19.35 -53.18
C THR D 861 23.96 -20.63 -52.91
N TYR D 862 23.38 -21.79 -53.24
CA TYR D 862 24.06 -23.08 -53.17
C TYR D 862 24.53 -23.52 -54.54
N TYR D 863 23.67 -23.46 -55.56
CA TYR D 863 24.10 -23.70 -56.93
C TYR D 863 24.97 -22.56 -57.46
N GLY D 864 24.81 -21.36 -56.94
CA GLY D 864 25.57 -20.21 -57.36
C GLY D 864 24.81 -19.13 -58.10
N ARG D 865 23.50 -19.28 -58.27
CA ARG D 865 22.71 -18.31 -59.00
C ARG D 865 22.55 -17.05 -58.14
N ASP D 866 21.80 -16.08 -58.68
CA ASP D 866 21.54 -14.81 -58.03
C ASP D 866 20.04 -14.59 -57.93
N TYR D 867 19.56 -14.30 -56.73
CA TYR D 867 18.13 -14.10 -56.51
C TYR D 867 17.64 -12.92 -57.32
N VAL D 868 16.42 -13.05 -57.84
CA VAL D 868 15.82 -12.00 -58.64
C VAL D 868 14.35 -12.27 -58.81
N GLU D 869 13.54 -11.22 -58.81
CA GLU D 869 12.10 -11.32 -58.97
C GLU D 869 11.66 -10.85 -60.35
#